data_9I2X
#
_entry.id   9I2X
#
_cell.length_a   276.278
_cell.length_b   276.278
_cell.length_c   389.216
_cell.angle_alpha   90
_cell.angle_beta   90
_cell.angle_gamma   90
#
_symmetry.space_group_name_H-M   'I 4 2 2'
#
loop_
_entity.id
_entity.type
_entity.pdbx_description
1 polymer 'Alpha-methylacyl-CoA racemase'
2 non-polymer Naproxenoyl-CoA
3 water water
#
_entity_poly.entity_id   1
_entity_poly.type   'polypeptide(L)'
_entity_poly.pdbx_seq_one_letter_code
;MAGPLSGLRVVELAGIGPGPHAAMILGDLGADVVRIDRPSSVDGISRDAMLRNRRIVTADLKSDQGLELALKLIAKADVL
IEGYRPGVTERLGLGPEECAKVNDRLIYARMTGWGQTGPRSQQAGHDINYISLNGILHAIGRGDERPVPPLNLVGDFGGG
SMFLLVGILAALWERQSSGKGQVVDAAMVDGSSVLIQMMWAMRATGMWTDTRGANMLDGGAPYYDTYECADGRYVAVGAI
EPQFYAAMLAGLGLDAAELPPQNDRARWPELRALLTEAFASHDRDHWGAVFANSDACVTPVLAFGEVHNEPHIIERNTFY
EANGGWQPMPAPRFSRTASSQPRPPAATIDIEAVLTDWDGGSGC
;
_entity_poly.pdbx_strand_id   A,B,C,D,E,F,G,H,I,J,K,L
#
loop_
_chem_comp.id
_chem_comp.type
_chem_comp.name
_chem_comp.formula
A1I1O non-polymer Naproxenoyl-CoA 'C35 H48 N7 O18 P3 S'
#
# COMPACT_ATOMS: atom_id res chain seq x y z
N MET A 1 47.63 44.15 27.05
CA MET A 1 46.23 44.66 27.06
C MET A 1 45.77 44.92 28.50
N ALA A 2 45.28 46.14 28.78
CA ALA A 2 44.90 46.59 30.12
C ALA A 2 43.55 46.03 30.57
N GLY A 3 43.44 45.70 31.85
CA GLY A 3 42.15 45.47 32.49
C GLY A 3 42.10 44.07 33.04
N PRO A 4 41.09 43.73 33.87
CA PRO A 4 41.09 42.48 34.60
C PRO A 4 40.85 41.24 33.74
N LEU A 5 40.42 41.43 32.49
CA LEU A 5 40.09 40.31 31.62
C LEU A 5 41.21 40.12 30.61
N SER A 6 42.33 40.83 30.79
CA SER A 6 43.56 40.54 30.05
C SER A 6 43.77 39.03 29.96
N GLY A 7 44.06 38.53 28.75
CA GLY A 7 44.27 37.11 28.55
C GLY A 7 43.05 36.41 27.98
N LEU A 8 41.84 36.93 28.24
CA LEU A 8 40.62 36.26 27.83
C LEU A 8 40.41 36.41 26.32
N ARG A 9 40.08 35.28 25.66
CA ARG A 9 39.96 35.22 24.21
C ARG A 9 38.51 35.03 23.81
N VAL A 10 38.02 35.90 22.92
CA VAL A 10 36.59 35.88 22.64
C VAL A 10 36.36 35.88 21.14
N VAL A 11 35.47 34.96 20.71
CA VAL A 11 34.99 34.94 19.34
C VAL A 11 33.51 35.32 19.32
N GLU A 12 33.22 36.34 18.51
CA GLU A 12 31.89 36.91 18.43
C GLU A 12 31.37 36.72 17.00
N LEU A 13 30.28 35.97 16.90
CA LEU A 13 29.56 35.89 15.62
C LEU A 13 28.68 37.13 15.47
N ALA A 14 29.06 38.01 14.53
CA ALA A 14 28.48 39.34 14.38
C ALA A 14 26.96 39.28 14.30
N GLY A 15 26.32 39.98 15.26
CA GLY A 15 24.87 40.13 15.35
C GLY A 15 24.51 41.58 15.63
N ILE A 16 23.34 41.81 16.24
CA ILE A 16 22.95 43.17 16.57
C ILE A 16 22.51 43.23 18.02
N GLY A 17 22.72 44.39 18.65
CA GLY A 17 22.14 44.66 19.95
C GLY A 17 22.93 44.04 21.09
N PRO A 18 22.33 43.10 21.86
CA PRO A 18 22.97 42.56 23.05
C PRO A 18 24.29 41.85 22.81
N GLY A 19 24.35 40.99 21.78
CA GLY A 19 25.60 40.29 21.45
C GLY A 19 26.77 41.25 21.31
N PRO A 20 26.72 42.26 20.44
CA PRO A 20 27.83 43.20 20.37
C PRO A 20 28.08 44.04 21.62
N HIS A 21 27.06 44.26 22.45
CA HIS A 21 27.26 45.12 23.62
C HIS A 21 28.08 44.35 24.65
N ALA A 22 27.68 43.10 24.89
CA ALA A 22 28.46 42.17 25.69
C ALA A 22 29.92 42.04 25.21
N ALA A 23 30.12 41.88 23.90
CA ALA A 23 31.45 41.72 23.35
C ALA A 23 32.27 42.98 23.62
N MET A 24 31.62 44.15 23.48
CA MET A 24 32.24 45.42 23.75
C MET A 24 32.78 45.46 25.19
N ILE A 25 31.95 45.07 26.14
CA ILE A 25 32.32 45.25 27.52
C ILE A 25 33.52 44.32 27.80
N LEU A 26 33.51 43.07 27.31
CA LEU A 26 34.64 42.17 27.47
C LEU A 26 35.90 42.82 26.89
N GLY A 27 35.80 43.34 25.68
CA GLY A 27 36.89 44.12 25.10
C GLY A 27 37.31 45.26 26.02
N ASP A 28 36.32 45.96 26.58
CA ASP A 28 36.54 47.15 27.38
C ASP A 28 37.42 46.81 28.58
N LEU A 29 37.23 45.61 29.15
CA LEU A 29 37.89 45.16 30.37
C LEU A 29 39.17 44.36 30.08
N GLY A 30 39.66 44.35 28.83
CA GLY A 30 40.95 43.72 28.53
C GLY A 30 40.91 42.44 27.67
N ALA A 31 39.74 41.83 27.49
CA ALA A 31 39.60 40.65 26.65
C ALA A 31 40.08 40.92 25.21
N ASP A 32 40.56 39.84 24.58
CA ASP A 32 40.96 39.82 23.17
C ASP A 32 39.78 39.35 22.33
N VAL A 33 39.15 40.27 21.62
CA VAL A 33 37.84 40.01 21.06
C VAL A 33 38.00 39.99 19.55
N VAL A 34 37.57 38.85 18.97
CA VAL A 34 37.61 38.70 17.52
C VAL A 34 36.19 38.57 17.01
N ARG A 35 35.85 39.48 16.10
CA ARG A 35 34.50 39.51 15.55
C ARG A 35 34.51 38.97 14.11
N ILE A 36 33.74 37.90 13.88
CA ILE A 36 33.60 37.38 12.54
C ILE A 36 32.29 37.90 11.97
N ASP A 37 32.40 38.79 10.97
CA ASP A 37 31.30 39.29 10.17
C ASP A 37 31.30 38.65 8.77
N ARG A 38 30.15 38.69 8.11
CA ARG A 38 30.02 38.18 6.74
C ARG A 38 30.64 39.21 5.80
N PRO A 39 31.35 38.79 4.73
CA PRO A 39 32.04 39.72 3.83
C PRO A 39 31.13 40.75 3.15
N SER A 40 29.90 40.36 2.84
CA SER A 40 28.92 41.24 2.23
C SER A 40 28.50 42.37 3.17
N SER A 41 29.02 42.42 4.42
CA SER A 41 28.96 43.62 5.25
C SER A 41 30.28 44.37 5.17
N VAL A 42 31.29 43.89 5.92
CA VAL A 42 32.65 44.42 5.91
C VAL A 42 32.90 45.34 4.70
N ASP A 43 33.17 46.62 4.99
CA ASP A 43 33.18 47.62 3.94
C ASP A 43 33.68 48.96 4.47
N GLY A 44 34.99 49.04 4.74
CA GLY A 44 35.62 50.21 5.34
C GLY A 44 35.72 50.08 6.86
N ILE A 45 36.33 51.07 7.52
CA ILE A 45 36.35 51.10 8.99
C ILE A 45 34.96 51.50 9.49
N SER A 46 34.40 50.73 10.44
CA SER A 46 33.06 50.93 10.99
C SER A 46 32.94 52.32 11.63
N ARG A 47 31.75 52.92 11.55
CA ARG A 47 31.54 54.17 12.29
C ARG A 47 30.76 53.88 13.58
N ASP A 48 30.58 52.59 13.91
CA ASP A 48 29.82 52.17 15.08
C ASP A 48 30.78 51.98 16.25
N ALA A 49 30.75 52.95 17.18
CA ALA A 49 31.57 52.94 18.38
C ALA A 49 31.28 51.71 19.25
N MET A 50 30.13 51.05 19.10
CA MET A 50 29.90 49.83 19.87
C MET A 50 30.91 48.75 19.47
N LEU A 51 31.54 48.91 18.31
CA LEU A 51 32.48 47.92 17.79
C LEU A 51 33.92 48.26 18.19
N ARG A 52 34.13 49.14 19.17
CA ARG A 52 35.46 49.36 19.71
C ARG A 52 36.00 48.10 20.37
N ASN A 53 37.33 48.10 20.65
CA ASN A 53 38.01 47.05 21.37
C ASN A 53 37.83 45.69 20.69
N ARG A 54 37.99 45.67 19.36
CA ARG A 54 37.69 44.51 18.53
C ARG A 54 38.76 44.34 17.45
N ARG A 55 39.03 43.08 17.09
CA ARG A 55 39.50 42.80 15.73
C ARG A 55 38.34 42.19 14.95
N ILE A 56 38.09 42.78 13.77
CA ILE A 56 37.08 42.31 12.83
C ILE A 56 37.71 41.38 11.80
N VAL A 57 37.04 40.26 11.50
CA VAL A 57 37.44 39.46 10.36
C VAL A 57 36.19 39.11 9.54
N THR A 58 36.44 38.79 8.26
CA THR A 58 35.46 38.38 7.26
C THR A 58 35.42 36.85 7.17
N ALA A 59 34.27 36.26 6.84
CA ALA A 59 34.19 34.83 6.64
C ALA A 59 32.76 34.38 6.30
N ASP A 60 32.59 33.89 5.08
CA ASP A 60 31.35 33.23 4.70
C ASP A 60 31.28 31.91 5.44
N LEU A 61 30.43 31.83 6.47
CA LEU A 61 30.34 30.64 7.31
C LEU A 61 29.53 29.55 6.60
N LYS A 62 28.87 29.91 5.50
CA LYS A 62 28.07 28.95 4.74
C LYS A 62 28.98 28.10 3.86
N SER A 63 30.20 28.59 3.55
CA SER A 63 31.18 27.85 2.79
C SER A 63 31.95 26.90 3.72
N ASP A 64 32.70 25.96 3.12
CA ASP A 64 33.39 24.94 3.89
C ASP A 64 34.67 25.51 4.51
N GLN A 65 35.32 26.42 3.76
CA GLN A 65 36.53 27.09 4.20
C GLN A 65 36.21 28.06 5.33
N GLY A 66 35.21 28.92 5.12
CA GLY A 66 34.69 29.79 6.17
C GLY A 66 34.52 29.00 7.46
N LEU A 67 33.73 27.93 7.41
CA LEU A 67 33.39 27.14 8.58
C LEU A 67 34.65 26.63 9.27
N GLU A 68 35.66 26.25 8.47
CA GLU A 68 36.79 25.58 9.06
C GLU A 68 37.71 26.61 9.72
N LEU A 69 37.87 27.79 9.12
CA LEU A 69 38.61 28.86 9.80
C LEU A 69 37.91 29.26 11.11
N ALA A 70 36.62 29.52 11.05
CA ALA A 70 35.87 29.82 12.25
C ALA A 70 36.21 28.79 13.33
N LEU A 71 36.20 27.49 12.98
CA LEU A 71 36.40 26.44 13.97
C LEU A 71 37.84 26.42 14.48
N LYS A 72 38.79 26.90 13.67
CA LYS A 72 40.16 27.05 14.11
C LYS A 72 40.27 28.16 15.17
N LEU A 73 39.54 29.27 15.00
CA LEU A 73 39.50 30.34 16.01
C LEU A 73 38.87 29.80 17.29
N ILE A 74 37.68 29.25 17.17
CA ILE A 74 36.95 28.79 18.34
C ILE A 74 37.81 27.81 19.14
N ALA A 75 38.59 26.98 18.43
CA ALA A 75 39.40 25.96 19.07
C ALA A 75 40.36 26.61 20.06
N LYS A 76 40.89 27.79 19.67
CA LYS A 76 41.94 28.48 20.41
C LYS A 76 41.37 29.56 21.37
N ALA A 77 40.06 29.53 21.67
CA ALA A 77 39.45 30.67 22.34
C ALA A 77 38.71 30.21 23.60
N ASP A 78 38.38 31.19 24.44
CA ASP A 78 37.73 30.88 25.71
C ASP A 78 36.23 30.99 25.60
N VAL A 79 35.78 31.92 24.74
CA VAL A 79 34.37 32.25 24.70
C VAL A 79 33.90 32.41 23.27
N LEU A 80 32.71 31.87 23.03
CA LEU A 80 31.96 32.20 21.83
C LEU A 80 30.65 32.93 22.18
N ILE A 81 30.40 34.02 21.46
CA ILE A 81 29.12 34.72 21.50
C ILE A 81 28.41 34.63 20.15
N GLU A 82 27.17 34.17 20.20
CA GLU A 82 26.30 34.24 19.03
C GLU A 82 24.94 34.74 19.49
N GLY A 83 24.32 35.64 18.72
CA GLY A 83 22.94 36.04 18.99
C GLY A 83 22.03 35.97 17.76
N TYR A 84 22.01 34.77 17.12
CA TYR A 84 21.13 34.45 16.02
C TYR A 84 19.98 33.66 16.58
N ARG A 85 18.96 33.40 15.75
CA ARG A 85 17.87 32.58 16.23
C ARG A 85 18.42 31.19 16.57
N PRO A 86 17.71 30.45 17.46
CA PRO A 86 18.07 29.07 17.73
C PRO A 86 18.13 28.26 16.44
N GLY A 87 19.10 27.36 16.33
CA GLY A 87 19.20 26.50 15.16
C GLY A 87 20.16 27.06 14.15
N VAL A 88 20.44 28.36 14.22
CA VAL A 88 21.26 28.94 13.17
C VAL A 88 22.66 28.36 13.28
N THR A 89 23.24 28.32 14.49
CA THR A 89 24.64 27.93 14.55
C THR A 89 24.74 26.42 14.24
N GLU A 90 23.82 25.61 14.78
CA GLU A 90 23.73 24.20 14.41
C GLU A 90 23.93 24.05 12.89
N ARG A 91 23.03 24.65 12.11
CA ARG A 91 22.99 24.47 10.66
C ARG A 91 24.22 25.09 9.98
N LEU A 92 25.00 25.91 10.67
CA LEU A 92 26.27 26.36 10.10
C LEU A 92 27.39 25.35 10.39
N GLY A 93 27.13 24.41 11.32
CA GLY A 93 28.13 23.52 11.89
C GLY A 93 28.99 24.17 12.98
N LEU A 94 28.44 25.19 13.66
CA LEU A 94 29.10 25.89 14.76
C LEU A 94 28.24 25.78 16.02
N GLY A 95 27.30 24.85 16.05
CA GLY A 95 26.47 24.61 17.20
C GLY A 95 27.32 24.24 18.40
N PRO A 96 26.75 24.19 19.62
CA PRO A 96 27.52 23.82 20.80
C PRO A 96 28.23 22.48 20.61
N GLU A 97 27.48 21.45 20.18
CA GLU A 97 28.00 20.10 20.02
C GLU A 97 29.24 20.03 19.12
N GLU A 98 29.24 20.81 18.04
CA GLU A 98 30.37 20.83 17.11
C GLU A 98 31.58 21.55 17.71
N CYS A 99 31.29 22.55 18.54
CA CYS A 99 32.33 23.34 19.22
C CYS A 99 32.95 22.50 20.33
N ALA A 100 32.12 21.76 21.08
CA ALA A 100 32.54 20.87 22.16
C ALA A 100 33.57 19.84 21.70
N LYS A 101 33.52 19.48 20.40
CA LYS A 101 34.45 18.53 19.82
C LYS A 101 35.80 19.16 19.51
N VAL A 102 35.88 20.46 19.23
CA VAL A 102 37.19 21.05 18.95
C VAL A 102 37.75 21.78 20.18
N ASN A 103 37.05 21.78 21.32
CA ASN A 103 37.46 22.64 22.43
C ASN A 103 36.44 22.60 23.55
N ASP A 104 36.62 21.67 24.49
CA ASP A 104 35.63 21.43 25.53
C ASP A 104 35.83 22.38 26.71
N ARG A 105 36.69 23.39 26.52
CA ARG A 105 36.84 24.45 27.50
C ARG A 105 35.97 25.67 27.15
N LEU A 106 35.32 25.64 25.96
CA LEU A 106 34.64 26.79 25.41
C LEU A 106 33.43 27.16 26.28
N ILE A 107 33.29 28.45 26.54
CA ILE A 107 32.04 28.97 27.05
C ILE A 107 31.21 29.39 25.84
N TYR A 108 30.05 28.73 25.71
CA TYR A 108 29.26 28.83 24.50
C TYR A 108 28.08 29.73 24.83
N ALA A 109 28.17 31.00 24.43
CA ALA A 109 27.23 32.00 24.95
C ALA A 109 26.17 32.35 23.92
N ARG A 110 24.92 32.03 24.27
CA ARG A 110 23.81 32.19 23.34
C ARG A 110 22.85 33.33 23.75
N MET A 111 22.85 34.39 22.95
CA MET A 111 22.09 35.61 23.25
C MET A 111 20.83 35.65 22.40
N THR A 112 19.67 35.39 23.00
CA THR A 112 18.40 35.55 22.30
C THR A 112 17.43 36.38 23.15
N GLY A 113 16.26 36.65 22.56
CA GLY A 113 15.17 37.30 23.27
C GLY A 113 14.27 36.29 23.94
N TRP A 114 13.88 35.26 23.17
CA TRP A 114 12.79 34.39 23.56
C TRP A 114 13.30 33.11 24.21
N GLY A 115 14.57 32.81 23.99
CA GLY A 115 15.13 31.58 24.52
C GLY A 115 15.44 30.58 23.39
N GLN A 116 15.83 29.38 23.79
CA GLN A 116 16.28 28.37 22.84
C GLN A 116 15.09 27.50 22.41
N THR A 117 14.03 27.45 23.20
CA THR A 117 12.88 26.62 22.87
C THR A 117 11.61 27.40 23.22
N GLY A 118 10.45 26.79 22.92
CA GLY A 118 9.13 27.33 23.25
C GLY A 118 8.47 27.98 22.03
N PRO A 119 7.16 28.28 22.11
CA PRO A 119 6.37 28.74 20.96
C PRO A 119 6.89 29.99 20.25
N ARG A 120 7.60 30.85 20.97
CA ARG A 120 7.99 32.11 20.35
C ARG A 120 9.44 32.08 19.91
N SER A 121 10.11 30.92 20.03
CA SER A 121 11.56 30.86 19.89
C SER A 121 12.06 31.16 18.50
N GLN A 122 11.18 31.08 17.50
CA GLN A 122 11.59 31.43 16.14
C GLN A 122 11.05 32.80 15.67
N GLN A 123 10.22 33.47 16.50
CA GLN A 123 9.73 34.80 16.13
C GLN A 123 10.87 35.82 16.22
N ALA A 124 11.05 36.57 15.13
CA ALA A 124 11.75 37.84 15.16
C ALA A 124 11.16 38.74 16.25
N GLY A 125 12.01 39.58 16.77
CA GLY A 125 11.59 40.50 17.80
C GLY A 125 12.70 41.49 18.08
N HIS A 126 12.33 42.50 18.88
CA HIS A 126 13.31 43.44 19.40
C HIS A 126 12.97 43.70 20.86
N ASP A 127 13.78 44.57 21.48
CA ASP A 127 13.66 44.86 22.92
C ASP A 127 12.18 45.00 23.31
N ILE A 128 11.48 45.89 22.62
CA ILE A 128 10.11 46.22 23.00
C ILE A 128 9.23 44.99 23.06
N ASN A 129 9.48 44.00 22.17
CA ASN A 129 8.71 42.77 22.16
C ASN A 129 8.98 41.93 23.42
N TYR A 130 10.27 41.76 23.77
CA TYR A 130 10.64 40.89 24.87
C TYR A 130 10.11 41.45 26.22
N ILE A 131 10.14 42.76 26.38
CA ILE A 131 9.65 43.36 27.62
C ILE A 131 8.14 43.50 27.61
N SER A 132 7.50 43.28 26.45
CA SER A 132 6.04 43.36 26.44
C SER A 132 5.42 42.11 27.08
N LEU A 133 6.12 40.97 27.03
CA LEU A 133 5.51 39.71 27.43
C LEU A 133 5.60 39.45 28.94
N ASN A 134 6.54 40.12 29.61
CA ASN A 134 6.82 39.79 31.00
C ASN A 134 6.40 40.91 31.95
N GLY A 135 5.51 41.79 31.49
CA GLY A 135 4.89 42.73 32.40
C GLY A 135 5.63 44.07 32.49
N ILE A 136 6.86 44.15 31.95
CA ILE A 136 7.70 45.31 32.19
C ILE A 136 7.16 46.52 31.44
N LEU A 137 6.94 46.37 30.13
CA LEU A 137 6.58 47.49 29.26
C LEU A 137 5.29 48.11 29.77
N HIS A 138 4.38 47.26 30.23
CA HIS A 138 3.09 47.73 30.65
C HIS A 138 3.23 48.67 31.85
N ALA A 139 4.34 48.56 32.60
CA ALA A 139 4.48 49.32 33.83
C ALA A 139 5.11 50.69 33.57
N ILE A 140 5.61 50.95 32.35
CA ILE A 140 6.41 52.15 32.04
C ILE A 140 5.53 53.20 31.35
N GLY A 141 5.43 54.40 31.95
CA GLY A 141 4.80 55.56 31.32
C GLY A 141 3.72 56.14 32.22
N ARG A 142 3.10 57.24 31.79
CA ARG A 142 2.04 57.86 32.57
C ARG A 142 0.78 57.00 32.51
N GLY A 143 -0.11 57.22 33.49
CA GLY A 143 -1.32 56.41 33.64
C GLY A 143 -2.40 56.75 32.61
N ASP A 144 -2.39 57.96 32.10
CA ASP A 144 -3.45 58.40 31.21
C ASP A 144 -3.08 58.10 29.74
N GLU A 145 -2.03 57.30 29.51
CA GLU A 145 -1.50 57.12 28.16
C GLU A 145 -1.00 55.69 27.99
N ARG A 146 -0.70 55.33 26.74
CA ARG A 146 -0.20 54.00 26.44
C ARG A 146 1.24 53.89 26.91
N PRO A 147 1.70 52.66 27.21
CA PRO A 147 3.04 52.47 27.72
C PRO A 147 4.08 53.08 26.80
N VAL A 148 5.22 53.48 27.35
CA VAL A 148 6.25 54.02 26.50
C VAL A 148 7.51 53.19 26.68
N PRO A 149 8.19 52.85 25.58
CA PRO A 149 9.40 52.09 25.68
C PRO A 149 10.49 52.88 26.35
N PRO A 150 11.21 52.24 27.32
CA PRO A 150 12.42 52.79 27.94
C PRO A 150 13.66 52.58 27.09
N LEU A 151 13.64 53.25 25.93
CA LEU A 151 14.52 52.94 24.81
C LEU A 151 14.60 51.43 24.70
N ASN A 152 15.78 50.93 24.37
CA ASN A 152 16.06 49.50 24.33
C ASN A 152 17.02 49.17 25.46
N LEU A 153 16.86 49.85 26.61
CA LEU A 153 17.77 49.69 27.74
C LEU A 153 17.49 48.44 28.55
N VAL A 154 16.22 48.04 28.70
CA VAL A 154 15.85 47.06 29.71
C VAL A 154 15.95 45.64 29.17
N GLY A 155 15.60 45.47 27.89
CA GLY A 155 15.61 44.15 27.26
C GLY A 155 16.96 43.82 26.65
N ASP A 156 17.44 44.68 25.75
CA ASP A 156 18.67 44.45 25.04
C ASP A 156 19.85 44.42 26.00
N PHE A 157 19.94 45.42 26.89
CA PHE A 157 21.18 45.64 27.64
C PHE A 157 21.02 45.14 29.06
N GLY A 158 20.21 45.80 29.89
CA GLY A 158 20.16 45.45 31.29
C GLY A 158 19.78 43.99 31.53
N GLY A 159 18.82 43.51 30.71
CA GLY A 159 18.25 42.19 30.88
C GLY A 159 18.78 41.24 29.81
N GLY A 160 19.74 41.71 29.01
CA GLY A 160 20.22 40.99 27.86
C GLY A 160 21.73 40.80 27.94
N SER A 161 22.46 41.66 27.25
CA SER A 161 23.91 41.67 27.28
C SER A 161 24.47 41.45 28.68
N MET A 162 23.95 42.18 29.70
CA MET A 162 24.54 42.08 31.03
C MET A 162 24.40 40.69 31.67
N PHE A 163 23.24 40.05 31.48
CA PHE A 163 23.06 38.67 31.90
C PHE A 163 23.97 37.71 31.11
N LEU A 164 24.22 38.00 29.83
CA LEU A 164 25.14 37.21 29.05
C LEU A 164 26.52 37.31 29.67
N LEU A 165 26.89 38.52 30.12
CA LEU A 165 28.22 38.74 30.69
C LEU A 165 28.36 38.00 32.00
N VAL A 166 27.33 38.03 32.82
CA VAL A 166 27.39 37.37 34.08
C VAL A 166 27.51 35.86 33.84
N GLY A 167 26.71 35.32 32.92
CA GLY A 167 26.77 33.90 32.58
C GLY A 167 28.16 33.48 32.09
N ILE A 168 28.74 34.26 31.19
CA ILE A 168 30.05 33.98 30.67
C ILE A 168 31.05 33.94 31.83
N LEU A 169 31.05 35.00 32.65
CA LEU A 169 32.05 35.11 33.70
C LEU A 169 31.76 34.10 34.80
N ALA A 170 30.51 33.79 35.06
CA ALA A 170 30.17 32.77 36.04
C ALA A 170 30.66 31.39 35.56
N ALA A 171 30.46 31.13 34.26
CA ALA A 171 30.92 29.88 33.65
C ALA A 171 32.45 29.78 33.69
N LEU A 172 33.16 30.92 33.50
CA LEU A 172 34.61 30.94 33.56
C LEU A 172 35.10 30.58 34.96
N TRP A 173 34.38 31.04 35.98
CA TRP A 173 34.72 30.69 37.35
C TRP A 173 34.52 29.19 37.56
N GLU A 174 33.44 28.66 37.02
CA GLU A 174 33.13 27.25 37.16
C GLU A 174 34.23 26.42 36.50
N ARG A 175 34.67 26.84 35.32
CA ARG A 175 35.68 26.14 34.56
C ARG A 175 37.03 26.07 35.30
N GLN A 176 37.14 26.75 36.44
CA GLN A 176 38.37 26.78 37.19
C GLN A 176 38.47 25.48 37.98
N SER A 177 37.34 25.02 38.55
CA SER A 177 37.22 23.70 39.18
C SER A 177 37.27 22.59 38.13
N SER A 178 36.29 22.58 37.21
CA SER A 178 35.92 21.38 36.45
C SER A 178 36.83 21.15 35.24
N GLY A 179 37.47 22.22 34.74
CA GLY A 179 38.30 22.17 33.53
C GLY A 179 37.44 22.12 32.25
N LYS A 180 36.11 22.26 32.41
CA LYS A 180 35.17 22.24 31.30
C LYS A 180 34.34 23.53 31.16
N GLY A 181 34.21 23.98 29.90
CA GLY A 181 33.22 24.96 29.50
C GLY A 181 31.79 24.41 29.55
N GLN A 182 30.86 25.13 28.92
CA GLN A 182 29.43 24.82 28.99
C GLN A 182 28.64 25.84 28.17
N VAL A 183 27.32 25.64 28.10
CA VAL A 183 26.46 26.49 27.29
C VAL A 183 25.76 27.47 28.24
N VAL A 184 25.86 28.76 27.87
CA VAL A 184 25.11 29.81 28.53
C VAL A 184 23.94 30.25 27.66
N ASP A 185 22.74 30.06 28.22
CA ASP A 185 21.50 30.40 27.53
C ASP A 185 20.90 31.70 28.12
N ALA A 186 21.25 32.83 27.52
CA ALA A 186 20.78 34.13 27.99
C ALA A 186 19.61 34.62 27.14
N ALA A 187 18.39 34.58 27.70
CA ALA A 187 17.24 35.13 27.02
C ALA A 187 16.80 36.47 27.66
N MET A 188 16.55 37.48 26.84
CA MET A 188 16.12 38.79 27.28
C MET A 188 14.83 38.69 28.09
N VAL A 189 13.97 37.75 27.75
CA VAL A 189 12.72 37.70 28.50
C VAL A 189 12.98 37.26 29.94
N ASP A 190 14.05 36.47 30.14
CA ASP A 190 14.35 35.97 31.47
C ASP A 190 15.20 36.99 32.24
N GLY A 191 16.29 37.44 31.62
CA GLY A 191 17.15 38.43 32.24
C GLY A 191 16.37 39.67 32.72
N SER A 192 15.50 40.21 31.83
CA SER A 192 14.75 41.42 32.15
C SER A 192 13.77 41.15 33.29
N SER A 193 13.25 39.93 33.41
CA SER A 193 12.41 39.53 34.55
C SER A 193 13.18 39.52 35.88
N VAL A 194 14.42 39.06 35.89
CA VAL A 194 15.26 39.11 37.08
C VAL A 194 15.69 40.54 37.35
N LEU A 195 15.87 41.32 36.28
CA LEU A 195 16.15 42.74 36.38
C LEU A 195 15.05 43.46 37.16
N ILE A 196 13.77 43.09 36.97
CA ILE A 196 12.68 43.75 37.66
C ILE A 196 12.21 42.94 38.86
N GLN A 197 13.09 42.13 39.44
CA GLN A 197 12.68 41.28 40.55
C GLN A 197 12.10 42.10 41.72
N MET A 198 12.62 43.32 41.93
CA MET A 198 12.08 44.17 42.99
C MET A 198 10.57 44.35 42.86
N MET A 199 10.06 44.51 41.64
CA MET A 199 8.65 44.86 41.51
C MET A 199 7.82 43.62 41.82
N TRP A 200 8.34 42.47 41.39
CA TRP A 200 7.69 41.21 41.70
C TRP A 200 7.69 40.99 43.21
N ALA A 201 8.76 41.40 43.90
CA ALA A 201 8.80 41.30 45.35
C ALA A 201 7.75 42.20 45.99
N MET A 202 7.70 43.46 45.53
CA MET A 202 6.77 44.44 46.09
C MET A 202 5.33 44.06 45.77
N ARG A 203 5.13 43.53 44.56
CA ARG A 203 3.80 43.13 44.15
C ARG A 203 3.26 42.06 45.10
N ALA A 204 4.13 41.13 45.52
CA ALA A 204 3.72 40.00 46.34
C ALA A 204 3.26 40.48 47.73
N THR A 205 3.87 41.56 48.23
CA THR A 205 3.54 42.09 49.55
C THR A 205 2.69 43.35 49.42
N GLY A 206 1.91 43.48 48.34
CA GLY A 206 0.91 44.53 48.22
C GLY A 206 1.50 45.93 48.05
N MET A 207 2.78 46.06 47.70
CA MET A 207 3.38 47.39 47.60
C MET A 207 3.63 47.82 46.16
N TRP A 208 3.03 47.11 45.19
CA TRP A 208 3.08 47.54 43.79
C TRP A 208 1.80 47.10 43.09
N THR A 209 1.06 48.02 42.42
CA THR A 209 -0.09 47.60 41.64
C THR A 209 0.30 47.52 40.16
N ASP A 210 -0.58 46.89 39.40
CA ASP A 210 -0.45 46.78 37.96
C ASP A 210 -0.92 48.04 37.25
N THR A 211 -1.51 48.99 38.00
CA THR A 211 -1.91 50.27 37.41
C THR A 211 -0.68 51.08 37.08
N ARG A 212 -0.53 51.46 35.82
CA ARG A 212 0.62 52.25 35.39
C ARG A 212 0.50 53.66 35.98
N GLY A 213 1.59 54.23 36.51
CA GLY A 213 1.61 55.61 36.98
C GLY A 213 0.98 55.80 38.36
N ALA A 214 0.86 54.71 39.14
CA ALA A 214 0.30 54.78 40.47
C ALA A 214 1.15 54.04 41.50
N ASN A 215 2.47 54.02 41.36
CA ASN A 215 3.36 53.36 42.29
C ASN A 215 4.47 54.31 42.75
N MET A 216 5.34 53.80 43.61
CA MET A 216 6.33 54.63 44.29
C MET A 216 7.42 55.05 43.31
N LEU A 217 7.72 54.20 42.34
CA LEU A 217 8.87 54.38 41.48
C LEU A 217 8.54 54.49 39.99
N ASP A 218 7.28 54.68 39.61
CA ASP A 218 6.94 54.75 38.19
C ASP A 218 6.55 56.17 37.76
N GLY A 219 6.60 57.10 38.71
CA GLY A 219 6.21 58.46 38.43
C GLY A 219 4.95 58.85 39.20
N GLY A 220 4.22 57.90 39.77
CA GLY A 220 3.03 58.17 40.55
C GLY A 220 3.27 58.93 41.85
N ALA A 221 4.44 58.79 42.47
CA ALA A 221 4.71 59.48 43.72
C ALA A 221 5.21 60.89 43.42
N PRO A 222 4.60 61.95 43.98
CA PRO A 222 5.08 63.31 43.76
C PRO A 222 6.53 63.54 44.16
N TYR A 223 7.09 62.67 45.02
CA TYR A 223 8.48 62.81 45.42
C TYR A 223 9.43 61.90 44.65
N TYR A 224 8.96 61.16 43.65
CA TYR A 224 9.85 60.43 42.76
C TYR A 224 9.35 60.64 41.34
N ASP A 225 9.73 61.74 40.73
CA ASP A 225 9.25 62.09 39.41
C ASP A 225 10.07 63.27 38.89
N THR A 226 9.80 63.66 37.64
CA THR A 226 10.40 64.87 37.12
C THR A 226 9.41 66.02 37.25
N TYR A 227 9.97 67.23 37.27
CA TYR A 227 9.21 68.47 37.32
C TYR A 227 9.72 69.42 36.25
N GLU A 228 8.79 70.10 35.60
CA GLU A 228 9.13 71.18 34.69
C GLU A 228 9.37 72.48 35.46
N CYS A 229 10.43 73.18 35.04
CA CYS A 229 10.92 74.40 35.66
C CYS A 229 10.52 75.58 34.79
N ALA A 230 10.92 76.78 35.20
CA ALA A 230 10.39 78.02 34.64
C ALA A 230 10.85 78.10 33.19
N ASP A 231 11.99 77.50 32.87
CA ASP A 231 12.56 77.62 31.54
C ASP A 231 12.11 76.49 30.62
N GLY A 232 11.17 75.64 31.06
CA GLY A 232 10.76 74.52 30.23
C GLY A 232 11.75 73.35 30.29
N ARG A 233 12.81 73.44 31.12
CA ARG A 233 13.70 72.31 31.34
C ARG A 233 13.26 71.55 32.60
N TYR A 234 13.94 70.45 32.95
CA TYR A 234 13.42 69.59 33.99
C TYR A 234 14.46 69.31 35.05
N VAL A 235 13.91 69.08 36.26
CA VAL A 235 14.63 68.42 37.35
C VAL A 235 13.99 67.09 37.66
N ALA A 236 14.80 66.25 38.31
CA ALA A 236 14.38 64.99 38.85
C ALA A 236 14.34 65.10 40.37
N VAL A 237 13.27 64.58 40.96
CA VAL A 237 13.15 64.43 42.40
C VAL A 237 13.07 62.96 42.76
N GLY A 238 13.90 62.55 43.73
CA GLY A 238 14.00 61.17 44.16
C GLY A 238 13.98 61.07 45.69
N ALA A 239 13.23 61.96 46.35
CA ALA A 239 13.35 62.15 47.80
C ALA A 239 12.46 61.17 48.55
N ILE A 240 12.83 59.90 48.53
CA ILE A 240 12.00 58.86 49.10
C ILE A 240 12.03 58.95 50.64
N GLU A 241 13.23 59.00 51.22
CA GLU A 241 13.39 58.95 52.67
C GLU A 241 12.91 60.28 53.27
N PRO A 242 12.19 60.24 54.42
CA PRO A 242 11.55 61.44 54.92
C PRO A 242 12.52 62.58 55.19
N GLN A 243 13.76 62.28 55.56
CA GLN A 243 14.73 63.33 55.88
C GLN A 243 15.19 64.07 54.63
N PHE A 244 15.28 63.36 53.49
CA PHE A 244 15.67 63.96 52.21
C PHE A 244 14.50 64.81 51.70
N TYR A 245 13.30 64.28 51.86
CA TYR A 245 12.11 64.99 51.43
C TYR A 245 12.03 66.31 52.21
N ALA A 246 12.26 66.25 53.53
CA ALA A 246 12.18 67.46 54.34
C ALA A 246 13.20 68.46 53.82
N ALA A 247 14.37 67.98 53.41
CA ALA A 247 15.42 68.86 52.89
C ALA A 247 15.01 69.50 51.56
N MET A 248 14.33 68.72 50.72
CA MET A 248 13.79 69.22 49.48
C MET A 248 12.77 70.33 49.75
N LEU A 249 11.79 70.08 50.63
CA LEU A 249 10.74 71.04 50.94
C LEU A 249 11.33 72.37 51.40
N ALA A 250 12.38 72.29 52.21
CA ALA A 250 12.93 73.50 52.78
C ALA A 250 13.60 74.28 51.67
N GLY A 251 14.26 73.58 50.74
CA GLY A 251 14.89 74.25 49.62
C GLY A 251 13.87 74.85 48.67
N LEU A 252 12.66 74.30 48.67
CA LEU A 252 11.61 74.74 47.75
C LEU A 252 10.89 75.95 48.31
N GLY A 253 10.96 76.16 49.63
CA GLY A 253 10.30 77.28 50.27
C GLY A 253 8.90 76.91 50.76
N LEU A 254 8.61 75.62 50.88
CA LEU A 254 7.30 75.13 51.27
C LEU A 254 7.41 74.66 52.71
N ASP A 255 6.52 75.17 53.56
CA ASP A 255 6.43 74.70 54.93
C ASP A 255 5.65 73.40 54.93
N ALA A 256 6.22 72.37 55.57
CA ALA A 256 5.60 71.06 55.73
C ALA A 256 4.20 71.16 56.31
N ALA A 257 3.95 72.15 57.18
CA ALA A 257 2.64 72.29 57.81
C ALA A 257 1.54 72.65 56.81
N GLU A 258 1.89 73.26 55.66
CA GLU A 258 0.87 73.62 54.68
C GLU A 258 0.64 72.47 53.69
N LEU A 259 1.43 71.38 53.73
CA LEU A 259 1.33 70.39 52.67
C LEU A 259 0.65 69.17 53.26
N PRO A 260 0.04 68.31 52.42
CA PRO A 260 -0.41 67.00 52.87
C PRO A 260 0.78 66.12 53.26
N PRO A 261 0.57 65.04 54.04
CA PRO A 261 1.67 64.16 54.35
C PRO A 261 2.30 63.54 53.09
N GLN A 262 3.60 63.28 53.17
CA GLN A 262 4.36 62.81 52.04
C GLN A 262 3.75 61.56 51.45
N ASN A 263 3.29 60.63 52.31
CA ASN A 263 2.82 59.34 51.84
C ASN A 263 1.33 59.15 52.05
N ASP A 264 0.57 60.26 52.17
CA ASP A 264 -0.86 60.14 52.08
C ASP A 264 -1.29 60.14 50.61
N ARG A 265 -1.35 58.94 50.02
CA ARG A 265 -1.57 58.76 48.60
C ARG A 265 -2.87 59.43 48.17
N ALA A 266 -3.86 59.50 49.05
CA ALA A 266 -5.16 60.05 48.69
C ALA A 266 -5.05 61.54 48.39
N ARG A 267 -4.00 62.19 48.92
CA ARG A 267 -3.82 63.62 48.72
C ARG A 267 -2.63 63.91 47.82
N TRP A 268 -2.12 62.90 47.13
CA TRP A 268 -1.06 63.10 46.15
C TRP A 268 -1.43 64.13 45.09
N PRO A 269 -2.70 64.25 44.60
CA PRO A 269 -3.06 65.30 43.67
C PRO A 269 -2.71 66.71 44.15
N GLU A 270 -3.09 67.01 45.40
CA GLU A 270 -2.80 68.29 46.01
C GLU A 270 -1.30 68.48 46.17
N LEU A 271 -0.63 67.47 46.70
CA LEU A 271 0.81 67.56 46.93
C LEU A 271 1.52 67.84 45.61
N ARG A 272 1.16 67.09 44.54
CA ARG A 272 1.78 67.29 43.24
C ARG A 272 1.53 68.72 42.75
N ALA A 273 0.29 69.23 42.92
CA ALA A 273 0.00 70.60 42.52
C ALA A 273 0.91 71.59 43.24
N LEU A 274 1.17 71.38 44.53
CA LEU A 274 2.01 72.30 45.29
C LEU A 274 3.46 72.24 44.81
N LEU A 275 3.99 71.02 44.64
CA LEU A 275 5.37 70.84 44.23
C LEU A 275 5.55 71.38 42.81
N THR A 276 4.54 71.13 41.97
CA THR A 276 4.56 71.55 40.57
C THR A 276 4.68 73.06 40.48
N GLU A 277 3.84 73.79 41.23
CA GLU A 277 3.90 75.24 41.19
C GLU A 277 5.24 75.74 41.75
N ALA A 278 5.75 75.10 42.80
CA ALA A 278 7.02 75.55 43.35
C ALA A 278 8.17 75.34 42.37
N PHE A 279 8.30 74.16 41.76
CA PHE A 279 9.43 73.93 40.86
C PHE A 279 9.31 74.84 39.64
N ALA A 280 8.07 75.16 39.21
CA ALA A 280 7.83 75.97 38.02
C ALA A 280 8.22 77.43 38.20
N SER A 281 8.55 77.85 39.43
CA SER A 281 8.78 79.26 39.72
C SER A 281 10.25 79.64 39.50
N HIS A 282 11.15 78.70 39.26
CA HIS A 282 12.51 79.07 38.89
C HIS A 282 13.05 78.07 37.87
N ASP A 283 14.19 78.41 37.27
CA ASP A 283 14.69 77.66 36.14
C ASP A 283 15.51 76.48 36.66
N ARG A 284 15.84 75.54 35.76
CA ARG A 284 16.49 74.30 36.13
C ARG A 284 17.79 74.63 36.88
N ASP A 285 18.61 75.51 36.31
CA ASP A 285 19.94 75.80 36.83
C ASP A 285 19.86 76.46 38.21
N HIS A 286 18.84 77.29 38.46
CA HIS A 286 18.55 77.70 39.82
C HIS A 286 18.45 76.50 40.78
N TRP A 287 17.57 75.53 40.47
CA TRP A 287 17.33 74.42 41.37
C TRP A 287 18.62 73.64 41.56
N GLY A 288 19.42 73.53 40.50
CA GLY A 288 20.64 72.72 40.51
C GLY A 288 21.66 73.30 41.48
N ALA A 289 21.65 74.64 41.62
CA ALA A 289 22.54 75.37 42.50
C ALA A 289 22.04 75.31 43.94
N VAL A 290 20.82 75.79 44.19
CA VAL A 290 20.15 75.59 45.46
C VAL A 290 20.44 74.19 46.05
N PHE A 291 20.38 73.10 45.26
CA PHE A 291 20.39 71.79 45.88
C PHE A 291 21.72 71.04 45.77
N ALA A 292 22.70 71.64 45.11
CA ALA A 292 24.00 70.99 45.05
C ALA A 292 24.54 70.83 46.47
N ASN A 293 25.18 69.67 46.71
CA ASN A 293 25.74 69.28 48.00
C ASN A 293 24.64 68.97 49.01
N SER A 294 23.40 68.81 48.56
CA SER A 294 22.29 68.57 49.47
C SER A 294 21.87 67.12 49.36
N ASP A 295 21.19 66.62 50.39
CA ASP A 295 20.58 65.31 50.37
C ASP A 295 19.12 65.39 49.94
N ALA A 296 18.72 66.48 49.28
CA ALA A 296 17.34 66.66 48.85
C ALA A 296 16.97 65.77 47.64
N CYS A 297 17.96 65.15 46.98
CA CYS A 297 17.72 64.23 45.88
C CYS A 297 16.97 64.93 44.76
N VAL A 298 17.46 66.13 44.41
CA VAL A 298 16.97 66.93 43.31
C VAL A 298 18.15 67.13 42.37
N THR A 299 18.03 66.75 41.10
CA THR A 299 19.14 66.91 40.17
C THR A 299 18.59 67.43 38.86
N PRO A 300 19.42 68.15 38.09
CA PRO A 300 18.99 68.59 36.78
C PRO A 300 18.90 67.43 35.80
N VAL A 301 17.86 67.45 34.97
CA VAL A 301 17.70 66.46 33.93
C VAL A 301 18.44 66.95 32.69
N LEU A 302 19.68 66.49 32.52
CA LEU A 302 20.48 66.99 31.40
C LEU A 302 20.20 66.19 30.11
N ALA A 303 20.25 66.88 28.98
CA ALA A 303 20.28 66.27 27.66
C ALA A 303 21.69 65.77 27.35
N PHE A 304 21.77 64.74 26.49
CA PHE A 304 23.06 64.16 26.14
C PHE A 304 24.11 65.24 25.85
N GLY A 305 23.69 66.27 25.12
CA GLY A 305 24.61 67.27 24.61
C GLY A 305 25.22 68.16 25.70
N GLU A 306 24.62 68.19 26.89
CA GLU A 306 25.06 69.01 28.00
C GLU A 306 25.88 68.20 29.00
N VAL A 307 25.92 66.88 28.83
CA VAL A 307 26.48 66.03 29.86
C VAL A 307 27.98 66.31 30.01
N HIS A 308 28.65 66.62 28.89
CA HIS A 308 30.08 66.86 28.87
C HIS A 308 30.45 68.10 29.69
N ASN A 309 29.49 68.95 30.06
CA ASN A 309 29.78 70.16 30.84
C ASN A 309 29.47 70.02 32.33
N GLU A 310 29.04 68.84 32.80
CA GLU A 310 28.68 68.70 34.19
C GLU A 310 29.93 68.33 35.00
N PRO A 311 30.28 69.11 36.06
CA PRO A 311 31.53 68.91 36.78
C PRO A 311 31.77 67.48 37.25
N HIS A 312 30.77 66.83 37.83
CA HIS A 312 30.95 65.49 38.36
C HIS A 312 31.26 64.47 37.25
N ILE A 313 30.72 64.69 36.05
CA ILE A 313 30.96 63.83 34.91
C ILE A 313 32.39 64.01 34.42
N ILE A 314 32.81 65.28 34.23
CA ILE A 314 34.14 65.65 33.77
C ILE A 314 35.18 65.08 34.72
N GLU A 315 34.95 65.27 36.03
CA GLU A 315 36.00 64.99 36.99
C GLU A 315 36.27 63.50 37.15
N ARG A 316 35.26 62.64 37.00
CA ARG A 316 35.48 61.23 37.18
C ARG A 316 35.85 60.57 35.84
N ASN A 317 36.02 61.36 34.79
CA ASN A 317 36.22 60.84 33.45
C ASN A 317 35.22 59.74 33.11
N THR A 318 33.92 60.05 33.22
CA THR A 318 32.90 59.08 32.84
C THR A 318 32.91 58.91 31.31
N PHE A 319 33.28 59.97 30.58
CA PHE A 319 33.31 59.96 29.12
C PHE A 319 34.72 60.23 28.59
N TYR A 320 34.97 59.85 27.33
CA TYR A 320 36.16 60.23 26.58
C TYR A 320 35.70 60.71 25.21
N GLU A 321 36.56 61.44 24.46
CA GLU A 321 36.19 61.92 23.13
C GLU A 321 36.71 60.95 22.08
N ALA A 322 35.92 60.73 21.03
CA ALA A 322 36.34 59.89 19.91
C ALA A 322 35.49 60.22 18.68
N ASN A 323 36.14 60.75 17.63
CA ASN A 323 35.48 60.95 16.36
C ASN A 323 34.15 61.69 16.55
N GLY A 324 34.21 63.01 16.72
CA GLY A 324 33.02 63.85 16.87
C GLY A 324 31.93 63.17 17.72
N GLY A 325 32.32 62.63 18.88
CA GLY A 325 31.35 62.26 19.89
C GLY A 325 32.01 61.78 21.18
N TRP A 326 31.40 62.14 22.29
CA TRP A 326 31.76 61.52 23.55
C TRP A 326 31.24 60.10 23.57
N GLN A 327 31.98 59.25 24.26
CA GLN A 327 31.58 57.89 24.49
C GLN A 327 31.88 57.54 25.95
N PRO A 328 31.11 56.62 26.54
CA PRO A 328 31.37 56.19 27.91
C PRO A 328 32.66 55.40 28.06
N MET A 329 33.39 55.72 29.12
CA MET A 329 34.56 54.94 29.52
C MET A 329 34.11 53.62 30.10
N PRO A 330 34.98 52.60 30.10
CA PRO A 330 34.60 51.32 30.68
C PRO A 330 34.04 51.44 32.08
N ALA A 331 33.11 50.55 32.41
CA ALA A 331 32.62 50.41 33.75
C ALA A 331 32.60 48.91 34.03
N PRO A 332 32.63 48.45 35.30
CA PRO A 332 32.95 49.28 36.45
C PRO A 332 34.45 49.57 36.47
N ARG A 333 34.98 50.10 37.58
CA ARG A 333 36.40 50.46 37.65
C ARG A 333 37.14 49.50 38.58
N PHE A 334 38.44 49.29 38.33
CA PHE A 334 39.21 48.33 39.12
C PHE A 334 40.44 49.04 39.71
N SER A 335 40.69 48.82 41.01
CA SER A 335 41.82 49.46 41.71
C SER A 335 43.19 49.04 41.14
N ARG A 336 43.43 47.73 40.92
CA ARG A 336 44.77 47.32 40.53
C ARG A 336 44.91 47.15 39.01
N THR A 337 43.97 46.50 38.32
CA THR A 337 44.10 46.25 36.89
C THR A 337 43.10 47.12 36.14
N ALA A 338 43.43 48.40 36.06
CA ALA A 338 42.56 49.39 35.47
C ALA A 338 42.39 49.07 33.99
N SER A 339 41.19 49.37 33.46
CA SER A 339 40.96 49.34 32.04
C SER A 339 41.62 50.56 31.46
N SER A 340 41.86 50.52 30.16
CA SER A 340 42.40 51.65 29.47
C SER A 340 41.31 52.21 28.57
N GLN A 341 41.63 53.35 27.97
CA GLN A 341 40.75 53.94 27.01
C GLN A 341 40.50 52.91 25.92
N PRO A 342 39.27 52.81 25.38
CA PRO A 342 38.98 51.90 24.29
C PRO A 342 39.71 52.26 23.01
N ARG A 343 40.09 51.24 22.25
CA ARG A 343 40.71 51.41 20.93
C ARG A 343 39.58 51.55 19.91
N PRO A 344 39.68 52.46 18.93
CA PRO A 344 38.56 52.66 18.02
C PRO A 344 38.32 51.44 17.15
N PRO A 345 37.23 51.37 16.37
CA PRO A 345 37.11 50.36 15.32
C PRO A 345 38.31 50.39 14.37
N ALA A 346 38.92 49.21 14.14
CA ALA A 346 40.09 49.08 13.28
C ALA A 346 39.63 48.51 11.93
N ALA A 347 40.39 48.80 10.86
CA ALA A 347 40.15 48.13 9.58
C ALA A 347 40.27 46.62 9.75
N THR A 348 39.61 45.86 8.85
CA THR A 348 39.54 44.41 8.90
C THR A 348 40.94 43.78 8.91
N ILE A 349 40.97 42.52 9.33
CA ILE A 349 42.18 41.76 9.48
C ILE A 349 41.92 40.39 8.86
N ASP A 350 43.00 39.71 8.44
CA ASP A 350 42.90 38.37 7.90
C ASP A 350 42.76 37.36 9.03
N ILE A 351 41.91 36.37 8.84
CA ILE A 351 41.63 35.38 9.88
C ILE A 351 42.86 34.50 10.13
N GLU A 352 43.75 34.40 9.12
CA GLU A 352 44.99 33.67 9.25
C GLU A 352 45.93 34.43 10.17
N ALA A 353 46.12 35.74 9.90
CA ALA A 353 46.91 36.61 10.76
C ALA A 353 46.54 36.42 12.24
N VAL A 354 45.24 36.21 12.52
CA VAL A 354 44.76 36.10 13.90
C VAL A 354 45.23 34.76 14.47
N LEU A 355 45.04 33.69 13.68
CA LEU A 355 45.40 32.34 14.08
C LEU A 355 46.89 32.22 14.38
N THR A 356 47.70 32.96 13.58
CA THR A 356 49.14 33.11 13.76
C THR A 356 49.42 33.74 15.12
N ASP A 357 48.89 34.95 15.34
CA ASP A 357 49.02 35.67 16.61
C ASP A 357 48.57 34.80 17.80
N TRP A 358 47.51 34.00 17.67
CA TRP A 358 47.04 33.18 18.78
C TRP A 358 47.79 31.83 18.88
N ASP A 359 48.93 31.71 18.20
CA ASP A 359 49.57 30.43 17.89
C ASP A 359 48.65 29.63 16.95
N MET B 1 25.07 23.19 46.91
CA MET B 1 24.46 24.38 46.25
C MET B 1 24.68 24.30 44.74
N ALA B 2 23.58 24.30 43.97
CA ALA B 2 23.63 24.18 42.53
C ALA B 2 24.01 25.50 41.86
N GLY B 3 24.71 25.42 40.72
CA GLY B 3 24.93 26.56 39.84
C GLY B 3 26.40 26.76 39.56
N PRO B 4 26.77 27.56 38.55
CA PRO B 4 28.17 27.76 38.22
C PRO B 4 29.00 28.42 39.34
N LEU B 5 28.36 29.04 40.32
CA LEU B 5 29.13 29.77 41.32
C LEU B 5 29.16 28.99 42.64
N SER B 6 29.04 27.66 42.56
CA SER B 6 29.09 26.82 43.74
C SER B 6 30.41 27.06 44.43
N GLY B 7 30.38 27.30 45.75
CA GLY B 7 31.61 27.48 46.52
C GLY B 7 32.23 28.88 46.45
N LEU B 8 31.60 29.82 45.73
CA LEU B 8 31.92 31.23 45.90
C LEU B 8 31.31 31.68 47.22
N ARG B 9 32.11 32.40 48.02
CA ARG B 9 31.62 32.93 49.29
C ARG B 9 31.60 34.45 49.25
N VAL B 10 30.48 34.99 49.73
CA VAL B 10 30.14 36.38 49.52
C VAL B 10 29.61 36.94 50.83
N VAL B 11 30.19 38.06 51.27
CA VAL B 11 29.65 38.74 52.44
C VAL B 11 29.00 40.03 51.97
N GLU B 12 27.75 40.23 52.36
CA GLU B 12 27.00 41.40 51.93
C GLU B 12 26.67 42.28 53.14
N LEU B 13 27.10 43.54 53.10
CA LEU B 13 26.66 44.52 54.07
C LEU B 13 25.35 45.12 53.56
N ALA B 14 24.30 44.96 54.35
CA ALA B 14 22.95 45.24 53.93
C ALA B 14 22.75 46.71 53.62
N GLY B 15 22.25 46.96 52.40
CA GLY B 15 21.77 48.25 51.95
C GLY B 15 20.50 48.06 51.13
N ILE B 16 20.28 48.96 50.17
CA ILE B 16 19.06 48.92 49.39
C ILE B 16 19.43 48.97 47.91
N GLY B 17 18.54 48.41 47.11
CA GLY B 17 18.61 48.58 45.67
C GLY B 17 19.71 47.71 45.09
N PRO B 18 20.76 48.28 44.47
CA PRO B 18 21.68 47.49 43.69
C PRO B 18 22.49 46.44 44.44
N GLY B 19 23.01 46.76 45.64
CA GLY B 19 23.83 45.81 46.39
C GLY B 19 23.05 44.51 46.65
N PRO B 20 21.83 44.61 47.22
CA PRO B 20 21.00 43.43 47.43
C PRO B 20 20.68 42.61 46.18
N HIS B 21 20.52 43.30 45.04
CA HIS B 21 20.16 42.65 43.79
C HIS B 21 21.35 41.84 43.27
N ALA B 22 22.55 42.41 43.32
CA ALA B 22 23.76 41.71 42.93
C ALA B 22 23.99 40.50 43.81
N ALA B 23 23.79 40.69 45.13
CA ALA B 23 23.92 39.60 46.07
C ALA B 23 22.96 38.48 45.69
N MET B 24 21.74 38.87 45.32
CA MET B 24 20.69 37.92 44.96
C MET B 24 21.14 37.07 43.79
N ILE B 25 21.65 37.71 42.74
CA ILE B 25 22.00 36.97 41.54
C ILE B 25 23.18 36.03 41.80
N LEU B 26 24.08 36.44 42.69
CA LEU B 26 25.21 35.59 43.05
C LEU B 26 24.68 34.35 43.74
N GLY B 27 23.79 34.56 44.70
CA GLY B 27 23.07 33.50 45.39
C GLY B 27 22.34 32.59 44.39
N ASP B 28 21.66 33.23 43.43
CA ASP B 28 20.81 32.54 42.49
C ASP B 28 21.62 31.47 41.76
N LEU B 29 22.84 31.82 41.34
CA LEU B 29 23.79 31.00 40.62
C LEU B 29 24.67 30.14 41.55
N GLY B 30 24.27 30.03 42.83
CA GLY B 30 24.80 29.03 43.74
C GLY B 30 25.91 29.51 44.68
N ALA B 31 26.18 30.83 44.74
CA ALA B 31 27.15 31.31 45.70
C ALA B 31 26.59 31.22 47.11
N ASP B 32 27.54 31.13 48.07
CA ASP B 32 27.26 31.18 49.49
C ASP B 32 27.30 32.64 49.94
N VAL B 33 26.12 33.17 50.24
CA VAL B 33 25.93 34.59 50.43
C VAL B 33 25.50 34.84 51.86
N VAL B 34 26.32 35.62 52.60
CA VAL B 34 25.98 35.92 53.98
C VAL B 34 25.79 37.43 54.09
N ARG B 35 24.61 37.80 54.56
CA ARG B 35 24.21 39.18 54.64
C ARG B 35 24.18 39.62 56.11
N ILE B 36 25.00 40.64 56.42
CA ILE B 36 25.05 41.26 57.73
C ILE B 36 24.11 42.47 57.73
N ASP B 37 23.02 42.36 58.51
CA ASP B 37 22.15 43.49 58.78
C ASP B 37 22.32 43.96 60.23
N ARG B 38 21.66 45.06 60.59
CA ARG B 38 21.80 45.61 61.92
C ARG B 38 20.65 45.07 62.77
N PRO B 39 20.89 44.77 64.07
CA PRO B 39 19.90 44.06 64.88
C PRO B 39 18.52 44.73 64.89
N SER B 40 18.54 46.07 64.85
CA SER B 40 17.35 46.88 65.05
C SER B 40 16.35 46.76 63.89
N SER B 41 16.84 46.43 62.68
CA SER B 41 15.96 46.19 61.54
C SER B 41 15.97 44.71 61.19
N VAL B 42 15.14 43.93 61.90
CA VAL B 42 15.02 42.49 61.74
C VAL B 42 14.08 42.00 62.86
N ASP B 43 12.90 41.49 62.48
CA ASP B 43 12.06 40.70 63.37
C ASP B 43 11.90 39.30 62.77
N GLY B 44 10.74 39.03 62.15
CA GLY B 44 10.43 37.72 61.62
C GLY B 44 11.35 37.39 60.44
N ILE B 45 10.90 36.45 59.61
CA ILE B 45 11.56 36.15 58.36
C ILE B 45 11.26 37.31 57.40
N SER B 46 12.28 37.87 56.73
CA SER B 46 12.07 39.03 55.86
C SER B 46 11.13 38.67 54.72
N ARG B 47 10.17 39.56 54.42
CA ARG B 47 9.15 39.27 53.41
C ARG B 47 9.59 39.81 52.05
N ASP B 48 10.86 40.22 51.92
CA ASP B 48 11.42 40.74 50.68
C ASP B 48 12.11 39.62 49.90
N ALA B 49 11.45 39.15 48.84
CA ALA B 49 11.93 38.02 48.06
C ALA B 49 13.28 38.29 47.42
N MET B 50 13.73 39.57 47.41
CA MET B 50 15.05 39.91 46.90
C MET B 50 16.12 39.32 47.84
N LEU B 51 15.70 38.97 49.07
CA LEU B 51 16.62 38.44 50.07
C LEU B 51 16.66 36.92 50.02
N ARG B 52 16.21 36.35 48.89
CA ARG B 52 16.31 34.92 48.67
C ARG B 52 17.76 34.51 48.50
N ASN B 53 18.04 33.20 48.71
CA ASN B 53 19.35 32.62 48.55
C ASN B 53 20.41 33.29 49.43
N ARG B 54 20.04 33.54 50.69
CA ARG B 54 20.93 34.19 51.64
C ARG B 54 20.84 33.51 53.01
N ARG B 55 21.95 33.59 53.75
CA ARG B 55 21.87 33.51 55.19
C ARG B 55 21.98 34.93 55.76
N ILE B 56 21.01 35.30 56.61
CA ILE B 56 21.00 36.58 57.30
C ILE B 56 21.62 36.42 58.70
N VAL B 57 22.50 37.36 59.08
CA VAL B 57 23.01 37.47 60.44
C VAL B 57 22.92 38.94 60.83
N THR B 58 22.67 39.24 62.11
CA THR B 58 22.76 40.60 62.62
C THR B 58 24.10 40.82 63.32
N ALA B 59 24.49 42.11 63.41
CA ALA B 59 25.69 42.54 64.11
C ALA B 59 25.74 44.05 64.11
N ASP B 60 25.82 44.65 65.30
CA ASP B 60 26.13 46.06 65.47
C ASP B 60 27.55 46.30 65.01
N LEU B 61 27.72 46.75 63.76
CA LEU B 61 29.05 46.96 63.19
C LEU B 61 29.77 48.10 63.92
N LYS B 62 29.02 48.86 64.74
CA LYS B 62 29.64 49.92 65.53
C LYS B 62 30.25 49.38 66.83
N SER B 63 29.82 48.22 67.32
CA SER B 63 30.45 47.60 68.47
C SER B 63 31.82 47.03 68.07
N ASP B 64 32.61 46.61 69.07
CA ASP B 64 33.95 46.08 68.80
C ASP B 64 33.84 44.63 68.34
N GLN B 65 32.83 43.95 68.88
CA GLN B 65 32.60 42.53 68.66
C GLN B 65 31.89 42.29 67.31
N GLY B 66 30.84 43.08 67.02
CA GLY B 66 30.27 43.18 65.69
C GLY B 66 31.36 43.33 64.63
N LEU B 67 32.28 44.30 64.81
CA LEU B 67 33.37 44.48 63.85
C LEU B 67 34.23 43.21 63.78
N GLU B 68 34.56 42.64 64.94
CA GLU B 68 35.51 41.54 64.97
C GLU B 68 34.91 40.35 64.23
N LEU B 69 33.67 40.01 64.60
CA LEU B 69 32.92 38.94 63.93
C LEU B 69 32.90 39.17 62.42
N ALA B 70 32.71 40.43 61.99
CA ALA B 70 32.55 40.77 60.60
C ALA B 70 33.84 40.50 59.86
N LEU B 71 34.95 40.96 60.45
CA LEU B 71 36.27 40.77 59.85
C LEU B 71 36.62 39.29 59.76
N LYS B 72 36.05 38.47 60.65
CA LYS B 72 36.27 37.04 60.62
C LYS B 72 35.56 36.41 59.42
N LEU B 73 34.28 36.77 59.21
CA LEU B 73 33.58 36.36 57.99
C LEU B 73 34.42 36.73 56.77
N ILE B 74 34.85 37.98 56.68
CA ILE B 74 35.42 38.50 55.46
C ILE B 74 36.73 37.79 55.15
N ALA B 75 37.42 37.43 56.24
CA ALA B 75 38.68 36.71 56.15
C ALA B 75 38.46 35.38 55.43
N LYS B 76 37.30 34.75 55.65
CA LYS B 76 36.97 33.46 55.05
C LYS B 76 36.23 33.59 53.71
N ALA B 77 36.06 34.79 53.13
CA ALA B 77 35.16 35.00 51.99
C ALA B 77 35.93 35.31 50.73
N ASP B 78 35.25 35.28 49.58
CA ASP B 78 35.88 35.68 48.32
C ASP B 78 35.50 37.10 47.92
N VAL B 79 34.28 37.52 48.26
CA VAL B 79 33.77 38.80 47.78
C VAL B 79 33.13 39.53 48.95
N LEU B 80 33.36 40.84 49.00
CA LEU B 80 32.55 41.66 49.89
C LEU B 80 31.79 42.70 49.07
N ILE B 81 30.49 42.82 49.40
CA ILE B 81 29.66 43.82 48.76
C ILE B 81 29.24 44.86 49.79
N GLU B 82 29.51 46.12 49.48
CA GLU B 82 28.93 47.20 50.28
C GLU B 82 28.34 48.28 49.38
N GLY B 83 27.17 48.80 49.76
CA GLY B 83 26.55 49.87 49.03
C GLY B 83 26.22 51.08 49.90
N TYR B 84 27.18 51.53 50.72
CA TYR B 84 27.00 52.74 51.50
C TYR B 84 27.68 53.91 50.81
N ARG B 85 27.50 55.10 51.38
CA ARG B 85 28.24 56.25 50.86
C ARG B 85 29.72 55.98 51.05
N PRO B 86 30.58 56.54 50.18
CA PRO B 86 32.01 56.42 50.37
C PRO B 86 32.42 56.90 51.77
N GLY B 87 33.38 56.20 52.39
CA GLY B 87 33.90 56.57 53.69
C GLY B 87 33.19 55.80 54.80
N VAL B 88 32.00 55.24 54.53
CA VAL B 88 31.23 54.59 55.57
C VAL B 88 31.94 53.33 56.08
N THR B 89 32.35 52.42 55.17
CA THR B 89 32.94 51.16 55.63
C THR B 89 34.29 51.46 56.31
N GLU B 90 35.04 52.42 55.78
CA GLU B 90 36.31 52.86 56.34
C GLU B 90 36.16 53.18 57.82
N ARG B 91 35.21 54.05 58.15
CA ARG B 91 34.96 54.45 59.53
C ARG B 91 34.53 53.26 60.36
N LEU B 92 33.85 52.29 59.77
CA LEU B 92 33.50 51.11 60.54
C LEU B 92 34.76 50.28 60.85
N GLY B 93 35.88 50.59 60.21
CA GLY B 93 37.02 49.69 60.21
C GLY B 93 36.85 48.51 59.26
N LEU B 94 35.98 48.64 58.23
CA LEU B 94 35.76 47.59 57.24
C LEU B 94 36.14 48.06 55.84
N GLY B 95 37.00 49.06 55.76
CA GLY B 95 37.42 49.61 54.49
C GLY B 95 38.28 48.61 53.73
N PRO B 96 38.60 48.88 52.45
CA PRO B 96 39.43 47.98 51.70
C PRO B 96 40.76 47.65 52.37
N GLU B 97 41.39 48.63 53.03
CA GLU B 97 42.69 48.39 53.62
C GLU B 97 42.56 47.46 54.83
N GLU B 98 41.56 47.65 55.68
CA GLU B 98 41.42 46.79 56.84
C GLU B 98 41.17 45.34 56.40
N CYS B 99 40.37 45.19 55.34
CA CYS B 99 39.98 43.90 54.80
C CYS B 99 41.18 43.21 54.15
N ALA B 100 42.04 43.98 53.46
CA ALA B 100 43.23 43.49 52.76
C ALA B 100 44.28 42.94 53.72
N LYS B 101 44.19 43.33 55.01
CA LYS B 101 45.10 42.82 56.02
C LYS B 101 44.69 41.41 56.39
N VAL B 102 43.39 41.14 56.48
CA VAL B 102 42.89 39.85 56.94
C VAL B 102 42.66 38.91 55.75
N ASN B 103 42.86 39.37 54.50
CA ASN B 103 42.53 38.57 53.33
C ASN B 103 42.89 39.35 52.07
N ASP B 104 44.11 39.16 51.58
CA ASP B 104 44.58 39.91 50.42
C ASP B 104 43.98 39.34 49.12
N ARG B 105 43.06 38.38 49.24
CA ARG B 105 42.48 37.71 48.09
C ARG B 105 41.07 38.26 47.81
N LEU B 106 40.50 39.02 48.77
CA LEU B 106 39.12 39.48 48.74
C LEU B 106 38.85 40.38 47.53
N ILE B 107 37.69 40.17 46.90
CA ILE B 107 37.17 41.11 45.91
C ILE B 107 36.28 42.10 46.66
N TYR B 108 36.71 43.37 46.68
CA TYR B 108 36.06 44.38 47.49
C TYR B 108 35.18 45.24 46.58
N ALA B 109 33.86 45.02 46.71
CA ALA B 109 32.92 45.50 45.70
C ALA B 109 32.05 46.62 46.27
N ARG B 110 32.27 47.81 45.74
CA ARG B 110 31.63 49.03 46.20
C ARG B 110 30.61 49.56 45.19
N MET B 111 29.34 49.55 45.62
CA MET B 111 28.17 49.88 44.82
C MET B 111 27.65 51.25 45.25
N THR B 112 27.90 52.26 44.43
CA THR B 112 27.37 53.60 44.68
C THR B 112 26.63 54.12 43.45
N GLY B 113 25.94 55.26 43.62
CA GLY B 113 25.39 55.95 42.47
C GLY B 113 26.39 56.88 41.81
N TRP B 114 27.08 57.68 42.62
CA TRP B 114 27.88 58.77 42.08
C TRP B 114 29.36 58.41 41.98
N GLY B 115 29.79 57.31 42.59
CA GLY B 115 31.21 56.96 42.59
C GLY B 115 31.88 57.19 43.96
N GLN B 116 33.19 56.94 43.97
CA GLN B 116 33.96 56.98 45.20
C GLN B 116 34.45 58.40 45.50
N THR B 117 34.66 59.23 44.48
CA THR B 117 35.10 60.59 44.70
C THR B 117 34.32 61.53 43.79
N GLY B 118 34.64 62.82 43.90
CA GLY B 118 34.04 63.83 43.07
C GLY B 118 32.94 64.58 43.80
N PRO B 119 32.51 65.71 43.22
CA PRO B 119 31.69 66.69 43.92
C PRO B 119 30.35 66.16 44.40
N ARG B 120 29.83 65.09 43.76
CA ARG B 120 28.51 64.62 44.11
C ARG B 120 28.63 63.39 44.99
N SER B 121 29.84 63.03 45.41
CA SER B 121 30.07 61.71 45.98
C SER B 121 29.42 61.52 47.33
N GLN B 122 29.07 62.62 48.02
CA GLN B 122 28.40 62.46 49.29
C GLN B 122 26.91 62.77 49.22
N GLN B 123 26.41 63.11 48.04
CA GLN B 123 24.99 63.44 47.92
C GLN B 123 24.16 62.17 48.03
N ALA B 124 23.08 62.23 48.82
CA ALA B 124 22.09 61.19 48.76
C ALA B 124 21.48 61.18 47.36
N GLY B 125 20.97 60.02 46.96
CA GLY B 125 20.35 59.90 45.65
C GLY B 125 19.65 58.55 45.46
N HIS B 126 18.74 58.52 44.49
CA HIS B 126 18.18 57.30 43.98
C HIS B 126 18.37 57.24 42.45
N ASP B 127 17.95 56.09 41.90
CA ASP B 127 18.01 55.79 40.48
C ASP B 127 17.70 57.02 39.64
N ILE B 128 16.54 57.62 39.84
CA ILE B 128 16.12 58.74 39.03
C ILE B 128 17.16 59.87 39.00
N ASN B 129 17.88 60.10 40.11
CA ASN B 129 18.90 61.13 40.12
C ASN B 129 20.12 60.76 39.27
N TYR B 130 20.61 59.51 39.41
CA TYR B 130 21.82 59.09 38.68
C TYR B 130 21.60 59.15 37.17
N ILE B 131 20.39 58.77 36.70
CA ILE B 131 20.10 58.77 35.27
C ILE B 131 19.73 60.17 34.79
N SER B 132 19.46 61.10 35.70
CA SER B 132 19.18 62.45 35.24
C SER B 132 20.46 63.12 34.77
N LEU B 133 21.61 62.76 35.37
CA LEU B 133 22.81 63.56 35.13
C LEU B 133 23.53 63.19 33.83
N ASN B 134 23.26 61.99 33.28
CA ASN B 134 24.07 61.49 32.20
C ASN B 134 23.30 61.34 30.91
N GLY B 135 22.12 61.98 30.83
CA GLY B 135 21.43 62.11 29.54
C GLY B 135 20.32 61.09 29.38
N ILE B 136 20.27 60.09 30.25
CA ILE B 136 19.39 58.95 30.04
C ILE B 136 17.95 59.35 30.28
N LEU B 137 17.66 59.98 31.44
CA LEU B 137 16.28 60.27 31.81
C LEU B 137 15.64 61.23 30.81
N HIS B 138 16.42 62.18 30.32
CA HIS B 138 15.92 63.17 29.40
C HIS B 138 15.36 62.53 28.13
N ALA B 139 15.86 61.33 27.81
CA ALA B 139 15.56 60.70 26.54
C ALA B 139 14.33 59.81 26.59
N ILE B 140 13.77 59.64 27.79
CA ILE B 140 12.72 58.68 27.99
C ILE B 140 11.37 59.36 28.18
N GLY B 141 10.39 59.04 27.32
CA GLY B 141 9.02 59.50 27.49
C GLY B 141 8.49 60.17 26.22
N ARG B 142 7.24 60.65 26.20
CA ARG B 142 6.72 61.33 25.03
C ARG B 142 7.28 62.75 24.92
N GLY B 143 7.34 63.26 23.68
CA GLY B 143 7.94 64.54 23.34
C GLY B 143 7.18 65.73 23.93
N ASP B 144 5.86 65.59 24.11
CA ASP B 144 5.07 66.73 24.55
C ASP B 144 4.93 66.77 26.07
N GLU B 145 5.73 66.00 26.81
CA GLU B 145 5.52 65.82 28.23
C GLU B 145 6.85 65.71 28.96
N ARG B 146 6.81 65.76 30.28
CA ARG B 146 8.07 65.68 31.01
C ARG B 146 8.60 64.25 31.00
N PRO B 147 9.92 64.05 31.14
CA PRO B 147 10.48 62.71 31.10
C PRO B 147 9.84 61.81 32.14
N VAL B 148 9.79 60.52 31.85
CA VAL B 148 9.17 59.59 32.78
C VAL B 148 10.23 58.59 33.23
N PRO B 149 10.30 58.28 34.53
CA PRO B 149 11.28 57.34 35.01
C PRO B 149 10.95 55.93 34.54
N PRO B 150 11.94 55.22 33.97
CA PRO B 150 11.76 53.83 33.60
C PRO B 150 11.90 52.93 34.80
N LEU B 151 10.95 53.11 35.70
CA LEU B 151 11.05 52.57 37.04
C LEU B 151 12.45 52.85 37.55
N ASN B 152 13.01 51.93 38.32
CA ASN B 152 14.40 52.00 38.72
C ASN B 152 15.18 50.88 38.07
N LEU B 153 14.87 50.59 36.79
CA LEU B 153 15.53 49.50 36.10
C LEU B 153 16.88 49.88 35.55
N VAL B 154 17.11 51.16 35.19
CA VAL B 154 18.29 51.51 34.41
C VAL B 154 19.48 51.89 35.29
N GLY B 155 19.23 52.54 36.43
CA GLY B 155 20.34 52.97 37.28
C GLY B 155 20.68 51.92 38.33
N ASP B 156 19.67 51.49 39.08
CA ASP B 156 19.86 50.53 40.13
C ASP B 156 20.32 49.19 39.56
N PHE B 157 19.68 48.71 38.50
CA PHE B 157 19.88 47.30 38.15
C PHE B 157 20.73 47.17 36.89
N GLY B 158 20.16 47.59 35.76
CA GLY B 158 20.85 47.51 34.48
C GLY B 158 22.22 48.16 34.51
N GLY B 159 22.31 49.39 35.05
CA GLY B 159 23.57 50.11 35.04
C GLY B 159 24.24 50.10 36.41
N GLY B 160 23.69 49.31 37.32
CA GLY B 160 24.05 49.30 38.72
C GLY B 160 24.55 47.92 39.17
N SER B 161 23.62 47.15 39.75
CA SER B 161 23.87 45.78 40.17
C SER B 161 24.62 44.99 39.10
N MET B 162 24.21 45.11 37.83
CA MET B 162 24.74 44.22 36.79
C MET B 162 26.20 44.55 36.53
N PHE B 163 26.56 45.84 36.63
CA PHE B 163 27.95 46.23 36.50
C PHE B 163 28.74 45.83 37.76
N LEU B 164 28.14 45.87 38.95
CA LEU B 164 28.83 45.33 40.11
C LEU B 164 29.19 43.84 39.86
N LEU B 165 28.22 43.07 39.36
CA LEU B 165 28.40 41.65 39.06
C LEU B 165 29.47 41.41 38.01
N VAL B 166 29.39 42.10 36.88
CA VAL B 166 30.44 41.94 35.89
C VAL B 166 31.81 42.22 36.51
N GLY B 167 31.87 43.20 37.44
CA GLY B 167 33.13 43.54 38.09
C GLY B 167 33.56 42.46 39.08
N ILE B 168 32.66 41.97 39.91
CA ILE B 168 33.05 40.94 40.86
C ILE B 168 33.60 39.75 40.10
N LEU B 169 32.90 39.33 39.03
CA LEU B 169 33.25 38.10 38.33
C LEU B 169 34.47 38.30 37.46
N ALA B 170 34.66 39.50 36.89
CA ALA B 170 35.87 39.72 36.13
C ALA B 170 37.09 39.76 37.04
N ALA B 171 36.91 40.25 38.28
CA ALA B 171 38.05 40.37 39.17
C ALA B 171 38.42 38.98 39.68
N LEU B 172 37.44 38.08 39.84
CA LEU B 172 37.72 36.70 40.18
C LEU B 172 38.56 36.02 39.09
N TRP B 173 38.24 36.30 37.83
CA TRP B 173 39.03 35.81 36.72
C TRP B 173 40.46 36.34 36.80
N GLU B 174 40.64 37.63 37.09
CA GLU B 174 41.96 38.23 37.14
C GLU B 174 42.78 37.60 38.28
N ARG B 175 42.11 37.30 39.40
CA ARG B 175 42.70 36.76 40.60
C ARG B 175 43.33 35.39 40.35
N GLN B 176 42.69 34.58 39.49
CA GLN B 176 43.16 33.23 39.23
C GLN B 176 44.59 33.25 38.67
N SER B 177 45.00 34.32 37.98
CA SER B 177 46.35 34.40 37.50
C SER B 177 47.20 35.39 38.30
N SER B 178 46.64 36.12 39.28
CA SER B 178 47.47 37.08 39.99
C SER B 178 47.58 36.71 41.48
N GLY B 179 46.66 35.89 41.98
CA GLY B 179 46.66 35.45 43.36
C GLY B 179 46.09 36.51 44.32
N LYS B 180 45.63 37.64 43.77
CA LYS B 180 45.27 38.82 44.55
C LYS B 180 43.84 39.27 44.23
N GLY B 181 43.15 39.79 45.25
CA GLY B 181 41.93 40.56 45.06
C GLY B 181 42.19 41.99 44.63
N GLN B 182 41.13 42.80 44.66
CA GLN B 182 41.19 44.21 44.32
C GLN B 182 39.83 44.87 44.56
N VAL B 183 39.77 46.18 44.31
CA VAL B 183 38.56 46.94 44.58
C VAL B 183 37.82 47.18 43.26
N VAL B 184 36.52 46.86 43.30
CA VAL B 184 35.60 47.17 42.22
C VAL B 184 34.75 48.35 42.67
N ASP B 185 34.86 49.41 41.88
CA ASP B 185 34.11 50.63 42.07
C ASP B 185 33.03 50.70 40.97
N ALA B 186 31.82 50.28 41.33
CA ALA B 186 30.66 50.34 40.44
C ALA B 186 29.77 51.53 40.79
N ALA B 187 29.86 52.54 39.95
CA ALA B 187 28.97 53.70 40.05
C ALA B 187 27.82 53.62 39.04
N MET B 188 26.59 53.78 39.51
CA MET B 188 25.41 53.72 38.64
C MET B 188 25.49 54.75 37.52
N VAL B 189 26.17 55.88 37.75
CA VAL B 189 26.20 56.92 36.74
C VAL B 189 27.12 56.49 35.58
N ASP B 190 28.11 55.62 35.90
CA ASP B 190 29.03 55.08 34.89
C ASP B 190 28.40 53.89 34.16
N GLY B 191 27.95 52.89 34.92
CA GLY B 191 27.35 51.68 34.40
C GLY B 191 26.19 52.02 33.46
N SER B 192 25.32 52.95 33.89
CA SER B 192 24.15 53.23 33.10
C SER B 192 24.59 53.94 31.83
N SER B 193 25.72 54.69 31.88
CA SER B 193 26.25 55.30 30.66
C SER B 193 26.75 54.25 29.66
N VAL B 194 27.38 53.19 30.14
CA VAL B 194 27.83 52.15 29.24
C VAL B 194 26.61 51.39 28.77
N LEU B 195 25.60 51.30 29.63
CA LEU B 195 24.38 50.59 29.28
C LEU B 195 23.76 51.21 28.04
N ILE B 196 23.85 52.54 27.91
CA ILE B 196 23.24 53.29 26.84
C ILE B 196 24.27 53.67 25.79
N GLN B 197 25.37 52.93 25.70
CA GLN B 197 26.37 53.24 24.70
C GLN B 197 25.82 53.25 23.26
N MET B 198 24.83 52.41 22.96
CA MET B 198 24.25 52.40 21.62
C MET B 198 23.76 53.80 21.23
N MET B 199 23.10 54.54 22.14
CA MET B 199 22.64 55.90 21.82
C MET B 199 23.81 56.85 21.61
N TRP B 200 24.89 56.72 22.39
CA TRP B 200 26.04 57.56 22.15
C TRP B 200 26.67 57.25 20.78
N ALA B 201 26.72 55.97 20.43
CA ALA B 201 27.20 55.53 19.11
C ALA B 201 26.36 56.16 17.99
N MET B 202 25.03 56.01 18.10
CA MET B 202 24.14 56.57 17.10
C MET B 202 24.18 58.09 17.07
N ARG B 203 24.42 58.75 18.20
CA ARG B 203 24.40 60.20 18.23
C ARG B 203 25.61 60.76 17.51
N ALA B 204 26.75 60.07 17.62
CA ALA B 204 27.99 60.45 16.96
C ALA B 204 27.86 60.36 15.44
N THR B 205 27.05 59.43 14.94
CA THR B 205 26.86 59.28 13.50
C THR B 205 25.59 59.96 13.03
N GLY B 206 25.09 60.98 13.73
CA GLY B 206 23.91 61.72 13.29
C GLY B 206 22.62 60.90 13.27
N MET B 207 22.55 59.79 14.01
CA MET B 207 21.38 58.91 13.95
C MET B 207 20.56 58.93 15.26
N TRP B 208 20.86 59.86 16.17
CA TRP B 208 20.07 60.04 17.38
C TRP B 208 20.02 61.53 17.67
N THR B 209 18.84 62.11 17.99
CA THR B 209 18.79 63.50 18.43
C THR B 209 18.41 63.58 19.91
N ASP B 210 18.73 64.72 20.52
CA ASP B 210 18.41 64.96 21.91
C ASP B 210 16.94 65.34 22.07
N THR B 211 16.21 65.53 20.97
CA THR B 211 14.77 65.72 21.03
C THR B 211 14.09 64.43 21.48
N ARG B 212 13.37 64.49 22.60
CA ARG B 212 12.62 63.36 23.11
C ARG B 212 11.47 63.04 22.17
N GLY B 213 11.18 61.76 21.99
CA GLY B 213 10.05 61.31 21.19
C GLY B 213 10.26 61.45 19.69
N ALA B 214 11.51 61.55 19.24
CA ALA B 214 11.81 61.76 17.83
C ALA B 214 12.84 60.77 17.30
N ASN B 215 12.95 59.56 17.85
CA ASN B 215 14.06 58.67 17.48
C ASN B 215 13.55 57.28 17.11
N MET B 216 14.46 56.41 16.62
CA MET B 216 14.06 55.06 16.22
C MET B 216 13.52 54.27 17.40
N LEU B 217 14.08 54.46 18.61
CA LEU B 217 13.86 53.51 19.69
C LEU B 217 13.20 54.15 20.92
N ASP B 218 12.74 55.41 20.82
CA ASP B 218 12.22 56.09 22.00
C ASP B 218 10.70 56.19 21.94
N GLY B 219 10.10 55.62 20.89
CA GLY B 219 8.66 55.66 20.73
C GLY B 219 8.23 56.63 19.64
N GLY B 220 9.16 57.43 19.13
CA GLY B 220 8.85 58.33 18.03
C GLY B 220 8.58 57.57 16.72
N ALA B 221 9.22 56.43 16.49
CA ALA B 221 8.99 55.68 15.27
C ALA B 221 7.68 54.92 15.35
N PRO B 222 6.80 55.06 14.34
CA PRO B 222 5.54 54.34 14.32
C PRO B 222 5.67 52.83 14.31
N TYR B 223 6.81 52.33 13.86
CA TYR B 223 7.02 50.89 13.85
C TYR B 223 7.79 50.40 15.08
N TYR B 224 8.02 51.28 16.06
CA TYR B 224 8.65 50.88 17.32
C TYR B 224 7.98 51.65 18.46
N ASP B 225 6.80 51.16 18.86
CA ASP B 225 5.96 51.85 19.82
C ASP B 225 4.84 50.90 20.21
N THR B 226 4.10 51.28 21.25
CA THR B 226 2.88 50.57 21.58
C THR B 226 1.69 51.22 20.86
N TYR B 227 0.62 50.44 20.70
CA TYR B 227 -0.61 50.90 20.07
C TYR B 227 -1.73 50.40 20.94
N GLU B 228 -2.74 51.25 21.12
CA GLU B 228 -3.94 50.89 21.86
C GLU B 228 -4.91 50.15 20.92
N CYS B 229 -5.57 49.11 21.43
CA CYS B 229 -6.42 48.22 20.65
C CYS B 229 -7.88 48.51 21.01
N ALA B 230 -8.81 47.81 20.37
CA ALA B 230 -10.23 48.08 20.55
C ALA B 230 -10.67 47.94 22.00
N ASP B 231 -10.00 47.10 22.78
CA ASP B 231 -10.46 46.80 24.12
C ASP B 231 -9.75 47.69 25.17
N GLY B 232 -8.92 48.63 24.75
CA GLY B 232 -8.20 49.48 25.68
C GLY B 232 -6.87 48.86 26.16
N ARG B 233 -6.54 47.65 25.68
CA ARG B 233 -5.26 47.01 25.98
C ARG B 233 -4.28 47.34 24.86
N TYR B 234 -3.03 46.90 24.99
CA TYR B 234 -2.00 47.38 24.09
C TYR B 234 -1.29 46.25 23.38
N VAL B 235 -0.77 46.56 22.19
CA VAL B 235 0.27 45.74 21.59
C VAL B 235 1.54 46.55 21.48
N ALA B 236 2.68 45.84 21.42
CA ALA B 236 3.92 46.46 21.03
C ALA B 236 4.28 46.03 19.62
N VAL B 237 4.74 47.02 18.86
CA VAL B 237 5.30 46.89 17.55
C VAL B 237 6.76 47.24 17.60
N GLY B 238 7.58 46.32 17.01
CA GLY B 238 9.03 46.45 17.02
C GLY B 238 9.63 46.10 15.67
N ALA B 239 8.87 46.44 14.62
CA ALA B 239 9.15 46.00 13.27
C ALA B 239 10.12 46.93 12.58
N ILE B 240 11.38 46.88 13.01
CA ILE B 240 12.42 47.74 12.49
C ILE B 240 12.81 47.34 11.05
N GLU B 241 13.23 46.07 10.85
CA GLU B 241 13.69 45.58 9.56
C GLU B 241 12.52 45.63 8.57
N PRO B 242 12.76 46.15 7.33
CA PRO B 242 11.67 46.40 6.38
C PRO B 242 10.80 45.16 6.10
N GLN B 243 11.44 43.98 6.10
CA GLN B 243 10.73 42.73 5.84
C GLN B 243 9.76 42.46 6.95
N PHE B 244 10.14 42.70 8.22
CA PHE B 244 9.22 42.42 9.31
C PHE B 244 8.09 43.46 9.27
N TYR B 245 8.47 44.71 8.99
CA TYR B 245 7.51 45.81 8.84
C TYR B 245 6.50 45.47 7.75
N ALA B 246 6.97 45.02 6.58
CA ALA B 246 6.06 44.59 5.53
C ALA B 246 5.08 43.53 6.02
N ALA B 247 5.57 42.59 6.84
CA ALA B 247 4.71 41.52 7.30
C ALA B 247 3.63 42.05 8.21
N MET B 248 4.02 43.04 9.03
CA MET B 248 3.07 43.67 9.94
C MET B 248 1.96 44.36 9.14
N LEU B 249 2.35 45.16 8.14
CA LEU B 249 1.38 45.88 7.34
C LEU B 249 0.40 44.88 6.71
N ALA B 250 0.91 43.76 6.16
CA ALA B 250 0.00 42.81 5.51
C ALA B 250 -1.01 42.30 6.52
N GLY B 251 -0.58 42.06 7.76
CA GLY B 251 -1.50 41.48 8.72
C GLY B 251 -2.46 42.51 9.29
N LEU B 252 -2.10 43.78 9.20
CA LEU B 252 -3.02 44.86 9.54
C LEU B 252 -4.07 45.06 8.46
N GLY B 253 -3.80 44.58 7.26
CA GLY B 253 -4.73 44.77 6.17
C GLY B 253 -4.39 46.05 5.43
N LEU B 254 -3.12 46.45 5.41
CA LEU B 254 -2.76 47.77 4.95
C LEU B 254 -1.84 47.64 3.76
N ASP B 255 -2.22 48.36 2.74
CA ASP B 255 -1.54 48.28 1.47
C ASP B 255 -0.35 49.24 1.56
N ALA B 256 0.87 48.73 1.41
CA ALA B 256 2.05 49.55 1.56
C ALA B 256 2.06 50.74 0.59
N ALA B 257 1.44 50.61 -0.58
CA ALA B 257 1.43 51.67 -1.58
C ALA B 257 0.64 52.92 -1.12
N GLU B 258 -0.36 52.74 -0.24
CA GLU B 258 -1.18 53.82 0.30
C GLU B 258 -0.48 54.62 1.40
N LEU B 259 0.65 54.12 1.91
CA LEU B 259 1.23 54.59 3.16
C LEU B 259 2.47 55.42 2.81
N PRO B 260 2.90 56.38 3.65
CA PRO B 260 4.18 57.00 3.45
C PRO B 260 5.31 56.00 3.66
N PRO B 261 6.56 56.30 3.24
CA PRO B 261 7.66 55.39 3.50
C PRO B 261 7.89 55.17 5.00
N GLN B 262 8.32 53.95 5.36
CA GLN B 262 8.52 53.51 6.72
C GLN B 262 9.41 54.51 7.47
N ASN B 263 10.45 55.00 6.80
CA ASN B 263 11.45 55.82 7.44
C ASN B 263 11.45 57.24 6.87
N ASP B 264 10.33 57.73 6.32
CA ASP B 264 10.23 59.17 6.06
C ASP B 264 9.73 59.86 7.32
N ARG B 265 10.66 60.40 8.09
CA ARG B 265 10.40 60.83 9.45
C ARG B 265 9.45 62.02 9.44
N ALA B 266 9.46 62.83 8.38
CA ALA B 266 8.60 64.00 8.33
C ALA B 266 7.13 63.57 8.23
N ARG B 267 6.90 62.34 7.76
CA ARG B 267 5.56 61.83 7.61
C ARG B 267 5.20 60.82 8.70
N TRP B 268 6.05 60.65 9.68
CA TRP B 268 5.73 59.69 10.72
C TRP B 268 4.38 59.96 11.37
N PRO B 269 3.99 61.23 11.66
CA PRO B 269 2.68 61.50 12.25
C PRO B 269 1.53 60.92 11.45
N GLU B 270 1.65 61.03 10.13
CA GLU B 270 0.64 60.51 9.22
C GLU B 270 0.64 58.98 9.24
N LEU B 271 1.82 58.37 9.17
CA LEU B 271 1.93 56.91 9.23
C LEU B 271 1.32 56.39 10.53
N ARG B 272 1.69 57.04 11.65
CA ARG B 272 1.18 56.65 12.96
C ARG B 272 -0.34 56.65 12.98
N ALA B 273 -0.98 57.68 12.39
CA ALA B 273 -2.43 57.79 12.46
C ALA B 273 -3.08 56.63 11.72
N LEU B 274 -2.47 56.21 10.61
CA LEU B 274 -2.98 55.08 9.85
C LEU B 274 -2.83 53.76 10.63
N LEU B 275 -1.65 53.52 11.20
CA LEU B 275 -1.45 52.34 12.03
C LEU B 275 -2.33 52.40 13.28
N THR B 276 -2.55 53.59 13.86
CA THR B 276 -3.39 53.69 15.05
C THR B 276 -4.82 53.22 14.76
N GLU B 277 -5.36 53.67 13.64
CA GLU B 277 -6.72 53.31 13.29
C GLU B 277 -6.83 51.80 13.06
N ALA B 278 -5.82 51.22 12.38
CA ALA B 278 -5.83 49.79 12.11
C ALA B 278 -5.80 48.99 13.39
N PHE B 279 -4.84 49.28 14.27
CA PHE B 279 -4.72 48.49 15.50
C PHE B 279 -5.94 48.67 16.39
N ALA B 280 -6.60 49.83 16.30
CA ALA B 280 -7.72 50.12 17.18
C ALA B 280 -8.97 49.36 16.78
N SER B 281 -8.98 48.79 15.57
CA SER B 281 -10.16 48.13 15.06
C SER B 281 -10.33 46.70 15.59
N HIS B 282 -9.34 46.13 16.30
CA HIS B 282 -9.50 44.84 16.97
C HIS B 282 -8.85 44.86 18.36
N ASP B 283 -9.24 43.90 19.22
CA ASP B 283 -8.70 43.77 20.57
C ASP B 283 -7.29 43.17 20.58
N ARG B 284 -6.64 43.25 21.74
CA ARG B 284 -5.24 42.86 21.85
C ARG B 284 -5.07 41.38 21.49
N ASP B 285 -5.99 40.54 21.96
CA ASP B 285 -5.81 39.11 21.85
C ASP B 285 -5.94 38.69 20.40
N HIS B 286 -6.79 39.43 19.66
CA HIS B 286 -6.95 39.22 18.24
C HIS B 286 -5.62 39.38 17.53
N TRP B 287 -4.88 40.43 17.89
CA TRP B 287 -3.62 40.70 17.23
C TRP B 287 -2.59 39.65 17.64
N GLY B 288 -2.64 39.23 18.93
CA GLY B 288 -1.71 38.22 19.41
C GLY B 288 -1.85 36.93 18.60
N ALA B 289 -3.10 36.56 18.31
CA ALA B 289 -3.41 35.42 17.48
C ALA B 289 -2.91 35.63 16.05
N VAL B 290 -3.47 36.60 15.34
CA VAL B 290 -3.04 36.99 14.00
C VAL B 290 -1.52 36.92 13.78
N PHE B 291 -0.71 37.39 14.74
CA PHE B 291 0.73 37.52 14.50
C PHE B 291 1.55 36.43 15.21
N ALA B 292 0.92 35.47 15.87
CA ALA B 292 1.66 34.32 16.36
C ALA B 292 2.37 33.63 15.20
N ASN B 293 3.65 33.27 15.43
CA ASN B 293 4.51 32.57 14.49
C ASN B 293 5.01 33.48 13.38
N SER B 294 4.69 34.77 13.52
CA SER B 294 5.03 35.79 12.55
C SER B 294 6.34 36.50 12.93
N ASP B 295 7.05 36.96 11.92
CA ASP B 295 8.15 37.88 12.06
C ASP B 295 7.71 39.36 12.02
N ALA B 296 6.45 39.66 12.28
CA ALA B 296 5.90 41.00 12.22
C ALA B 296 6.30 41.86 13.44
N CYS B 297 6.86 41.24 14.49
CA CYS B 297 7.33 41.90 15.71
C CYS B 297 6.20 42.67 16.37
N VAL B 298 5.05 42.01 16.53
CA VAL B 298 3.88 42.51 17.22
C VAL B 298 3.61 41.54 18.37
N THR B 299 3.58 42.02 19.63
CA THR B 299 3.32 41.17 20.78
C THR B 299 2.31 41.85 21.69
N PRO B 300 1.50 41.08 22.42
CA PRO B 300 0.62 41.66 23.39
C PRO B 300 1.41 42.25 24.57
N VAL B 301 1.00 43.43 25.05
CA VAL B 301 1.60 44.05 26.21
C VAL B 301 0.87 43.54 27.44
N LEU B 302 1.47 42.60 28.17
CA LEU B 302 0.82 41.97 29.31
C LEU B 302 1.15 42.75 30.58
N ALA B 303 0.16 42.85 31.46
CA ALA B 303 0.37 43.28 32.83
C ALA B 303 0.88 42.12 33.69
N PHE B 304 1.53 42.47 34.79
CA PHE B 304 2.19 41.49 35.65
C PHE B 304 1.25 40.31 35.95
N GLY B 305 0.02 40.62 36.36
CA GLY B 305 -0.98 39.62 36.75
C GLY B 305 -1.41 38.66 35.64
N GLU B 306 -1.08 38.92 34.37
CA GLU B 306 -1.42 38.07 33.23
C GLU B 306 -0.24 37.21 32.75
N VAL B 307 0.99 37.51 33.23
CA VAL B 307 2.19 36.87 32.70
C VAL B 307 2.19 35.36 32.96
N HIS B 308 1.66 34.95 34.13
CA HIS B 308 1.57 33.52 34.47
C HIS B 308 0.67 32.74 33.50
N ASN B 309 -0.15 33.41 32.67
CA ASN B 309 -1.00 32.69 31.72
C ASN B 309 -0.44 32.68 30.29
N GLU B 310 0.78 33.14 30.07
CA GLU B 310 1.31 33.23 28.73
C GLU B 310 2.08 31.95 28.38
N PRO B 311 1.63 31.16 27.38
CA PRO B 311 2.29 29.92 27.04
C PRO B 311 3.81 30.03 27.04
N HIS B 312 4.37 31.02 26.38
CA HIS B 312 5.81 30.98 26.22
C HIS B 312 6.53 31.16 27.56
N ILE B 313 5.88 31.87 28.49
CA ILE B 313 6.42 32.06 29.82
C ILE B 313 6.30 30.76 30.61
N ILE B 314 5.09 30.19 30.65
CA ILE B 314 4.80 28.98 31.39
C ILE B 314 5.76 27.88 30.96
N GLU B 315 5.90 27.64 29.66
CA GLU B 315 6.63 26.48 29.18
C GLU B 315 8.14 26.60 29.33
N ARG B 316 8.68 27.81 29.45
CA ARG B 316 10.11 27.93 29.69
C ARG B 316 10.43 28.06 31.19
N ASN B 317 9.42 28.02 32.05
CA ASN B 317 9.57 28.23 33.49
C ASN B 317 10.40 29.48 33.80
N THR B 318 10.02 30.62 33.21
CA THR B 318 10.71 31.87 33.46
C THR B 318 10.46 32.27 34.92
N PHE B 319 9.32 31.83 35.48
CA PHE B 319 8.89 32.11 36.84
C PHE B 319 8.69 30.81 37.61
N TYR B 320 8.64 30.92 38.95
CA TYR B 320 8.22 29.88 39.88
C TYR B 320 7.27 30.54 40.88
N GLU B 321 6.34 29.78 41.46
CA GLU B 321 5.48 30.31 42.50
C GLU B 321 6.18 30.24 43.86
N ALA B 322 6.05 31.29 44.66
CA ALA B 322 6.52 31.27 46.03
C ALA B 322 5.47 31.90 46.94
N ASN B 323 5.87 32.13 48.20
CA ASN B 323 5.55 33.35 48.94
C ASN B 323 4.12 33.80 48.62
N GLY B 324 3.94 35.10 48.33
CA GLY B 324 2.65 35.66 47.94
C GLY B 324 2.30 35.34 46.49
N GLY B 325 3.32 35.30 45.61
CA GLY B 325 3.08 34.98 44.21
C GLY B 325 4.37 34.65 43.46
N TRP B 326 4.35 34.97 42.16
CA TRP B 326 5.38 34.57 41.22
C TRP B 326 6.62 35.42 41.36
N GLN B 327 7.75 34.80 41.02
CA GLN B 327 9.06 35.41 41.07
C GLN B 327 9.88 34.86 39.93
N PRO B 328 10.79 35.67 39.36
CA PRO B 328 11.66 35.20 38.29
C PRO B 328 12.67 34.13 38.75
N MET B 329 12.77 33.08 37.94
CA MET B 329 13.77 32.06 38.16
C MET B 329 15.11 32.66 37.80
N PRO B 330 16.21 32.03 38.27
CA PRO B 330 17.53 32.51 37.96
C PRO B 330 17.76 32.74 36.47
N ALA B 331 18.60 33.71 36.17
CA ALA B 331 19.03 33.99 34.83
C ALA B 331 20.50 34.31 34.89
N PRO B 332 21.31 34.07 33.83
CA PRO B 332 20.87 33.30 32.69
C PRO B 332 20.91 31.81 33.03
N ARG B 333 20.82 30.93 32.02
CA ARG B 333 20.70 29.50 32.24
C ARG B 333 21.98 28.81 31.76
N PHE B 334 22.31 27.66 32.40
CA PHE B 334 23.57 26.96 32.20
C PHE B 334 23.33 25.48 31.85
N SER B 335 24.00 24.92 30.84
CA SER B 335 23.67 23.56 30.41
C SER B 335 24.10 22.51 31.44
N ARG B 336 25.34 22.57 31.94
CA ARG B 336 25.91 21.57 32.85
C ARG B 336 25.60 21.85 34.34
N THR B 337 26.02 23.04 34.83
CA THR B 337 25.87 23.36 36.24
C THR B 337 24.70 24.31 36.42
N ALA B 338 23.49 23.75 36.45
CA ALA B 338 22.27 24.51 36.35
C ALA B 338 21.88 25.04 37.73
N SER B 339 21.39 26.29 37.76
CA SER B 339 20.89 26.85 39.00
C SER B 339 19.68 26.07 39.42
N SER B 340 19.36 26.13 40.71
CA SER B 340 18.18 25.51 41.26
C SER B 340 17.20 26.61 41.61
N GLN B 341 15.98 26.20 41.98
CA GLN B 341 14.96 27.14 42.39
C GLN B 341 15.44 27.87 43.63
N PRO B 342 15.27 29.20 43.74
CA PRO B 342 15.75 29.92 44.91
C PRO B 342 15.16 29.46 46.24
N ARG B 343 16.02 29.51 47.28
CA ARG B 343 15.60 29.22 48.64
C ARG B 343 14.97 30.48 49.22
N PRO B 344 13.78 30.39 49.85
CA PRO B 344 13.12 31.58 50.38
C PRO B 344 13.95 32.26 51.46
N PRO B 345 13.60 33.50 51.86
CA PRO B 345 14.40 34.20 52.86
C PRO B 345 14.51 33.44 54.17
N ALA B 346 15.74 33.30 54.71
CA ALA B 346 16.05 32.49 55.90
C ALA B 346 15.46 33.10 57.17
N ALA B 347 15.46 32.35 58.28
CA ALA B 347 15.43 32.97 59.59
C ALA B 347 16.86 33.39 59.91
N THR B 348 17.00 34.48 60.66
CA THR B 348 18.30 35.06 60.99
C THR B 348 19.04 34.03 61.83
N ILE B 349 20.25 33.66 61.39
CA ILE B 349 21.04 32.66 62.08
C ILE B 349 22.19 33.37 62.77
N ASP B 350 22.91 32.67 63.66
CA ASP B 350 23.93 33.30 64.47
C ASP B 350 25.29 33.18 63.77
N ILE B 351 26.04 34.27 63.88
CA ILE B 351 27.21 34.53 63.05
C ILE B 351 28.35 33.56 63.37
N GLU B 352 28.36 33.02 64.60
CA GLU B 352 29.31 31.97 64.96
C GLU B 352 29.03 30.68 64.19
N ALA B 353 27.75 30.28 64.11
CA ALA B 353 27.32 29.13 63.32
C ALA B 353 28.01 29.15 61.97
N VAL B 354 27.93 30.32 61.31
CA VAL B 354 28.43 30.46 59.95
C VAL B 354 29.94 30.24 59.97
N LEU B 355 30.60 30.85 60.95
CA LEU B 355 32.05 30.75 61.06
C LEU B 355 32.48 29.29 61.24
N THR B 356 31.68 28.51 62.01
CA THR B 356 31.92 27.08 62.18
C THR B 356 31.91 26.43 60.80
N ASP B 357 30.75 26.59 60.14
CA ASP B 357 30.50 26.07 58.80
C ASP B 357 31.60 26.46 57.82
N TRP B 358 32.16 27.68 57.93
CA TRP B 358 33.21 28.13 57.01
C TRP B 358 34.62 27.79 57.51
N ASP B 359 34.76 27.17 58.69
CA ASP B 359 36.04 27.01 59.37
C ASP B 359 36.64 28.40 59.63
N MET C 1 -55.93 -41.39 -17.83
CA MET C 1 -56.04 -40.44 -16.69
C MET C 1 -57.18 -39.46 -16.92
N ALA C 2 -58.11 -39.43 -15.97
CA ALA C 2 -59.31 -38.59 -16.04
C ALA C 2 -58.98 -37.14 -15.64
N GLY C 3 -59.60 -36.18 -16.32
CA GLY C 3 -59.70 -34.82 -15.83
C GLY C 3 -59.22 -33.84 -16.87
N PRO C 4 -59.39 -32.54 -16.64
CA PRO C 4 -59.09 -31.55 -17.67
C PRO C 4 -57.61 -31.39 -18.01
N LEU C 5 -56.73 -31.98 -17.20
CA LEU C 5 -55.29 -31.85 -17.41
C LEU C 5 -54.72 -33.21 -17.77
N SER C 6 -55.58 -34.13 -18.23
CA SER C 6 -55.09 -35.35 -18.87
C SER C 6 -54.05 -34.91 -19.91
N GLY C 7 -52.90 -35.57 -19.87
CA GLY C 7 -51.85 -35.29 -20.85
C GLY C 7 -50.80 -34.30 -20.38
N LEU C 8 -51.03 -33.56 -19.28
CA LEU C 8 -50.02 -32.62 -18.78
C LEU C 8 -48.98 -33.40 -17.99
N ARG C 9 -47.71 -33.07 -18.19
CA ARG C 9 -46.63 -33.82 -17.55
C ARG C 9 -45.89 -32.90 -16.60
N VAL C 10 -45.74 -33.36 -15.35
CA VAL C 10 -45.23 -32.50 -14.28
C VAL C 10 -44.08 -33.20 -13.56
N VAL C 11 -42.96 -32.48 -13.42
CA VAL C 11 -41.90 -33.01 -12.56
C VAL C 11 -41.84 -32.17 -11.27
N GLU C 12 -41.97 -32.87 -10.14
CA GLU C 12 -41.97 -32.24 -8.83
C GLU C 12 -40.67 -32.60 -8.08
N LEU C 13 -39.87 -31.58 -7.72
CA LEU C 13 -38.77 -31.77 -6.79
C LEU C 13 -39.27 -31.70 -5.34
N ALA C 14 -39.23 -32.85 -4.68
CA ALA C 14 -39.84 -33.03 -3.37
C ALA C 14 -39.41 -31.92 -2.42
N GLY C 15 -40.41 -31.17 -1.92
CA GLY C 15 -40.28 -30.22 -0.82
C GLY C 15 -41.41 -30.43 0.18
N ILE C 16 -41.83 -29.36 0.88
CA ILE C 16 -42.82 -29.47 1.95
C ILE C 16 -43.84 -28.34 1.76
N GLY C 17 -45.10 -28.60 2.10
CA GLY C 17 -46.08 -27.51 2.13
C GLY C 17 -46.63 -27.19 0.74
N PRO C 18 -46.43 -25.97 0.21
CA PRO C 18 -47.12 -25.54 -1.00
C PRO C 18 -46.79 -26.35 -2.26
N GLY C 19 -45.53 -26.75 -2.45
CA GLY C 19 -45.10 -27.35 -3.71
C GLY C 19 -45.80 -28.68 -3.88
N PRO C 20 -45.82 -29.52 -2.84
CA PRO C 20 -46.54 -30.77 -2.92
C PRO C 20 -48.06 -30.62 -3.04
N HIS C 21 -48.62 -29.52 -2.54
CA HIS C 21 -50.05 -29.36 -2.55
C HIS C 21 -50.48 -29.02 -3.97
N ALA C 22 -49.74 -28.09 -4.56
CA ALA C 22 -49.94 -27.72 -5.96
C ALA C 22 -49.82 -28.94 -6.86
N ALA C 23 -48.84 -29.79 -6.59
CA ALA C 23 -48.58 -30.94 -7.43
C ALA C 23 -49.76 -31.88 -7.30
N MET C 24 -50.21 -32.07 -6.05
CA MET C 24 -51.35 -32.91 -5.72
C MET C 24 -52.56 -32.46 -6.55
N ILE C 25 -52.77 -31.16 -6.66
CA ILE C 25 -53.96 -30.65 -7.33
C ILE C 25 -53.84 -30.86 -8.84
N LEU C 26 -52.63 -30.77 -9.38
CA LEU C 26 -52.46 -30.97 -10.81
C LEU C 26 -52.78 -32.43 -11.12
N GLY C 27 -52.26 -33.34 -10.31
CA GLY C 27 -52.48 -34.76 -10.48
C GLY C 27 -53.93 -35.15 -10.17
N ASP C 28 -54.59 -34.38 -9.28
CA ASP C 28 -55.99 -34.62 -8.95
C ASP C 28 -56.84 -34.45 -10.22
N LEU C 29 -56.51 -33.41 -11.00
CA LEU C 29 -57.25 -33.01 -12.18
C LEU C 29 -56.72 -33.70 -13.45
N GLY C 30 -55.96 -34.78 -13.30
CA GLY C 30 -55.57 -35.64 -14.42
C GLY C 30 -54.08 -35.62 -14.76
N ALA C 31 -53.33 -34.57 -14.37
CA ALA C 31 -51.94 -34.44 -14.74
C ALA C 31 -51.09 -35.64 -14.31
N ASP C 32 -50.03 -35.86 -15.10
CA ASP C 32 -49.11 -36.98 -14.90
C ASP C 32 -47.94 -36.46 -14.09
N VAL C 33 -47.85 -36.92 -12.83
CA VAL C 33 -47.00 -36.20 -11.88
C VAL C 33 -45.91 -37.12 -11.37
N VAL C 34 -44.66 -36.71 -11.64
CA VAL C 34 -43.52 -37.50 -11.20
C VAL C 34 -42.74 -36.71 -10.15
N ARG C 35 -42.59 -37.33 -8.98
CA ARG C 35 -42.00 -36.64 -7.85
C ARG C 35 -40.65 -37.26 -7.56
N ILE C 36 -39.61 -36.44 -7.64
CA ILE C 36 -38.24 -36.91 -7.38
C ILE C 36 -37.92 -36.62 -5.91
N ASP C 37 -37.76 -37.67 -5.10
CA ASP C 37 -37.33 -37.55 -3.71
C ASP C 37 -35.93 -38.15 -3.54
N ARG C 38 -35.32 -37.89 -2.37
CA ARG C 38 -34.02 -38.43 -2.04
C ARG C 38 -34.14 -39.89 -1.58
N PRO C 39 -33.14 -40.74 -1.92
CA PRO C 39 -33.19 -42.14 -1.47
C PRO C 39 -33.22 -42.23 0.05
N SER C 40 -32.56 -41.28 0.74
CA SER C 40 -32.53 -41.22 2.19
C SER C 40 -33.92 -41.08 2.79
N SER C 41 -34.88 -40.47 2.07
CA SER C 41 -36.17 -40.12 2.66
C SER C 41 -37.19 -41.24 2.51
N VAL C 42 -37.33 -41.80 1.30
CA VAL C 42 -38.41 -42.75 1.02
C VAL C 42 -37.97 -44.13 1.51
N ASP C 43 -38.91 -44.82 2.17
CA ASP C 43 -38.64 -46.14 2.73
C ASP C 43 -39.97 -46.86 2.91
N GLY C 44 -40.54 -47.35 1.80
CA GLY C 44 -41.87 -47.91 1.79
C GLY C 44 -42.86 -46.96 1.10
N ILE C 45 -44.14 -47.36 1.10
CA ILE C 45 -45.21 -46.52 0.56
C ILE C 45 -45.43 -45.39 1.56
N SER C 46 -45.44 -44.14 1.06
CA SER C 46 -45.65 -42.97 1.88
C SER C 46 -47.04 -43.02 2.53
N ARG C 47 -47.10 -42.50 3.75
CA ARG C 47 -48.33 -42.55 4.51
C ARG C 47 -49.03 -41.19 4.42
N ASP C 48 -48.49 -40.27 3.59
CA ASP C 48 -49.02 -38.92 3.47
C ASP C 48 -50.01 -38.82 2.31
N ALA C 49 -51.32 -38.76 2.64
CA ALA C 49 -52.37 -38.66 1.63
C ALA C 49 -52.13 -37.49 0.67
N MET C 50 -51.27 -36.52 1.03
CA MET C 50 -51.00 -35.40 0.11
C MET C 50 -50.19 -35.86 -1.10
N LEU C 51 -49.62 -37.08 -1.02
CA LEU C 51 -48.78 -37.58 -2.09
C LEU C 51 -49.58 -38.52 -3.00
N ARG C 52 -50.91 -38.45 -2.93
CA ARG C 52 -51.77 -39.16 -3.85
C ARG C 52 -51.54 -38.64 -5.28
N ASN C 53 -51.94 -39.43 -6.28
CA ASN C 53 -51.92 -39.03 -7.69
C ASN C 53 -50.50 -38.72 -8.17
N ARG C 54 -49.53 -39.54 -7.74
CA ARG C 54 -48.14 -39.32 -8.09
C ARG C 54 -47.47 -40.62 -8.51
N ARG C 55 -46.39 -40.47 -9.29
CA ARG C 55 -45.32 -41.46 -9.25
C ARG C 55 -44.13 -40.90 -8.47
N ILE C 56 -43.67 -41.67 -7.47
CA ILE C 56 -42.53 -41.29 -6.64
C ILE C 56 -41.27 -41.98 -7.19
N VAL C 57 -40.27 -41.19 -7.59
CA VAL C 57 -38.97 -41.76 -7.94
C VAL C 57 -37.87 -41.18 -7.04
N THR C 58 -37.01 -42.09 -6.57
CA THR C 58 -35.80 -41.79 -5.82
C THR C 58 -34.66 -41.41 -6.77
N ALA C 59 -33.79 -40.49 -6.30
CA ALA C 59 -32.64 -40.05 -7.06
C ALA C 59 -31.86 -39.01 -6.26
N ASP C 60 -30.56 -39.26 -6.08
CA ASP C 60 -29.65 -38.29 -5.50
C ASP C 60 -29.31 -37.27 -6.57
N LEU C 61 -29.83 -36.05 -6.44
CA LEU C 61 -29.57 -34.99 -7.42
C LEU C 61 -28.18 -34.40 -7.25
N LYS C 62 -27.42 -34.93 -6.29
CA LYS C 62 -26.05 -34.47 -6.12
C LYS C 62 -25.12 -35.32 -7.00
N SER C 63 -25.37 -36.63 -7.11
CA SER C 63 -24.58 -37.49 -7.99
C SER C 63 -24.85 -37.16 -9.46
N ASP C 64 -23.95 -37.56 -10.36
CA ASP C 64 -24.06 -37.21 -11.77
C ASP C 64 -25.12 -38.08 -12.46
N GLN C 65 -25.25 -39.31 -11.97
CA GLN C 65 -26.28 -40.25 -12.37
C GLN C 65 -27.66 -39.60 -12.18
N GLY C 66 -28.07 -39.52 -10.89
CA GLY C 66 -29.16 -38.69 -10.41
C GLY C 66 -29.43 -37.44 -11.26
N LEU C 67 -28.43 -36.56 -11.46
CA LEU C 67 -28.68 -35.31 -12.17
C LEU C 67 -29.11 -35.61 -13.61
N GLU C 68 -28.52 -36.65 -14.20
CA GLU C 68 -28.78 -36.87 -15.61
C GLU C 68 -30.15 -37.52 -15.79
N LEU C 69 -30.51 -38.47 -14.91
CA LEU C 69 -31.85 -39.03 -14.92
C LEU C 69 -32.91 -37.92 -14.82
N ALA C 70 -32.72 -36.96 -13.91
CA ALA C 70 -33.67 -35.87 -13.71
C ALA C 70 -33.76 -34.95 -14.92
N LEU C 71 -32.62 -34.61 -15.55
CA LEU C 71 -32.68 -33.73 -16.71
C LEU C 71 -33.39 -34.38 -17.90
N LYS C 72 -33.44 -35.72 -17.91
CA LYS C 72 -34.09 -36.47 -18.98
C LYS C 72 -35.61 -36.45 -18.78
N LEU C 73 -36.10 -36.69 -17.54
CA LEU C 73 -37.50 -36.48 -17.18
C LEU C 73 -37.92 -35.06 -17.57
N ILE C 74 -37.11 -34.07 -17.19
CA ILE C 74 -37.53 -32.69 -17.36
C ILE C 74 -37.64 -32.38 -18.84
N ALA C 75 -36.88 -33.12 -19.66
CA ALA C 75 -36.84 -32.91 -21.10
C ALA C 75 -38.17 -33.29 -21.75
N LYS C 76 -38.77 -34.36 -21.23
CA LYS C 76 -40.03 -34.91 -21.71
C LYS C 76 -41.25 -34.33 -20.98
N ALA C 77 -41.15 -33.14 -20.34
CA ALA C 77 -42.18 -32.72 -19.40
C ALA C 77 -42.61 -31.27 -19.64
N ASP C 78 -43.81 -30.92 -19.16
CA ASP C 78 -44.35 -29.59 -19.38
C ASP C 78 -44.05 -28.65 -18.22
N VAL C 79 -44.04 -29.20 -17.00
CA VAL C 79 -43.91 -28.36 -15.83
C VAL C 79 -42.90 -28.93 -14.85
N LEU C 80 -42.08 -28.01 -14.34
CA LEU C 80 -41.21 -28.31 -13.22
C LEU C 80 -41.67 -27.53 -12.00
N ILE C 81 -41.80 -28.26 -10.88
CA ILE C 81 -42.08 -27.64 -9.60
C ILE C 81 -40.92 -27.89 -8.64
N GLU C 82 -40.44 -26.76 -8.09
CA GLU C 82 -39.46 -26.77 -7.01
C GLU C 82 -39.82 -25.75 -5.92
N GLY C 83 -39.73 -26.21 -4.66
CA GLY C 83 -39.97 -25.33 -3.51
C GLY C 83 -38.79 -25.23 -2.54
N TYR C 84 -37.58 -25.09 -3.07
CA TYR C 84 -36.39 -24.87 -2.26
C TYR C 84 -36.05 -23.39 -2.24
N ARG C 85 -35.07 -23.05 -1.37
CA ARG C 85 -34.59 -21.68 -1.29
C ARG C 85 -33.99 -21.32 -2.64
N PRO C 86 -33.99 -20.03 -3.04
CA PRO C 86 -33.34 -19.59 -4.26
C PRO C 86 -31.87 -20.02 -4.29
N GLY C 87 -31.39 -20.50 -5.45
CA GLY C 87 -30.00 -20.90 -5.64
C GLY C 87 -29.92 -22.42 -5.66
N VAL C 88 -30.89 -23.08 -5.04
CA VAL C 88 -30.70 -24.49 -4.76
C VAL C 88 -30.76 -25.34 -6.02
N THR C 89 -31.64 -24.98 -6.96
CA THR C 89 -31.73 -25.81 -8.15
C THR C 89 -30.58 -25.44 -9.08
N GLU C 90 -30.22 -24.15 -9.15
CA GLU C 90 -29.06 -23.73 -9.90
C GLU C 90 -27.87 -24.63 -9.56
N ARG C 91 -27.49 -24.63 -8.28
CA ARG C 91 -26.31 -25.35 -7.86
C ARG C 91 -26.48 -26.82 -8.17
N LEU C 92 -27.69 -27.36 -8.16
CA LEU C 92 -27.82 -28.78 -8.44
C LEU C 92 -27.51 -29.09 -9.91
N GLY C 93 -27.53 -28.08 -10.78
CA GLY C 93 -27.56 -28.31 -12.21
C GLY C 93 -28.99 -28.43 -12.78
N LEU C 94 -30.00 -27.84 -12.11
CA LEU C 94 -31.41 -27.98 -12.45
C LEU C 94 -32.11 -26.64 -12.40
N GLY C 95 -31.39 -25.55 -12.59
CA GLY C 95 -31.99 -24.23 -12.58
C GLY C 95 -32.71 -23.96 -13.89
N PRO C 96 -33.35 -22.78 -14.05
CA PRO C 96 -34.08 -22.47 -15.28
C PRO C 96 -33.21 -22.63 -16.53
N GLU C 97 -32.04 -21.98 -16.50
CA GLU C 97 -31.18 -21.92 -17.68
C GLU C 97 -30.72 -23.31 -18.06
N GLU C 98 -30.29 -24.13 -17.10
CA GLU C 98 -29.95 -25.51 -17.45
C GLU C 98 -31.17 -26.24 -18.03
N CYS C 99 -32.37 -25.95 -17.50
CA CYS C 99 -33.58 -26.66 -17.89
C CYS C 99 -34.02 -26.16 -19.28
N ALA C 100 -33.90 -24.86 -19.52
CA ALA C 100 -34.22 -24.24 -20.79
C ALA C 100 -33.42 -24.87 -21.94
N LYS C 101 -32.16 -25.23 -21.68
CA LYS C 101 -31.31 -25.85 -22.68
C LYS C 101 -31.88 -27.18 -23.15
N VAL C 102 -32.56 -27.96 -22.29
CA VAL C 102 -33.04 -29.28 -22.71
C VAL C 102 -34.55 -29.29 -22.97
N ASN C 103 -35.19 -28.10 -23.01
CA ASN C 103 -36.64 -28.00 -23.10
C ASN C 103 -37.02 -26.54 -22.95
N ASP C 104 -37.07 -25.80 -24.06
CA ASP C 104 -37.37 -24.37 -24.00
C ASP C 104 -38.89 -24.18 -23.92
N ARG C 105 -39.63 -25.28 -23.80
CA ARG C 105 -41.07 -25.18 -23.65
C ARG C 105 -41.44 -25.11 -22.17
N LEU C 106 -40.50 -25.47 -21.27
CA LEU C 106 -40.80 -25.78 -19.88
C LEU C 106 -41.45 -24.61 -19.13
N ILE C 107 -42.48 -24.94 -18.33
CA ILE C 107 -42.96 -24.02 -17.31
C ILE C 107 -42.20 -24.33 -16.01
N TYR C 108 -41.37 -23.35 -15.62
CA TYR C 108 -40.46 -23.52 -14.50
C TYR C 108 -41.07 -22.83 -13.29
N ALA C 109 -41.59 -23.63 -12.36
CA ALA C 109 -42.38 -23.06 -11.28
C ALA C 109 -41.62 -23.10 -9.95
N ARG C 110 -41.36 -21.89 -9.42
CA ARG C 110 -40.58 -21.68 -8.21
C ARG C 110 -41.47 -21.20 -7.03
N MET C 111 -41.60 -22.08 -6.04
CA MET C 111 -42.48 -21.90 -4.89
C MET C 111 -41.65 -21.53 -3.65
N THR C 112 -41.66 -20.26 -3.26
CA THR C 112 -40.99 -19.80 -2.05
C THR C 112 -41.96 -18.98 -1.20
N GLY C 113 -41.47 -18.60 -0.01
CA GLY C 113 -42.19 -17.70 0.86
C GLY C 113 -41.85 -16.26 0.58
N TRP C 114 -40.54 -15.99 0.50
CA TRP C 114 -40.09 -14.61 0.49
C TRP C 114 -39.85 -14.12 -0.94
N GLY C 115 -39.84 -15.04 -1.91
CA GLY C 115 -39.52 -14.65 -3.27
C GLY C 115 -38.07 -15.01 -3.65
N GLN C 116 -37.66 -14.58 -4.85
CA GLN C 116 -36.42 -15.08 -5.46
C GLN C 116 -35.26 -14.19 -5.08
N THR C 117 -35.55 -12.93 -4.77
CA THR C 117 -34.51 -12.01 -4.35
C THR C 117 -35.05 -11.16 -3.21
N GLY C 118 -34.19 -10.29 -2.69
CA GLY C 118 -34.53 -9.36 -1.63
C GLY C 118 -33.94 -9.87 -0.33
N PRO C 119 -33.96 -9.00 0.71
CA PRO C 119 -33.26 -9.25 1.97
C PRO C 119 -33.64 -10.51 2.76
N ARG C 120 -34.87 -11.04 2.58
CA ARG C 120 -35.36 -12.15 3.38
C ARG C 120 -35.25 -13.44 2.56
N SER C 121 -34.66 -13.37 1.37
CA SER C 121 -34.84 -14.43 0.40
C SER C 121 -34.11 -15.70 0.78
N GLN C 122 -33.12 -15.64 1.69
CA GLN C 122 -32.50 -16.87 2.19
C GLN C 122 -32.92 -17.25 3.61
N GLN C 123 -33.77 -16.45 4.24
CA GLN C 123 -34.31 -16.76 5.55
C GLN C 123 -35.25 -17.95 5.51
N ALA C 124 -34.99 -18.96 6.35
CA ALA C 124 -35.96 -20.01 6.60
C ALA C 124 -37.23 -19.36 7.15
N GLY C 125 -38.33 -20.08 6.96
CA GLY C 125 -39.63 -19.55 7.31
C GLY C 125 -40.71 -20.59 7.09
N HIS C 126 -41.84 -20.34 7.73
CA HIS C 126 -43.05 -21.10 7.51
C HIS C 126 -44.20 -20.12 7.37
N ASP C 127 -45.37 -20.68 7.08
CA ASP C 127 -46.58 -19.91 6.85
C ASP C 127 -46.69 -18.71 7.78
N ILE C 128 -46.58 -18.96 9.08
CA ILE C 128 -46.86 -17.92 10.06
C ILE C 128 -45.94 -16.73 9.86
N ASN C 129 -44.71 -16.97 9.35
CA ASN C 129 -43.74 -15.91 9.11
C ASN C 129 -44.16 -15.05 7.92
N TYR C 130 -44.58 -15.70 6.83
CA TYR C 130 -44.88 -14.95 5.61
C TYR C 130 -46.11 -14.08 5.82
N ILE C 131 -47.10 -14.57 6.57
CA ILE C 131 -48.30 -13.76 6.81
C ILE C 131 -48.09 -12.74 7.92
N SER C 132 -46.96 -12.79 8.63
CA SER C 132 -46.74 -11.78 9.66
C SER C 132 -46.29 -10.46 9.04
N LEU C 133 -45.57 -10.54 7.92
CA LEU C 133 -44.90 -9.38 7.36
C LEU C 133 -45.85 -8.52 6.52
N ASN C 134 -46.99 -9.05 6.08
CA ASN C 134 -47.79 -8.34 5.10
C ASN C 134 -49.12 -7.90 5.70
N GLY C 135 -49.26 -8.01 7.03
CA GLY C 135 -50.41 -7.46 7.74
C GLY C 135 -51.50 -8.48 8.05
N ILE C 136 -51.42 -9.66 7.45
CA ILE C 136 -52.48 -10.63 7.56
C ILE C 136 -52.61 -11.18 8.97
N LEU C 137 -51.52 -11.70 9.53
CA LEU C 137 -51.53 -12.30 10.85
C LEU C 137 -52.04 -11.32 11.87
N HIS C 138 -51.67 -10.06 11.75
CA HIS C 138 -52.05 -9.09 12.75
C HIS C 138 -53.57 -8.95 12.82
N ALA C 139 -54.27 -9.27 11.72
CA ALA C 139 -55.70 -9.01 11.61
C ALA C 139 -56.55 -10.17 12.14
N ILE C 140 -55.93 -11.30 12.54
CA ILE C 140 -56.65 -12.52 12.86
C ILE C 140 -56.63 -12.82 14.35
N GLY C 141 -57.83 -12.88 14.94
CA GLY C 141 -58.02 -13.26 16.33
C GLY C 141 -58.88 -12.24 17.08
N ARG C 142 -59.07 -12.46 18.38
CA ARG C 142 -59.82 -11.50 19.18
C ARG C 142 -58.93 -10.32 19.51
N GLY C 143 -59.57 -9.18 19.81
CA GLY C 143 -58.84 -7.93 19.97
C GLY C 143 -58.11 -7.86 21.30
N ASP C 144 -58.57 -8.64 22.27
CA ASP C 144 -57.97 -8.55 23.60
C ASP C 144 -56.86 -9.59 23.74
N GLU C 145 -56.40 -10.14 22.61
CA GLU C 145 -55.48 -11.25 22.67
C GLU C 145 -54.46 -11.14 21.55
N ARG C 146 -53.42 -11.96 21.65
CA ARG C 146 -52.40 -11.96 20.62
C ARG C 146 -52.91 -12.70 19.38
N PRO C 147 -52.38 -12.37 18.18
CA PRO C 147 -52.95 -12.89 16.96
C PRO C 147 -52.82 -14.39 16.92
N VAL C 148 -53.74 -15.03 16.23
CA VAL C 148 -53.72 -16.47 16.20
C VAL C 148 -53.52 -16.90 14.76
N PRO C 149 -52.69 -17.93 14.53
CA PRO C 149 -52.46 -18.37 13.17
C PRO C 149 -53.67 -19.11 12.64
N PRO C 150 -54.10 -18.80 11.42
CA PRO C 150 -55.18 -19.51 10.77
C PRO C 150 -54.68 -20.78 10.12
N LEU C 151 -54.30 -21.71 10.98
CA LEU C 151 -53.43 -22.81 10.65
C LEU C 151 -52.39 -22.31 9.65
N ASN C 152 -52.03 -23.16 8.68
CA ASN C 152 -51.19 -22.75 7.58
C ASN C 152 -51.97 -22.67 6.27
N LEU C 153 -53.21 -22.15 6.34
CA LEU C 153 -54.08 -22.15 5.18
C LEU C 153 -53.78 -20.98 4.27
N VAL C 154 -53.37 -19.84 4.85
CA VAL C 154 -53.36 -18.59 4.11
C VAL C 154 -52.03 -18.36 3.40
N GLY C 155 -50.90 -18.80 3.96
CA GLY C 155 -49.62 -18.59 3.30
C GLY C 155 -49.27 -19.75 2.40
N ASP C 156 -49.20 -20.94 3.01
CA ASP C 156 -48.87 -22.14 2.28
C ASP C 156 -49.84 -22.38 1.13
N PHE C 157 -51.16 -22.31 1.38
CA PHE C 157 -52.07 -22.90 0.39
C PHE C 157 -52.78 -21.78 -0.35
N GLY C 158 -53.60 -21.02 0.37
CA GLY C 158 -54.41 -19.99 -0.25
C GLY C 158 -53.54 -19.04 -1.05
N GLY C 159 -52.46 -18.59 -0.45
CA GLY C 159 -51.63 -17.57 -1.05
C GLY C 159 -50.33 -18.16 -1.60
N GLY C 160 -50.26 -19.48 -1.68
CA GLY C 160 -49.01 -20.17 -1.98
C GLY C 160 -49.20 -21.14 -3.13
N SER C 161 -49.51 -22.39 -2.80
CA SER C 161 -49.81 -23.40 -3.79
C SER C 161 -50.82 -22.90 -4.82
N MET C 162 -51.86 -22.18 -4.39
CA MET C 162 -52.91 -21.82 -5.35
C MET C 162 -52.38 -20.82 -6.35
N PHE C 163 -51.53 -19.87 -5.92
CA PHE C 163 -50.95 -18.92 -6.84
C PHE C 163 -49.90 -19.62 -7.71
N LEU C 164 -49.22 -20.64 -7.18
CA LEU C 164 -48.31 -21.40 -8.01
C LEU C 164 -49.11 -21.96 -9.19
N LEU C 165 -50.30 -22.51 -8.87
CA LEU C 165 -51.19 -23.17 -9.81
C LEU C 165 -51.69 -22.19 -10.85
N VAL C 166 -52.20 -21.04 -10.42
CA VAL C 166 -52.63 -20.05 -11.39
C VAL C 166 -51.48 -19.63 -12.30
N GLY C 167 -50.24 -19.60 -11.80
CA GLY C 167 -49.09 -19.17 -12.60
C GLY C 167 -48.75 -20.21 -13.65
N ILE C 168 -48.64 -21.46 -13.24
CA ILE C 168 -48.43 -22.55 -14.15
C ILE C 168 -49.48 -22.47 -15.27
N LEU C 169 -50.76 -22.62 -14.91
CA LEU C 169 -51.81 -22.79 -15.89
C LEU C 169 -51.91 -21.55 -16.77
N ALA C 170 -51.63 -20.37 -16.24
CA ALA C 170 -51.67 -19.14 -17.02
C ALA C 170 -50.49 -19.07 -18.00
N ALA C 171 -49.33 -19.62 -17.62
CA ALA C 171 -48.18 -19.57 -18.51
C ALA C 171 -48.37 -20.64 -19.58
N LEU C 172 -49.09 -21.72 -19.26
CA LEU C 172 -49.47 -22.75 -20.21
C LEU C 172 -50.42 -22.20 -21.28
N TRP C 173 -51.33 -21.31 -20.90
CA TRP C 173 -52.11 -20.57 -21.88
C TRP C 173 -51.18 -19.80 -22.81
N GLU C 174 -50.25 -19.05 -22.22
CA GLU C 174 -49.38 -18.17 -22.96
C GLU C 174 -48.58 -18.99 -23.98
N ARG C 175 -48.17 -20.20 -23.58
CA ARG C 175 -47.33 -21.07 -24.38
C ARG C 175 -48.05 -21.59 -25.62
N GLN C 176 -49.38 -21.76 -25.53
CA GLN C 176 -50.21 -22.16 -26.66
C GLN C 176 -49.90 -21.21 -27.82
N SER C 177 -49.78 -19.92 -27.50
CA SER C 177 -49.68 -18.86 -28.47
C SER C 177 -48.23 -18.40 -28.70
N SER C 178 -47.22 -19.00 -28.06
CA SER C 178 -45.84 -18.57 -28.30
C SER C 178 -44.85 -19.72 -28.41
N GLY C 179 -45.25 -20.97 -28.13
CA GLY C 179 -44.36 -22.12 -28.23
C GLY C 179 -43.26 -22.18 -27.16
N LYS C 180 -43.18 -21.13 -26.30
CA LYS C 180 -42.12 -20.93 -25.32
C LYS C 180 -42.64 -20.99 -23.86
N GLY C 181 -41.89 -21.71 -23.01
CA GLY C 181 -42.10 -21.66 -21.57
C GLY C 181 -41.66 -20.34 -20.92
N GLN C 182 -41.57 -20.39 -19.58
CA GLN C 182 -41.01 -19.31 -18.79
C GLN C 182 -40.97 -19.74 -17.32
N VAL C 183 -40.54 -18.79 -16.47
CA VAL C 183 -40.41 -19.02 -15.04
C VAL C 183 -41.58 -18.34 -14.33
N VAL C 184 -42.19 -19.10 -13.44
CA VAL C 184 -43.21 -18.55 -12.54
C VAL C 184 -42.62 -18.43 -11.14
N ASP C 185 -42.62 -17.19 -10.62
CA ASP C 185 -42.13 -16.83 -9.30
C ASP C 185 -43.32 -16.61 -8.37
N ALA C 186 -43.73 -17.67 -7.66
CA ALA C 186 -44.80 -17.62 -6.67
C ALA C 186 -44.23 -17.52 -5.25
N ALA C 187 -44.34 -16.33 -4.67
CA ALA C 187 -43.95 -16.10 -3.29
C ALA C 187 -45.17 -15.93 -2.38
N MET C 188 -45.22 -16.70 -1.29
CA MET C 188 -46.34 -16.66 -0.34
C MET C 188 -46.65 -15.22 0.10
N VAL C 189 -45.62 -14.42 0.29
CA VAL C 189 -45.82 -13.08 0.81
C VAL C 189 -46.61 -12.25 -0.22
N ASP C 190 -46.47 -12.58 -1.52
CA ASP C 190 -47.16 -11.87 -2.59
C ASP C 190 -48.60 -12.41 -2.75
N GLY C 191 -48.71 -13.73 -2.94
CA GLY C 191 -49.99 -14.39 -3.18
C GLY C 191 -50.97 -14.15 -2.03
N SER C 192 -50.48 -14.24 -0.78
CA SER C 192 -51.34 -14.07 0.37
C SER C 192 -51.80 -12.62 0.39
N SER C 193 -50.97 -11.70 -0.14
CA SER C 193 -51.32 -10.29 -0.18
C SER C 193 -52.47 -10.03 -1.18
N VAL C 194 -52.45 -10.72 -2.32
CA VAL C 194 -53.55 -10.62 -3.27
C VAL C 194 -54.78 -11.31 -2.72
N LEU C 195 -54.60 -12.48 -2.09
CA LEU C 195 -55.67 -13.18 -1.42
C LEU C 195 -56.47 -12.24 -0.50
N ILE C 196 -55.80 -11.27 0.14
CA ILE C 196 -56.45 -10.38 1.08
C ILE C 196 -56.71 -9.01 0.46
N GLN C 197 -56.74 -8.92 -0.88
CA GLN C 197 -56.96 -7.65 -1.54
C GLN C 197 -58.26 -6.98 -1.06
N MET C 198 -59.32 -7.75 -0.75
CA MET C 198 -60.53 -7.12 -0.24
C MET C 198 -60.26 -6.18 0.94
N MET C 199 -59.36 -6.61 1.86
CA MET C 199 -59.17 -5.83 3.07
C MET C 199 -58.40 -4.55 2.71
N TRP C 200 -57.45 -4.67 1.79
CA TRP C 200 -56.76 -3.50 1.30
C TRP C 200 -57.73 -2.54 0.60
N ALA C 201 -58.65 -3.06 -0.21
CA ALA C 201 -59.72 -2.23 -0.77
C ALA C 201 -60.58 -1.57 0.32
N MET C 202 -61.05 -2.36 1.28
CA MET C 202 -61.92 -1.83 2.33
C MET C 202 -61.19 -0.80 3.19
N ARG C 203 -59.85 -0.88 3.25
CA ARG C 203 -59.09 -0.02 4.14
C ARG C 203 -58.96 1.36 3.50
N ALA C 204 -58.79 1.39 2.18
CA ALA C 204 -58.71 2.64 1.41
C ALA C 204 -60.00 3.46 1.52
N THR C 205 -61.15 2.80 1.58
CA THR C 205 -62.41 3.54 1.62
C THR C 205 -62.90 3.68 3.05
N GLY C 206 -62.00 3.55 4.05
CA GLY C 206 -62.40 3.74 5.44
C GLY C 206 -63.30 2.63 5.99
N MET C 207 -63.41 1.49 5.29
CA MET C 207 -64.27 0.40 5.72
C MET C 207 -63.52 -0.70 6.51
N TRP C 208 -62.23 -0.52 6.86
CA TRP C 208 -61.48 -1.58 7.54
C TRP C 208 -60.41 -0.93 8.39
N THR C 209 -60.27 -1.34 9.66
CA THR C 209 -59.28 -0.75 10.57
C THR C 209 -58.23 -1.78 10.96
N ASP C 210 -57.09 -1.24 11.36
CA ASP C 210 -55.95 -2.05 11.75
C ASP C 210 -56.20 -2.64 13.13
N THR C 211 -57.24 -2.16 13.83
CA THR C 211 -57.62 -2.75 15.10
C THR C 211 -58.19 -4.15 14.92
N ARG C 212 -57.60 -5.10 15.64
CA ARG C 212 -58.04 -6.46 15.60
C ARG C 212 -59.37 -6.60 16.36
N GLY C 213 -60.28 -7.41 15.79
CA GLY C 213 -61.54 -7.73 16.43
C GLY C 213 -62.54 -6.59 16.32
N ALA C 214 -62.36 -5.68 15.37
CA ALA C 214 -63.23 -4.51 15.29
C ALA C 214 -63.76 -4.27 13.88
N ASN C 215 -63.87 -5.31 13.04
CA ASN C 215 -64.29 -5.10 11.66
C ASN C 215 -65.45 -6.05 11.35
N MET C 216 -65.91 -5.95 10.10
CA MET C 216 -67.10 -6.66 9.67
C MET C 216 -66.83 -8.15 9.59
N LEU C 217 -65.60 -8.51 9.22
CA LEU C 217 -65.33 -9.90 8.87
C LEU C 217 -64.29 -10.58 9.78
N ASP C 218 -63.87 -9.97 10.88
CA ASP C 218 -62.80 -10.54 11.68
C ASP C 218 -63.33 -11.17 12.96
N GLY C 219 -64.64 -11.08 13.13
CA GLY C 219 -65.27 -11.57 14.34
C GLY C 219 -65.77 -10.41 15.17
N GLY C 220 -65.45 -9.18 14.78
CA GLY C 220 -65.93 -7.98 15.47
C GLY C 220 -67.45 -7.77 15.37
N ALA C 221 -68.05 -8.06 14.21
CA ALA C 221 -69.48 -7.87 14.00
C ALA C 221 -70.27 -8.99 14.67
N PRO C 222 -71.28 -8.66 15.50
CA PRO C 222 -72.09 -9.71 16.11
C PRO C 222 -72.83 -10.62 15.13
N TYR C 223 -73.04 -10.12 13.92
CA TYR C 223 -73.72 -10.89 12.87
C TYR C 223 -72.73 -11.62 11.97
N TYR C 224 -71.44 -11.57 12.29
CA TYR C 224 -70.45 -12.37 11.57
C TYR C 224 -69.45 -12.93 12.57
N ASP C 225 -69.81 -14.07 13.18
CA ASP C 225 -69.07 -14.62 14.29
C ASP C 225 -69.66 -15.96 14.70
N THR C 226 -68.97 -16.66 15.60
CA THR C 226 -69.51 -17.87 16.15
C THR C 226 -70.18 -17.55 17.46
N TYR C 227 -71.08 -18.45 17.89
CA TYR C 227 -71.72 -18.35 19.19
C TYR C 227 -71.75 -19.74 19.81
N GLU C 228 -71.60 -19.75 21.13
CA GLU C 228 -71.68 -20.98 21.88
C GLU C 228 -73.14 -21.29 22.20
N CYS C 229 -73.50 -22.58 22.06
CA CYS C 229 -74.85 -23.08 22.28
C CYS C 229 -74.96 -23.74 23.65
N ALA C 230 -76.17 -24.17 24.02
CA ALA C 230 -76.45 -24.68 25.35
C ALA C 230 -75.57 -25.90 25.62
N ASP C 231 -75.18 -26.60 24.56
CA ASP C 231 -74.49 -27.86 24.71
C ASP C 231 -72.98 -27.65 24.69
N GLY C 232 -72.49 -26.41 24.66
CA GLY C 232 -71.05 -26.22 24.52
C GLY C 232 -70.54 -26.28 23.07
N ARG C 233 -71.42 -26.56 22.09
CA ARG C 233 -71.03 -26.57 20.69
C ARG C 233 -71.31 -25.18 20.09
N TYR C 234 -70.96 -25.00 18.82
CA TYR C 234 -71.01 -23.68 18.25
C TYR C 234 -71.82 -23.64 16.96
N VAL C 235 -72.39 -22.48 16.73
CA VAL C 235 -72.90 -22.13 15.40
C VAL C 235 -72.10 -20.96 14.88
N ALA C 236 -72.15 -20.84 13.55
CA ALA C 236 -71.66 -19.68 12.84
C ALA C 236 -72.81 -18.86 12.27
N VAL C 237 -72.69 -17.56 12.46
CA VAL C 237 -73.61 -16.59 11.94
C VAL C 237 -72.86 -15.73 10.96
N GLY C 238 -73.41 -15.64 9.73
CA GLY C 238 -72.82 -14.87 8.66
C GLY C 238 -73.81 -13.92 8.00
N ALA C 239 -74.74 -13.37 8.77
CA ALA C 239 -75.91 -12.67 8.24
C ALA C 239 -75.60 -11.21 7.99
N ILE C 240 -74.82 -10.93 6.94
CA ILE C 240 -74.37 -9.58 6.66
C ILE C 240 -75.52 -8.73 6.08
N GLU C 241 -76.21 -9.28 5.10
CA GLU C 241 -77.26 -8.55 4.41
C GLU C 241 -78.44 -8.38 5.36
N PRO C 242 -79.03 -7.18 5.40
CA PRO C 242 -80.07 -6.86 6.35
C PRO C 242 -81.27 -7.81 6.37
N GLN C 243 -81.64 -8.36 5.20
CA GLN C 243 -82.80 -9.25 5.16
C GLN C 243 -82.46 -10.56 5.84
N PHE C 244 -81.23 -11.05 5.59
CA PHE C 244 -80.79 -12.29 6.23
C PHE C 244 -80.73 -12.12 7.75
N TYR C 245 -80.18 -10.96 8.16
CA TYR C 245 -80.03 -10.66 9.58
C TYR C 245 -81.42 -10.69 10.24
N ALA C 246 -82.40 -10.05 9.57
CA ALA C 246 -83.75 -9.98 10.11
C ALA C 246 -84.29 -11.38 10.31
N ALA C 247 -84.04 -12.29 9.36
CA ALA C 247 -84.55 -13.64 9.46
C ALA C 247 -83.86 -14.37 10.61
N MET C 248 -82.58 -14.06 10.79
CA MET C 248 -81.85 -14.62 11.92
C MET C 248 -82.50 -14.21 13.24
N LEU C 249 -82.75 -12.92 13.44
CA LEU C 249 -83.34 -12.46 14.69
C LEU C 249 -84.68 -13.14 14.96
N ALA C 250 -85.56 -13.24 13.94
CA ALA C 250 -86.87 -13.87 14.15
C ALA C 250 -86.69 -15.34 14.52
N GLY C 251 -85.72 -16.00 13.93
CA GLY C 251 -85.46 -17.39 14.29
C GLY C 251 -85.02 -17.53 15.75
N LEU C 252 -84.33 -16.52 16.28
CA LEU C 252 -83.89 -16.53 17.67
C LEU C 252 -85.02 -16.18 18.63
N GLY C 253 -86.15 -15.69 18.12
CA GLY C 253 -87.24 -15.27 18.97
C GLY C 253 -87.05 -13.84 19.42
N LEU C 254 -86.19 -13.08 18.74
CA LEU C 254 -85.87 -11.73 19.15
C LEU C 254 -86.63 -10.75 18.26
N ASP C 255 -87.10 -9.71 18.93
CA ASP C 255 -87.83 -8.65 18.25
C ASP C 255 -86.86 -7.53 17.88
N ALA C 256 -86.64 -7.32 16.57
CA ALA C 256 -85.71 -6.31 16.07
C ALA C 256 -85.97 -4.93 16.68
N ALA C 257 -87.23 -4.63 17.00
CA ALA C 257 -87.56 -3.32 17.54
C ALA C 257 -86.98 -3.10 18.94
N GLU C 258 -86.49 -4.15 19.61
CA GLU C 258 -85.92 -4.00 20.94
C GLU C 258 -84.38 -4.09 20.92
N LEU C 259 -83.77 -4.01 19.74
CA LEU C 259 -82.35 -4.29 19.66
C LEU C 259 -81.68 -3.04 19.09
N PRO C 260 -80.38 -2.83 19.32
CA PRO C 260 -79.69 -1.80 18.60
C PRO C 260 -79.67 -2.11 17.12
N PRO C 261 -79.40 -1.09 16.28
CA PRO C 261 -79.21 -1.31 14.85
C PRO C 261 -78.06 -2.28 14.55
N GLN C 262 -78.25 -3.03 13.46
CA GLN C 262 -77.30 -4.05 13.05
C GLN C 262 -75.90 -3.46 12.94
N ASN C 263 -75.79 -2.25 12.39
CA ASN C 263 -74.50 -1.68 12.11
C ASN C 263 -74.22 -0.42 12.93
N ASP C 264 -74.77 -0.30 14.14
CA ASP C 264 -74.25 0.67 15.10
C ASP C 264 -73.08 0.04 15.88
N ARG C 265 -71.85 0.30 15.41
CA ARG C 265 -70.65 -0.33 15.94
C ARG C 265 -70.50 -0.01 17.43
N ALA C 266 -70.86 1.20 17.84
CA ALA C 266 -70.78 1.60 19.23
C ALA C 266 -71.57 0.65 20.12
N ARG C 267 -72.62 -0.02 19.60
CA ARG C 267 -73.50 -0.82 20.45
C ARG C 267 -73.34 -2.30 20.11
N TRP C 268 -72.31 -2.64 19.36
CA TRP C 268 -72.07 -4.04 19.09
C TRP C 268 -71.94 -4.89 20.36
N PRO C 269 -71.25 -4.42 21.42
CA PRO C 269 -71.15 -5.19 22.66
C PRO C 269 -72.52 -5.52 23.23
N GLU C 270 -73.41 -4.53 23.22
CA GLU C 270 -74.77 -4.72 23.70
C GLU C 270 -75.50 -5.74 22.82
N LEU C 271 -75.37 -5.59 21.50
CA LEU C 271 -76.06 -6.46 20.56
C LEU C 271 -75.53 -7.87 20.71
N ARG C 272 -74.22 -8.03 20.84
CA ARG C 272 -73.63 -9.35 21.00
C ARG C 272 -74.13 -10.02 22.27
N ALA C 273 -74.33 -9.25 23.35
CA ALA C 273 -74.81 -9.84 24.60
C ALA C 273 -76.19 -10.44 24.40
N LEU C 274 -77.04 -9.73 23.65
CA LEU C 274 -78.40 -10.23 23.42
C LEU C 274 -78.38 -11.49 22.56
N LEU C 275 -77.57 -11.49 21.49
CA LEU C 275 -77.47 -12.66 20.63
C LEU C 275 -76.82 -13.82 21.38
N THR C 276 -75.83 -13.53 22.24
CA THR C 276 -75.16 -14.57 23.00
C THR C 276 -76.18 -15.30 23.89
N GLU C 277 -77.02 -14.54 24.59
CA GLU C 277 -78.01 -15.16 25.46
C GLU C 277 -79.01 -16.00 24.64
N ALA C 278 -79.46 -15.48 23.49
CA ALA C 278 -80.41 -16.25 22.67
C ALA C 278 -79.79 -17.57 22.18
N PHE C 279 -78.59 -17.54 21.60
CA PHE C 279 -77.98 -18.75 21.06
C PHE C 279 -77.68 -19.75 22.16
N ALA C 280 -77.31 -19.26 23.36
CA ALA C 280 -76.98 -20.18 24.44
C ALA C 280 -78.21 -20.89 24.98
N SER C 281 -79.43 -20.50 24.59
CA SER C 281 -80.63 -21.11 25.19
C SER C 281 -80.98 -22.45 24.54
N HIS C 282 -80.37 -22.81 23.41
CA HIS C 282 -80.62 -24.11 22.81
C HIS C 282 -79.31 -24.69 22.28
N ASP C 283 -79.31 -25.99 21.98
CA ASP C 283 -78.13 -26.68 21.49
C ASP C 283 -77.94 -26.47 19.99
N ARG C 284 -76.76 -26.83 19.46
CA ARG C 284 -76.41 -26.51 18.09
C ARG C 284 -77.37 -27.17 17.10
N ASP C 285 -77.83 -28.39 17.42
CA ASP C 285 -78.68 -29.15 16.52
C ASP C 285 -80.08 -28.53 16.43
N HIS C 286 -80.55 -27.93 17.52
CA HIS C 286 -81.75 -27.14 17.47
C HIS C 286 -81.63 -26.02 16.46
N TRP C 287 -80.54 -25.25 16.55
CA TRP C 287 -80.36 -24.15 15.63
C TRP C 287 -80.21 -24.65 14.19
N GLY C 288 -79.53 -25.79 14.04
CA GLY C 288 -79.39 -26.42 12.72
C GLY C 288 -80.73 -26.72 12.08
N ALA C 289 -81.65 -27.28 12.85
CA ALA C 289 -83.00 -27.58 12.41
C ALA C 289 -83.82 -26.32 12.13
N VAL C 290 -83.94 -25.43 13.11
CA VAL C 290 -84.69 -24.19 12.98
C VAL C 290 -84.29 -23.41 11.73
N PHE C 291 -83.02 -23.43 11.34
CA PHE C 291 -82.58 -22.54 10.27
C PHE C 291 -82.34 -23.32 8.97
N ALA C 292 -82.65 -24.62 8.93
CA ALA C 292 -82.55 -25.35 7.66
C ALA C 292 -83.49 -24.71 6.66
N ASN C 293 -83.01 -24.53 5.43
CA ASN C 293 -83.75 -23.99 4.30
C ASN C 293 -83.96 -22.49 4.42
N SER C 294 -83.37 -21.89 5.46
CA SER C 294 -83.44 -20.47 5.76
C SER C 294 -82.29 -19.69 5.09
N ASP C 295 -82.53 -18.39 4.86
CA ASP C 295 -81.51 -17.44 4.48
C ASP C 295 -80.87 -16.75 5.69
N ALA C 296 -81.03 -17.27 6.90
CA ALA C 296 -80.53 -16.60 8.10
C ALA C 296 -79.00 -16.63 8.19
N CYS C 297 -78.33 -17.48 7.41
CA CYS C 297 -76.89 -17.63 7.38
C CYS C 297 -76.39 -18.13 8.73
N VAL C 298 -77.03 -19.17 9.24
CA VAL C 298 -76.66 -19.81 10.49
C VAL C 298 -76.38 -21.26 10.17
N THR C 299 -75.18 -21.73 10.56
CA THR C 299 -74.75 -23.09 10.27
C THR C 299 -74.11 -23.70 11.50
N PRO C 300 -74.21 -25.03 11.66
CA PRO C 300 -73.48 -25.70 12.72
C PRO C 300 -71.98 -25.65 12.46
N VAL C 301 -71.20 -25.39 13.51
CA VAL C 301 -69.74 -25.41 13.36
C VAL C 301 -69.30 -26.84 13.62
N LEU C 302 -69.03 -27.60 12.56
CA LEU C 302 -68.76 -29.02 12.75
C LEU C 302 -67.25 -29.25 12.93
N ALA C 303 -66.91 -30.20 13.80
CA ALA C 303 -65.54 -30.66 13.91
C ALA C 303 -65.26 -31.70 12.83
N PHE C 304 -63.97 -31.88 12.50
CA PHE C 304 -63.56 -32.73 11.42
C PHE C 304 -64.29 -34.07 11.51
N GLY C 305 -64.23 -34.71 12.67
CA GLY C 305 -64.77 -36.04 12.86
C GLY C 305 -66.29 -36.17 12.66
N GLU C 306 -67.02 -35.05 12.61
CA GLU C 306 -68.47 -35.05 12.41
C GLU C 306 -68.86 -34.78 10.97
N VAL C 307 -67.92 -34.36 10.14
CA VAL C 307 -68.23 -33.88 8.80
C VAL C 307 -68.85 -34.98 7.91
N HIS C 308 -68.38 -36.22 8.07
CA HIS C 308 -68.82 -37.39 7.32
C HIS C 308 -70.29 -37.73 7.59
N ASN C 309 -70.85 -37.20 8.69
CA ASN C 309 -72.26 -37.38 8.99
C ASN C 309 -73.12 -36.22 8.51
N GLU C 310 -72.58 -35.24 7.79
CA GLU C 310 -73.41 -34.12 7.38
C GLU C 310 -74.01 -34.38 6.00
N PRO C 311 -75.38 -34.31 5.85
CA PRO C 311 -76.08 -34.57 4.60
C PRO C 311 -75.59 -33.81 3.37
N HIS C 312 -75.39 -32.50 3.46
CA HIS C 312 -74.93 -31.76 2.30
C HIS C 312 -73.51 -32.21 1.87
N ILE C 313 -72.69 -32.72 2.80
CA ILE C 313 -71.35 -33.20 2.50
C ILE C 313 -71.44 -34.60 1.88
N ILE C 314 -72.20 -35.51 2.51
CA ILE C 314 -72.40 -36.86 2.00
C ILE C 314 -72.95 -36.78 0.57
N GLU C 315 -74.04 -36.04 0.42
CA GLU C 315 -74.83 -36.05 -0.78
C GLU C 315 -74.03 -35.54 -1.96
N ARG C 316 -73.13 -34.56 -1.77
CA ARG C 316 -72.35 -34.06 -2.90
C ARG C 316 -71.00 -34.77 -3.07
N ASN C 317 -70.70 -35.79 -2.27
CA ASN C 317 -69.42 -36.51 -2.36
C ASN C 317 -68.22 -35.56 -2.30
N THR C 318 -68.21 -34.65 -1.31
CA THR C 318 -67.07 -33.75 -1.12
C THR C 318 -65.85 -34.56 -0.67
N PHE C 319 -66.08 -35.68 0.05
CA PHE C 319 -65.03 -36.54 0.58
C PHE C 319 -65.17 -37.97 0.07
N TYR C 320 -64.07 -38.74 0.17
CA TYR C 320 -64.02 -40.17 -0.14
C TYR C 320 -63.23 -40.85 0.96
N GLU C 321 -63.51 -42.13 1.23
CA GLU C 321 -62.78 -42.87 2.24
C GLU C 321 -61.49 -43.42 1.65
N ALA C 322 -60.38 -43.22 2.36
CA ALA C 322 -59.09 -43.78 1.98
C ALA C 322 -58.32 -44.13 3.24
N ASN C 323 -58.17 -45.43 3.50
CA ASN C 323 -57.12 -45.91 4.40
C ASN C 323 -57.23 -45.18 5.73
N GLY C 324 -58.23 -45.57 6.54
CA GLY C 324 -58.41 -45.06 7.89
C GLY C 324 -58.55 -43.53 7.94
N GLY C 325 -59.29 -42.95 6.98
CA GLY C 325 -59.71 -41.57 7.10
C GLY C 325 -60.24 -40.99 5.79
N TRP C 326 -61.14 -40.03 5.94
CA TRP C 326 -61.70 -39.31 4.82
C TRP C 326 -60.69 -38.31 4.29
N GLN C 327 -60.74 -38.11 2.97
CA GLN C 327 -59.91 -37.19 2.23
C GLN C 327 -60.85 -36.48 1.26
N PRO C 328 -60.60 -35.20 0.98
CA PRO C 328 -61.44 -34.47 0.07
C PRO C 328 -61.22 -34.89 -1.37
N MET C 329 -62.33 -34.97 -2.10
CA MET C 329 -62.31 -35.21 -3.53
C MET C 329 -61.75 -33.99 -4.23
N PRO C 330 -61.23 -34.19 -5.46
CA PRO C 330 -60.74 -33.09 -6.26
C PRO C 330 -61.71 -31.94 -6.38
N ALA C 331 -61.16 -30.74 -6.50
CA ALA C 331 -61.93 -29.54 -6.70
C ALA C 331 -61.11 -28.69 -7.66
N PRO C 332 -61.75 -27.82 -8.47
CA PRO C 332 -63.21 -27.76 -8.56
C PRO C 332 -63.73 -28.90 -9.42
N ARG C 333 -64.98 -28.79 -9.90
CA ARG C 333 -65.60 -29.87 -10.65
C ARG C 333 -65.83 -29.42 -12.08
N PHE C 334 -65.87 -30.42 -12.97
CA PHE C 334 -65.92 -30.21 -14.43
C PHE C 334 -67.07 -31.01 -15.06
N SER C 335 -67.87 -30.36 -15.92
CA SER C 335 -69.01 -31.05 -16.54
C SER C 335 -68.54 -32.18 -17.48
N ARG C 336 -67.60 -31.91 -18.38
CA ARG C 336 -67.26 -32.91 -19.40
C ARG C 336 -66.07 -33.81 -19.03
N THR C 337 -64.91 -33.23 -18.64
CA THR C 337 -63.74 -34.04 -18.30
C THR C 337 -63.61 -34.16 -16.78
N ALA C 338 -64.30 -35.15 -16.22
CA ALA C 338 -64.42 -35.22 -14.78
C ALA C 338 -63.20 -35.92 -14.20
N SER C 339 -62.72 -35.37 -13.09
CA SER C 339 -61.68 -36.01 -12.31
C SER C 339 -62.21 -37.32 -11.77
N SER C 340 -61.31 -38.28 -11.54
CA SER C 340 -61.68 -39.48 -10.82
C SER C 340 -61.18 -39.37 -9.38
N GLN C 341 -61.54 -40.40 -8.61
CA GLN C 341 -61.06 -40.53 -7.25
C GLN C 341 -59.54 -40.57 -7.27
N PRO C 342 -58.86 -39.91 -6.30
CA PRO C 342 -57.40 -39.93 -6.27
C PRO C 342 -56.80 -41.32 -6.04
N ARG C 343 -55.64 -41.59 -6.67
CA ARG C 343 -54.92 -42.85 -6.50
C ARG C 343 -54.03 -42.75 -5.25
N PRO C 344 -54.07 -43.73 -4.33
CA PRO C 344 -53.24 -43.63 -3.14
C PRO C 344 -51.76 -43.53 -3.49
N PRO C 345 -50.92 -43.05 -2.56
CA PRO C 345 -49.48 -43.04 -2.79
C PRO C 345 -48.96 -44.41 -3.19
N ALA C 346 -48.25 -44.47 -4.33
CA ALA C 346 -47.76 -45.73 -4.90
C ALA C 346 -46.45 -46.12 -4.23
N ALA C 347 -45.99 -47.36 -4.47
CA ALA C 347 -44.62 -47.73 -4.16
C ALA C 347 -43.69 -47.00 -5.13
N THR C 348 -42.42 -46.81 -4.72
CA THR C 348 -41.44 -46.09 -5.52
C THR C 348 -41.35 -46.76 -6.90
N ILE C 349 -41.31 -45.94 -7.96
CA ILE C 349 -41.10 -46.42 -9.31
C ILE C 349 -39.61 -46.20 -9.61
N ASP C 350 -39.07 -46.99 -10.54
CA ASP C 350 -37.71 -46.78 -11.03
C ASP C 350 -37.73 -45.67 -12.09
N ILE C 351 -36.84 -44.69 -11.94
CA ILE C 351 -36.90 -43.50 -12.76
C ILE C 351 -36.72 -43.85 -14.24
N GLU C 352 -36.02 -44.96 -14.53
CA GLU C 352 -35.86 -45.46 -15.89
C GLU C 352 -37.21 -45.86 -16.48
N ALA C 353 -37.97 -46.70 -15.77
CA ALA C 353 -39.30 -47.13 -16.22
C ALA C 353 -40.18 -45.95 -16.63
N VAL C 354 -40.01 -44.81 -15.96
CA VAL C 354 -40.81 -43.63 -16.26
C VAL C 354 -40.39 -43.11 -17.62
N LEU C 355 -39.08 -43.08 -17.88
CA LEU C 355 -38.55 -42.59 -19.15
C LEU C 355 -38.93 -43.49 -20.32
N THR C 356 -39.09 -44.79 -20.07
CA THR C 356 -39.63 -45.72 -21.06
C THR C 356 -41.05 -45.26 -21.42
N ASP C 357 -41.90 -45.17 -20.37
CA ASP C 357 -43.29 -44.77 -20.48
C ASP C 357 -43.43 -43.44 -21.26
N TRP C 358 -42.50 -42.51 -21.06
CA TRP C 358 -42.58 -41.18 -21.67
C TRP C 358 -41.84 -41.07 -23.01
N ASP C 359 -41.27 -42.19 -23.51
CA ASP C 359 -40.49 -42.22 -24.75
C ASP C 359 -39.21 -41.39 -24.62
N MET D 1 -52.36 -5.31 -23.67
CA MET D 1 -52.43 -5.68 -22.23
C MET D 1 -51.28 -6.65 -21.86
N ALA D 2 -50.48 -6.26 -20.84
CA ALA D 2 -49.33 -7.03 -20.40
C ALA D 2 -49.78 -8.27 -19.61
N GLY D 3 -49.12 -9.41 -19.85
CA GLY D 3 -49.18 -10.51 -18.91
C GLY D 3 -49.51 -11.79 -19.65
N PRO D 4 -49.44 -12.97 -19.00
CA PRO D 4 -49.56 -14.22 -19.72
C PRO D 4 -50.98 -14.53 -20.19
N LEU D 5 -51.97 -13.76 -19.71
CA LEU D 5 -53.34 -14.00 -20.15
C LEU D 5 -53.76 -12.87 -21.08
N SER D 6 -52.79 -12.28 -21.78
CA SER D 6 -53.11 -11.36 -22.86
C SER D 6 -53.93 -12.13 -23.89
N GLY D 7 -55.07 -11.54 -24.30
CA GLY D 7 -55.91 -12.13 -25.34
C GLY D 7 -57.03 -13.03 -24.82
N LEU D 8 -57.04 -13.32 -23.51
CA LEU D 8 -58.16 -14.01 -22.89
C LEU D 8 -59.30 -13.00 -22.69
N ARG D 9 -60.51 -13.42 -23.05
CA ARG D 9 -61.69 -12.57 -22.94
C ARG D 9 -62.64 -13.15 -21.92
N VAL D 10 -63.03 -12.29 -20.99
CA VAL D 10 -63.79 -12.79 -19.85
C VAL D 10 -65.00 -11.90 -19.67
N VAL D 11 -66.15 -12.57 -19.55
CA VAL D 11 -67.40 -11.93 -19.17
C VAL D 11 -67.75 -12.33 -17.72
N GLU D 12 -67.91 -11.31 -16.89
CA GLU D 12 -68.17 -11.52 -15.47
C GLU D 12 -69.56 -10.98 -15.13
N LEU D 13 -70.43 -11.83 -14.60
CA LEU D 13 -71.69 -11.31 -14.07
C LEU D 13 -71.49 -10.89 -12.61
N ALA D 14 -71.71 -9.60 -12.37
CA ALA D 14 -71.40 -8.96 -11.11
C ALA D 14 -72.05 -9.68 -9.94
N GLY D 15 -71.19 -10.20 -9.05
CA GLY D 15 -71.60 -10.62 -7.73
C GLY D 15 -70.69 -10.03 -6.67
N ILE D 16 -70.49 -10.82 -5.60
CA ILE D 16 -69.71 -10.38 -4.46
C ILE D 16 -68.73 -11.50 -4.10
N GLY D 17 -67.55 -11.13 -3.59
CA GLY D 17 -66.64 -12.11 -3.00
C GLY D 17 -65.83 -12.84 -4.05
N PRO D 18 -65.95 -14.17 -4.17
CA PRO D 18 -65.04 -14.97 -4.97
C PRO D 18 -65.07 -14.64 -6.45
N GLY D 19 -66.28 -14.48 -6.99
CA GLY D 19 -66.47 -14.15 -8.40
C GLY D 19 -65.63 -12.94 -8.82
N PRO D 20 -65.78 -11.75 -8.21
CA PRO D 20 -64.96 -10.61 -8.58
C PRO D 20 -63.48 -10.72 -8.28
N HIS D 21 -63.08 -11.56 -7.32
CA HIS D 21 -61.68 -11.68 -6.98
C HIS D 21 -61.02 -12.48 -8.09
N ALA D 22 -61.66 -13.58 -8.50
CA ALA D 22 -61.21 -14.35 -9.63
C ALA D 22 -61.09 -13.46 -10.88
N ALA D 23 -62.11 -12.66 -11.14
CA ALA D 23 -62.07 -11.80 -12.31
C ALA D 23 -60.92 -10.81 -12.19
N MET D 24 -60.69 -10.30 -10.99
CA MET D 24 -59.61 -9.35 -10.71
C MET D 24 -58.26 -9.96 -11.10
N ILE D 25 -58.02 -11.20 -10.71
CA ILE D 25 -56.75 -11.84 -10.93
C ILE D 25 -56.55 -12.12 -12.42
N LEU D 26 -57.61 -12.59 -13.13
CA LEU D 26 -57.57 -12.77 -14.57
C LEU D 26 -57.17 -11.47 -15.26
N GLY D 27 -57.89 -10.39 -14.95
CA GLY D 27 -57.50 -9.05 -15.37
C GLY D 27 -56.05 -8.71 -15.01
N ASP D 28 -55.70 -8.96 -13.73
CA ASP D 28 -54.38 -8.67 -13.18
C ASP D 28 -53.33 -9.17 -14.16
N LEU D 29 -53.48 -10.42 -14.65
CA LEU D 29 -52.52 -11.12 -15.50
C LEU D 29 -52.72 -10.91 -17.02
N GLY D 30 -53.43 -9.84 -17.40
CA GLY D 30 -53.53 -9.42 -18.79
C GLY D 30 -54.88 -9.69 -19.48
N ALA D 31 -55.81 -10.43 -18.84
CA ALA D 31 -57.05 -10.83 -19.51
C ALA D 31 -57.94 -9.63 -19.71
N ASP D 32 -58.76 -9.69 -20.78
CA ASP D 32 -59.73 -8.65 -21.07
C ASP D 32 -61.05 -9.02 -20.41
N VAL D 33 -61.41 -8.22 -19.41
CA VAL D 33 -62.46 -8.58 -18.49
C VAL D 33 -63.54 -7.51 -18.61
N VAL D 34 -64.72 -8.03 -18.95
CA VAL D 34 -65.91 -7.21 -19.05
C VAL D 34 -66.90 -7.68 -18.00
N ARG D 35 -67.31 -6.73 -17.17
CA ARG D 35 -68.13 -7.03 -16.02
C ARG D 35 -69.52 -6.49 -16.28
N ILE D 36 -70.51 -7.37 -16.34
CA ILE D 36 -71.88 -6.91 -16.51
C ILE D 36 -72.51 -6.71 -15.13
N ASP D 37 -72.68 -5.45 -14.75
CA ASP D 37 -73.43 -5.11 -13.55
C ASP D 37 -74.85 -4.64 -13.93
N ARG D 38 -75.69 -4.38 -12.92
CA ARG D 38 -77.05 -3.93 -13.18
C ARG D 38 -77.09 -2.40 -13.07
N PRO D 39 -77.88 -1.72 -13.91
CA PRO D 39 -77.99 -0.26 -13.89
C PRO D 39 -78.16 0.39 -12.52
N SER D 40 -78.88 -0.29 -11.62
CA SER D 40 -79.12 0.26 -10.29
C SER D 40 -77.85 0.33 -9.44
N SER D 41 -76.69 -0.08 -9.99
CA SER D 41 -75.39 0.28 -9.41
C SER D 41 -74.60 1.14 -10.41
N VAL D 42 -75.17 2.28 -10.80
CA VAL D 42 -74.58 3.13 -11.84
C VAL D 42 -74.33 4.48 -11.18
N ASP D 43 -73.07 4.75 -10.86
CA ASP D 43 -72.80 5.60 -9.71
C ASP D 43 -71.43 6.25 -9.80
N GLY D 44 -70.95 6.55 -11.01
CA GLY D 44 -69.61 7.08 -11.21
C GLY D 44 -68.56 5.97 -11.19
N ILE D 45 -67.28 6.34 -11.04
CA ILE D 45 -66.22 5.36 -10.93
C ILE D 45 -66.36 4.65 -9.58
N SER D 46 -66.19 3.31 -9.59
CA SER D 46 -66.27 2.51 -8.37
C SER D 46 -65.11 2.85 -7.43
N ARG D 47 -65.41 2.86 -6.13
CA ARG D 47 -64.37 3.08 -5.12
C ARG D 47 -63.80 1.75 -4.60
N ASP D 48 -64.06 0.63 -5.32
CA ASP D 48 -63.62 -0.71 -4.91
C ASP D 48 -62.46 -1.17 -5.79
N ALA D 49 -61.27 -1.24 -5.17
CA ALA D 49 -60.04 -1.55 -5.87
C ALA D 49 -60.06 -2.98 -6.39
N MET D 50 -60.93 -3.83 -5.87
CA MET D 50 -61.05 -5.17 -6.42
C MET D 50 -61.63 -5.14 -7.84
N LEU D 51 -62.28 -4.03 -8.20
CA LEU D 51 -62.81 -3.87 -9.55
C LEU D 51 -61.77 -3.29 -10.49
N ARG D 52 -60.47 -3.40 -10.17
CA ARG D 52 -59.41 -2.94 -11.06
C ARG D 52 -59.33 -3.89 -12.25
N ASN D 53 -58.67 -3.46 -13.33
CA ASN D 53 -58.45 -4.24 -14.54
C ASN D 53 -59.75 -4.73 -15.19
N ARG D 54 -60.75 -3.84 -15.32
CA ARG D 54 -62.04 -4.18 -15.90
C ARG D 54 -62.57 -3.07 -16.80
N ARG D 55 -63.42 -3.47 -17.75
CA ARG D 55 -64.41 -2.52 -18.26
C ARG D 55 -65.77 -2.88 -17.70
N ILE D 56 -66.44 -1.89 -17.14
CA ILE D 56 -67.76 -2.08 -16.56
C ILE D 56 -68.86 -1.66 -17.55
N VAL D 57 -69.79 -2.57 -17.86
CA VAL D 57 -71.04 -2.24 -18.53
C VAL D 57 -72.24 -2.55 -17.64
N THR D 58 -73.33 -1.77 -17.79
CA THR D 58 -74.61 -2.14 -17.20
C THR D 58 -75.56 -2.71 -18.27
N ALA D 59 -76.48 -3.57 -17.81
CA ALA D 59 -77.49 -4.26 -18.60
C ALA D 59 -78.56 -4.78 -17.65
N ASP D 60 -79.84 -4.54 -17.96
CA ASP D 60 -80.91 -5.17 -17.22
C ASP D 60 -81.15 -6.55 -17.83
N LEU D 61 -80.62 -7.59 -17.19
CA LEU D 61 -80.67 -8.94 -17.75
C LEU D 61 -82.09 -9.50 -17.67
N LYS D 62 -82.99 -8.86 -16.94
CA LYS D 62 -84.38 -9.28 -16.95
C LYS D 62 -85.07 -8.83 -18.24
N SER D 63 -84.61 -7.72 -18.82
CA SER D 63 -85.15 -7.22 -20.09
C SER D 63 -84.71 -8.13 -21.26
N ASP D 64 -85.41 -8.01 -22.40
CA ASP D 64 -85.14 -8.80 -23.59
C ASP D 64 -83.85 -8.32 -24.24
N GLN D 65 -83.63 -7.00 -24.14
CA GLN D 65 -82.53 -6.33 -24.81
C GLN D 65 -81.22 -6.65 -24.10
N GLY D 66 -81.18 -6.30 -22.80
CA GLY D 66 -80.10 -6.69 -21.90
C GLY D 66 -79.67 -8.14 -22.13
N LEU D 67 -80.64 -9.08 -22.12
CA LEU D 67 -80.34 -10.49 -22.33
C LEU D 67 -79.63 -10.70 -23.66
N GLU D 68 -80.01 -9.92 -24.68
CA GLU D 68 -79.48 -10.13 -26.03
C GLU D 68 -78.05 -9.59 -26.09
N LEU D 69 -77.83 -8.36 -25.61
CA LEU D 69 -76.51 -7.77 -25.55
C LEU D 69 -75.53 -8.67 -24.77
N ALA D 70 -76.04 -9.34 -23.73
CA ALA D 70 -75.22 -10.17 -22.87
C ALA D 70 -74.83 -11.44 -23.60
N LEU D 71 -75.80 -12.04 -24.32
CA LEU D 71 -75.53 -13.26 -25.06
C LEU D 71 -74.59 -12.98 -26.24
N LYS D 72 -74.54 -11.75 -26.73
CA LYS D 72 -73.62 -11.41 -27.81
C LYS D 72 -72.17 -11.40 -27.32
N LEU D 73 -71.92 -10.66 -26.21
CA LEU D 73 -70.66 -10.68 -25.47
C LEU D 73 -70.18 -12.10 -25.21
N ILE D 74 -71.04 -12.89 -24.59
CA ILE D 74 -70.68 -14.26 -24.27
C ILE D 74 -70.22 -15.02 -25.53
N ALA D 75 -70.78 -14.71 -26.70
CA ALA D 75 -70.44 -15.42 -27.94
C ALA D 75 -69.00 -15.10 -28.41
N LYS D 76 -68.55 -13.88 -28.15
CA LYS D 76 -67.23 -13.43 -28.54
C LYS D 76 -66.19 -13.65 -27.43
N ALA D 77 -66.47 -14.48 -26.41
CA ALA D 77 -65.64 -14.50 -25.21
C ALA D 77 -65.13 -15.90 -24.93
N ASP D 78 -64.08 -15.99 -24.10
CA ASP D 78 -63.53 -17.29 -23.73
C ASP D 78 -64.14 -17.81 -22.45
N VAL D 79 -64.46 -16.88 -21.52
CA VAL D 79 -64.88 -17.30 -20.19
C VAL D 79 -66.07 -16.48 -19.70
N LEU D 80 -66.99 -17.19 -19.01
CA LEU D 80 -68.05 -16.53 -18.26
C LEU D 80 -67.91 -16.89 -16.78
N ILE D 81 -67.98 -15.86 -15.92
CA ILE D 81 -68.00 -16.08 -14.48
C ILE D 81 -69.34 -15.64 -13.91
N GLU D 82 -69.98 -16.53 -13.14
CA GLU D 82 -71.14 -16.12 -12.37
C GLU D 82 -71.06 -16.69 -10.95
N GLY D 83 -71.55 -15.87 -10.01
CA GLY D 83 -71.58 -16.22 -8.60
C GLY D 83 -72.94 -16.04 -7.92
N TYR D 84 -74.00 -16.54 -8.58
CA TYR D 84 -75.37 -16.42 -8.10
C TYR D 84 -75.79 -17.79 -7.56
N ARG D 85 -76.93 -17.85 -6.89
CA ARG D 85 -77.47 -19.15 -6.48
C ARG D 85 -77.68 -19.99 -7.73
N PRO D 86 -77.54 -21.32 -7.62
CA PRO D 86 -77.89 -22.19 -8.74
C PRO D 86 -79.34 -21.94 -9.20
N GLY D 87 -79.54 -22.06 -10.52
CA GLY D 87 -80.83 -21.84 -11.14
C GLY D 87 -81.00 -20.39 -11.58
N VAL D 88 -80.14 -19.47 -11.12
CA VAL D 88 -80.39 -18.07 -11.40
C VAL D 88 -80.07 -17.75 -12.86
N THR D 89 -78.92 -18.21 -13.39
CA THR D 89 -78.55 -17.84 -14.75
C THR D 89 -79.52 -18.53 -15.73
N GLU D 90 -79.83 -19.80 -15.44
CA GLU D 90 -80.81 -20.57 -16.20
C GLU D 90 -82.08 -19.75 -16.46
N ARG D 91 -82.76 -19.32 -15.40
CA ARG D 91 -84.03 -18.60 -15.54
C ARG D 91 -83.81 -17.17 -16.02
N LEU D 92 -82.57 -16.72 -16.24
CA LEU D 92 -82.36 -15.47 -16.96
C LEU D 92 -82.16 -15.77 -18.45
N GLY D 93 -82.00 -17.06 -18.80
CA GLY D 93 -81.63 -17.47 -20.16
C GLY D 93 -80.14 -17.25 -20.46
N LEU D 94 -79.29 -17.28 -19.41
CA LEU D 94 -77.83 -17.22 -19.52
C LEU D 94 -77.19 -18.47 -18.96
N GLY D 95 -77.97 -19.56 -18.89
CA GLY D 95 -77.49 -20.80 -18.31
C GLY D 95 -76.44 -21.43 -19.20
N PRO D 96 -75.74 -22.48 -18.71
CA PRO D 96 -74.75 -23.17 -19.52
C PRO D 96 -75.32 -23.60 -20.87
N GLU D 97 -76.57 -24.06 -20.90
CA GLU D 97 -77.12 -24.65 -22.12
C GLU D 97 -77.44 -23.57 -23.14
N GLU D 98 -78.04 -22.47 -22.70
CA GLU D 98 -78.28 -21.32 -23.57
C GLU D 98 -76.97 -20.74 -24.09
N CYS D 99 -75.93 -20.77 -23.25
CA CYS D 99 -74.63 -20.21 -23.61
C CYS D 99 -73.90 -21.13 -24.60
N ALA D 100 -74.07 -22.45 -24.45
CA ALA D 100 -73.46 -23.43 -25.32
C ALA D 100 -73.98 -23.32 -26.75
N LYS D 101 -75.21 -22.81 -26.87
CA LYS D 101 -75.84 -22.60 -28.16
C LYS D 101 -75.17 -21.46 -28.91
N VAL D 102 -74.58 -20.49 -28.24
CA VAL D 102 -73.99 -19.38 -28.97
C VAL D 102 -72.46 -19.41 -28.89
N ASN D 103 -71.86 -20.45 -28.29
CA ASN D 103 -70.42 -20.45 -28.07
C ASN D 103 -70.00 -21.72 -27.36
N ASP D 104 -69.73 -22.77 -28.13
CA ASP D 104 -69.43 -24.08 -27.57
C ASP D 104 -67.96 -24.18 -27.14
N ARG D 105 -67.20 -23.09 -27.27
CA ARG D 105 -65.83 -23.05 -26.77
C ARG D 105 -65.78 -22.42 -25.38
N LEU D 106 -66.94 -21.98 -24.85
CA LEU D 106 -67.00 -21.14 -23.67
C LEU D 106 -66.62 -21.92 -22.41
N ILE D 107 -65.85 -21.26 -21.55
CA ILE D 107 -65.64 -21.79 -20.21
C ILE D 107 -66.68 -21.14 -19.28
N TYR D 108 -67.54 -22.00 -18.74
CA TYR D 108 -68.69 -21.58 -17.97
C TYR D 108 -68.36 -21.81 -16.48
N ALA D 109 -67.99 -20.72 -15.80
CA ALA D 109 -67.44 -20.82 -14.45
C ALA D 109 -68.49 -20.42 -13.40
N ARG D 110 -68.87 -21.41 -12.58
CA ARG D 110 -69.90 -21.20 -11.57
C ARG D 110 -69.33 -21.15 -10.15
N MET D 111 -69.34 -19.94 -9.55
CA MET D 111 -68.80 -19.71 -8.21
C MET D 111 -69.92 -19.73 -7.15
N THR D 112 -70.01 -20.81 -6.35
CA THR D 112 -70.93 -20.88 -5.22
C THR D 112 -70.20 -21.30 -3.94
N GLY D 113 -70.94 -21.20 -2.83
CA GLY D 113 -70.53 -21.72 -1.54
C GLY D 113 -70.85 -23.20 -1.40
N TRP D 114 -72.12 -23.56 -1.65
CA TRP D 114 -72.65 -24.88 -1.33
C TRP D 114 -72.59 -25.87 -2.48
N GLY D 115 -72.45 -25.38 -3.71
CA GLY D 115 -72.49 -26.26 -4.88
C GLY D 115 -73.77 -26.08 -5.68
N GLN D 116 -73.84 -26.82 -6.78
CA GLN D 116 -74.97 -26.69 -7.69
C GLN D 116 -76.14 -27.51 -7.18
N THR D 117 -75.88 -28.59 -6.43
CA THR D 117 -76.96 -29.42 -5.94
C THR D 117 -76.83 -29.60 -4.43
N GLY D 118 -77.89 -30.16 -3.83
CA GLY D 118 -77.83 -30.69 -2.48
C GLY D 118 -78.69 -29.88 -1.55
N PRO D 119 -78.87 -30.38 -0.32
CA PRO D 119 -79.85 -29.82 0.60
C PRO D 119 -79.62 -28.35 0.99
N ARG D 120 -78.36 -27.87 0.93
CA ARG D 120 -78.08 -26.50 1.39
C ARG D 120 -77.93 -25.60 0.19
N SER D 121 -78.17 -26.14 -1.01
CA SER D 121 -77.70 -25.49 -2.24
C SER D 121 -78.41 -24.19 -2.54
N GLN D 122 -79.56 -23.93 -1.90
CA GLN D 122 -80.25 -22.66 -2.13
C GLN D 122 -80.16 -21.71 -0.94
N GLN D 123 -79.53 -22.14 0.16
CA GLN D 123 -79.41 -21.29 1.35
C GLN D 123 -78.44 -20.15 1.05
N ALA D 124 -78.79 -18.93 1.44
CA ALA D 124 -77.81 -17.85 1.42
C ALA D 124 -76.70 -18.18 2.43
N GLY D 125 -75.55 -17.57 2.21
CA GLY D 125 -74.43 -17.76 3.11
C GLY D 125 -73.24 -16.88 2.76
N HIS D 126 -72.26 -16.95 3.68
CA HIS D 126 -70.99 -16.27 3.54
C HIS D 126 -69.85 -17.20 3.95
N ASP D 127 -68.62 -16.71 3.72
CA ASP D 127 -67.42 -17.52 3.99
C ASP D 127 -67.58 -18.34 5.27
N ILE D 128 -67.93 -17.66 6.36
CA ILE D 128 -67.97 -18.28 7.70
C ILE D 128 -68.91 -19.49 7.69
N ASN D 129 -70.01 -19.45 6.91
CA ASN D 129 -70.92 -20.58 6.82
C ASN D 129 -70.28 -21.78 6.12
N TYR D 130 -69.63 -21.53 4.99
CA TYR D 130 -69.10 -22.65 4.21
C TYR D 130 -67.95 -23.34 4.94
N ILE D 131 -67.12 -22.57 5.67
CA ILE D 131 -66.03 -23.18 6.42
C ILE D 131 -66.50 -23.76 7.75
N SER D 132 -67.71 -23.45 8.20
CA SER D 132 -68.23 -24.10 9.40
C SER D 132 -68.56 -25.56 9.14
N LEU D 133 -68.96 -25.91 7.91
CA LEU D 133 -69.58 -27.20 7.69
C LEU D 133 -68.57 -28.30 7.40
N ASN D 134 -67.33 -27.95 7.01
CA ASN D 134 -66.33 -28.92 6.57
C ASN D 134 -65.18 -29.08 7.58
N GLY D 135 -65.36 -28.60 8.81
CA GLY D 135 -64.40 -28.81 9.91
C GLY D 135 -63.37 -27.70 10.06
N ILE D 136 -63.30 -26.76 9.10
CA ILE D 136 -62.25 -25.76 9.09
C ILE D 136 -62.41 -24.75 10.24
N LEU D 137 -63.59 -24.15 10.38
CA LEU D 137 -63.78 -23.08 11.35
C LEU D 137 -63.54 -23.59 12.76
N HIS D 138 -64.00 -24.82 13.04
CA HIS D 138 -63.84 -25.41 14.34
C HIS D 138 -62.37 -25.45 14.76
N ALA D 139 -61.46 -25.54 13.78
CA ALA D 139 -60.03 -25.75 14.03
C ALA D 139 -59.26 -24.44 14.26
N ILE D 140 -59.96 -23.30 14.14
CA ILE D 140 -59.28 -22.02 14.23
C ILE D 140 -59.61 -21.27 15.52
N GLY D 141 -58.52 -20.95 16.25
CA GLY D 141 -58.53 -20.05 17.39
C GLY D 141 -57.97 -20.73 18.65
N ARG D 142 -58.02 -20.04 19.78
CA ARG D 142 -57.54 -20.60 21.03
C ARG D 142 -58.48 -21.69 21.54
N GLY D 143 -57.89 -22.66 22.26
CA GLY D 143 -58.59 -23.79 22.85
C GLY D 143 -59.61 -23.34 23.90
N ASP D 144 -59.36 -22.20 24.54
CA ASP D 144 -60.16 -21.79 25.68
C ASP D 144 -61.36 -20.94 25.25
N GLU D 145 -61.57 -20.77 23.95
CA GLU D 145 -62.57 -19.81 23.49
C GLU D 145 -63.33 -20.39 22.30
N ARG D 146 -64.32 -19.68 21.83
CA ARG D 146 -65.06 -20.18 20.68
C ARG D 146 -64.28 -19.88 19.41
N PRO D 147 -64.51 -20.63 18.32
CA PRO D 147 -63.74 -20.47 17.08
C PRO D 147 -63.77 -19.05 16.55
N VAL D 148 -62.67 -18.66 15.91
CA VAL D 148 -62.58 -17.32 15.40
C VAL D 148 -62.48 -17.37 13.89
N PRO D 149 -63.22 -16.52 13.15
CA PRO D 149 -63.14 -16.54 11.70
C PRO D 149 -61.82 -15.99 11.20
N PRO D 150 -61.14 -16.71 10.30
CA PRO D 150 -59.92 -16.23 9.69
C PRO D 150 -60.21 -15.24 8.57
N LEU D 151 -60.76 -14.09 8.97
CA LEU D 151 -61.38 -13.18 8.03
C LEU D 151 -62.23 -14.02 7.06
N ASN D 152 -62.33 -13.56 5.82
CA ASN D 152 -62.94 -14.36 4.76
C ASN D 152 -61.91 -14.87 3.75
N LEU D 153 -60.76 -15.37 4.25
CA LEU D 153 -59.64 -15.74 3.40
C LEU D 153 -59.76 -17.17 2.89
N VAL D 154 -60.38 -18.03 3.68
CA VAL D 154 -60.25 -19.46 3.46
C VAL D 154 -61.37 -19.96 2.55
N GLY D 155 -62.58 -19.47 2.78
CA GLY D 155 -63.75 -19.87 2.00
C GLY D 155 -63.88 -19.07 0.71
N ASP D 156 -63.99 -17.76 0.81
CA ASP D 156 -64.16 -16.89 -0.34
C ASP D 156 -62.96 -16.97 -1.29
N PHE D 157 -61.70 -16.96 -0.79
CA PHE D 157 -60.58 -16.71 -1.72
C PHE D 157 -59.78 -17.99 -1.86
N GLY D 158 -59.09 -18.40 -0.78
CA GLY D 158 -58.25 -19.57 -0.86
C GLY D 158 -58.98 -20.76 -1.42
N GLY D 159 -60.19 -21.04 -0.90
CA GLY D 159 -60.90 -22.24 -1.32
C GLY D 159 -62.05 -21.90 -2.26
N GLY D 160 -62.14 -20.64 -2.68
CA GLY D 160 -63.26 -20.17 -3.49
C GLY D 160 -62.76 -19.65 -4.84
N SER D 161 -62.42 -18.35 -4.91
CA SER D 161 -61.95 -17.74 -6.13
C SER D 161 -60.75 -18.50 -6.70
N MET D 162 -59.86 -19.03 -5.85
CA MET D 162 -58.62 -19.57 -6.37
C MET D 162 -58.94 -20.88 -7.06
N PHE D 163 -59.94 -21.61 -6.59
CA PHE D 163 -60.25 -22.85 -7.26
C PHE D 163 -61.02 -22.56 -8.55
N LEU D 164 -61.84 -21.51 -8.56
CA LEU D 164 -62.48 -21.06 -9.79
C LEU D 164 -61.38 -20.81 -10.83
N LEU D 165 -60.34 -20.04 -10.45
CA LEU D 165 -59.19 -19.75 -11.31
C LEU D 165 -58.50 -21.02 -11.80
N VAL D 166 -58.30 -22.01 -10.93
CA VAL D 166 -57.63 -23.21 -11.40
C VAL D 166 -58.52 -23.98 -12.39
N GLY D 167 -59.84 -24.00 -12.13
CA GLY D 167 -60.76 -24.70 -13.01
C GLY D 167 -60.86 -24.02 -14.38
N ILE D 168 -60.93 -22.68 -14.38
CA ILE D 168 -61.00 -21.91 -15.59
C ILE D 168 -59.77 -22.24 -16.42
N LEU D 169 -58.58 -22.12 -15.81
CA LEU D 169 -57.36 -22.23 -16.60
C LEU D 169 -57.10 -23.69 -16.92
N ALA D 170 -57.55 -24.64 -16.10
CA ALA D 170 -57.38 -26.02 -16.47
C ALA D 170 -58.28 -26.36 -17.67
N ALA D 171 -59.52 -25.81 -17.65
CA ALA D 171 -60.48 -26.04 -18.71
C ALA D 171 -59.93 -25.56 -20.05
N LEU D 172 -59.23 -24.40 -20.06
CA LEU D 172 -58.63 -23.75 -21.22
C LEU D 172 -57.49 -24.58 -21.80
N TRP D 173 -56.79 -25.26 -20.92
CA TRP D 173 -55.84 -26.28 -21.32
C TRP D 173 -56.56 -27.42 -22.04
N GLU D 174 -57.62 -27.94 -21.42
CA GLU D 174 -58.36 -29.03 -22.02
C GLU D 174 -58.89 -28.57 -23.38
N ARG D 175 -59.54 -27.39 -23.41
CA ARG D 175 -60.07 -26.81 -24.62
C ARG D 175 -59.08 -26.90 -25.79
N GLN D 176 -57.78 -26.87 -25.49
CA GLN D 176 -56.79 -26.72 -26.54
C GLN D 176 -56.71 -28.01 -27.36
N SER D 177 -56.98 -29.18 -26.76
CA SER D 177 -56.94 -30.43 -27.51
C SER D 177 -58.34 -30.97 -27.86
N SER D 178 -59.43 -30.33 -27.40
CA SER D 178 -60.79 -30.83 -27.64
C SER D 178 -61.62 -29.85 -28.49
N GLY D 179 -61.22 -28.59 -28.60
CA GLY D 179 -61.97 -27.57 -29.31
C GLY D 179 -63.19 -27.05 -28.54
N LYS D 180 -63.47 -27.60 -27.35
CA LYS D 180 -64.71 -27.35 -26.63
C LYS D 180 -64.49 -26.79 -25.21
N GLY D 181 -65.40 -25.88 -24.85
CA GLY D 181 -65.58 -25.41 -23.48
C GLY D 181 -66.25 -26.45 -22.57
N GLN D 182 -66.61 -26.01 -21.36
CA GLN D 182 -67.33 -26.80 -20.38
C GLN D 182 -67.62 -25.93 -19.17
N VAL D 183 -68.27 -26.58 -18.20
CA VAL D 183 -68.73 -25.94 -16.99
C VAL D 183 -67.82 -26.36 -15.83
N VAL D 184 -67.31 -25.31 -15.17
CA VAL D 184 -66.54 -25.40 -13.94
C VAL D 184 -67.49 -25.12 -12.76
N ASP D 185 -67.67 -26.12 -11.91
CA ASP D 185 -68.47 -26.01 -10.69
C ASP D 185 -67.53 -25.84 -9.48
N ALA D 186 -67.26 -24.59 -9.10
CA ALA D 186 -66.44 -24.28 -7.94
C ALA D 186 -67.30 -23.90 -6.74
N ALA D 187 -67.36 -24.84 -5.80
CA ALA D 187 -67.99 -24.65 -4.50
C ALA D 187 -66.94 -24.45 -3.40
N MET D 188 -67.10 -23.35 -2.64
CA MET D 188 -66.24 -23.02 -1.52
C MET D 188 -66.12 -24.16 -0.51
N VAL D 189 -67.20 -24.95 -0.29
CA VAL D 189 -67.15 -26.01 0.69
C VAL D 189 -66.21 -27.11 0.23
N ASP D 190 -66.09 -27.28 -1.11
CA ASP D 190 -65.20 -28.29 -1.69
C ASP D 190 -63.77 -27.76 -1.74
N GLY D 191 -63.64 -26.57 -2.34
CA GLY D 191 -62.35 -25.93 -2.56
C GLY D 191 -61.59 -25.74 -1.25
N SER D 192 -62.29 -25.28 -0.21
CA SER D 192 -61.67 -25.06 1.09
C SER D 192 -61.32 -26.40 1.71
N SER D 193 -62.04 -27.49 1.40
CA SER D 193 -61.66 -28.81 1.92
C SER D 193 -60.35 -29.30 1.30
N VAL D 194 -60.15 -29.04 0.00
CA VAL D 194 -58.91 -29.44 -0.65
C VAL D 194 -57.79 -28.54 -0.13
N LEU D 195 -58.10 -27.25 0.09
CA LEU D 195 -57.12 -26.32 0.63
C LEU D 195 -56.51 -26.82 1.95
N ILE D 196 -57.30 -27.57 2.72
CA ILE D 196 -56.94 -28.04 4.05
C ILE D 196 -56.65 -29.53 4.07
N GLN D 197 -56.24 -30.09 2.93
CA GLN D 197 -55.99 -31.52 2.83
C GLN D 197 -54.85 -31.96 3.76
N MET D 198 -53.89 -31.08 4.01
CA MET D 198 -52.81 -31.42 4.91
C MET D 198 -53.35 -31.87 6.26
N MET D 199 -54.37 -31.16 6.78
CA MET D 199 -54.97 -31.53 8.05
C MET D 199 -55.69 -32.87 7.97
N TRP D 200 -56.38 -33.14 6.85
CA TRP D 200 -57.01 -34.44 6.69
C TRP D 200 -55.98 -35.56 6.60
N ALA D 201 -54.84 -35.28 5.97
CA ALA D 201 -53.72 -36.21 5.95
C ALA D 201 -53.18 -36.45 7.36
N MET D 202 -52.91 -35.37 8.09
CA MET D 202 -52.29 -35.51 9.40
C MET D 202 -53.23 -36.26 10.33
N ARG D 203 -54.52 -35.95 10.23
CA ARG D 203 -55.54 -36.52 11.06
C ARG D 203 -55.58 -38.04 10.87
N ALA D 204 -55.43 -38.48 9.62
CA ALA D 204 -55.45 -39.89 9.28
C ALA D 204 -54.26 -40.64 9.88
N THR D 205 -53.17 -39.94 10.17
CA THR D 205 -51.97 -40.61 10.68
C THR D 205 -51.80 -40.33 12.16
N GLY D 206 -52.81 -39.77 12.85
CA GLY D 206 -52.70 -39.53 14.29
C GLY D 206 -51.89 -38.28 14.67
N MET D 207 -51.55 -37.43 13.69
CA MET D 207 -50.77 -36.21 13.88
C MET D 207 -51.64 -34.94 13.93
N TRP D 208 -52.97 -35.05 13.95
CA TRP D 208 -53.83 -33.88 14.09
C TRP D 208 -55.03 -34.28 14.90
N THR D 209 -55.44 -33.49 15.90
CA THR D 209 -56.67 -33.83 16.60
C THR D 209 -57.68 -32.71 16.47
N ASP D 210 -58.92 -33.04 16.82
CA ASP D 210 -60.06 -32.15 16.67
C ASP D 210 -60.15 -31.13 17.81
N THR D 211 -59.30 -31.25 18.83
CA THR D 211 -59.24 -30.24 19.88
C THR D 211 -58.59 -28.98 19.32
N ARG D 212 -59.29 -27.86 19.46
CA ARG D 212 -58.77 -26.58 19.02
C ARG D 212 -57.61 -26.14 19.90
N GLY D 213 -56.59 -25.56 19.27
CA GLY D 213 -55.48 -24.98 19.99
C GLY D 213 -54.53 -26.01 20.58
N ALA D 214 -54.55 -27.24 20.07
CA ALA D 214 -53.74 -28.32 20.61
C ALA D 214 -52.92 -29.03 19.52
N ASN D 215 -52.56 -28.34 18.45
CA ASN D 215 -51.89 -29.00 17.35
C ASN D 215 -50.63 -28.22 16.98
N MET D 216 -49.83 -28.77 16.06
CA MET D 216 -48.53 -28.17 15.73
C MET D 216 -48.70 -26.83 15.03
N LEU D 217 -49.83 -26.64 14.32
CA LEU D 217 -49.92 -25.47 13.45
C LEU D 217 -51.10 -24.57 13.77
N ASP D 218 -51.80 -24.80 14.88
CA ASP D 218 -53.01 -24.02 15.19
C ASP D 218 -52.74 -23.03 16.32
N GLY D 219 -51.48 -22.94 16.77
CA GLY D 219 -51.17 -22.09 17.90
C GLY D 219 -50.84 -22.88 19.17
N GLY D 220 -51.14 -24.19 19.18
CA GLY D 220 -50.86 -25.07 20.30
C GLY D 220 -49.37 -25.34 20.54
N ALA D 221 -48.50 -25.26 19.52
CA ALA D 221 -47.07 -25.51 19.74
C ALA D 221 -46.37 -24.23 20.15
N PRO D 222 -45.58 -24.19 21.24
CA PRO D 222 -44.90 -22.96 21.63
C PRO D 222 -43.93 -22.42 20.60
N TYR D 223 -43.48 -23.32 19.71
CA TYR D 223 -42.60 -22.86 18.66
C TYR D 223 -43.35 -22.50 17.37
N TYR D 224 -44.69 -22.41 17.38
CA TYR D 224 -45.45 -22.05 16.20
C TYR D 224 -46.64 -21.21 16.67
N ASP D 225 -46.35 -19.94 16.94
CA ASP D 225 -47.31 -19.05 17.59
C ASP D 225 -46.76 -17.64 17.59
N THR D 226 -47.62 -16.69 17.99
CA THR D 226 -47.20 -15.33 18.26
C THR D 226 -46.89 -15.17 19.74
N TYR D 227 -46.10 -14.13 20.02
CA TYR D 227 -45.64 -13.76 21.35
C TYR D 227 -45.74 -12.25 21.46
N GLU D 228 -46.20 -11.81 22.62
CA GLU D 228 -46.22 -10.40 22.92
C GLU D 228 -44.84 -9.95 23.42
N CYS D 229 -44.43 -8.78 22.94
CA CYS D 229 -43.15 -8.20 23.22
C CYS D 229 -43.31 -7.12 24.28
N ALA D 230 -42.20 -6.46 24.69
CA ALA D 230 -42.24 -5.54 25.82
C ALA D 230 -43.10 -4.33 25.49
N ASP D 231 -43.20 -3.99 24.21
CA ASP D 231 -43.96 -2.82 23.78
C ASP D 231 -45.43 -3.18 23.49
N GLY D 232 -45.87 -4.41 23.68
CA GLY D 232 -47.27 -4.70 23.41
C GLY D 232 -47.53 -5.09 21.95
N ARG D 233 -46.48 -5.13 21.13
CA ARG D 233 -46.58 -5.60 19.76
C ARG D 233 -46.12 -7.07 19.69
N TYR D 234 -46.12 -7.70 18.52
CA TYR D 234 -45.96 -9.14 18.49
C TYR D 234 -44.88 -9.54 17.50
N VAL D 235 -44.35 -10.74 17.75
CA VAL D 235 -43.60 -11.48 16.76
C VAL D 235 -44.30 -12.82 16.56
N ALA D 236 -43.95 -13.42 15.44
CA ALA D 236 -44.37 -14.74 15.05
C ALA D 236 -43.17 -15.65 15.09
N VAL D 237 -43.36 -16.82 15.68
CA VAL D 237 -42.35 -17.83 15.76
C VAL D 237 -42.86 -19.00 14.94
N GLY D 238 -42.01 -19.51 14.05
CA GLY D 238 -42.37 -20.65 13.23
C GLY D 238 -41.23 -21.65 13.11
N ALA D 239 -40.54 -21.90 14.23
CA ALA D 239 -39.33 -22.71 14.24
C ALA D 239 -39.68 -24.18 14.44
N ILE D 240 -40.17 -24.78 13.37
CA ILE D 240 -40.58 -26.17 13.40
C ILE D 240 -39.34 -27.06 13.41
N GLU D 241 -38.43 -26.85 12.47
CA GLU D 241 -37.24 -27.70 12.33
C GLU D 241 -36.31 -27.46 13.51
N PRO D 242 -35.76 -28.54 14.09
CA PRO D 242 -34.95 -28.44 15.29
C PRO D 242 -33.75 -27.48 15.19
N GLN D 243 -33.14 -27.40 14.01
CA GLN D 243 -31.99 -26.53 13.81
C GLN D 243 -32.43 -25.06 13.88
N PHE D 244 -33.63 -24.76 13.35
CA PHE D 244 -34.13 -23.38 13.38
C PHE D 244 -34.55 -23.02 14.81
N TYR D 245 -35.18 -23.97 15.49
CA TYR D 245 -35.53 -23.82 16.89
C TYR D 245 -34.29 -23.51 17.72
N ALA D 246 -33.17 -24.20 17.46
CA ALA D 246 -31.95 -23.98 18.25
C ALA D 246 -31.41 -22.57 18.01
N ALA D 247 -31.46 -22.09 16.76
CA ALA D 247 -31.05 -20.73 16.43
C ALA D 247 -31.89 -19.73 17.21
N MET D 248 -33.18 -20.03 17.33
CA MET D 248 -34.09 -19.13 18.00
C MET D 248 -33.71 -19.03 19.48
N LEU D 249 -33.48 -20.19 20.12
CA LEU D 249 -33.20 -20.20 21.56
C LEU D 249 -31.94 -19.40 21.86
N ALA D 250 -30.95 -19.54 20.98
CA ALA D 250 -29.67 -18.86 21.15
C ALA D 250 -29.85 -17.36 21.12
N GLY D 251 -30.70 -16.91 20.19
CA GLY D 251 -31.04 -15.51 20.02
C GLY D 251 -31.85 -14.97 21.19
N LEU D 252 -32.61 -15.85 21.86
CA LEU D 252 -33.41 -15.41 23.01
C LEU D 252 -32.55 -15.35 24.27
N GLY D 253 -31.39 -16.01 24.24
CA GLY D 253 -30.52 -16.03 25.40
C GLY D 253 -30.86 -17.21 26.31
N LEU D 254 -31.57 -18.21 25.80
CA LEU D 254 -32.01 -19.34 26.61
C LEU D 254 -31.15 -20.55 26.30
N ASP D 255 -30.67 -21.23 27.31
CA ASP D 255 -29.86 -22.41 27.07
C ASP D 255 -30.80 -23.59 26.95
N ALA D 256 -30.61 -24.39 25.90
CA ALA D 256 -31.37 -25.61 25.71
C ALA D 256 -31.37 -26.44 26.99
N ALA D 257 -30.28 -26.41 27.78
CA ALA D 257 -30.19 -27.26 28.96
C ALA D 257 -31.25 -26.93 30.01
N GLU D 258 -31.76 -25.71 30.05
CA GLU D 258 -32.67 -25.30 31.11
C GLU D 258 -34.12 -25.41 30.63
N LEU D 259 -34.35 -25.96 29.43
CA LEU D 259 -35.67 -25.95 28.79
C LEU D 259 -36.18 -27.38 28.63
N PRO D 260 -37.50 -27.66 28.68
CA PRO D 260 -38.00 -28.97 28.32
C PRO D 260 -37.73 -29.22 26.84
N PRO D 261 -37.80 -30.46 26.35
CA PRO D 261 -37.64 -30.70 24.92
C PRO D 261 -38.69 -29.97 24.08
N GLN D 262 -38.25 -29.50 22.91
CA GLN D 262 -39.10 -28.77 21.98
C GLN D 262 -40.43 -29.48 21.74
N ASN D 263 -40.38 -30.82 21.64
CA ASN D 263 -41.56 -31.58 21.28
C ASN D 263 -42.02 -32.50 22.41
N ASP D 264 -41.74 -32.16 23.66
CA ASP D 264 -42.41 -32.83 24.78
C ASP D 264 -43.71 -32.09 25.11
N ARG D 265 -44.81 -32.52 24.48
CA ARG D 265 -46.09 -31.84 24.56
C ARG D 265 -46.57 -31.71 25.99
N ALA D 266 -46.19 -32.64 26.84
CA ALA D 266 -46.63 -32.64 28.22
C ALA D 266 -46.02 -31.46 28.94
N ARG D 267 -44.87 -30.97 28.46
CA ARG D 267 -44.20 -29.88 29.15
C ARG D 267 -44.31 -28.58 28.37
N TRP D 268 -45.19 -28.52 27.39
CA TRP D 268 -45.33 -27.30 26.59
C TRP D 268 -45.77 -26.12 27.46
N PRO D 269 -46.60 -26.32 28.51
CA PRO D 269 -46.93 -25.19 29.37
C PRO D 269 -45.69 -24.52 29.96
N GLU D 270 -44.73 -25.31 30.41
CA GLU D 270 -43.53 -24.72 30.96
C GLU D 270 -42.74 -24.07 29.83
N LEU D 271 -42.65 -24.76 28.69
CA LEU D 271 -41.85 -24.23 27.59
C LEU D 271 -42.44 -22.89 27.18
N ARG D 272 -43.79 -22.81 27.04
CA ARG D 272 -44.40 -21.56 26.62
C ARG D 272 -44.13 -20.43 27.63
N ALA D 273 -44.19 -20.76 28.92
CA ALA D 273 -43.92 -19.74 29.93
C ALA D 273 -42.49 -19.23 29.80
N LEU D 274 -41.53 -20.11 29.54
CA LEU D 274 -40.15 -19.66 29.38
C LEU D 274 -40.00 -18.78 28.15
N LEU D 275 -40.59 -19.20 27.00
CA LEU D 275 -40.49 -18.40 25.79
C LEU D 275 -41.21 -17.07 25.96
N THR D 276 -42.34 -17.10 26.69
CA THR D 276 -43.18 -15.92 26.86
C THR D 276 -42.40 -14.84 27.59
N GLU D 277 -41.68 -15.25 28.64
CA GLU D 277 -40.91 -14.32 29.45
C GLU D 277 -39.76 -13.75 28.63
N ALA D 278 -39.09 -14.60 27.84
CA ALA D 278 -37.98 -14.10 27.04
C ALA D 278 -38.48 -13.06 26.04
N PHE D 279 -39.55 -13.34 25.26
CA PHE D 279 -39.94 -12.41 24.20
C PHE D 279 -40.44 -11.10 24.81
N ALA D 280 -41.03 -11.21 26.00
CA ALA D 280 -41.61 -10.06 26.70
C ALA D 280 -40.54 -9.07 27.21
N SER D 281 -39.26 -9.42 27.16
CA SER D 281 -38.25 -8.56 27.79
C SER D 281 -37.65 -7.55 26.81
N HIS D 282 -38.02 -7.62 25.54
CA HIS D 282 -37.58 -6.64 24.57
C HIS D 282 -38.77 -6.38 23.64
N ASP D 283 -38.69 -5.27 22.94
CA ASP D 283 -39.76 -4.84 22.08
C ASP D 283 -39.65 -5.56 20.73
N ARG D 284 -40.69 -5.45 19.91
CA ARG D 284 -40.77 -6.17 18.66
C ARG D 284 -39.61 -5.81 17.74
N ASP D 285 -39.29 -4.52 17.60
CA ASP D 285 -38.29 -4.10 16.62
C ASP D 285 -36.91 -4.62 17.03
N HIS D 286 -36.70 -4.83 18.33
CA HIS D 286 -35.47 -5.45 18.79
C HIS D 286 -35.33 -6.85 18.18
N TRP D 287 -36.39 -7.65 18.32
CA TRP D 287 -36.32 -9.03 17.89
C TRP D 287 -36.19 -9.07 16.38
N GLY D 288 -36.84 -8.14 15.70
CA GLY D 288 -36.80 -8.13 14.25
C GLY D 288 -35.37 -7.89 13.75
N ALA D 289 -34.63 -7.04 14.48
CA ALA D 289 -33.24 -6.76 14.18
C ALA D 289 -32.40 -8.01 14.44
N VAL D 290 -32.44 -8.48 15.69
CA VAL D 290 -31.66 -9.61 16.18
C VAL D 290 -31.81 -10.80 15.23
N PHE D 291 -33.02 -11.06 14.73
CA PHE D 291 -33.19 -12.26 13.93
C PHE D 291 -33.10 -12.00 12.42
N ALA D 292 -33.00 -10.73 12.01
CA ALA D 292 -32.71 -10.44 10.61
C ALA D 292 -31.59 -11.36 10.10
N ASN D 293 -31.84 -11.98 8.95
CA ASN D 293 -30.87 -12.82 8.25
C ASN D 293 -30.66 -14.14 8.96
N SER D 294 -31.49 -14.47 9.96
CA SER D 294 -31.35 -15.75 10.66
C SER D 294 -32.36 -16.75 10.14
N ASP D 295 -32.13 -18.02 10.42
CA ASP D 295 -33.01 -19.11 10.16
C ASP D 295 -33.88 -19.43 11.40
N ALA D 296 -33.94 -18.52 12.36
CA ALA D 296 -34.69 -18.74 13.59
C ALA D 296 -36.22 -18.73 13.38
N CYS D 297 -36.69 -18.24 12.23
CA CYS D 297 -38.12 -18.22 11.91
C CYS D 297 -38.88 -17.35 12.92
N VAL D 298 -38.36 -16.13 13.12
CA VAL D 298 -38.92 -15.14 14.02
C VAL D 298 -39.06 -13.87 13.21
N THR D 299 -40.28 -13.32 13.13
CA THR D 299 -40.59 -12.16 12.31
C THR D 299 -41.52 -11.23 13.06
N PRO D 300 -41.41 -9.93 12.80
CA PRO D 300 -42.35 -9.00 13.38
C PRO D 300 -43.74 -9.16 12.75
N VAL D 301 -44.77 -9.07 13.59
CA VAL D 301 -46.14 -9.06 13.13
C VAL D 301 -46.55 -7.62 12.90
N LEU D 302 -46.55 -7.26 11.62
CA LEU D 302 -46.82 -5.90 11.20
C LEU D 302 -48.33 -5.72 10.96
N ALA D 303 -48.84 -4.57 11.39
CA ALA D 303 -50.16 -4.12 11.04
C ALA D 303 -50.16 -3.61 9.59
N PHE D 304 -51.34 -3.60 8.95
CA PHE D 304 -51.46 -3.16 7.56
C PHE D 304 -50.68 -1.86 7.32
N GLY D 305 -50.94 -0.89 8.20
CA GLY D 305 -50.38 0.45 8.10
C GLY D 305 -48.86 0.50 8.11
N GLU D 306 -48.17 -0.57 8.52
CA GLU D 306 -46.72 -0.54 8.66
C GLU D 306 -46.08 -1.31 7.53
N VAL D 307 -46.86 -2.04 6.77
CA VAL D 307 -46.31 -2.95 5.78
C VAL D 307 -45.45 -2.18 4.77
N HIS D 308 -45.85 -0.93 4.47
CA HIS D 308 -45.24 -0.16 3.38
C HIS D 308 -43.81 0.26 3.76
N ASN D 309 -43.41 0.10 5.03
CA ASN D 309 -42.09 0.50 5.47
C ASN D 309 -41.16 -0.70 5.64
N GLU D 310 -41.66 -1.89 5.40
CA GLU D 310 -40.82 -3.07 5.53
C GLU D 310 -39.91 -3.19 4.30
N PRO D 311 -38.57 -3.21 4.47
CA PRO D 311 -37.64 -3.33 3.35
C PRO D 311 -37.94 -4.41 2.32
N HIS D 312 -38.19 -5.64 2.77
CA HIS D 312 -38.38 -6.72 1.83
C HIS D 312 -39.66 -6.50 1.01
N ILE D 313 -40.62 -5.78 1.57
CA ILE D 313 -41.86 -5.42 0.90
C ILE D 313 -41.59 -4.33 -0.15
N ILE D 314 -40.93 -3.25 0.29
CA ILE D 314 -40.53 -2.15 -0.58
C ILE D 314 -39.70 -2.68 -1.76
N GLU D 315 -38.66 -3.47 -1.50
CA GLU D 315 -37.71 -3.82 -2.52
C GLU D 315 -38.30 -4.73 -3.59
N ARG D 316 -39.24 -5.62 -3.23
CA ARG D 316 -39.78 -6.56 -4.20
C ARG D 316 -41.00 -6.02 -4.95
N ASN D 317 -41.44 -4.80 -4.60
CA ASN D 317 -42.61 -4.21 -5.22
C ASN D 317 -43.83 -5.10 -5.05
N THR D 318 -44.08 -5.54 -3.81
CA THR D 318 -45.22 -6.38 -3.55
C THR D 318 -46.50 -5.55 -3.65
N PHE D 319 -46.42 -4.25 -3.32
CA PHE D 319 -47.51 -3.30 -3.29
C PHE D 319 -47.20 -2.14 -4.23
N TYR D 320 -48.25 -1.43 -4.68
CA TYR D 320 -48.15 -0.18 -5.44
C TYR D 320 -49.16 0.77 -4.82
N GLU D 321 -48.93 2.07 -4.93
CA GLU D 321 -49.79 3.08 -4.33
C GLU D 321 -50.82 3.50 -5.36
N ALA D 322 -52.09 3.59 -4.96
CA ALA D 322 -53.18 3.93 -5.88
C ALA D 322 -54.17 4.85 -5.17
N ASN D 323 -55.36 4.97 -5.78
CA ASN D 323 -56.63 5.05 -5.08
C ASN D 323 -56.46 5.78 -3.75
N GLY D 324 -56.99 5.20 -2.67
CA GLY D 324 -56.87 5.73 -1.33
C GLY D 324 -55.50 5.44 -0.75
N GLY D 325 -55.04 4.18 -0.87
CA GLY D 325 -53.72 3.78 -0.41
C GLY D 325 -53.17 2.59 -1.20
N TRP D 326 -52.40 1.76 -0.49
CA TRP D 326 -51.65 0.67 -1.10
C TRP D 326 -52.56 -0.50 -1.42
N GLN D 327 -52.17 -1.23 -2.47
CA GLN D 327 -52.88 -2.35 -3.01
C GLN D 327 -51.80 -3.30 -3.47
N PRO D 328 -52.01 -4.62 -3.37
CA PRO D 328 -51.02 -5.57 -3.84
C PRO D 328 -50.90 -5.66 -5.36
N MET D 329 -49.68 -5.91 -5.82
CA MET D 329 -49.35 -6.06 -7.20
C MET D 329 -49.77 -7.47 -7.60
N PRO D 330 -49.99 -7.72 -8.91
CA PRO D 330 -50.31 -9.04 -9.39
C PRO D 330 -49.41 -10.12 -8.84
N ALA D 331 -49.97 -11.31 -8.64
CA ALA D 331 -49.20 -12.48 -8.24
C ALA D 331 -49.77 -13.66 -9.02
N PRO D 332 -48.98 -14.70 -9.34
CA PRO D 332 -47.55 -14.74 -9.08
C PRO D 332 -46.83 -13.89 -10.14
N ARG D 333 -45.54 -14.12 -10.34
CA ARG D 333 -44.73 -13.29 -11.23
C ARG D 333 -44.22 -14.16 -12.37
N PHE D 334 -44.07 -13.53 -13.57
CA PHE D 334 -43.66 -14.27 -14.78
C PHE D 334 -42.35 -13.69 -15.35
N SER D 335 -41.39 -14.57 -15.72
CA SER D 335 -40.09 -14.11 -16.24
C SER D 335 -40.20 -13.31 -17.55
N ARG D 336 -40.87 -13.84 -18.59
CA ARG D 336 -40.96 -13.20 -19.91
C ARG D 336 -42.19 -12.29 -20.07
N THR D 337 -43.40 -12.82 -19.86
CA THR D 337 -44.63 -12.04 -20.04
C THR D 337 -45.11 -11.49 -18.70
N ALA D 338 -44.59 -10.33 -18.33
CA ALA D 338 -44.71 -9.82 -16.97
C ALA D 338 -45.97 -8.97 -16.86
N SER D 339 -46.75 -9.18 -15.79
CA SER D 339 -47.93 -8.37 -15.54
C SER D 339 -47.51 -6.93 -15.38
N SER D 340 -48.48 -6.02 -15.53
CA SER D 340 -48.20 -4.62 -15.34
C SER D 340 -49.07 -4.09 -14.22
N GLN D 341 -48.75 -2.88 -13.77
CA GLN D 341 -49.50 -2.26 -12.70
C GLN D 341 -50.98 -2.29 -13.07
N PRO D 342 -51.90 -2.61 -12.15
CA PRO D 342 -53.33 -2.57 -12.42
C PRO D 342 -53.86 -1.19 -12.80
N ARG D 343 -54.73 -1.18 -13.81
CA ARG D 343 -55.49 0.00 -14.21
C ARG D 343 -56.59 0.21 -13.16
N PRO D 344 -56.80 1.45 -12.70
CA PRO D 344 -57.85 1.69 -11.72
C PRO D 344 -59.25 1.42 -12.28
N PRO D 345 -60.29 1.37 -11.42
CA PRO D 345 -61.66 1.19 -11.92
C PRO D 345 -62.04 2.19 -13.01
N ALA D 346 -62.47 1.67 -14.18
CA ALA D 346 -62.89 2.48 -15.33
C ALA D 346 -64.26 3.11 -15.08
N ALA D 347 -64.60 4.14 -15.85
CA ALA D 347 -65.99 4.57 -15.97
C ALA D 347 -66.76 3.54 -16.81
N THR D 348 -68.10 3.61 -16.72
CA THR D 348 -68.96 2.75 -17.52
C THR D 348 -68.68 3.03 -19.00
N ILE D 349 -68.70 1.98 -19.80
CA ILE D 349 -68.70 2.16 -21.22
C ILE D 349 -69.97 1.49 -21.78
N ASP D 350 -70.32 1.80 -23.03
CA ASP D 350 -71.50 1.22 -23.65
C ASP D 350 -71.18 -0.19 -24.10
N ILE D 351 -72.13 -1.09 -23.86
CA ILE D 351 -71.96 -2.49 -24.20
C ILE D 351 -71.83 -2.65 -25.71
N GLU D 352 -72.24 -1.61 -26.47
CA GLU D 352 -72.05 -1.55 -27.93
C GLU D 352 -70.57 -1.37 -28.27
N ALA D 353 -69.94 -0.36 -27.64
CA ALA D 353 -68.52 -0.05 -27.80
C ALA D 353 -67.66 -1.29 -27.59
N VAL D 354 -68.04 -2.16 -26.67
CA VAL D 354 -67.23 -3.33 -26.40
C VAL D 354 -67.45 -4.36 -27.51
N LEU D 355 -68.70 -4.50 -28.00
CA LEU D 355 -69.00 -5.46 -29.05
C LEU D 355 -68.27 -5.06 -30.33
N THR D 356 -68.13 -3.73 -30.54
CA THR D 356 -67.41 -3.14 -31.65
C THR D 356 -65.94 -3.57 -31.59
N ASP D 357 -65.35 -3.33 -30.42
CA ASP D 357 -63.95 -3.62 -30.11
C ASP D 357 -63.67 -5.12 -30.35
N TRP D 358 -64.50 -6.00 -29.79
CA TRP D 358 -64.28 -7.44 -29.94
C TRP D 358 -64.69 -7.89 -31.34
N ASP D 359 -64.95 -6.91 -32.22
CA ASP D 359 -65.19 -7.11 -33.64
C ASP D 359 -66.58 -7.72 -33.84
N MET E 1 -12.62 46.93 -26.35
CA MET E 1 -12.16 45.65 -25.71
C MET E 1 -10.96 45.94 -24.81
N ALA E 2 -11.04 45.54 -23.53
CA ALA E 2 -9.97 45.84 -22.58
C ALA E 2 -8.83 44.82 -22.69
N GLY E 3 -7.60 45.30 -22.50
CA GLY E 3 -6.48 44.44 -22.20
C GLY E 3 -5.30 44.76 -23.09
N PRO E 4 -4.11 44.16 -22.87
CA PRO E 4 -2.94 44.47 -23.69
C PRO E 4 -2.99 43.97 -25.13
N LEU E 5 -3.94 43.06 -25.43
CA LEU E 5 -4.02 42.43 -26.74
C LEU E 5 -5.17 43.02 -27.54
N SER E 6 -5.80 44.10 -27.03
CA SER E 6 -6.85 44.78 -27.75
C SER E 6 -6.36 45.03 -29.18
N GLY E 7 -7.21 44.70 -30.15
CA GLY E 7 -6.87 44.91 -31.55
C GLY E 7 -6.29 43.67 -32.22
N LEU E 8 -5.63 42.77 -31.47
CA LEU E 8 -5.16 41.51 -32.04
C LEU E 8 -6.34 40.66 -32.52
N ARG E 9 -6.20 40.07 -33.73
CA ARG E 9 -7.32 39.35 -34.35
C ARG E 9 -7.01 37.86 -34.51
N VAL E 10 -7.96 37.06 -34.05
CA VAL E 10 -7.68 35.65 -33.84
C VAL E 10 -8.82 34.86 -34.43
N VAL E 11 -8.44 33.88 -35.27
CA VAL E 11 -9.32 32.84 -35.76
C VAL E 11 -8.93 31.49 -35.15
N GLU E 12 -9.92 30.86 -34.52
CA GLU E 12 -9.84 29.58 -33.84
C GLU E 12 -10.73 28.55 -34.54
N LEU E 13 -10.11 27.46 -34.99
CA LEU E 13 -10.87 26.33 -35.51
C LEU E 13 -11.23 25.41 -34.36
N ALA E 14 -12.52 25.37 -34.04
CA ALA E 14 -13.00 24.68 -32.86
C ALA E 14 -12.37 23.30 -32.70
N GLY E 15 -11.75 23.09 -31.53
CA GLY E 15 -11.20 21.81 -31.09
C GLY E 15 -11.54 21.60 -29.62
N ILE E 16 -10.79 20.70 -28.96
CA ILE E 16 -10.97 20.39 -27.53
C ILE E 16 -9.66 20.60 -26.79
N GLY E 17 -9.76 21.01 -25.51
CA GLY E 17 -8.58 21.08 -24.66
C GLY E 17 -7.70 22.30 -24.91
N PRO E 18 -6.43 22.13 -25.35
CA PRO E 18 -5.49 23.24 -25.37
C PRO E 18 -5.83 24.33 -26.36
N GLY E 19 -6.32 23.96 -27.56
CA GLY E 19 -6.62 24.96 -28.57
C GLY E 19 -7.55 26.02 -27.99
N PRO E 20 -8.72 25.60 -27.51
CA PRO E 20 -9.66 26.56 -26.95
C PRO E 20 -9.21 27.23 -25.64
N HIS E 21 -8.17 26.71 -24.99
CA HIS E 21 -7.75 27.34 -23.74
C HIS E 21 -6.82 28.50 -24.11
N ALA E 22 -5.93 28.25 -25.05
CA ALA E 22 -5.11 29.32 -25.60
C ALA E 22 -6.01 30.43 -26.14
N ALA E 23 -7.04 30.06 -26.88
CA ALA E 23 -7.89 31.09 -27.46
C ALA E 23 -8.57 31.88 -26.35
N MET E 24 -8.95 31.18 -25.26
CA MET E 24 -9.60 31.83 -24.14
C MET E 24 -8.70 32.91 -23.56
N ILE E 25 -7.46 32.55 -23.30
CA ILE E 25 -6.54 33.48 -22.68
C ILE E 25 -6.31 34.68 -23.60
N LEU E 26 -6.19 34.45 -24.93
CA LEU E 26 -5.97 35.55 -25.87
C LEU E 26 -7.18 36.47 -25.76
N GLY E 27 -8.35 35.89 -25.76
CA GLY E 27 -9.58 36.66 -25.59
C GLY E 27 -9.61 37.39 -24.26
N ASP E 28 -9.16 36.71 -23.20
CA ASP E 28 -9.22 37.24 -21.86
C ASP E 28 -8.45 38.55 -21.82
N LEU E 29 -7.29 38.61 -22.49
CA LEU E 29 -6.42 39.76 -22.49
C LEU E 29 -6.80 40.77 -23.60
N GLY E 30 -8.04 40.69 -24.12
CA GLY E 30 -8.55 41.72 -25.02
C GLY E 30 -8.57 41.34 -26.50
N ALA E 31 -7.82 40.29 -26.90
CA ALA E 31 -7.79 39.84 -28.29
C ALA E 31 -9.20 39.65 -28.84
N ASP E 32 -9.34 39.87 -30.17
CA ASP E 32 -10.60 39.71 -30.88
C ASP E 32 -10.64 38.31 -31.50
N VAL E 33 -11.46 37.44 -30.90
CA VAL E 33 -11.36 36.01 -31.11
C VAL E 33 -12.65 35.50 -31.74
N VAL E 34 -12.48 34.88 -32.91
CA VAL E 34 -13.62 34.38 -33.64
C VAL E 34 -13.41 32.90 -33.84
N ARG E 35 -14.38 32.12 -33.35
CA ARG E 35 -14.24 30.68 -33.27
C ARG E 35 -15.16 30.00 -34.27
N ILE E 36 -14.58 29.15 -35.13
CA ILE E 36 -15.35 28.59 -36.23
C ILE E 36 -15.68 27.14 -35.89
N ASP E 37 -16.98 26.88 -35.74
CA ASP E 37 -17.47 25.58 -35.30
C ASP E 37 -18.32 24.95 -36.42
N ARG E 38 -18.49 23.63 -36.33
CA ARG E 38 -19.42 22.89 -37.18
C ARG E 38 -20.83 23.39 -36.93
N PRO E 39 -21.68 23.51 -37.98
CA PRO E 39 -23.10 23.80 -37.77
C PRO E 39 -23.80 22.75 -36.92
N SER E 40 -23.42 21.47 -37.10
CA SER E 40 -24.00 20.35 -36.37
C SER E 40 -23.79 20.48 -34.87
N SER E 41 -22.61 20.96 -34.46
CA SER E 41 -22.22 21.00 -33.05
C SER E 41 -22.94 22.12 -32.30
N VAL E 42 -22.65 23.39 -32.63
CA VAL E 42 -23.20 24.50 -31.87
C VAL E 42 -24.73 24.51 -32.05
N ASP E 43 -25.46 24.72 -30.94
CA ASP E 43 -26.90 24.58 -30.92
C ASP E 43 -27.46 25.16 -29.62
N GLY E 44 -27.78 26.46 -29.64
CA GLY E 44 -28.04 27.22 -28.44
C GLY E 44 -26.79 27.94 -27.96
N ILE E 45 -26.90 28.66 -26.85
CA ILE E 45 -25.75 29.31 -26.22
C ILE E 45 -24.96 28.23 -25.46
N SER E 46 -23.61 28.29 -25.60
CA SER E 46 -22.71 27.31 -25.01
C SER E 46 -22.70 27.41 -23.49
N ARG E 47 -22.66 26.25 -22.83
CA ARG E 47 -22.64 26.19 -21.37
C ARG E 47 -21.21 25.99 -20.87
N ASP E 48 -20.23 26.00 -21.79
CA ASP E 48 -18.82 25.84 -21.44
C ASP E 48 -18.14 27.19 -21.24
N ALA E 49 -17.78 27.49 -19.98
CA ALA E 49 -17.18 28.76 -19.62
C ALA E 49 -15.83 28.94 -20.33
N MET E 50 -15.25 27.88 -20.90
CA MET E 50 -14.00 28.03 -21.62
C MET E 50 -14.20 28.79 -22.92
N LEU E 51 -15.45 28.93 -23.38
CA LEU E 51 -15.75 29.64 -24.62
C LEU E 51 -16.22 31.08 -24.36
N ARG E 52 -15.76 31.65 -23.25
CA ARG E 52 -15.96 33.05 -22.94
C ARG E 52 -15.01 33.88 -23.79
N ASN E 53 -15.28 35.19 -23.89
CA ASN E 53 -14.50 36.11 -24.71
C ASN E 53 -14.35 35.61 -26.15
N ARG E 54 -15.49 35.23 -26.76
CA ARG E 54 -15.56 34.71 -28.12
C ARG E 54 -16.76 35.29 -28.90
N ARG E 55 -16.57 35.40 -30.22
CA ARG E 55 -17.70 35.33 -31.14
C ARG E 55 -17.67 33.94 -31.79
N ILE E 56 -18.77 33.19 -31.63
CA ILE E 56 -18.93 31.87 -32.23
C ILE E 56 -19.57 32.01 -33.61
N VAL E 57 -18.97 31.41 -34.65
CA VAL E 57 -19.58 31.35 -35.97
C VAL E 57 -19.62 29.90 -36.43
N THR E 58 -20.68 29.58 -37.19
CA THR E 58 -20.91 28.28 -37.80
C THR E 58 -20.41 28.27 -39.26
N ALA E 59 -19.77 27.18 -39.67
CA ALA E 59 -19.46 26.94 -41.09
C ALA E 59 -18.99 25.50 -41.31
N ASP E 60 -19.61 24.81 -42.29
CA ASP E 60 -19.11 23.55 -42.79
C ASP E 60 -17.87 23.80 -43.63
N LEU E 61 -16.70 23.50 -43.07
CA LEU E 61 -15.42 23.79 -43.72
C LEU E 61 -15.13 22.81 -44.85
N LYS E 62 -15.91 21.71 -44.92
CA LYS E 62 -15.74 20.74 -46.00
C LYS E 62 -16.45 21.25 -47.27
N SER E 63 -17.47 22.10 -47.12
CA SER E 63 -18.18 22.67 -48.26
C SER E 63 -17.38 23.82 -48.86
N ASP E 64 -17.73 24.17 -50.11
CA ASP E 64 -17.03 25.20 -50.86
C ASP E 64 -17.31 26.58 -50.27
N GLN E 65 -18.52 26.81 -49.79
CA GLN E 65 -18.87 28.12 -49.29
C GLN E 65 -18.22 28.38 -47.93
N GLY E 66 -18.18 27.34 -47.09
CA GLY E 66 -17.49 27.38 -45.81
C GLY E 66 -16.04 27.78 -45.98
N LEU E 67 -15.31 27.06 -46.84
CA LEU E 67 -13.88 27.29 -47.02
C LEU E 67 -13.61 28.72 -47.47
N GLU E 68 -14.51 29.25 -48.31
CA GLU E 68 -14.34 30.57 -48.87
C GLU E 68 -14.47 31.58 -47.73
N LEU E 69 -15.56 31.48 -46.95
CA LEU E 69 -15.83 32.38 -45.84
C LEU E 69 -14.68 32.36 -44.81
N ALA E 70 -14.29 31.14 -44.39
CA ALA E 70 -13.16 30.91 -43.51
C ALA E 70 -11.87 31.57 -44.03
N LEU E 71 -11.57 31.44 -45.34
CA LEU E 71 -10.36 32.02 -45.88
C LEU E 71 -10.42 33.56 -45.87
N LYS E 72 -11.62 34.13 -45.91
CA LYS E 72 -11.79 35.58 -45.88
C LYS E 72 -11.59 36.08 -44.45
N LEU E 73 -12.17 35.41 -43.45
CA LEU E 73 -11.85 35.64 -42.05
C LEU E 73 -10.33 35.61 -41.84
N ILE E 74 -9.69 34.51 -42.25
CA ILE E 74 -8.26 34.34 -42.02
C ILE E 74 -7.42 35.46 -42.66
N ALA E 75 -7.91 36.05 -43.76
CA ALA E 75 -7.18 37.08 -44.48
C ALA E 75 -7.13 38.40 -43.68
N LYS E 76 -8.17 38.67 -42.88
CA LYS E 76 -8.26 39.87 -42.06
C LYS E 76 -7.72 39.64 -40.62
N ALA E 77 -7.06 38.50 -40.35
CA ALA E 77 -6.72 38.10 -38.99
C ALA E 77 -5.21 38.07 -38.80
N ASP E 78 -4.76 38.17 -37.53
CA ASP E 78 -3.35 38.08 -37.19
C ASP E 78 -2.94 36.64 -36.90
N VAL E 79 -3.89 35.88 -36.33
CA VAL E 79 -3.52 34.60 -35.77
C VAL E 79 -4.56 33.55 -36.15
N LEU E 80 -4.04 32.37 -36.53
CA LEU E 80 -4.94 31.23 -36.62
C LEU E 80 -4.48 30.12 -35.69
N ILE E 81 -5.48 29.55 -35.00
CA ILE E 81 -5.28 28.43 -34.07
C ILE E 81 -6.08 27.24 -34.58
N GLU E 82 -5.37 26.11 -34.72
CA GLU E 82 -6.01 24.85 -35.02
C GLU E 82 -5.36 23.78 -34.16
N GLY E 83 -6.16 22.81 -33.68
CA GLY E 83 -5.66 21.68 -32.93
C GLY E 83 -6.22 20.35 -33.40
N TYR E 84 -6.28 20.17 -34.73
CA TYR E 84 -6.61 18.90 -35.36
C TYR E 84 -5.33 18.13 -35.60
N ARG E 85 -5.46 16.90 -36.10
CA ARG E 85 -4.27 16.13 -36.39
C ARG E 85 -3.61 16.82 -37.56
N PRO E 86 -2.29 16.62 -37.74
CA PRO E 86 -1.61 17.13 -38.91
C PRO E 86 -2.27 16.63 -40.19
N GLY E 87 -2.25 17.46 -41.24
CA GLY E 87 -2.87 17.10 -42.50
C GLY E 87 -4.33 17.54 -42.56
N VAL E 88 -5.00 17.71 -41.41
CA VAL E 88 -6.43 17.95 -41.44
C VAL E 88 -6.71 19.33 -42.03
N THR E 89 -5.93 20.34 -41.65
CA THR E 89 -6.19 21.67 -42.22
C THR E 89 -5.75 21.63 -43.68
N GLU E 90 -4.62 20.95 -44.00
CA GLU E 90 -4.16 20.87 -45.37
C GLU E 90 -5.35 20.44 -46.26
N ARG E 91 -6.00 19.32 -45.87
CA ARG E 91 -7.08 18.72 -46.66
C ARG E 91 -8.27 19.65 -46.79
N LEU E 92 -8.62 20.40 -45.76
CA LEU E 92 -9.75 21.30 -45.90
C LEU E 92 -9.41 22.42 -46.90
N GLY E 93 -8.09 22.60 -47.21
CA GLY E 93 -7.58 23.76 -47.91
C GLY E 93 -7.45 24.98 -46.98
N LEU E 94 -7.05 24.71 -45.73
CA LEU E 94 -6.83 25.72 -44.70
C LEU E 94 -5.44 25.54 -44.11
N GLY E 95 -4.57 24.84 -44.82
CA GLY E 95 -3.20 24.61 -44.43
C GLY E 95 -2.38 25.91 -44.36
N PRO E 96 -1.14 25.87 -43.83
CA PRO E 96 -0.33 27.06 -43.75
C PRO E 96 -0.18 27.73 -45.13
N GLU E 97 0.16 26.94 -46.16
CA GLU E 97 0.47 27.47 -47.49
C GLU E 97 -0.73 28.15 -48.16
N GLU E 98 -1.89 27.51 -48.12
CA GLU E 98 -3.13 28.12 -48.59
C GLU E 98 -3.44 29.41 -47.84
N CYS E 99 -3.18 29.43 -46.54
CA CYS E 99 -3.45 30.60 -45.73
C CYS E 99 -2.43 31.69 -46.11
N ALA E 100 -1.19 31.29 -46.36
CA ALA E 100 -0.12 32.22 -46.70
C ALA E 100 -0.45 32.97 -47.98
N LYS E 101 -1.29 32.36 -48.83
CA LYS E 101 -1.64 32.96 -50.10
C LYS E 101 -2.51 34.19 -49.85
N VAL E 102 -3.44 34.10 -48.90
CA VAL E 102 -4.37 35.20 -48.64
C VAL E 102 -3.90 36.09 -47.49
N ASN E 103 -2.74 35.78 -46.86
CA ASN E 103 -2.24 36.54 -45.71
C ASN E 103 -0.83 36.11 -45.32
N ASP E 104 0.21 36.78 -45.85
CA ASP E 104 1.59 36.42 -45.58
C ASP E 104 2.05 36.85 -44.18
N ARG E 105 1.16 37.51 -43.43
CA ARG E 105 1.52 38.02 -42.12
C ARG E 105 0.87 37.18 -41.01
N LEU E 106 0.24 36.05 -41.38
CA LEU E 106 -0.50 35.23 -40.44
C LEU E 106 0.46 34.45 -39.54
N ILE E 107 0.14 34.46 -38.26
CA ILE E 107 0.74 33.50 -37.34
C ILE E 107 -0.15 32.25 -37.33
N TYR E 108 0.50 31.15 -37.76
CA TYR E 108 -0.19 29.88 -37.99
C TYR E 108 0.13 28.94 -36.83
N ALA E 109 -0.81 28.78 -35.90
CA ALA E 109 -0.45 28.10 -34.66
C ALA E 109 -1.12 26.74 -34.59
N ARG E 110 -0.27 25.72 -34.53
CA ARG E 110 -0.67 24.33 -34.59
C ARG E 110 -0.42 23.61 -33.25
N MET E 111 -1.56 23.26 -32.62
CA MET E 111 -1.62 22.66 -31.28
C MET E 111 -1.85 21.17 -31.38
N THR E 112 -0.81 20.38 -31.12
CA THR E 112 -0.94 18.93 -31.14
C THR E 112 -0.30 18.37 -29.88
N GLY E 113 -0.48 17.06 -29.68
CA GLY E 113 0.17 16.36 -28.59
C GLY E 113 1.53 15.86 -29.00
N TRP E 114 1.56 15.18 -30.18
CA TRP E 114 2.78 14.52 -30.62
C TRP E 114 3.65 15.38 -31.56
N GLY E 115 3.12 16.50 -32.07
CA GLY E 115 3.87 17.28 -33.04
C GLY E 115 3.44 16.99 -34.49
N GLN E 116 4.12 17.66 -35.43
CA GLN E 116 3.66 17.74 -36.80
C GLN E 116 4.20 16.56 -37.57
N THR E 117 5.27 15.94 -37.09
CA THR E 117 5.86 14.80 -37.79
C THR E 117 6.36 13.77 -36.80
N GLY E 118 6.84 12.65 -37.34
CA GLY E 118 7.37 11.55 -36.56
C GLY E 118 6.32 10.46 -36.39
N PRO E 119 6.79 9.31 -35.89
CA PRO E 119 5.99 8.08 -35.88
C PRO E 119 4.64 8.22 -35.19
N ARG E 120 4.51 9.08 -34.18
CA ARG E 120 3.27 9.10 -33.43
C ARG E 120 2.37 10.21 -33.92
N SER E 121 2.76 10.91 -35.00
CA SER E 121 2.11 12.17 -35.31
C SER E 121 0.67 11.96 -35.71
N GLN E 122 0.30 10.72 -36.10
CA GLN E 122 -1.11 10.47 -36.43
C GLN E 122 -1.86 9.71 -35.34
N GLN E 123 -1.18 9.24 -34.27
CA GLN E 123 -1.85 8.52 -33.20
C GLN E 123 -2.75 9.44 -32.39
N ALA E 124 -3.98 8.99 -32.11
CA ALA E 124 -4.83 9.71 -31.15
C ALA E 124 -4.20 9.66 -29.75
N GLY E 125 -4.60 10.59 -28.92
CA GLY E 125 -3.95 10.77 -27.64
C GLY E 125 -4.71 11.78 -26.78
N HIS E 126 -4.45 11.67 -25.48
CA HIS E 126 -4.85 12.70 -24.54
C HIS E 126 -3.67 12.97 -23.62
N ASP E 127 -3.90 13.93 -22.70
CA ASP E 127 -2.85 14.47 -21.85
C ASP E 127 -2.00 13.36 -21.29
N ILE E 128 -2.66 12.38 -20.68
CA ILE E 128 -1.97 11.36 -19.91
C ILE E 128 -0.98 10.58 -20.77
N ASN E 129 -1.28 10.47 -22.07
CA ASN E 129 -0.40 9.76 -23.01
C ASN E 129 0.84 10.59 -23.29
N TYR E 130 0.66 11.90 -23.49
CA TYR E 130 1.77 12.75 -23.89
C TYR E 130 2.78 12.83 -22.74
N ILE E 131 2.26 12.85 -21.49
CA ILE E 131 3.13 12.92 -20.33
C ILE E 131 3.67 11.56 -19.92
N SER E 132 3.17 10.47 -20.48
CA SER E 132 3.75 9.17 -20.14
C SER E 132 5.08 8.95 -20.86
N LEU E 133 5.21 9.57 -22.05
CA LEU E 133 6.29 9.26 -22.95
C LEU E 133 7.57 10.02 -22.64
N ASN E 134 7.45 11.10 -21.84
CA ASN E 134 8.57 12.01 -21.65
C ASN E 134 9.06 12.02 -20.19
N GLY E 135 8.57 11.08 -19.36
CA GLY E 135 9.11 10.88 -18.02
C GLY E 135 8.31 11.56 -16.90
N ILE E 136 7.35 12.41 -17.28
CA ILE E 136 6.62 13.23 -16.34
C ILE E 136 5.68 12.37 -15.49
N LEU E 137 4.79 11.61 -16.13
CA LEU E 137 3.79 10.86 -15.40
C LEU E 137 4.43 9.87 -14.44
N HIS E 138 5.56 9.28 -14.83
CA HIS E 138 6.25 8.32 -13.98
C HIS E 138 6.63 8.94 -12.64
N ALA E 139 6.81 10.26 -12.61
CA ALA E 139 7.38 10.91 -11.45
C ALA E 139 6.33 11.34 -10.44
N ILE E 140 5.04 11.24 -10.80
CA ILE E 140 3.96 11.78 -10.01
C ILE E 140 3.22 10.68 -9.24
N GLY E 141 3.20 10.83 -7.91
CA GLY E 141 2.40 10.02 -7.01
C GLY E 141 3.22 9.37 -5.90
N ARG E 142 2.57 8.57 -5.05
CA ARG E 142 3.28 7.86 -3.99
C ARG E 142 4.14 6.73 -4.55
N GLY E 143 5.24 6.45 -3.84
CA GLY E 143 6.23 5.50 -4.28
C GLY E 143 5.73 4.06 -4.21
N ASP E 144 4.78 3.77 -3.32
CA ASP E 144 4.33 2.38 -3.21
C ASP E 144 3.18 2.09 -4.18
N GLU E 145 2.99 2.90 -5.22
CA GLU E 145 1.74 2.92 -5.95
C GLU E 145 1.94 3.32 -7.41
N ARG E 146 0.94 3.04 -8.21
CA ARG E 146 1.09 3.36 -9.61
C ARG E 146 0.94 4.87 -9.83
N PRO E 147 1.60 5.44 -10.87
CA PRO E 147 1.57 6.88 -11.05
C PRO E 147 0.15 7.39 -11.13
N VAL E 148 -0.02 8.65 -10.72
CA VAL E 148 -1.31 9.27 -10.71
C VAL E 148 -1.29 10.46 -11.66
N PRO E 149 -2.31 10.63 -12.50
CA PRO E 149 -2.36 11.75 -13.42
C PRO E 149 -2.68 13.04 -12.70
N PRO E 150 -1.90 14.09 -12.98
CA PRO E 150 -2.13 15.40 -12.40
C PRO E 150 -3.21 16.15 -13.17
N LEU E 151 -4.43 15.60 -13.08
CA LEU E 151 -5.48 15.91 -14.03
C LEU E 151 -4.87 15.98 -15.43
N ASN E 152 -5.39 16.88 -16.26
CA ASN E 152 -4.82 17.22 -17.55
C ASN E 152 -4.14 18.59 -17.52
N LEU E 153 -3.43 18.92 -16.43
CA LEU E 153 -2.89 20.25 -16.24
C LEU E 153 -1.54 20.36 -16.92
N VAL E 154 -0.76 19.29 -16.95
CA VAL E 154 0.61 19.39 -17.38
C VAL E 154 0.74 19.24 -18.90
N GLY E 155 -0.04 18.38 -19.54
CA GLY E 155 0.05 18.21 -20.99
C GLY E 155 -0.79 19.22 -21.78
N ASP E 156 -2.11 19.19 -21.57
CA ASP E 156 -3.00 20.12 -22.24
C ASP E 156 -2.67 21.59 -21.95
N PHE E 157 -2.42 21.97 -20.67
CA PHE E 157 -2.41 23.39 -20.37
C PHE E 157 -0.99 23.85 -20.15
N GLY E 158 -0.41 23.46 -19.00
CA GLY E 158 0.94 23.83 -18.67
C GLY E 158 1.88 23.72 -19.86
N GLY E 159 1.89 22.56 -20.53
CA GLY E 159 2.91 22.26 -21.51
C GLY E 159 2.33 22.29 -22.92
N GLY E 160 1.11 22.78 -22.99
CA GLY E 160 0.27 22.66 -24.16
C GLY E 160 -0.11 24.05 -24.64
N SER E 161 -1.32 24.48 -24.28
CA SER E 161 -1.84 25.79 -24.57
C SER E 161 -0.84 26.90 -24.22
N MET E 162 -0.18 26.79 -23.05
CA MET E 162 0.60 27.93 -22.58
C MET E 162 1.77 28.12 -23.52
N PHE E 163 2.30 27.00 -24.04
CA PHE E 163 3.41 27.06 -24.96
C PHE E 163 2.95 27.53 -26.33
N LEU E 164 1.73 27.19 -26.74
CA LEU E 164 1.14 27.76 -27.94
C LEU E 164 1.12 29.28 -27.80
N LEU E 165 0.64 29.78 -26.66
CA LEU E 165 0.61 31.22 -26.43
C LEU E 165 2.01 31.83 -26.56
N VAL E 166 3.00 31.27 -25.87
CA VAL E 166 4.33 31.85 -25.94
C VAL E 166 4.80 31.91 -27.40
N GLY E 167 4.40 30.91 -28.19
CA GLY E 167 4.80 30.84 -29.60
C GLY E 167 4.10 31.91 -30.43
N ILE E 168 2.78 32.04 -30.31
CA ILE E 168 2.02 33.08 -30.94
C ILE E 168 2.62 34.46 -30.64
N LEU E 169 2.79 34.79 -29.36
CA LEU E 169 3.20 36.13 -28.97
C LEU E 169 4.66 36.35 -29.34
N ALA E 170 5.51 35.34 -29.21
CA ALA E 170 6.88 35.49 -29.67
C ALA E 170 6.93 35.72 -31.18
N ALA E 171 5.96 35.15 -31.92
CA ALA E 171 6.00 35.24 -33.37
C ALA E 171 5.55 36.63 -33.79
N LEU E 172 4.51 37.15 -33.10
CA LEU E 172 4.05 38.52 -33.28
C LEU E 172 5.19 39.50 -33.03
N TRP E 173 6.06 39.19 -32.07
CA TRP E 173 7.23 40.05 -31.87
C TRP E 173 8.14 40.00 -33.08
N GLU E 174 8.52 38.80 -33.50
CA GLU E 174 9.41 38.64 -34.64
C GLU E 174 8.85 39.35 -35.88
N ARG E 175 7.52 39.37 -36.02
CA ARG E 175 6.84 39.95 -37.16
C ARG E 175 6.93 41.49 -37.18
N GLN E 176 7.13 42.11 -36.01
CA GLN E 176 7.23 43.56 -35.96
C GLN E 176 8.48 43.94 -36.74
N SER E 177 9.54 43.13 -36.74
CA SER E 177 10.77 43.51 -37.41
C SER E 177 10.99 42.76 -38.74
N SER E 178 10.12 41.80 -39.10
CA SER E 178 10.35 41.06 -40.34
C SER E 178 9.20 41.27 -41.34
N GLY E 179 8.03 41.69 -40.87
CA GLY E 179 6.83 41.84 -41.69
C GLY E 179 6.15 40.50 -41.99
N LYS E 180 6.87 39.37 -41.82
CA LYS E 180 6.38 38.03 -42.17
C LYS E 180 5.85 37.23 -40.96
N GLY E 181 4.77 36.46 -41.21
CA GLY E 181 4.27 35.43 -40.30
C GLY E 181 5.16 34.19 -40.34
N GLN E 182 4.64 33.07 -39.80
CA GLN E 182 5.36 31.80 -39.81
C GLN E 182 4.48 30.81 -39.05
N VAL E 183 4.92 29.55 -38.99
CA VAL E 183 4.11 28.50 -38.41
C VAL E 183 4.62 28.19 -37.00
N VAL E 184 3.69 28.13 -36.04
CA VAL E 184 4.06 27.70 -34.69
C VAL E 184 3.57 26.27 -34.46
N ASP E 185 4.54 25.36 -34.27
CA ASP E 185 4.35 23.95 -33.94
C ASP E 185 4.56 23.73 -32.43
N ALA E 186 3.43 23.75 -31.69
CA ALA E 186 3.36 23.51 -30.25
C ALA E 186 2.85 22.08 -29.98
N ALA E 187 3.79 21.21 -29.66
CA ALA E 187 3.49 19.84 -29.27
C ALA E 187 3.55 19.70 -27.74
N MET E 188 2.47 19.16 -27.13
CA MET E 188 2.36 18.92 -25.69
C MET E 188 3.54 18.12 -25.17
N VAL E 189 4.06 17.18 -25.95
CA VAL E 189 5.19 16.38 -25.49
C VAL E 189 6.46 17.23 -25.38
N ASP E 190 6.52 18.34 -26.15
CA ASP E 190 7.68 19.23 -26.14
C ASP E 190 7.56 20.21 -24.96
N GLY E 191 6.45 20.95 -24.98
CA GLY E 191 6.16 21.97 -24.00
C GLY E 191 6.29 21.40 -22.58
N SER E 192 5.63 20.26 -22.34
CA SER E 192 5.60 19.66 -21.03
C SER E 192 7.03 19.30 -20.63
N SER E 193 7.91 18.97 -21.59
CA SER E 193 9.29 18.64 -21.27
C SER E 193 10.08 19.88 -20.81
N VAL E 194 9.80 21.03 -21.41
CA VAL E 194 10.42 22.28 -21.03
C VAL E 194 9.83 22.68 -19.69
N LEU E 195 8.53 22.43 -19.53
CA LEU E 195 7.85 22.73 -18.29
C LEU E 195 8.59 22.05 -17.14
N ILE E 196 9.15 20.87 -17.35
CA ILE E 196 9.75 20.09 -16.28
C ILE E 196 11.27 20.19 -16.35
N GLN E 197 11.78 21.25 -16.98
CA GLN E 197 13.21 21.40 -17.17
C GLN E 197 13.98 21.33 -15.84
N MET E 198 13.40 21.85 -14.74
CA MET E 198 14.09 21.78 -13.46
C MET E 198 14.43 20.35 -13.06
N MET E 199 13.48 19.40 -13.24
CA MET E 199 13.77 18.03 -12.83
C MET E 199 14.94 17.49 -13.65
N TRP E 200 14.96 17.81 -14.95
CA TRP E 200 16.07 17.41 -15.81
C TRP E 200 17.39 18.05 -15.37
N ALA E 201 17.34 19.30 -14.90
CA ALA E 201 18.53 19.95 -14.38
C ALA E 201 19.00 19.28 -13.09
N MET E 202 18.08 19.14 -12.13
CA MET E 202 18.38 18.44 -10.89
C MET E 202 18.91 17.03 -11.17
N ARG E 203 18.38 16.37 -12.20
CA ARG E 203 18.74 14.98 -12.42
C ARG E 203 20.19 14.87 -12.86
N ALA E 204 20.63 15.83 -13.67
CA ALA E 204 22.00 15.87 -14.16
C ALA E 204 23.01 16.06 -13.03
N THR E 205 22.61 16.75 -11.96
CA THR E 205 23.52 17.05 -10.87
C THR E 205 23.23 16.17 -9.67
N GLY E 206 22.63 14.98 -9.90
CA GLY E 206 22.39 13.98 -8.88
C GLY E 206 21.41 14.43 -7.79
N MET E 207 20.58 15.45 -8.06
CA MET E 207 19.63 15.95 -7.09
C MET E 207 18.19 15.51 -7.39
N TRP E 208 18.00 14.55 -8.27
CA TRP E 208 16.67 14.01 -8.54
C TRP E 208 16.84 12.59 -9.04
N THR E 209 16.15 11.61 -8.43
CA THR E 209 16.15 10.23 -8.91
C THR E 209 14.82 9.89 -9.58
N ASP E 210 14.89 8.83 -10.41
CA ASP E 210 13.75 8.31 -11.13
C ASP E 210 12.86 7.49 -10.20
N THR E 211 13.26 7.35 -8.94
CA THR E 211 12.39 6.70 -7.96
C THR E 211 11.26 7.65 -7.60
N ARG E 212 10.03 7.19 -7.79
CA ARG E 212 8.85 7.98 -7.47
C ARG E 212 8.72 8.10 -5.95
N GLY E 213 8.36 9.30 -5.47
CA GLY E 213 8.12 9.50 -4.04
C GLY E 213 9.38 9.55 -3.18
N ALA E 214 10.53 9.86 -3.80
CA ALA E 214 11.79 9.86 -3.09
C ALA E 214 12.55 11.17 -3.31
N ASN E 215 11.89 12.26 -3.71
CA ASN E 215 12.61 13.48 -4.07
C ASN E 215 12.12 14.67 -3.25
N MET E 216 12.75 15.83 -3.43
CA MET E 216 12.44 16.96 -2.57
C MET E 216 11.03 17.48 -2.86
N LEU E 217 10.55 17.32 -4.08
CA LEU E 217 9.35 18.01 -4.52
C LEU E 217 8.23 17.06 -4.99
N ASP E 218 8.39 15.75 -4.77
CA ASP E 218 7.37 14.82 -5.26
C ASP E 218 6.49 14.29 -4.15
N GLY E 219 6.71 14.78 -2.91
CA GLY E 219 6.02 14.27 -1.75
C GLY E 219 6.95 13.40 -0.93
N GLY E 220 8.14 13.12 -1.45
CA GLY E 220 9.13 12.37 -0.69
C GLY E 220 9.61 13.07 0.57
N ALA E 221 9.75 14.41 0.55
CA ALA E 221 10.31 15.14 1.68
C ALA E 221 9.22 15.40 2.72
N PRO E 222 9.48 15.12 4.02
CA PRO E 222 8.50 15.42 5.05
C PRO E 222 8.10 16.88 5.15
N TYR E 223 8.97 17.75 4.64
CA TYR E 223 8.75 19.19 4.75
C TYR E 223 8.15 19.74 3.46
N TYR E 224 7.84 18.86 2.49
CA TYR E 224 7.18 19.27 1.25
C TYR E 224 6.15 18.21 0.86
N ASP E 225 4.96 18.33 1.46
CA ASP E 225 3.93 17.31 1.38
C ASP E 225 2.67 17.80 2.07
N THR E 226 1.60 17.03 1.96
CA THR E 226 0.38 17.31 2.69
C THR E 226 0.36 16.46 3.95
N TYR E 227 -0.42 16.92 4.93
CA TYR E 227 -0.65 16.20 6.16
C TYR E 227 -2.13 16.24 6.49
N GLU E 228 -2.62 15.13 7.02
CA GLU E 228 -3.98 15.03 7.45
C GLU E 228 -4.13 15.58 8.87
N CYS E 229 -5.23 16.29 9.11
CA CYS E 229 -5.47 16.99 10.37
C CYS E 229 -6.52 16.22 11.18
N ALA E 230 -6.80 16.70 12.41
CA ALA E 230 -7.72 16.02 13.31
C ALA E 230 -9.09 15.82 12.68
N ASP E 231 -9.50 16.73 11.79
CA ASP E 231 -10.84 16.71 11.21
C ASP E 231 -10.88 15.90 9.91
N GLY E 232 -9.78 15.29 9.51
CA GLY E 232 -9.77 14.53 8.27
C GLY E 232 -9.54 15.39 7.03
N ARG E 233 -9.38 16.72 7.19
CA ARG E 233 -8.98 17.63 6.14
C ARG E 233 -7.47 17.82 6.17
N TYR E 234 -6.90 18.59 5.23
CA TYR E 234 -5.46 18.57 5.03
C TYR E 234 -4.84 19.96 5.06
N VAL E 235 -3.53 19.94 5.36
CA VAL E 235 -2.69 21.10 5.17
C VAL E 235 -1.54 20.75 4.24
N ALA E 236 -0.99 21.77 3.60
CA ALA E 236 0.20 21.61 2.81
C ALA E 236 1.37 22.29 3.52
N VAL E 237 2.49 21.57 3.54
CA VAL E 237 3.73 22.05 4.09
C VAL E 237 4.71 22.20 2.94
N GLY E 238 5.36 23.36 2.86
CA GLY E 238 6.34 23.61 1.83
C GLY E 238 7.59 24.31 2.35
N ALA E 239 8.05 23.89 3.56
CA ALA E 239 9.08 24.57 4.32
C ALA E 239 10.44 24.07 3.92
N ILE E 240 10.86 24.50 2.73
CA ILE E 240 12.10 24.02 2.17
C ILE E 240 13.28 24.68 2.88
N GLU E 241 13.20 26.02 3.07
CA GLU E 241 14.34 26.79 3.57
C GLU E 241 14.44 26.56 5.08
N PRO E 242 15.65 26.36 5.61
CA PRO E 242 15.78 26.00 7.01
C PRO E 242 15.05 26.93 7.99
N GLN E 243 14.99 28.21 7.66
CA GLN E 243 14.43 29.19 8.58
C GLN E 243 12.94 28.95 8.64
N PHE E 244 12.37 28.64 7.47
CA PHE E 244 10.92 28.47 7.37
C PHE E 244 10.55 27.16 8.07
N TYR E 245 11.36 26.12 7.86
CA TYR E 245 11.18 24.84 8.53
C TYR E 245 11.24 25.05 10.04
N ALA E 246 12.23 25.81 10.54
CA ALA E 246 12.31 26.07 11.98
C ALA E 246 11.03 26.69 12.52
N ALA E 247 10.48 27.63 11.74
CA ALA E 247 9.28 28.33 12.18
C ALA E 247 8.08 27.39 12.26
N MET E 248 8.04 26.49 11.28
CA MET E 248 7.03 25.44 11.27
C MET E 248 7.12 24.57 12.53
N LEU E 249 8.33 24.07 12.84
CA LEU E 249 8.49 23.20 13.99
C LEU E 249 8.00 23.92 15.25
N ALA E 250 8.37 25.19 15.40
CA ALA E 250 7.99 25.94 16.61
C ALA E 250 6.48 26.09 16.71
N GLY E 251 5.82 26.24 15.57
CA GLY E 251 4.38 26.38 15.56
C GLY E 251 3.69 25.06 15.87
N LEU E 252 4.35 23.94 15.56
CA LEU E 252 3.79 22.63 15.88
C LEU E 252 4.08 22.25 17.34
N GLY E 253 4.90 23.04 18.03
CA GLY E 253 5.19 22.75 19.42
C GLY E 253 6.27 21.67 19.50
N LEU E 254 7.12 21.57 18.47
CA LEU E 254 8.13 20.52 18.44
C LEU E 254 9.47 21.19 18.59
N ASP E 255 10.30 20.54 19.36
CA ASP E 255 11.62 21.02 19.67
C ASP E 255 12.57 20.43 18.67
N ALA E 256 13.29 21.27 17.91
CA ALA E 256 14.18 20.81 16.86
C ALA E 256 15.24 19.86 17.40
N ALA E 257 15.59 20.05 18.67
CA ALA E 257 16.66 19.29 19.32
C ALA E 257 16.30 17.81 19.37
N GLU E 258 15.02 17.49 19.38
CA GLU E 258 14.54 16.13 19.52
C GLU E 258 14.31 15.45 18.16
N LEU E 259 14.45 16.17 17.04
CA LEU E 259 14.04 15.66 15.75
C LEU E 259 15.28 15.32 14.94
N PRO E 260 15.18 14.40 13.97
CA PRO E 260 16.28 14.17 13.06
C PRO E 260 16.49 15.40 12.19
N PRO E 261 17.68 15.60 11.62
CA PRO E 261 17.91 16.76 10.79
C PRO E 261 16.96 16.81 9.58
N GLN E 262 16.61 18.01 9.14
CA GLN E 262 15.59 18.19 8.12
C GLN E 262 15.91 17.38 6.86
N ASN E 263 17.19 17.28 6.50
CA ASN E 263 17.57 16.70 5.24
C ASN E 263 18.43 15.46 5.44
N ASP E 264 18.28 14.79 6.58
CA ASP E 264 18.80 13.43 6.70
C ASP E 264 17.73 12.49 6.13
N ARG E 265 17.90 12.13 4.85
CA ARG E 265 16.87 11.38 4.15
C ARG E 265 16.64 10.00 4.76
N ALA E 266 17.68 9.40 5.34
CA ALA E 266 17.54 8.07 5.92
C ALA E 266 16.52 8.10 7.04
N ARG E 267 16.35 9.26 7.68
CA ARG E 267 15.49 9.39 8.85
C ARG E 267 14.20 10.12 8.52
N TRP E 268 13.94 10.30 7.23
CA TRP E 268 12.73 10.97 6.81
C TRP E 268 11.49 10.22 7.31
N PRO E 269 11.42 8.86 7.29
CA PRO E 269 10.25 8.19 7.85
C PRO E 269 10.01 8.54 9.32
N GLU E 270 11.08 8.64 10.09
CA GLU E 270 11.00 9.02 11.51
C GLU E 270 10.50 10.46 11.65
N LEU E 271 11.13 11.37 10.90
CA LEU E 271 10.67 12.75 10.83
C LEU E 271 9.20 12.85 10.42
N ARG E 272 8.79 12.12 9.38
CA ARG E 272 7.41 12.18 8.92
C ARG E 272 6.42 11.74 10.00
N ALA E 273 6.77 10.68 10.76
CA ALA E 273 5.84 10.23 11.79
C ALA E 273 5.65 11.30 12.88
N LEU E 274 6.72 12.01 13.24
CA LEU E 274 6.62 13.01 14.28
C LEU E 274 5.75 14.17 13.80
N LEU E 275 5.93 14.59 12.53
CA LEU E 275 5.10 15.65 11.94
C LEU E 275 3.65 15.19 11.79
N THR E 276 3.46 13.90 11.43
CA THR E 276 2.12 13.40 11.20
C THR E 276 1.33 13.50 12.50
N GLU E 277 1.93 13.02 13.60
CA GLU E 277 1.28 13.04 14.90
C GLU E 277 0.97 14.48 15.31
N ALA E 278 1.89 15.42 15.07
CA ALA E 278 1.68 16.82 15.44
C ALA E 278 0.53 17.41 14.65
N PHE E 279 0.48 17.19 13.31
CA PHE E 279 -0.58 17.82 12.55
C PHE E 279 -1.93 17.17 12.84
N ALA E 280 -1.92 15.87 13.17
CA ALA E 280 -3.14 15.12 13.44
C ALA E 280 -3.84 15.59 14.71
N SER E 281 -3.16 16.36 15.57
CA SER E 281 -3.71 16.71 16.86
C SER E 281 -4.56 17.98 16.83
N HIS E 282 -4.61 18.75 15.73
CA HIS E 282 -5.56 19.84 15.60
C HIS E 282 -6.18 19.81 14.20
N ASP E 283 -7.28 20.54 14.01
CA ASP E 283 -8.02 20.55 12.76
C ASP E 283 -7.37 21.52 11.78
N ARG E 284 -7.80 21.48 10.51
CA ARG E 284 -7.12 22.21 9.45
C ARG E 284 -7.18 23.72 9.74
N ASP E 285 -8.35 24.17 10.20
CA ASP E 285 -8.57 25.60 10.41
C ASP E 285 -7.72 26.14 11.56
N HIS E 286 -7.59 25.36 12.64
CA HIS E 286 -6.62 25.68 13.66
C HIS E 286 -5.25 25.97 13.04
N TRP E 287 -4.71 25.06 12.20
CA TRP E 287 -3.36 25.28 11.70
C TRP E 287 -3.29 26.51 10.81
N GLY E 288 -4.41 26.82 10.13
CA GLY E 288 -4.48 27.95 9.24
C GLY E 288 -4.34 29.26 9.99
N ALA E 289 -5.02 29.36 11.14
CA ALA E 289 -4.95 30.49 12.07
C ALA E 289 -3.54 30.62 12.64
N VAL E 290 -3.10 29.59 13.34
CA VAL E 290 -1.79 29.53 13.96
C VAL E 290 -0.69 30.00 13.01
N PHE E 291 -0.79 29.69 11.71
CA PHE E 291 0.32 29.98 10.80
C PHE E 291 0.05 31.14 9.83
N ALA E 292 -1.11 31.77 9.98
CA ALA E 292 -1.36 33.07 9.35
C ALA E 292 -0.23 34.06 9.67
N ASN E 293 0.25 34.73 8.63
CA ASN E 293 1.28 35.76 8.69
C ASN E 293 2.64 35.17 8.99
N SER E 294 2.79 33.83 8.95
CA SER E 294 4.08 33.22 9.23
C SER E 294 4.76 32.81 7.93
N ASP E 295 6.05 32.56 8.06
CA ASP E 295 6.83 32.04 6.96
C ASP E 295 7.01 30.52 7.10
N ALA E 296 6.14 29.88 7.85
CA ALA E 296 6.24 28.44 8.08
C ALA E 296 5.96 27.65 6.80
N CYS E 297 5.33 28.27 5.80
CA CYS E 297 4.98 27.61 4.54
C CYS E 297 3.97 26.50 4.78
N VAL E 298 2.92 26.83 5.53
CA VAL E 298 1.90 25.88 5.91
C VAL E 298 0.59 26.56 5.55
N THR E 299 -0.24 25.89 4.73
CA THR E 299 -1.47 26.46 4.24
C THR E 299 -2.57 25.42 4.28
N PRO E 300 -3.84 25.81 4.41
CA PRO E 300 -4.92 24.85 4.32
C PRO E 300 -5.14 24.39 2.88
N VAL E 301 -5.42 23.08 2.73
CA VAL E 301 -5.74 22.51 1.43
C VAL E 301 -7.24 22.64 1.22
N LEU E 302 -7.64 23.64 0.42
CA LEU E 302 -9.05 23.92 0.20
C LEU E 302 -9.57 23.14 -1.02
N ALA E 303 -10.79 22.59 -0.88
CA ALA E 303 -11.57 22.08 -2.00
C ALA E 303 -12.12 23.24 -2.81
N PHE E 304 -12.41 22.99 -4.10
CA PHE E 304 -12.92 24.00 -5.00
C PHE E 304 -14.05 24.79 -4.32
N GLY E 305 -15.02 24.08 -3.74
CA GLY E 305 -16.22 24.72 -3.20
C GLY E 305 -15.94 25.66 -2.02
N GLU E 306 -14.74 25.64 -1.43
CA GLU E 306 -14.41 26.44 -0.26
C GLU E 306 -13.58 27.66 -0.63
N VAL E 307 -13.03 27.65 -1.85
CA VAL E 307 -12.08 28.65 -2.33
C VAL E 307 -12.66 30.07 -2.28
N HIS E 308 -13.96 30.17 -2.60
CA HIS E 308 -14.65 31.45 -2.69
C HIS E 308 -14.70 32.14 -1.32
N ASN E 309 -14.44 31.38 -0.24
CA ASN E 309 -14.48 31.91 1.12
C ASN E 309 -13.09 32.23 1.68
N GLU E 310 -12.02 32.10 0.90
CA GLU E 310 -10.71 32.37 1.46
C GLU E 310 -10.37 33.85 1.28
N PRO E 311 -10.19 34.60 2.40
CA PRO E 311 -9.88 36.02 2.32
C PRO E 311 -8.88 36.45 1.25
N HIS E 312 -7.75 35.75 1.10
CA HIS E 312 -6.77 36.22 0.13
C HIS E 312 -7.28 36.10 -1.31
N ILE E 313 -8.13 35.08 -1.55
CA ILE E 313 -8.75 34.85 -2.84
C ILE E 313 -9.77 35.96 -3.09
N ILE E 314 -10.59 36.27 -2.09
CA ILE E 314 -11.66 37.25 -2.23
C ILE E 314 -11.10 38.63 -2.55
N GLU E 315 -10.04 39.02 -1.85
CA GLU E 315 -9.59 40.39 -1.86
C GLU E 315 -8.75 40.70 -3.10
N ARG E 316 -8.19 39.70 -3.77
CA ARG E 316 -7.46 39.94 -5.00
C ARG E 316 -8.38 39.76 -6.22
N ASN E 317 -9.66 39.39 -6.00
CA ASN E 317 -10.61 39.07 -7.06
C ASN E 317 -9.97 38.08 -8.04
N THR E 318 -9.45 36.97 -7.50
CA THR E 318 -8.86 35.95 -8.34
C THR E 318 -9.98 35.26 -9.12
N PHE E 319 -11.22 35.27 -8.56
CA PHE E 319 -12.40 34.72 -9.21
C PHE E 319 -13.47 35.80 -9.40
N TYR E 320 -14.39 35.55 -10.34
CA TYR E 320 -15.66 36.26 -10.48
C TYR E 320 -16.76 35.20 -10.57
N GLU E 321 -18.02 35.58 -10.31
CA GLU E 321 -19.13 34.65 -10.37
C GLU E 321 -19.72 34.64 -11.77
N ALA E 322 -20.31 33.50 -12.20
CA ALA E 322 -20.89 33.42 -13.54
C ALA E 322 -21.82 32.21 -13.65
N ASN E 323 -23.13 32.45 -13.48
CA ASN E 323 -24.16 31.48 -13.83
C ASN E 323 -23.83 30.13 -13.22
N GLY E 324 -24.19 30.00 -11.93
CA GLY E 324 -24.06 28.77 -11.16
C GLY E 324 -22.61 28.28 -11.06
N GLY E 325 -21.63 29.20 -10.96
CA GLY E 325 -20.29 28.82 -10.57
C GLY E 325 -19.27 29.95 -10.73
N TRP E 326 -18.30 29.98 -9.81
CA TRP E 326 -17.15 30.87 -9.92
C TRP E 326 -16.23 30.40 -11.04
N GLN E 327 -15.48 31.35 -11.60
CA GLN E 327 -14.57 31.14 -12.70
C GLN E 327 -13.37 32.01 -12.43
N PRO E 328 -12.16 31.63 -12.88
CA PRO E 328 -11.00 32.47 -12.70
C PRO E 328 -11.08 33.72 -13.56
N MET E 329 -10.74 34.86 -12.96
CA MET E 329 -10.46 36.09 -13.67
C MET E 329 -9.17 35.96 -14.48
N PRO E 330 -8.99 36.79 -15.51
CA PRO E 330 -7.80 36.71 -16.33
C PRO E 330 -6.50 36.76 -15.56
N ALA E 331 -5.45 36.20 -16.16
CA ALA E 331 -4.12 36.27 -15.62
C ALA E 331 -3.17 36.31 -16.80
N PRO E 332 -1.96 36.92 -16.68
CA PRO E 332 -1.59 37.69 -15.49
C PRO E 332 -2.31 39.04 -15.52
N ARG E 333 -1.82 40.00 -14.73
CA ARG E 333 -2.48 41.29 -14.60
C ARG E 333 -1.55 42.41 -15.09
N PHE E 334 -2.18 43.51 -15.55
CA PHE E 334 -1.46 44.58 -16.25
C PHE E 334 -1.75 45.93 -15.59
N SER E 335 -0.66 46.69 -15.31
CA SER E 335 -0.75 48.00 -14.63
C SER E 335 -1.55 49.00 -15.46
N ARG E 336 -1.14 49.23 -16.72
CA ARG E 336 -1.76 50.25 -17.56
C ARG E 336 -2.95 49.72 -18.37
N THR E 337 -2.77 48.67 -19.18
CA THR E 337 -3.87 48.16 -20.00
C THR E 337 -4.46 46.92 -19.35
N ALA E 338 -5.35 47.14 -18.38
CA ALA E 338 -5.83 46.05 -17.55
C ALA E 338 -6.87 45.25 -18.35
N SER E 339 -6.90 43.92 -18.13
CA SER E 339 -8.01 43.12 -18.62
C SER E 339 -9.30 43.53 -17.94
N SER E 340 -10.42 43.08 -18.50
CA SER E 340 -11.72 43.30 -17.93
C SER E 340 -12.38 41.96 -17.71
N GLN E 341 -13.55 41.96 -17.07
CA GLN E 341 -14.22 40.73 -16.70
C GLN E 341 -14.68 39.95 -17.92
N PRO E 342 -14.33 38.66 -18.09
CA PRO E 342 -14.73 37.90 -19.27
C PRO E 342 -16.20 38.02 -19.63
N ARG E 343 -16.43 38.16 -20.94
CA ARG E 343 -17.77 38.12 -21.53
C ARG E 343 -18.18 36.66 -21.64
N PRO E 344 -19.41 36.30 -21.23
CA PRO E 344 -19.89 34.93 -21.34
C PRO E 344 -20.10 34.46 -22.77
N PRO E 345 -20.14 33.13 -23.04
CA PRO E 345 -20.36 32.68 -24.40
C PRO E 345 -21.60 33.34 -25.01
N ALA E 346 -21.41 33.93 -26.20
CA ALA E 346 -22.48 34.59 -26.93
C ALA E 346 -23.31 33.54 -27.68
N ALA E 347 -24.51 33.97 -28.12
CA ALA E 347 -25.20 33.30 -29.22
C ALA E 347 -24.31 33.40 -30.46
N THR E 348 -24.57 32.49 -31.42
CA THR E 348 -23.85 32.47 -32.69
C THR E 348 -24.08 33.80 -33.40
N ILE E 349 -23.00 34.50 -33.68
CA ILE E 349 -22.97 35.50 -34.72
C ILE E 349 -22.69 34.75 -36.02
N ASP E 350 -23.33 35.17 -37.13
CA ASP E 350 -23.11 34.54 -38.43
C ASP E 350 -22.07 35.33 -39.21
N ILE E 351 -21.36 34.60 -40.08
CA ILE E 351 -19.98 34.91 -40.39
C ILE E 351 -19.84 36.11 -41.33
N GLU E 352 -20.94 36.47 -42.01
CA GLU E 352 -20.94 37.65 -42.86
C GLU E 352 -20.78 38.90 -42.00
N ALA E 353 -21.54 38.91 -40.89
CA ALA E 353 -21.59 39.99 -39.91
C ALA E 353 -20.18 40.34 -39.39
N VAL E 354 -19.34 39.33 -39.22
CA VAL E 354 -17.99 39.52 -38.68
C VAL E 354 -17.09 40.19 -39.71
N LEU E 355 -17.11 39.67 -40.94
CA LEU E 355 -16.36 40.23 -42.07
C LEU E 355 -16.74 41.70 -42.27
N THR E 356 -18.04 42.01 -42.10
CA THR E 356 -18.53 43.40 -42.07
C THR E 356 -17.67 44.15 -41.05
N ASP E 357 -17.75 43.72 -39.78
CA ASP E 357 -17.04 44.36 -38.69
C ASP E 357 -15.55 44.49 -39.01
N TRP E 358 -14.93 43.46 -39.61
CA TRP E 358 -13.51 43.48 -39.92
C TRP E 358 -13.20 44.10 -41.29
N ASP E 359 -14.18 44.80 -41.89
CA ASP E 359 -13.99 45.57 -43.11
C ASP E 359 -13.84 44.61 -44.30
N MET F 1 21.85 35.82 -32.63
CA MET F 1 21.08 34.90 -31.75
C MET F 1 19.88 34.33 -32.50
N ALA F 2 19.79 32.99 -32.59
CA ALA F 2 18.71 32.32 -33.30
C ALA F 2 17.38 32.39 -32.54
N GLY F 3 16.30 32.64 -33.27
CA GLY F 3 14.97 32.42 -32.72
C GLY F 3 14.11 33.64 -32.83
N PRO F 4 12.79 33.55 -32.53
CA PRO F 4 11.90 34.65 -32.81
C PRO F 4 12.08 35.86 -31.91
N LEU F 5 12.69 35.66 -30.74
CA LEU F 5 12.84 36.76 -29.80
C LEU F 5 14.23 37.38 -29.95
N SER F 6 14.97 36.98 -31.00
CA SER F 6 16.25 37.61 -31.32
C SER F 6 16.08 39.13 -31.22
N GLY F 7 17.02 39.75 -30.49
CA GLY F 7 17.07 41.18 -30.37
C GLY F 7 16.37 41.71 -29.11
N LEU F 8 15.50 40.92 -28.48
CA LEU F 8 14.91 41.28 -27.19
C LEU F 8 15.95 41.13 -26.07
N ARG F 9 15.93 42.11 -25.15
CA ARG F 9 16.94 42.21 -24.11
C ARG F 9 16.32 42.08 -22.72
N VAL F 10 16.96 41.24 -21.88
CA VAL F 10 16.29 40.87 -20.65
C VAL F 10 17.28 40.95 -19.52
N VAL F 11 16.80 41.62 -18.47
CA VAL F 11 17.49 41.68 -17.18
C VAL F 11 16.70 40.89 -16.13
N GLU F 12 17.40 39.91 -15.55
CA GLU F 12 16.80 39.01 -14.59
C GLU F 12 17.49 39.19 -13.23
N LEU F 13 16.71 39.68 -12.28
CA LEU F 13 17.15 39.69 -10.89
C LEU F 13 17.02 38.30 -10.26
N ALA F 14 18.18 37.64 -10.08
CA ALA F 14 18.33 36.24 -9.70
C ALA F 14 17.40 35.83 -8.57
N GLY F 15 16.61 34.80 -8.87
CA GLY F 15 15.57 34.29 -7.98
C GLY F 15 15.52 32.76 -8.05
N ILE F 16 14.42 32.19 -7.56
CA ILE F 16 14.26 30.75 -7.68
C ILE F 16 12.92 30.44 -8.33
N GLY F 17 12.91 29.34 -9.11
CA GLY F 17 11.66 28.78 -9.58
C GLY F 17 11.14 29.44 -10.85
N PRO F 18 9.97 30.11 -10.80
CA PRO F 18 9.33 30.62 -11.99
C PRO F 18 10.12 31.72 -12.71
N GLY F 19 10.73 32.64 -11.95
CA GLY F 19 11.54 33.69 -12.51
C GLY F 19 12.63 33.16 -13.43
N PRO F 20 13.54 32.31 -12.95
CA PRO F 20 14.56 31.77 -13.82
C PRO F 20 14.03 30.89 -14.97
N HIS F 21 12.79 30.37 -14.81
CA HIS F 21 12.28 29.44 -15.82
C HIS F 21 11.78 30.29 -17.00
N ALA F 22 11.00 31.34 -16.70
CA ALA F 22 10.60 32.33 -17.70
C ALA F 22 11.81 32.94 -18.41
N ALA F 23 12.87 33.23 -17.67
CA ALA F 23 14.06 33.79 -18.26
C ALA F 23 14.70 32.79 -19.18
N MET F 24 14.72 31.52 -18.78
CA MET F 24 15.29 30.47 -19.62
C MET F 24 14.56 30.44 -20.96
N ILE F 25 13.23 30.49 -20.90
CA ILE F 25 12.49 30.27 -22.12
C ILE F 25 12.72 31.47 -23.06
N LEU F 26 12.69 32.72 -22.53
CA LEU F 26 13.03 33.90 -23.32
C LEU F 26 14.38 33.71 -24.00
N GLY F 27 15.39 33.31 -23.23
CA GLY F 27 16.70 32.99 -23.78
C GLY F 27 16.68 31.87 -24.82
N ASP F 28 15.94 30.79 -24.54
CA ASP F 28 15.80 29.65 -25.43
C ASP F 28 15.38 30.13 -26.83
N LEU F 29 14.41 31.06 -26.88
CA LEU F 29 13.81 31.60 -28.11
C LEU F 29 14.60 32.78 -28.72
N GLY F 30 15.80 33.09 -28.22
CA GLY F 30 16.69 34.01 -28.91
C GLY F 30 16.98 35.31 -28.15
N ALA F 31 16.18 35.65 -27.12
CA ALA F 31 16.44 36.82 -26.29
C ALA F 31 17.84 36.81 -25.68
N ASP F 32 18.35 38.05 -25.51
CA ASP F 32 19.60 38.36 -24.84
C ASP F 32 19.30 38.56 -23.34
N VAL F 33 19.77 37.62 -22.50
CA VAL F 33 19.29 37.58 -21.14
C VAL F 33 20.49 37.77 -20.22
N VAL F 34 20.36 38.77 -19.34
CA VAL F 34 21.45 39.05 -18.42
C VAL F 34 20.90 38.92 -17.00
N ARG F 35 21.58 38.06 -16.26
CA ARG F 35 21.09 37.67 -14.93
C ARG F 35 21.98 38.28 -13.86
N ILE F 36 21.41 39.18 -13.04
CA ILE F 36 22.12 39.77 -11.92
C ILE F 36 21.93 38.94 -10.64
N ASP F 37 22.99 38.25 -10.23
CA ASP F 37 23.05 37.61 -8.92
C ASP F 37 23.82 38.42 -7.88
N ARG F 38 23.72 37.96 -6.62
CA ARG F 38 24.49 38.42 -5.48
C ARG F 38 25.90 37.84 -5.59
N PRO F 39 27.00 38.58 -5.31
CA PRO F 39 28.34 38.01 -5.45
C PRO F 39 28.63 36.95 -4.38
N SER F 40 27.89 37.04 -3.27
CA SER F 40 27.93 36.04 -2.20
C SER F 40 27.22 34.76 -2.64
N SER F 41 27.60 34.27 -3.82
CA SER F 41 26.94 33.13 -4.46
C SER F 41 27.30 33.14 -5.95
N VAL F 42 28.54 32.75 -6.24
CA VAL F 42 28.92 32.36 -7.59
C VAL F 42 29.90 31.18 -7.51
N ASP F 43 31.21 31.45 -7.45
CA ASP F 43 32.23 30.40 -7.60
C ASP F 43 32.18 29.75 -8.98
N GLY F 44 32.55 30.49 -10.02
CA GLY F 44 32.73 29.91 -11.35
C GLY F 44 31.40 29.63 -12.04
N ILE F 45 31.31 28.47 -12.71
CA ILE F 45 30.27 28.16 -13.68
C ILE F 45 29.14 27.40 -12.98
N SER F 46 27.87 27.85 -13.17
CA SER F 46 26.72 27.18 -12.57
C SER F 46 26.53 25.78 -13.14
N ARG F 47 26.14 24.84 -12.27
CA ARG F 47 25.83 23.49 -12.71
C ARG F 47 24.31 23.32 -12.84
N ASP F 48 23.57 24.44 -12.76
CA ASP F 48 22.13 24.46 -12.96
C ASP F 48 21.83 24.73 -14.44
N ALA F 49 21.29 23.73 -15.13
CA ALA F 49 21.06 23.80 -16.56
C ALA F 49 19.89 24.73 -16.91
N MET F 50 19.13 25.21 -15.91
CA MET F 50 18.07 26.18 -16.13
C MET F 50 18.65 27.58 -16.35
N LEU F 51 19.97 27.73 -16.09
CA LEU F 51 20.69 28.98 -16.32
C LEU F 51 21.43 28.93 -17.67
N ARG F 52 20.92 28.13 -18.60
CA ARG F 52 21.35 28.19 -19.99
C ARG F 52 20.83 29.47 -20.64
N ASN F 53 21.44 29.83 -21.80
CA ASN F 53 21.10 31.03 -22.57
C ASN F 53 21.10 32.28 -21.68
N ARG F 54 22.16 32.44 -20.88
CA ARG F 54 22.32 33.55 -19.94
C ARG F 54 23.72 34.16 -20.03
N ARG F 55 23.79 35.46 -19.73
CA ARG F 55 25.02 36.00 -19.18
C ARG F 55 24.77 36.27 -17.69
N ILE F 56 25.69 35.79 -16.85
CA ILE F 56 25.61 35.93 -15.41
C ILE F 56 26.55 37.05 -14.98
N VAL F 57 26.00 38.15 -14.43
CA VAL F 57 26.77 39.16 -13.73
C VAL F 57 26.42 39.18 -12.23
N THR F 58 27.37 39.63 -11.39
CA THR F 58 27.12 39.83 -9.96
C THR F 58 27.12 41.33 -9.65
N ALA F 59 26.53 41.71 -8.52
CA ALA F 59 26.31 43.11 -8.22
C ALA F 59 25.51 43.26 -6.93
N ASP F 60 26.19 43.55 -5.81
CA ASP F 60 25.51 43.88 -4.57
C ASP F 60 24.61 45.09 -4.79
N LEU F 61 23.28 44.87 -4.73
CA LEU F 61 22.29 45.87 -5.09
C LEU F 61 21.92 46.75 -3.90
N LYS F 62 22.47 46.42 -2.73
CA LYS F 62 22.25 47.25 -1.55
C LYS F 62 23.26 48.40 -1.57
N SER F 63 24.43 48.17 -2.18
CA SER F 63 25.48 49.18 -2.32
C SER F 63 25.11 50.18 -3.41
N ASP F 64 25.78 51.34 -3.41
CA ASP F 64 25.39 52.43 -4.29
C ASP F 64 25.86 52.14 -5.71
N GLN F 65 27.04 51.50 -5.81
CA GLN F 65 27.60 51.19 -7.11
C GLN F 65 26.79 50.08 -7.78
N GLY F 66 26.27 49.15 -6.97
CA GLY F 66 25.42 48.08 -7.47
C GLY F 66 24.12 48.65 -8.06
N LEU F 67 23.39 49.45 -7.28
CA LEU F 67 22.13 50.00 -7.73
C LEU F 67 22.30 50.74 -9.06
N GLU F 68 23.43 51.42 -9.23
CA GLU F 68 23.58 52.29 -10.39
C GLU F 68 23.93 51.47 -11.64
N LEU F 69 24.89 50.53 -11.55
CA LEU F 69 25.24 49.64 -12.64
C LEU F 69 24.04 48.82 -13.15
N ALA F 70 23.11 48.48 -12.25
CA ALA F 70 21.93 47.72 -12.62
C ALA F 70 20.90 48.62 -13.29
N LEU F 71 20.81 49.86 -12.82
CA LEU F 71 19.80 50.78 -13.34
C LEU F 71 20.14 51.19 -14.77
N LYS F 72 21.42 51.02 -15.14
CA LYS F 72 21.94 51.30 -16.47
C LYS F 72 21.72 50.10 -17.39
N LEU F 73 21.91 48.87 -16.88
CA LEU F 73 21.53 47.68 -17.65
C LEU F 73 20.04 47.80 -17.97
N ILE F 74 19.27 48.19 -16.98
CA ILE F 74 17.82 48.26 -17.14
C ILE F 74 17.45 49.34 -18.13
N ALA F 75 18.32 50.35 -18.22
CA ALA F 75 18.04 51.52 -19.04
C ALA F 75 18.02 51.15 -20.53
N LYS F 76 18.95 50.24 -20.90
CA LYS F 76 19.18 49.78 -22.25
C LYS F 76 18.45 48.46 -22.56
N ALA F 77 17.49 48.04 -21.72
CA ALA F 77 16.88 46.72 -21.81
C ALA F 77 15.37 46.81 -21.99
N ASP F 78 14.79 45.73 -22.52
CA ASP F 78 13.37 45.63 -22.84
C ASP F 78 12.54 45.11 -21.68
N VAL F 79 13.17 44.18 -20.93
CA VAL F 79 12.44 43.36 -19.97
C VAL F 79 13.24 43.26 -18.67
N LEU F 80 12.49 43.50 -17.58
CA LEU F 80 12.99 43.21 -16.24
C LEU F 80 12.17 42.10 -15.59
N ILE F 81 12.89 41.07 -15.11
CA ILE F 81 12.29 40.02 -14.28
C ILE F 81 12.86 40.04 -12.87
N GLU F 82 11.91 40.05 -11.93
CA GLU F 82 12.16 39.90 -10.50
C GLU F 82 11.09 38.98 -9.87
N GLY F 83 11.53 38.09 -8.96
CA GLY F 83 10.61 37.22 -8.25
C GLY F 83 10.81 37.20 -6.74
N TYR F 84 10.99 38.40 -6.15
CA TYR F 84 11.21 38.53 -4.72
C TYR F 84 9.86 38.89 -4.16
N ARG F 85 9.74 38.93 -2.83
CA ARG F 85 8.46 39.34 -2.26
C ARG F 85 8.20 40.77 -2.69
N PRO F 86 6.94 41.20 -2.65
CA PRO F 86 6.63 42.60 -2.88
C PRO F 86 7.37 43.52 -1.93
N GLY F 87 7.86 44.67 -2.43
CA GLY F 87 8.59 45.62 -1.60
C GLY F 87 10.08 45.46 -1.82
N VAL F 88 10.53 44.29 -2.20
CA VAL F 88 11.97 44.09 -2.15
C VAL F 88 12.67 45.00 -3.16
N THR F 89 12.06 45.20 -4.34
CA THR F 89 12.76 45.92 -5.41
C THR F 89 12.64 47.43 -5.13
N GLU F 90 11.46 47.92 -4.76
CA GLU F 90 11.32 49.24 -4.18
C GLU F 90 12.55 49.56 -3.28
N ARG F 91 12.71 48.80 -2.19
CA ARG F 91 13.65 49.18 -1.14
C ARG F 91 15.08 49.06 -1.66
N LEU F 92 15.26 48.31 -2.73
CA LEU F 92 16.53 48.34 -3.43
C LEU F 92 16.67 49.63 -4.27
N GLY F 93 15.56 50.37 -4.49
CA GLY F 93 15.52 51.42 -5.50
C GLY F 93 15.53 50.91 -6.96
N LEU F 94 15.01 49.67 -7.17
CA LEU F 94 14.80 49.08 -8.48
C LEU F 94 13.32 48.79 -8.69
N GLY F 95 12.45 49.51 -7.96
CA GLY F 95 11.01 49.39 -8.13
C GLY F 95 10.58 49.76 -9.53
N PRO F 96 9.28 49.55 -9.89
CA PRO F 96 8.77 50.04 -11.17
C PRO F 96 8.98 51.54 -11.37
N GLU F 97 8.71 52.36 -10.34
CA GLU F 97 8.75 53.80 -10.51
C GLU F 97 10.16 54.30 -10.78
N GLU F 98 11.14 53.80 -10.02
CA GLU F 98 12.53 54.12 -10.27
C GLU F 98 12.99 53.61 -11.63
N CYS F 99 12.42 52.48 -12.06
CA CYS F 99 12.77 51.88 -13.35
C CYS F 99 12.15 52.72 -14.48
N ALA F 100 10.90 53.19 -14.31
CA ALA F 100 10.15 53.96 -15.30
C ALA F 100 10.70 55.37 -15.53
N LYS F 101 11.63 55.79 -14.67
CA LYS F 101 12.31 57.08 -14.78
C LYS F 101 13.51 56.95 -15.71
N VAL F 102 14.08 55.76 -15.86
CA VAL F 102 15.28 55.64 -16.66
C VAL F 102 15.01 54.83 -17.93
N ASN F 103 13.72 54.54 -18.23
CA ASN F 103 13.35 53.66 -19.33
C ASN F 103 11.88 53.29 -19.17
N ASP F 104 10.99 54.15 -19.66
CA ASP F 104 9.56 53.92 -19.63
C ASP F 104 9.09 53.00 -20.78
N ARG F 105 10.03 52.35 -21.46
CA ARG F 105 9.66 51.31 -22.43
C ARG F 105 9.76 49.92 -21.77
N LEU F 106 10.09 49.89 -20.46
CA LEU F 106 10.41 48.67 -19.76
C LEU F 106 9.13 47.85 -19.56
N ILE F 107 9.26 46.55 -19.86
CA ILE F 107 8.33 45.58 -19.32
C ILE F 107 8.85 45.06 -17.98
N TYR F 108 8.05 45.35 -16.94
CA TYR F 108 8.48 45.21 -15.57
C TYR F 108 7.74 43.99 -15.02
N ALA F 109 8.43 42.84 -15.02
CA ALA F 109 7.69 41.58 -14.82
C ALA F 109 7.95 41.06 -13.40
N ARG F 110 6.83 41.00 -12.65
CA ARG F 110 6.78 40.59 -11.26
C ARG F 110 6.11 39.22 -11.07
N MET F 111 6.96 38.26 -10.69
CA MET F 111 6.64 36.85 -10.47
C MET F 111 6.50 36.60 -8.97
N THR F 112 5.28 36.49 -8.47
CA THR F 112 5.09 36.05 -7.10
C THR F 112 4.17 34.82 -7.05
N GLY F 113 3.89 34.33 -5.82
CA GLY F 113 2.92 33.27 -5.57
C GLY F 113 1.58 33.85 -5.18
N TRP F 114 1.60 34.74 -4.18
CA TRP F 114 0.34 35.26 -3.65
C TRP F 114 -0.04 36.59 -4.36
N GLY F 115 0.87 37.16 -5.17
CA GLY F 115 0.61 38.46 -5.79
C GLY F 115 1.22 39.65 -5.02
N GLN F 116 0.80 40.86 -5.41
CA GLN F 116 1.47 42.06 -4.94
C GLN F 116 0.82 42.61 -3.68
N THR F 117 -0.49 42.37 -3.46
CA THR F 117 -1.17 42.78 -2.24
C THR F 117 -2.03 41.67 -1.65
N GLY F 118 -2.66 41.99 -0.51
CA GLY F 118 -3.61 41.12 0.17
C GLY F 118 -2.94 40.43 1.36
N PRO F 119 -3.75 39.75 2.18
CA PRO F 119 -3.29 39.22 3.47
C PRO F 119 -2.12 38.22 3.46
N ARG F 120 -1.90 37.51 2.32
CA ARG F 120 -0.86 36.49 2.31
C ARG F 120 0.37 36.96 1.56
N SER F 121 0.38 38.24 1.17
CA SER F 121 1.35 38.69 0.18
C SER F 121 2.76 38.77 0.74
N GLN F 122 2.91 38.72 2.08
CA GLN F 122 4.28 38.66 2.63
C GLN F 122 4.68 37.26 3.13
N GLN F 123 3.74 36.30 3.10
CA GLN F 123 4.06 34.95 3.54
C GLN F 123 5.05 34.27 2.58
N ALA F 124 6.09 33.66 3.13
CA ALA F 124 6.91 32.76 2.34
C ALA F 124 6.06 31.59 1.84
N GLY F 125 6.55 30.93 0.79
CA GLY F 125 5.72 29.97 0.08
C GLY F 125 6.47 29.29 -1.06
N HIS F 126 5.92 28.13 -1.41
CA HIS F 126 6.33 27.41 -2.59
C HIS F 126 5.09 26.88 -3.30
N ASP F 127 5.35 26.30 -4.50
CA ASP F 127 4.31 25.77 -5.36
C ASP F 127 3.20 25.10 -4.55
N ILE F 128 3.55 24.12 -3.69
CA ILE F 128 2.54 23.35 -2.95
C ILE F 128 1.59 24.26 -2.16
N ASN F 129 2.12 25.39 -1.62
CA ASN F 129 1.26 26.31 -0.88
C ASN F 129 0.27 27.05 -1.79
N TYR F 130 0.78 27.53 -2.93
CA TYR F 130 0.00 28.35 -3.85
C TYR F 130 -1.13 27.50 -4.45
N ILE F 131 -0.89 26.21 -4.79
CA ILE F 131 -1.98 25.38 -5.31
C ILE F 131 -2.88 24.79 -4.21
N SER F 132 -2.55 24.94 -2.94
CA SER F 132 -3.40 24.42 -1.88
C SER F 132 -4.62 25.30 -1.71
N LEU F 133 -4.45 26.62 -1.95
CA LEU F 133 -5.46 27.61 -1.60
C LEU F 133 -6.57 27.72 -2.65
N ASN F 134 -6.32 27.23 -3.88
CA ASN F 134 -7.22 27.46 -4.99
C ASN F 134 -7.84 26.17 -5.52
N GLY F 135 -7.81 25.10 -4.72
CA GLY F 135 -8.59 23.90 -5.00
C GLY F 135 -7.81 22.85 -5.78
N ILE F 136 -6.63 23.20 -6.29
CA ILE F 136 -5.92 22.36 -7.24
C ILE F 136 -5.34 21.14 -6.53
N LEU F 137 -4.59 21.38 -5.46
CA LEU F 137 -3.88 20.29 -4.79
C LEU F 137 -4.88 19.28 -4.22
N HIS F 138 -5.99 19.77 -3.70
CA HIS F 138 -7.01 18.92 -3.12
C HIS F 138 -7.50 17.91 -4.15
N ALA F 139 -7.45 18.28 -5.45
CA ALA F 139 -8.06 17.45 -6.49
C ALA F 139 -7.10 16.42 -7.06
N ILE F 140 -5.87 16.35 -6.54
CA ILE F 140 -4.84 15.48 -7.09
C ILE F 140 -4.47 14.34 -6.16
N GLY F 141 -4.53 13.12 -6.69
CA GLY F 141 -4.14 11.93 -5.96
C GLY F 141 -5.29 10.93 -5.87
N ARG F 142 -5.02 9.80 -5.23
CA ARG F 142 -6.05 8.79 -5.06
C ARG F 142 -7.03 9.23 -3.98
N GLY F 143 -8.24 8.70 -4.08
CA GLY F 143 -9.37 9.10 -3.25
C GLY F 143 -9.21 8.69 -1.78
N ASP F 144 -8.54 7.58 -1.56
CA ASP F 144 -8.45 7.02 -0.23
C ASP F 144 -7.16 7.49 0.48
N GLU F 145 -6.57 8.59 0.01
CA GLU F 145 -5.25 9.03 0.45
C GLU F 145 -5.21 10.55 0.50
N ARG F 146 -4.21 11.10 1.17
CA ARG F 146 -4.02 12.53 1.23
C ARG F 146 -3.51 13.02 -0.13
N PRO F 147 -3.78 14.29 -0.49
CA PRO F 147 -3.41 14.79 -1.79
C PRO F 147 -1.93 14.65 -2.06
N VAL F 148 -1.60 14.50 -3.33
CA VAL F 148 -0.19 14.34 -3.64
C VAL F 148 0.24 15.53 -4.50
N PRO F 149 1.41 16.12 -4.23
CA PRO F 149 1.85 17.24 -5.04
C PRO F 149 2.26 16.81 -6.45
N PRO F 150 1.78 17.51 -7.50
CA PRO F 150 2.20 17.24 -8.87
C PRO F 150 3.55 17.87 -9.20
N LEU F 151 4.57 17.40 -8.51
CA LEU F 151 5.84 18.11 -8.39
C LEU F 151 5.55 19.58 -8.16
N ASN F 152 6.41 20.46 -8.72
CA ASN F 152 6.16 21.89 -8.74
C ASN F 152 5.76 22.35 -10.14
N LEU F 153 4.97 21.54 -10.83
CA LEU F 153 4.70 21.78 -12.24
C LEU F 153 3.58 22.80 -12.41
N VAL F 154 2.61 22.79 -11.51
CA VAL F 154 1.39 23.50 -11.76
C VAL F 154 1.47 24.95 -11.26
N GLY F 155 2.10 25.18 -10.10
CA GLY F 155 2.16 26.53 -9.53
C GLY F 155 3.35 27.33 -10.07
N ASP F 156 4.55 26.78 -9.95
CA ASP F 156 5.79 27.37 -10.41
C ASP F 156 5.81 27.59 -11.93
N PHE F 157 5.39 26.59 -12.72
CA PHE F 157 5.69 26.66 -14.15
C PHE F 157 4.39 26.87 -14.92
N GLY F 158 3.55 25.85 -14.96
CA GLY F 158 2.30 25.95 -15.69
C GLY F 158 1.50 27.19 -15.36
N GLY F 159 1.33 27.49 -14.06
CA GLY F 159 0.50 28.61 -13.60
C GLY F 159 1.34 29.81 -13.17
N GLY F 160 2.64 29.73 -13.39
CA GLY F 160 3.64 30.62 -12.83
C GLY F 160 4.43 31.29 -13.94
N SER F 161 5.58 30.72 -14.26
CA SER F 161 6.47 31.20 -15.30
C SER F 161 5.74 31.42 -16.62
N MET F 162 4.81 30.53 -16.97
CA MET F 162 4.27 30.56 -18.31
C MET F 162 3.32 31.76 -18.42
N PHE F 163 2.63 32.10 -17.34
CA PHE F 163 1.73 33.24 -17.36
C PHE F 163 2.51 34.55 -17.31
N LEU F 164 3.70 34.53 -16.71
CA LEU F 164 4.62 35.66 -16.72
C LEU F 164 5.08 35.89 -18.17
N LEU F 165 5.40 34.81 -18.88
CA LEU F 165 5.88 34.89 -20.25
C LEU F 165 4.81 35.47 -21.14
N VAL F 166 3.59 34.97 -21.02
CA VAL F 166 2.44 35.51 -21.72
C VAL F 166 2.23 37.00 -21.40
N GLY F 167 2.48 37.42 -20.16
CA GLY F 167 2.33 38.83 -19.80
C GLY F 167 3.43 39.68 -20.46
N ILE F 168 4.67 39.24 -20.32
CA ILE F 168 5.81 39.90 -20.90
C ILE F 168 5.55 40.05 -22.40
N LEU F 169 5.15 38.95 -23.06
CA LEU F 169 5.05 38.96 -24.50
C LEU F 169 3.79 39.72 -24.91
N ALA F 170 2.69 39.62 -24.17
CA ALA F 170 1.52 40.41 -24.49
C ALA F 170 1.80 41.89 -24.33
N ALA F 171 2.69 42.22 -23.39
CA ALA F 171 2.95 43.60 -23.06
C ALA F 171 3.83 44.21 -24.14
N LEU F 172 4.76 43.41 -24.70
CA LEU F 172 5.54 43.82 -25.86
C LEU F 172 4.67 44.14 -27.07
N TRP F 173 3.52 43.45 -27.24
CA TRP F 173 2.65 43.71 -28.38
C TRP F 173 1.92 45.04 -28.20
N GLU F 174 1.47 45.30 -26.96
CA GLU F 174 0.84 46.57 -26.62
C GLU F 174 1.85 47.73 -26.74
N ARG F 175 3.09 47.51 -26.28
CA ARG F 175 4.17 48.48 -26.38
C ARG F 175 4.39 48.94 -27.81
N GLN F 176 4.14 48.05 -28.78
CA GLN F 176 4.46 48.35 -30.17
C GLN F 176 3.51 49.43 -30.69
N SER F 177 2.36 49.63 -30.04
CA SER F 177 1.42 50.67 -30.45
C SER F 177 1.10 51.69 -29.35
N SER F 178 1.89 51.78 -28.27
CA SER F 178 1.66 52.82 -27.27
C SER F 178 2.95 53.57 -26.96
N GLY F 179 4.09 53.02 -27.39
CA GLY F 179 5.42 53.52 -27.06
C GLY F 179 5.88 53.19 -25.64
N LYS F 180 4.96 52.67 -24.80
CA LYS F 180 5.14 52.54 -23.36
C LYS F 180 5.27 51.07 -22.92
N GLY F 181 6.18 50.83 -21.97
CA GLY F 181 6.19 49.61 -21.17
C GLY F 181 5.07 49.63 -20.11
N GLN F 182 5.22 48.76 -19.10
CA GLN F 182 4.24 48.61 -18.01
C GLN F 182 4.62 47.40 -17.13
N VAL F 183 3.79 47.17 -16.10
CA VAL F 183 4.08 46.18 -15.07
C VAL F 183 3.16 44.98 -15.26
N VAL F 184 3.80 43.81 -15.31
CA VAL F 184 3.11 42.53 -15.29
C VAL F 184 3.17 41.93 -13.88
N ASP F 185 2.01 41.81 -13.26
CA ASP F 185 1.81 41.14 -11.99
C ASP F 185 1.30 39.70 -12.21
N ALA F 186 2.25 38.75 -12.21
CA ALA F 186 1.97 37.32 -12.35
C ALA F 186 2.04 36.62 -10.98
N ALA F 187 0.86 36.28 -10.45
CA ALA F 187 0.76 35.49 -9.22
C ALA F 187 0.41 34.04 -9.54
N MET F 188 1.21 33.11 -9.01
CA MET F 188 0.98 31.67 -9.19
C MET F 188 -0.44 31.26 -8.81
N VAL F 189 -1.01 31.87 -7.79
CA VAL F 189 -2.35 31.49 -7.40
C VAL F 189 -3.40 31.90 -8.44
N ASP F 190 -3.09 32.92 -9.25
CA ASP F 190 -4.01 33.34 -10.31
C ASP F 190 -3.80 32.48 -11.57
N GLY F 191 -2.55 32.44 -12.03
CA GLY F 191 -2.15 31.74 -13.23
C GLY F 191 -2.52 30.25 -13.14
N SER F 192 -2.38 29.63 -11.95
CA SER F 192 -2.71 28.23 -11.77
C SER F 192 -4.22 28.04 -11.80
N SER F 193 -4.99 29.04 -11.35
CA SER F 193 -6.45 28.93 -11.40
C SER F 193 -6.98 29.05 -12.84
N VAL F 194 -6.32 29.85 -13.67
CA VAL F 194 -6.71 29.95 -15.07
C VAL F 194 -6.30 28.66 -15.80
N LEU F 195 -5.14 28.12 -15.46
CA LEU F 195 -4.69 26.83 -15.94
C LEU F 195 -5.72 25.73 -15.75
N ILE F 196 -6.47 25.75 -14.63
CA ILE F 196 -7.45 24.73 -14.29
C ILE F 196 -8.87 25.21 -14.59
N GLN F 197 -9.01 26.15 -15.52
CA GLN F 197 -10.32 26.71 -15.85
C GLN F 197 -11.25 25.61 -16.33
N MET F 198 -10.70 24.60 -17.02
CA MET F 198 -11.55 23.53 -17.49
C MET F 198 -12.33 22.93 -16.33
N MET F 199 -11.63 22.67 -15.20
CA MET F 199 -12.29 22.02 -14.08
C MET F 199 -13.35 22.96 -13.53
N TRP F 200 -13.07 24.27 -13.52
CA TRP F 200 -14.09 25.19 -13.02
C TRP F 200 -15.31 25.18 -13.94
N ALA F 201 -15.09 25.05 -15.27
CA ALA F 201 -16.17 24.97 -16.23
C ALA F 201 -16.92 23.66 -16.09
N MET F 202 -16.21 22.53 -15.94
CA MET F 202 -16.87 21.25 -15.77
C MET F 202 -17.68 21.24 -14.48
N ARG F 203 -17.15 21.87 -13.41
CA ARG F 203 -17.82 21.90 -12.13
C ARG F 203 -19.14 22.65 -12.23
N ALA F 204 -19.15 23.72 -13.01
CA ALA F 204 -20.35 24.53 -13.20
C ALA F 204 -21.47 23.75 -13.89
N THR F 205 -21.16 22.72 -14.70
CA THR F 205 -22.19 22.00 -15.41
C THR F 205 -22.39 20.61 -14.80
N GLY F 206 -22.00 20.43 -13.53
CA GLY F 206 -22.12 19.13 -12.87
C GLY F 206 -21.24 18.02 -13.45
N MET F 207 -20.15 18.35 -14.17
CA MET F 207 -19.28 17.35 -14.77
C MET F 207 -18.02 17.12 -13.95
N TRP F 208 -17.93 17.66 -12.72
CA TRP F 208 -16.75 17.49 -11.89
C TRP F 208 -17.14 17.63 -10.45
N THR F 209 -16.79 16.66 -9.58
CA THR F 209 -17.07 16.75 -8.15
C THR F 209 -15.76 17.07 -7.42
N ASP F 210 -15.89 17.70 -6.24
CA ASP F 210 -14.78 18.00 -5.34
C ASP F 210 -14.21 16.75 -4.69
N THR F 211 -14.87 15.59 -4.85
CA THR F 211 -14.32 14.35 -4.33
C THR F 211 -13.12 13.95 -5.18
N ARG F 212 -11.99 13.71 -4.51
CA ARG F 212 -10.76 13.32 -5.16
C ARG F 212 -10.87 11.87 -5.65
N GLY F 213 -10.40 11.60 -6.87
CA GLY F 213 -10.24 10.23 -7.32
C GLY F 213 -11.52 9.68 -7.92
N ALA F 214 -12.50 10.57 -8.13
CA ALA F 214 -13.81 10.19 -8.61
C ALA F 214 -14.20 10.97 -9.87
N ASN F 215 -13.26 11.47 -10.69
CA ASN F 215 -13.69 12.23 -11.87
C ASN F 215 -13.12 11.60 -13.14
N MET F 216 -13.40 12.22 -14.30
CA MET F 216 -13.03 11.65 -15.58
C MET F 216 -11.53 11.72 -15.78
N LEU F 217 -10.88 12.77 -15.25
CA LEU F 217 -9.49 13.00 -15.60
C LEU F 217 -8.55 12.95 -14.40
N ASP F 218 -9.03 12.46 -13.24
CA ASP F 218 -8.21 12.46 -12.05
C ASP F 218 -7.71 11.08 -11.69
N GLY F 219 -8.05 10.06 -12.48
CA GLY F 219 -7.67 8.70 -12.19
C GLY F 219 -8.88 7.87 -11.75
N GLY F 220 -10.01 8.52 -11.50
CA GLY F 220 -11.23 7.81 -11.15
C GLY F 220 -11.87 7.03 -12.31
N ALA F 221 -11.64 7.42 -13.59
CA ALA F 221 -12.24 6.67 -14.68
C ALA F 221 -11.29 5.55 -15.10
N PRO F 222 -11.74 4.29 -15.19
CA PRO F 222 -10.86 3.17 -15.55
C PRO F 222 -10.19 3.27 -16.92
N TYR F 223 -10.78 4.09 -17.80
CA TYR F 223 -10.20 4.33 -19.10
C TYR F 223 -9.31 5.56 -19.13
N TYR F 224 -9.08 6.25 -18.00
CA TYR F 224 -8.12 7.37 -17.94
C TYR F 224 -7.27 7.23 -16.67
N ASP F 225 -6.25 6.38 -16.73
CA ASP F 225 -5.50 6.03 -15.54
C ASP F 225 -4.29 5.23 -15.98
N THR F 226 -3.39 4.98 -15.04
CA THR F 226 -2.27 4.07 -15.28
C THR F 226 -2.63 2.65 -14.83
N TYR F 227 -1.93 1.64 -15.37
CA TYR F 227 -2.15 0.25 -15.00
C TYR F 227 -0.79 -0.39 -14.80
N GLU F 228 -0.69 -1.20 -13.75
CA GLU F 228 0.52 -1.94 -13.53
C GLU F 228 0.50 -3.19 -14.41
N CYS F 229 1.66 -3.46 -15.01
CA CYS F 229 1.90 -4.58 -15.89
C CYS F 229 2.57 -5.71 -15.12
N ALA F 230 2.72 -6.85 -15.79
CA ALA F 230 3.29 -8.08 -15.24
C ALA F 230 4.70 -7.84 -14.72
N ASP F 231 5.47 -6.93 -15.34
CA ASP F 231 6.84 -6.69 -14.92
C ASP F 231 6.96 -5.58 -13.85
N GLY F 232 5.85 -5.12 -13.26
CA GLY F 232 5.89 -4.04 -12.29
C GLY F 232 6.04 -2.63 -12.90
N ARG F 233 6.12 -2.49 -14.24
CA ARG F 233 6.13 -1.19 -14.89
C ARG F 233 4.71 -0.83 -15.27
N TYR F 234 4.49 0.27 -15.98
CA TYR F 234 3.15 0.80 -16.12
C TYR F 234 2.89 1.29 -17.52
N VAL F 235 1.60 1.21 -17.89
CA VAL F 235 1.09 1.88 -19.06
C VAL F 235 0.07 2.91 -18.61
N ALA F 236 -0.19 3.85 -19.51
CA ALA F 236 -1.20 4.86 -19.32
C ALA F 236 -2.28 4.61 -20.34
N VAL F 237 -3.51 4.70 -19.86
CA VAL F 237 -4.65 4.55 -20.71
C VAL F 237 -5.39 5.86 -20.74
N GLY F 238 -5.68 6.36 -21.95
CA GLY F 238 -6.36 7.63 -22.10
C GLY F 238 -7.51 7.53 -23.09
N ALA F 239 -8.24 6.41 -23.05
CA ALA F 239 -9.16 6.07 -24.11
C ALA F 239 -10.54 6.60 -23.80
N ILE F 240 -10.68 7.92 -23.93
CA ILE F 240 -11.94 8.57 -23.58
C ILE F 240 -13.02 8.28 -24.62
N GLU F 241 -12.68 8.50 -25.90
CA GLU F 241 -13.67 8.38 -26.97
C GLU F 241 -14.01 6.90 -27.15
N PRO F 242 -15.30 6.57 -27.29
CA PRO F 242 -15.72 5.18 -27.37
C PRO F 242 -14.94 4.36 -28.40
N GLN F 243 -14.66 4.98 -29.54
CA GLN F 243 -13.95 4.29 -30.62
C GLN F 243 -12.53 3.94 -30.20
N PHE F 244 -11.84 4.81 -29.46
CA PHE F 244 -10.49 4.49 -29.03
C PHE F 244 -10.56 3.45 -27.92
N TYR F 245 -11.55 3.60 -27.03
CA TYR F 245 -11.81 2.61 -25.99
C TYR F 245 -12.05 1.23 -26.61
N ALA F 246 -12.84 1.14 -27.69
CA ALA F 246 -13.08 -0.17 -28.31
C ALA F 246 -11.76 -0.75 -28.82
N ALA F 247 -10.91 0.09 -29.40
CA ALA F 247 -9.64 -0.41 -29.90
C ALA F 247 -8.79 -0.93 -28.75
N MET F 248 -8.87 -0.25 -27.61
CA MET F 248 -8.07 -0.67 -26.49
C MET F 248 -8.53 -2.05 -26.02
N LEU F 249 -9.84 -2.25 -25.88
CA LEU F 249 -10.41 -3.54 -25.50
C LEU F 249 -9.95 -4.63 -26.47
N ALA F 250 -9.94 -4.31 -27.76
CA ALA F 250 -9.56 -5.29 -28.78
C ALA F 250 -8.15 -5.78 -28.52
N GLY F 251 -7.21 -4.86 -28.29
CA GLY F 251 -5.84 -5.29 -28.04
C GLY F 251 -5.65 -6.02 -26.70
N LEU F 252 -6.52 -5.73 -25.72
CA LEU F 252 -6.42 -6.36 -24.41
C LEU F 252 -6.94 -7.80 -24.50
N GLY F 253 -7.76 -8.08 -25.52
CA GLY F 253 -8.31 -9.41 -25.69
C GLY F 253 -9.60 -9.56 -24.89
N LEU F 254 -10.25 -8.44 -24.52
CA LEU F 254 -11.50 -8.51 -23.78
C LEU F 254 -12.67 -8.27 -24.71
N ASP F 255 -13.67 -9.15 -24.63
CA ASP F 255 -14.88 -9.00 -25.41
C ASP F 255 -15.74 -7.93 -24.74
N ALA F 256 -16.00 -6.84 -25.45
CA ALA F 256 -16.85 -5.78 -24.96
C ALA F 256 -18.16 -6.29 -24.35
N ALA F 257 -18.76 -7.36 -24.90
CA ALA F 257 -20.06 -7.80 -24.42
C ALA F 257 -19.99 -8.43 -23.01
N GLU F 258 -18.78 -8.75 -22.51
CA GLU F 258 -18.58 -9.31 -21.17
C GLU F 258 -18.30 -8.25 -20.10
N LEU F 259 -18.28 -6.96 -20.47
CA LEU F 259 -17.79 -5.91 -19.58
C LEU F 259 -18.96 -5.01 -19.24
N PRO F 260 -18.92 -4.27 -18.13
CA PRO F 260 -19.86 -3.19 -17.98
C PRO F 260 -19.64 -2.13 -19.05
N PRO F 261 -20.65 -1.28 -19.32
CA PRO F 261 -20.44 -0.16 -20.23
C PRO F 261 -19.39 0.81 -19.69
N GLN F 262 -18.73 1.50 -20.62
CA GLN F 262 -17.55 2.28 -20.36
C GLN F 262 -17.88 3.41 -19.40
N ASN F 263 -19.06 3.98 -19.53
CA ASN F 263 -19.42 5.12 -18.74
C ASN F 263 -20.54 4.78 -17.77
N ASP F 264 -20.75 3.50 -17.45
CA ASP F 264 -21.55 3.20 -16.26
C ASP F 264 -20.66 3.31 -15.02
N ARG F 265 -20.69 4.49 -14.39
CA ARG F 265 -19.89 4.84 -13.24
C ARG F 265 -20.17 3.86 -12.10
N ALA F 266 -21.42 3.42 -11.95
CA ALA F 266 -21.78 2.58 -10.82
C ALA F 266 -21.07 1.24 -10.90
N ARG F 267 -20.54 0.88 -12.08
CA ARG F 267 -19.90 -0.42 -12.28
C ARG F 267 -18.42 -0.24 -12.62
N TRP F 268 -17.90 0.98 -12.46
CA TRP F 268 -16.46 1.20 -12.61
C TRP F 268 -15.64 0.26 -11.74
N PRO F 269 -16.02 -0.11 -10.48
CA PRO F 269 -15.23 -1.08 -9.73
C PRO F 269 -15.02 -2.38 -10.49
N GLU F 270 -16.05 -2.92 -11.14
CA GLU F 270 -15.93 -4.17 -11.87
C GLU F 270 -15.06 -3.95 -13.11
N LEU F 271 -15.31 -2.84 -13.81
CA LEU F 271 -14.57 -2.57 -15.03
C LEU F 271 -13.08 -2.46 -14.72
N ARG F 272 -12.76 -1.78 -13.62
CA ARG F 272 -11.38 -1.55 -13.24
C ARG F 272 -10.72 -2.88 -12.90
N ALA F 273 -11.43 -3.76 -12.19
CA ALA F 273 -10.87 -5.07 -11.88
C ALA F 273 -10.60 -5.85 -13.16
N LEU F 274 -11.49 -5.75 -14.16
CA LEU F 274 -11.29 -6.46 -15.42
C LEU F 274 -10.08 -5.92 -16.17
N LEU F 275 -9.96 -4.58 -16.23
CA LEU F 275 -8.86 -4.00 -16.98
C LEU F 275 -7.55 -4.26 -16.25
N THR F 276 -7.61 -4.21 -14.90
CA THR F 276 -6.41 -4.39 -14.07
C THR F 276 -5.85 -5.77 -14.31
N GLU F 277 -6.72 -6.82 -14.31
CA GLU F 277 -6.26 -8.19 -14.50
C GLU F 277 -5.65 -8.33 -15.89
N ALA F 278 -6.32 -7.76 -16.89
CA ALA F 278 -5.85 -7.86 -18.24
C ALA F 278 -4.47 -7.24 -18.40
N PHE F 279 -4.26 -5.99 -17.95
CA PHE F 279 -2.99 -5.34 -18.16
C PHE F 279 -1.92 -6.03 -17.32
N ALA F 280 -2.31 -6.60 -16.16
CA ALA F 280 -1.34 -7.24 -15.29
C ALA F 280 -0.82 -8.55 -15.90
N SER F 281 -1.46 -9.04 -16.97
CA SER F 281 -1.17 -10.39 -17.46
C SER F 281 0.00 -10.39 -18.43
N HIS F 282 0.52 -9.23 -18.82
CA HIS F 282 1.71 -9.15 -19.65
C HIS F 282 2.49 -7.90 -19.27
N ASP F 283 3.73 -7.85 -19.73
CA ASP F 283 4.65 -6.77 -19.37
C ASP F 283 4.41 -5.57 -20.27
N ARG F 284 5.01 -4.45 -19.89
CA ARG F 284 4.81 -3.18 -20.56
C ARG F 284 5.25 -3.26 -22.02
N ASP F 285 6.45 -3.83 -22.26
CA ASP F 285 6.92 -4.11 -23.61
C ASP F 285 5.82 -4.79 -24.42
N HIS F 286 5.18 -5.80 -23.84
CA HIS F 286 4.16 -6.51 -24.61
C HIS F 286 3.07 -5.54 -25.07
N TRP F 287 2.61 -4.64 -24.19
CA TRP F 287 1.55 -3.72 -24.57
C TRP F 287 2.05 -2.67 -25.57
N GLY F 288 3.34 -2.33 -25.53
CA GLY F 288 3.89 -1.45 -26.55
C GLY F 288 3.79 -2.04 -27.97
N ALA F 289 4.07 -3.34 -28.08
CA ALA F 289 3.97 -4.07 -29.33
C ALA F 289 2.51 -4.17 -29.78
N VAL F 290 1.64 -4.62 -28.88
CA VAL F 290 0.22 -4.73 -29.17
C VAL F 290 -0.28 -3.37 -29.69
N PHE F 291 0.05 -2.26 -29.02
CA PHE F 291 -0.73 -1.03 -29.21
C PHE F 291 0.00 -0.11 -30.18
N ALA F 292 1.33 -0.06 -30.06
CA ALA F 292 2.20 0.31 -31.16
C ALA F 292 1.79 1.63 -31.82
N ASN F 293 0.91 1.50 -32.82
CA ASN F 293 0.71 2.51 -33.83
C ASN F 293 -0.77 2.86 -33.86
N SER F 294 -1.46 2.69 -32.73
CA SER F 294 -2.92 2.60 -32.74
C SER F 294 -3.57 3.75 -31.99
N ASP F 295 -4.84 3.95 -32.25
CA ASP F 295 -5.61 4.98 -31.60
C ASP F 295 -6.20 4.53 -30.27
N ALA F 296 -5.69 3.43 -29.71
CA ALA F 296 -6.21 2.91 -28.46
C ALA F 296 -5.89 3.82 -27.25
N CYS F 297 -4.98 4.80 -27.41
CA CYS F 297 -4.53 5.71 -26.35
C CYS F 297 -3.92 4.95 -25.19
N VAL F 298 -3.02 4.02 -25.50
CA VAL F 298 -2.26 3.26 -24.51
C VAL F 298 -0.78 3.46 -24.81
N THR F 299 -0.03 3.99 -23.84
CA THR F 299 1.39 4.30 -23.99
C THR F 299 2.12 3.80 -22.76
N PRO F 300 3.41 3.46 -22.91
CA PRO F 300 4.23 3.09 -21.77
C PRO F 300 4.57 4.31 -20.94
N VAL F 301 4.55 4.13 -19.61
CA VAL F 301 4.92 5.19 -18.67
C VAL F 301 6.43 5.12 -18.46
N LEU F 302 7.18 5.89 -19.25
CA LEU F 302 8.63 5.81 -19.22
C LEU F 302 9.18 6.66 -18.06
N ALA F 303 10.21 6.10 -17.40
CA ALA F 303 11.07 6.82 -16.47
C ALA F 303 11.98 7.78 -17.25
N PHE F 304 12.40 8.87 -16.60
CA PHE F 304 13.26 9.87 -17.24
C PHE F 304 14.39 9.18 -18.03
N GLY F 305 15.08 8.25 -17.38
CA GLY F 305 16.28 7.62 -17.91
C GLY F 305 16.05 6.73 -19.12
N GLU F 306 14.80 6.43 -19.45
CA GLU F 306 14.49 5.62 -20.63
C GLU F 306 13.97 6.49 -21.78
N VAL F 307 13.74 7.79 -21.54
CA VAL F 307 13.08 8.64 -22.52
C VAL F 307 13.91 8.75 -23.81
N HIS F 308 15.24 8.80 -23.65
CA HIS F 308 16.19 9.02 -24.73
C HIS F 308 16.14 7.85 -25.73
N ASN F 309 15.56 6.69 -25.35
CA ASN F 309 15.50 5.52 -26.21
C ASN F 309 14.17 5.42 -26.94
N GLU F 310 13.33 6.45 -26.90
CA GLU F 310 11.99 6.34 -27.45
C GLU F 310 12.00 6.95 -28.86
N PRO F 311 11.65 6.15 -29.91
CA PRO F 311 11.71 6.58 -31.30
C PRO F 311 11.10 7.96 -31.59
N HIS F 312 9.89 8.23 -31.12
CA HIS F 312 9.24 9.50 -31.44
C HIS F 312 9.98 10.67 -30.78
N ILE F 313 10.58 10.41 -29.61
CA ILE F 313 11.34 11.42 -28.89
C ILE F 313 12.60 11.74 -29.70
N ILE F 314 13.35 10.68 -30.03
CA ILE F 314 14.62 10.79 -30.75
C ILE F 314 14.41 11.56 -32.05
N GLU F 315 13.39 11.17 -32.83
CA GLU F 315 13.23 11.67 -34.20
C GLU F 315 12.77 13.12 -34.25
N ARG F 316 12.02 13.59 -33.25
CA ARG F 316 11.69 15.00 -33.19
C ARG F 316 12.77 15.81 -32.47
N ASN F 317 13.84 15.17 -31.95
CA ASN F 317 14.86 15.91 -31.21
C ASN F 317 14.19 16.78 -30.14
N THR F 318 13.38 16.14 -29.28
CA THR F 318 12.75 16.83 -28.17
C THR F 318 13.83 17.16 -27.13
N PHE F 319 14.92 16.37 -27.07
CA PHE F 319 15.98 16.51 -26.08
C PHE F 319 17.32 16.67 -26.79
N TYR F 320 18.27 17.39 -26.15
CA TYR F 320 19.67 17.39 -26.56
C TYR F 320 20.53 16.96 -25.39
N GLU F 321 21.71 16.41 -25.70
CA GLU F 321 22.69 16.02 -24.70
C GLU F 321 23.46 17.26 -24.25
N ALA F 322 23.77 17.34 -22.95
CA ALA F 322 24.45 18.50 -22.41
C ALA F 322 25.07 18.14 -21.08
N ASN F 323 26.41 18.17 -21.00
CA ASN F 323 27.06 18.19 -19.71
C ASN F 323 26.83 16.82 -19.05
N GLY F 324 25.88 16.75 -18.10
CA GLY F 324 25.70 15.56 -17.28
C GLY F 324 24.40 14.81 -17.60
N GLY F 325 23.84 15.01 -18.80
CA GLY F 325 22.69 14.25 -19.25
C GLY F 325 21.77 15.09 -20.16
N TRP F 326 20.65 14.49 -20.56
CA TRP F 326 19.75 15.10 -21.51
C TRP F 326 19.01 16.29 -20.90
N GLN F 327 18.64 17.23 -21.76
CA GLN F 327 17.88 18.42 -21.38
C GLN F 327 16.92 18.70 -22.51
N PRO F 328 15.72 19.27 -22.24
CA PRO F 328 14.79 19.57 -23.31
C PRO F 328 15.27 20.69 -24.22
N MET F 329 15.09 20.49 -25.53
CA MET F 329 15.22 21.53 -26.53
C MET F 329 14.12 22.57 -26.36
N PRO F 330 14.33 23.80 -26.89
CA PRO F 330 13.32 24.84 -26.83
C PRO F 330 11.96 24.43 -27.36
N ALA F 331 10.92 24.98 -26.78
CA ALA F 331 9.57 24.83 -27.29
C ALA F 331 8.87 26.17 -27.18
N PRO F 332 7.83 26.48 -27.98
CA PRO F 332 7.46 25.69 -29.15
C PRO F 332 8.44 25.87 -30.31
N ARG F 333 8.10 25.31 -31.48
CA ARG F 333 8.99 25.38 -32.64
C ARG F 333 8.43 26.38 -33.65
N PHE F 334 9.34 26.96 -34.45
CA PHE F 334 9.00 28.04 -35.35
C PHE F 334 9.47 27.63 -36.74
N SER F 335 8.61 27.77 -37.76
CA SER F 335 8.98 27.36 -39.11
C SER F 335 10.11 28.21 -39.70
N ARG F 336 10.02 29.55 -39.56
CA ARG F 336 11.01 30.46 -40.16
C ARG F 336 12.18 30.76 -39.23
N THR F 337 11.95 31.35 -38.06
CA THR F 337 13.04 31.70 -37.15
C THR F 337 13.20 30.64 -36.07
N ALA F 338 13.87 29.53 -36.42
CA ALA F 338 13.97 28.40 -35.52
C ALA F 338 14.96 28.73 -34.41
N SER F 339 14.64 28.27 -33.20
CA SER F 339 15.52 28.45 -32.05
C SER F 339 16.71 27.56 -32.24
N SER F 340 17.80 27.77 -31.50
CA SER F 340 18.96 26.90 -31.63
C SER F 340 19.20 26.16 -30.33
N GLN F 341 20.14 25.21 -30.38
CA GLN F 341 20.51 24.42 -29.23
C GLN F 341 20.95 25.37 -28.13
N PRO F 342 20.39 25.30 -26.90
CA PRO F 342 20.76 26.24 -25.86
C PRO F 342 22.26 26.27 -25.60
N ARG F 343 22.77 27.45 -25.21
CA ARG F 343 24.16 27.62 -24.81
C ARG F 343 24.28 27.29 -23.34
N PRO F 344 25.32 26.53 -22.90
CA PRO F 344 25.45 26.13 -21.51
C PRO F 344 25.64 27.30 -20.56
N PRO F 345 25.54 27.09 -19.23
CA PRO F 345 25.84 28.15 -18.29
C PRO F 345 27.24 28.75 -18.54
N ALA F 346 27.30 30.08 -18.68
CA ALA F 346 28.54 30.80 -18.95
C ALA F 346 29.21 31.25 -17.65
N ALA F 347 30.54 31.31 -17.63
CA ALA F 347 31.26 31.89 -16.51
C ALA F 347 30.87 33.37 -16.32
N THR F 348 31.00 33.87 -15.08
CA THR F 348 30.52 35.20 -14.70
C THR F 348 31.25 36.24 -15.53
N ILE F 349 30.48 37.06 -16.24
CA ILE F 349 31.10 38.15 -16.97
C ILE F 349 30.83 39.42 -16.16
N ASP F 350 31.73 40.40 -16.32
CA ASP F 350 31.66 41.63 -15.54
C ASP F 350 30.65 42.57 -16.21
N ILE F 351 29.94 43.34 -15.38
CA ILE F 351 28.75 44.09 -15.79
C ILE F 351 29.12 45.26 -16.70
N GLU F 352 30.40 45.66 -16.66
CA GLU F 352 30.92 46.70 -17.55
C GLU F 352 30.94 46.17 -18.97
N ALA F 353 31.62 45.01 -19.16
CA ALA F 353 31.70 44.31 -20.44
C ALA F 353 30.33 44.21 -21.14
N VAL F 354 29.26 44.01 -20.36
CA VAL F 354 27.90 43.95 -20.89
C VAL F 354 27.47 45.34 -21.34
N LEU F 355 27.71 46.35 -20.49
CA LEU F 355 27.22 47.69 -20.79
C LEU F 355 27.87 48.23 -22.07
N THR F 356 29.12 47.81 -22.36
CA THR F 356 29.83 48.14 -23.61
C THR F 356 28.98 47.64 -24.77
N ASP F 357 28.96 46.29 -24.87
CA ASP F 357 28.23 45.51 -25.86
C ASP F 357 26.87 46.15 -26.21
N TRP F 358 26.06 46.49 -25.20
CA TRP F 358 24.82 47.21 -25.40
C TRP F 358 25.12 48.71 -25.56
N ASP F 359 25.18 49.16 -26.81
CA ASP F 359 25.43 50.57 -27.12
C ASP F 359 26.79 50.95 -26.55
N MET G 1 -29.16 -32.10 -36.30
CA MET G 1 -28.14 -31.48 -37.20
C MET G 1 -28.03 -29.97 -36.95
N ALA G 2 -26.81 -29.48 -36.66
CA ALA G 2 -26.63 -28.09 -36.22
C ALA G 2 -26.70 -27.10 -37.40
N GLY G 3 -27.49 -26.04 -37.18
CA GLY G 3 -27.40 -24.82 -37.97
C GLY G 3 -28.78 -24.36 -38.37
N PRO G 4 -28.93 -23.17 -38.99
CA PRO G 4 -30.25 -22.64 -39.29
C PRO G 4 -31.01 -23.33 -40.42
N LEU G 5 -30.33 -24.23 -41.15
CA LEU G 5 -30.97 -24.92 -42.26
C LEU G 5 -31.20 -26.39 -41.85
N SER G 6 -31.05 -26.67 -40.54
CA SER G 6 -31.50 -27.94 -39.99
C SER G 6 -32.94 -28.20 -40.43
N GLY G 7 -33.21 -29.46 -40.81
CA GLY G 7 -34.47 -29.83 -41.42
C GLY G 7 -34.42 -29.91 -42.95
N LEU G 8 -33.90 -28.86 -43.62
CA LEU G 8 -33.97 -28.72 -45.08
C LEU G 8 -33.29 -29.90 -45.81
N ARG G 9 -33.94 -30.32 -46.90
CA ARG G 9 -33.55 -31.54 -47.59
C ARG G 9 -33.19 -31.24 -49.04
N VAL G 10 -32.03 -31.76 -49.44
CA VAL G 10 -31.38 -31.29 -50.66
C VAL G 10 -30.91 -32.49 -51.50
N VAL G 11 -31.32 -32.46 -52.77
CA VAL G 11 -30.83 -33.48 -53.71
C VAL G 11 -29.86 -32.82 -54.69
N GLU G 12 -28.63 -33.35 -54.74
CA GLU G 12 -27.56 -32.78 -55.55
C GLU G 12 -27.17 -33.76 -56.65
N LEU G 13 -27.44 -33.38 -57.91
CA LEU G 13 -26.93 -34.14 -59.04
C LEU G 13 -25.45 -33.79 -59.28
N ALA G 14 -24.53 -34.71 -58.95
CA ALA G 14 -23.10 -34.45 -59.02
C ALA G 14 -22.68 -33.76 -60.33
N GLY G 15 -22.11 -32.55 -60.15
CA GLY G 15 -21.40 -31.82 -61.17
C GLY G 15 -20.03 -31.38 -60.64
N ILE G 16 -19.54 -30.26 -61.16
CA ILE G 16 -18.24 -29.75 -60.78
C ILE G 16 -18.40 -28.26 -60.54
N GLY G 17 -17.59 -27.73 -59.61
CA GLY G 17 -17.54 -26.28 -59.43
C GLY G 17 -18.71 -25.76 -58.61
N PRO G 18 -19.55 -24.86 -59.16
CA PRO G 18 -20.53 -24.14 -58.36
C PRO G 18 -21.59 -25.01 -57.71
N GLY G 19 -22.10 -26.05 -58.41
CA GLY G 19 -23.16 -26.87 -57.85
C GLY G 19 -22.69 -27.51 -56.55
N PRO G 20 -21.55 -28.22 -56.56
CA PRO G 20 -21.02 -28.80 -55.34
C PRO G 20 -20.66 -27.80 -54.23
N HIS G 21 -20.38 -26.56 -54.62
CA HIS G 21 -20.00 -25.55 -53.65
C HIS G 21 -21.25 -25.04 -52.95
N ALA G 22 -22.29 -24.75 -53.73
CA ALA G 22 -23.58 -24.43 -53.17
C ALA G 22 -24.08 -25.53 -52.23
N ALA G 23 -23.94 -26.80 -52.64
CA ALA G 23 -24.45 -27.90 -51.84
C ALA G 23 -23.70 -27.98 -50.54
N MET G 24 -22.37 -27.80 -50.62
CA MET G 24 -21.50 -27.78 -49.47
C MET G 24 -22.01 -26.78 -48.43
N ILE G 25 -22.33 -25.57 -48.87
CA ILE G 25 -22.67 -24.50 -47.94
C ILE G 25 -24.01 -24.80 -47.30
N LEU G 26 -25.00 -25.21 -48.11
CA LEU G 26 -26.28 -25.68 -47.58
C LEU G 26 -26.04 -26.74 -46.50
N GLY G 27 -25.18 -27.72 -46.77
CA GLY G 27 -24.88 -28.76 -45.80
C GLY G 27 -24.01 -28.26 -44.64
N ASP G 28 -23.26 -27.19 -44.90
CA ASP G 28 -22.46 -26.53 -43.87
C ASP G 28 -23.40 -25.97 -42.78
N LEU G 29 -24.51 -25.36 -43.19
CA LEU G 29 -25.44 -24.68 -42.28
C LEU G 29 -26.55 -25.62 -41.77
N GLY G 30 -26.41 -26.94 -41.96
CA GLY G 30 -27.26 -27.95 -41.32
C GLY G 30 -28.28 -28.66 -42.23
N ALA G 31 -28.39 -28.29 -43.52
CA ALA G 31 -29.28 -28.97 -44.45
C ALA G 31 -28.83 -30.41 -44.67
N ASP G 32 -29.82 -31.28 -44.97
CA ASP G 32 -29.58 -32.71 -45.25
C ASP G 32 -29.42 -32.89 -46.76
N VAL G 33 -28.21 -33.25 -47.16
CA VAL G 33 -27.80 -33.10 -48.54
C VAL G 33 -27.45 -34.48 -49.09
N VAL G 34 -28.21 -34.88 -50.10
CA VAL G 34 -27.97 -36.16 -50.72
C VAL G 34 -27.48 -35.90 -52.14
N ARG G 35 -26.27 -36.40 -52.38
CA ARG G 35 -25.58 -36.20 -53.64
C ARG G 35 -25.61 -37.50 -54.45
N ILE G 36 -26.24 -37.47 -55.62
CA ILE G 36 -26.27 -38.63 -56.50
C ILE G 36 -25.12 -38.52 -57.52
N ASP G 37 -24.04 -39.31 -57.34
CA ASP G 37 -23.00 -39.47 -58.34
C ASP G 37 -23.31 -40.70 -59.20
N ARG G 38 -22.57 -40.90 -60.29
CA ARG G 38 -22.72 -42.08 -61.12
C ARG G 38 -21.79 -43.15 -60.54
N PRO G 39 -22.09 -44.46 -60.75
CA PRO G 39 -21.28 -45.51 -60.14
C PRO G 39 -19.88 -45.61 -60.73
N SER G 40 -19.75 -45.20 -62.00
CA SER G 40 -18.46 -45.07 -62.68
C SER G 40 -17.44 -44.37 -61.76
N SER G 41 -17.86 -43.31 -61.05
CA SER G 41 -17.06 -42.64 -60.04
C SER G 41 -17.44 -43.17 -58.66
N VAL G 42 -16.84 -44.30 -58.28
CA VAL G 42 -17.10 -44.95 -56.99
C VAL G 42 -15.74 -44.97 -56.27
N ASP G 43 -15.35 -46.10 -55.66
CA ASP G 43 -14.06 -46.24 -55.01
C ASP G 43 -14.09 -45.51 -53.66
N GLY G 44 -15.25 -45.59 -52.99
CA GLY G 44 -15.37 -45.31 -51.57
C GLY G 44 -15.31 -43.81 -51.25
N ILE G 45 -14.39 -43.43 -50.35
CA ILE G 45 -14.44 -42.15 -49.68
C ILE G 45 -13.75 -41.11 -50.57
N SER G 46 -14.50 -40.07 -50.95
CA SER G 46 -13.95 -38.95 -51.71
C SER G 46 -12.93 -38.20 -50.87
N ARG G 47 -11.84 -37.77 -51.52
CA ARG G 47 -10.79 -37.01 -50.85
C ARG G 47 -10.92 -35.52 -51.18
N ASP G 48 -12.05 -35.14 -51.80
CA ASP G 48 -12.44 -33.75 -52.04
C ASP G 48 -13.21 -33.20 -50.82
N ALA G 49 -12.52 -32.39 -50.02
CA ALA G 49 -13.14 -31.78 -48.85
C ALA G 49 -14.35 -30.94 -49.24
N MET G 50 -14.51 -30.61 -50.53
CA MET G 50 -15.69 -29.86 -50.95
C MET G 50 -16.94 -30.74 -50.87
N LEU G 51 -16.77 -32.08 -50.76
CA LEU G 51 -17.89 -32.99 -50.60
C LEU G 51 -18.18 -33.32 -49.13
N ARG G 52 -17.77 -32.45 -48.21
CA ARG G 52 -18.10 -32.59 -46.80
C ARG G 52 -19.61 -32.35 -46.61
N ASN G 53 -20.14 -32.77 -45.45
CA ASN G 53 -21.54 -32.51 -45.09
C ASN G 53 -22.52 -33.07 -46.12
N ARG G 54 -22.27 -34.32 -46.56
CA ARG G 54 -23.08 -34.92 -47.63
C ARG G 54 -23.46 -36.36 -47.31
N ARG G 55 -24.51 -36.89 -47.95
CA ARG G 55 -24.48 -38.33 -48.20
C ARG G 55 -24.39 -38.59 -49.71
N ILE G 56 -23.43 -39.45 -50.08
CA ILE G 56 -23.19 -39.82 -51.47
C ILE G 56 -23.97 -41.09 -51.82
N VAL G 57 -24.83 -41.02 -52.84
CA VAL G 57 -25.38 -42.23 -53.42
C VAL G 57 -25.04 -42.31 -54.91
N THR G 58 -24.57 -43.49 -55.34
CA THR G 58 -24.38 -43.82 -56.75
C THR G 58 -25.68 -44.37 -57.31
N ALA G 59 -25.80 -44.36 -58.64
CA ALA G 59 -27.07 -44.63 -59.32
C ALA G 59 -26.97 -44.16 -60.77
N ASP G 60 -26.71 -45.13 -61.67
CA ASP G 60 -26.84 -44.94 -63.10
C ASP G 60 -28.21 -44.36 -63.40
N LEU G 61 -28.23 -43.09 -63.83
CA LEU G 61 -29.46 -42.36 -64.08
C LEU G 61 -30.01 -42.67 -65.46
N LYS G 62 -29.25 -43.45 -66.25
CA LYS G 62 -29.69 -43.74 -67.61
C LYS G 62 -30.69 -44.90 -67.55
N SER G 63 -30.52 -45.77 -66.54
CA SER G 63 -31.43 -46.87 -66.23
C SER G 63 -32.80 -46.36 -65.72
N ASP G 64 -33.76 -47.29 -65.66
CA ASP G 64 -35.08 -47.04 -65.10
C ASP G 64 -35.00 -47.26 -63.60
N GLN G 65 -34.12 -48.18 -63.18
CA GLN G 65 -33.76 -48.40 -61.79
C GLN G 65 -33.36 -47.07 -61.15
N GLY G 66 -32.27 -46.47 -61.67
CA GLY G 66 -31.81 -45.18 -61.20
C GLY G 66 -32.87 -44.08 -61.31
N LEU G 67 -33.52 -43.92 -62.49
CA LEU G 67 -34.42 -42.80 -62.69
C LEU G 67 -35.55 -42.82 -61.65
N GLU G 68 -35.98 -44.02 -61.22
CA GLU G 68 -37.11 -44.08 -60.29
C GLU G 68 -36.61 -43.75 -58.89
N LEU G 69 -35.62 -44.51 -58.41
CA LEU G 69 -34.92 -44.25 -57.15
C LEU G 69 -34.67 -42.76 -56.91
N ALA G 70 -34.27 -42.04 -57.96
CA ALA G 70 -33.86 -40.65 -57.86
C ALA G 70 -35.09 -39.74 -57.76
N LEU G 71 -36.17 -40.13 -58.45
CA LEU G 71 -37.41 -39.38 -58.36
C LEU G 71 -38.10 -39.61 -57.01
N LYS G 72 -37.63 -40.65 -56.29
CA LYS G 72 -38.16 -41.00 -54.98
C LYS G 72 -37.37 -40.30 -53.86
N LEU G 73 -36.14 -39.87 -54.14
CA LEU G 73 -35.49 -38.91 -53.29
C LEU G 73 -36.16 -37.56 -53.54
N ILE G 74 -36.28 -37.17 -54.80
CA ILE G 74 -36.73 -35.82 -55.12
C ILE G 74 -38.14 -35.57 -54.61
N ALA G 75 -38.90 -36.65 -54.37
CA ALA G 75 -40.27 -36.55 -53.90
C ALA G 75 -40.28 -36.12 -52.42
N LYS G 76 -39.38 -36.69 -51.62
CA LYS G 76 -39.26 -36.41 -50.20
C LYS G 76 -38.18 -35.35 -49.92
N ALA G 77 -38.10 -34.28 -50.72
CA ALA G 77 -37.03 -33.30 -50.54
C ALA G 77 -37.50 -31.89 -50.88
N ASP G 78 -36.72 -30.88 -50.43
CA ASP G 78 -37.08 -29.48 -50.61
C ASP G 78 -36.42 -28.87 -51.84
N VAL G 79 -35.18 -29.28 -52.09
CA VAL G 79 -34.39 -28.60 -53.11
C VAL G 79 -33.66 -29.63 -53.97
N LEU G 80 -33.68 -29.32 -55.28
CA LEU G 80 -32.81 -30.03 -56.20
C LEU G 80 -31.81 -29.08 -56.87
N ILE G 81 -30.57 -29.58 -56.92
CA ILE G 81 -29.44 -28.89 -57.54
C ILE G 81 -28.89 -29.74 -58.67
N GLU G 82 -28.88 -29.15 -59.85
CA GLU G 82 -28.18 -29.74 -60.98
C GLU G 82 -27.33 -28.68 -61.67
N GLY G 83 -26.12 -29.09 -62.08
CA GLY G 83 -25.19 -28.21 -62.76
C GLY G 83 -24.72 -28.71 -64.13
N TYR G 84 -25.64 -29.28 -64.93
CA TYR G 84 -25.33 -29.85 -66.24
C TYR G 84 -25.78 -28.87 -67.29
N ARG G 85 -25.41 -29.13 -68.56
CA ARG G 85 -25.88 -28.23 -69.61
C ARG G 85 -27.39 -28.27 -69.64
N PRO G 86 -28.04 -27.21 -70.15
CA PRO G 86 -29.49 -27.24 -70.26
C PRO G 86 -29.96 -28.35 -71.21
N GLY G 87 -31.03 -29.09 -70.83
CA GLY G 87 -31.58 -30.19 -71.63
C GLY G 87 -31.20 -31.51 -70.97
N VAL G 88 -30.13 -31.53 -70.21
CA VAL G 88 -29.62 -32.80 -69.72
C VAL G 88 -30.61 -33.46 -68.78
N THR G 89 -31.24 -32.69 -67.88
CA THR G 89 -32.08 -33.32 -66.85
C THR G 89 -33.42 -33.76 -67.47
N GLU G 90 -34.04 -32.91 -68.30
CA GLU G 90 -35.17 -33.30 -69.14
C GLU G 90 -34.92 -34.70 -69.70
N ARG G 91 -33.89 -34.86 -70.52
CA ARG G 91 -33.60 -36.12 -71.21
C ARG G 91 -33.40 -37.27 -70.25
N LEU G 92 -33.06 -37.00 -68.99
CA LEU G 92 -33.09 -38.05 -67.99
C LEU G 92 -34.52 -38.21 -67.42
N GLY G 93 -35.43 -37.29 -67.74
CA GLY G 93 -36.75 -37.22 -67.12
C GLY G 93 -36.72 -36.70 -65.67
N LEU G 94 -35.73 -35.84 -65.36
CA LEU G 94 -35.58 -35.20 -64.06
C LEU G 94 -35.75 -33.70 -64.22
N GLY G 95 -36.30 -33.26 -65.35
CA GLY G 95 -36.48 -31.83 -65.64
C GLY G 95 -37.44 -31.21 -64.63
N PRO G 96 -37.64 -29.87 -64.63
CA PRO G 96 -38.65 -29.26 -63.78
C PRO G 96 -40.02 -29.95 -63.93
N GLU G 97 -40.54 -29.92 -65.18
CA GLU G 97 -41.50 -30.84 -65.77
C GLU G 97 -41.85 -32.02 -64.85
N GLU G 98 -40.98 -33.04 -64.88
CA GLU G 98 -41.19 -34.34 -64.29
C GLU G 98 -40.95 -34.33 -62.79
N CYS G 99 -40.32 -33.25 -62.30
CA CYS G 99 -40.09 -33.11 -60.88
C CYS G 99 -41.38 -32.54 -60.29
N ALA G 100 -41.97 -31.55 -60.97
CA ALA G 100 -43.16 -30.83 -60.52
C ALA G 100 -44.40 -31.73 -60.53
N LYS G 101 -44.22 -33.05 -60.68
CA LYS G 101 -45.30 -34.00 -60.65
C LYS G 101 -44.96 -35.15 -59.70
N VAL G 102 -43.99 -34.95 -58.82
CA VAL G 102 -43.88 -35.80 -57.64
C VAL G 102 -43.54 -34.92 -56.45
N ASN G 103 -43.80 -33.61 -56.58
CA ASN G 103 -43.35 -32.59 -55.64
C ASN G 103 -43.55 -31.22 -56.28
N ASP G 104 -44.73 -30.61 -56.14
CA ASP G 104 -44.94 -29.28 -56.69
C ASP G 104 -44.43 -28.21 -55.71
N ARG G 105 -43.78 -28.64 -54.61
CA ARG G 105 -43.19 -27.70 -53.68
C ARG G 105 -41.71 -27.43 -54.01
N LEU G 106 -41.10 -28.31 -54.82
CA LEU G 106 -39.66 -28.42 -54.97
C LEU G 106 -39.05 -27.11 -55.48
N ILE G 107 -37.89 -26.79 -54.89
CA ILE G 107 -37.05 -25.75 -55.47
C ILE G 107 -36.04 -26.43 -56.40
N TYR G 108 -36.19 -26.09 -57.68
CA TYR G 108 -35.49 -26.75 -58.77
C TYR G 108 -34.33 -25.85 -59.17
N ALA G 109 -33.11 -26.19 -58.74
CA ALA G 109 -32.06 -25.17 -58.81
C ALA G 109 -31.07 -25.50 -59.92
N ARG G 110 -31.03 -24.64 -60.95
CA ARG G 110 -30.25 -24.87 -62.15
C ARG G 110 -29.03 -23.95 -62.22
N MET G 111 -27.86 -24.58 -62.05
CA MET G 111 -26.55 -23.92 -62.02
C MET G 111 -25.81 -24.02 -63.36
N THR G 112 -25.77 -22.95 -64.12
CA THR G 112 -24.99 -22.93 -65.36
C THR G 112 -24.10 -21.69 -65.44
N GLY G 113 -23.32 -21.66 -66.53
CA GLY G 113 -22.50 -20.50 -66.86
C GLY G 113 -23.28 -19.53 -67.72
N TRP G 114 -23.86 -20.08 -68.81
CA TRP G 114 -24.36 -19.24 -69.87
C TRP G 114 -25.87 -19.01 -69.73
N GLY G 115 -26.56 -19.79 -68.89
CA GLY G 115 -28.00 -19.70 -68.81
C GLY G 115 -28.71 -20.89 -69.46
N GLN G 116 -30.05 -20.80 -69.51
CA GLN G 116 -30.85 -21.96 -69.88
C GLN G 116 -31.08 -21.94 -71.38
N THR G 117 -30.97 -20.74 -72.00
CA THR G 117 -31.14 -20.53 -73.42
C THR G 117 -30.16 -19.48 -73.93
N GLY G 118 -30.25 -19.17 -75.23
CA GLY G 118 -29.39 -18.20 -75.90
C GLY G 118 -28.28 -18.92 -76.63
N PRO G 119 -27.56 -18.19 -77.51
CA PRO G 119 -26.59 -18.80 -78.45
C PRO G 119 -25.43 -19.58 -77.82
N ARG G 120 -25.06 -19.27 -76.56
CA ARG G 120 -23.89 -19.91 -75.97
C ARG G 120 -24.32 -21.01 -75.03
N SER G 121 -25.62 -21.28 -74.93
CA SER G 121 -26.14 -22.11 -73.86
C SER G 121 -25.70 -23.56 -73.92
N GLN G 122 -25.19 -24.03 -75.08
CA GLN G 122 -24.66 -25.40 -75.16
C GLN G 122 -23.13 -25.45 -75.23
N GLN G 123 -22.48 -24.28 -75.27
CA GLN G 123 -21.03 -24.22 -75.17
C GLN G 123 -20.51 -24.73 -73.83
N ALA G 124 -19.56 -25.66 -73.89
CA ALA G 124 -18.68 -25.94 -72.77
C ALA G 124 -17.97 -24.65 -72.38
N GLY G 125 -17.67 -24.56 -71.08
CA GLY G 125 -16.95 -23.40 -70.57
C GLY G 125 -16.57 -23.62 -69.11
N HIS G 126 -15.70 -22.73 -68.60
CA HIS G 126 -15.39 -22.69 -67.19
C HIS G 126 -15.42 -21.23 -66.74
N ASP G 127 -15.03 -20.99 -65.47
CA ASP G 127 -15.04 -19.64 -64.90
C ASP G 127 -14.49 -18.59 -65.85
N ILE G 128 -13.26 -18.78 -66.31
CA ILE G 128 -12.58 -17.80 -67.13
C ILE G 128 -13.41 -17.37 -68.35
N ASN G 129 -14.16 -18.31 -68.95
CA ASN G 129 -15.00 -18.00 -70.10
C ASN G 129 -16.21 -17.13 -69.71
N TYR G 130 -16.91 -17.49 -68.63
CA TYR G 130 -18.11 -16.74 -68.23
C TYR G 130 -17.75 -15.29 -67.90
N ILE G 131 -16.60 -15.07 -67.24
CA ILE G 131 -16.22 -13.72 -66.86
C ILE G 131 -15.52 -12.98 -67.99
N SER G 132 -15.17 -13.66 -69.11
CA SER G 132 -14.56 -12.91 -70.20
C SER G 132 -15.61 -12.08 -70.93
N LEU G 133 -16.85 -12.57 -70.92
CA LEU G 133 -17.90 -12.03 -71.78
C LEU G 133 -18.56 -10.80 -71.19
N ASN G 134 -18.48 -10.58 -69.86
CA ASN G 134 -19.27 -9.54 -69.24
C ASN G 134 -18.42 -8.39 -68.71
N GLY G 135 -17.17 -8.30 -69.19
CA GLY G 135 -16.29 -7.18 -68.85
C GLY G 135 -15.36 -7.51 -67.68
N ILE G 136 -15.66 -8.52 -66.89
CA ILE G 136 -14.95 -8.68 -65.64
C ILE G 136 -13.47 -9.01 -65.87
N LEU G 137 -13.18 -10.02 -66.71
CA LEU G 137 -11.82 -10.54 -66.80
C LEU G 137 -10.92 -9.44 -67.35
N HIS G 138 -11.47 -8.65 -68.27
CA HIS G 138 -10.74 -7.56 -68.88
C HIS G 138 -10.21 -6.57 -67.84
N ALA G 139 -10.90 -6.42 -66.71
CA ALA G 139 -10.61 -5.38 -65.73
C ALA G 139 -9.53 -5.80 -64.75
N ILE G 140 -9.08 -7.06 -64.82
CA ILE G 140 -8.24 -7.66 -63.80
C ILE G 140 -6.81 -7.86 -64.28
N GLY G 141 -5.85 -7.31 -63.54
CA GLY G 141 -4.44 -7.50 -63.83
C GLY G 141 -3.77 -6.16 -64.01
N ARG G 142 -2.46 -6.18 -64.26
CA ARG G 142 -1.71 -4.96 -64.55
C ARG G 142 -2.06 -4.41 -65.93
N GLY G 143 -1.88 -3.11 -66.14
CA GLY G 143 -2.25 -2.46 -67.39
C GLY G 143 -1.31 -2.85 -68.55
N ASP G 144 -0.06 -3.19 -68.23
CA ASP G 144 0.92 -3.40 -69.26
C ASP G 144 0.92 -4.86 -69.70
N GLU G 145 -0.07 -5.66 -69.25
CA GLU G 145 -0.03 -7.11 -69.39
C GLU G 145 -1.42 -7.62 -69.75
N ARG G 146 -1.47 -8.86 -70.22
CA ARG G 146 -2.75 -9.48 -70.51
C ARG G 146 -3.51 -9.75 -69.21
N PRO G 147 -4.88 -9.78 -69.25
CA PRO G 147 -5.68 -10.03 -68.07
C PRO G 147 -5.32 -11.32 -67.38
N VAL G 148 -5.49 -11.31 -66.05
CA VAL G 148 -5.10 -12.43 -65.23
C VAL G 148 -6.37 -12.96 -64.57
N PRO G 149 -6.62 -14.27 -64.64
CA PRO G 149 -7.76 -14.82 -63.96
C PRO G 149 -7.65 -14.71 -62.44
N PRO G 150 -8.70 -14.18 -61.79
CA PRO G 150 -8.81 -14.21 -60.35
C PRO G 150 -9.24 -15.59 -59.83
N LEU G 151 -8.34 -16.56 -60.01
CA LEU G 151 -8.66 -17.97 -59.87
C LEU G 151 -10.01 -18.22 -60.51
N ASN G 152 -10.83 -19.10 -59.92
CA ASN G 152 -12.22 -19.25 -60.34
C ASN G 152 -13.17 -18.74 -59.25
N LEU G 153 -12.82 -17.58 -58.64
CA LEU G 153 -13.51 -17.08 -57.47
C LEU G 153 -14.76 -16.32 -57.87
N VAL G 154 -14.72 -15.67 -59.03
CA VAL G 154 -15.69 -14.65 -59.36
C VAL G 154 -16.86 -15.28 -60.14
N GLY G 155 -16.54 -16.23 -61.04
CA GLY G 155 -17.54 -16.87 -61.90
C GLY G 155 -18.22 -18.06 -61.23
N ASP G 156 -17.39 -19.03 -60.81
CA ASP G 156 -17.87 -20.24 -60.18
C ASP G 156 -18.53 -19.97 -58.83
N PHE G 157 -17.86 -19.20 -57.96
CA PHE G 157 -18.30 -19.10 -56.56
C PHE G 157 -19.04 -17.78 -56.34
N GLY G 158 -18.31 -16.66 -56.31
CA GLY G 158 -18.92 -15.37 -56.05
C GLY G 158 -20.17 -15.09 -56.87
N GLY G 159 -20.11 -15.35 -58.19
CA GLY G 159 -21.19 -15.00 -59.10
C GLY G 159 -21.98 -16.23 -59.55
N GLY G 160 -21.63 -17.38 -58.97
CA GLY G 160 -22.15 -18.67 -59.34
C GLY G 160 -22.89 -19.35 -58.19
N SER G 161 -22.16 -20.17 -57.47
CA SER G 161 -22.72 -20.87 -56.34
C SER G 161 -23.47 -19.90 -55.41
N MET G 162 -22.89 -18.72 -55.15
CA MET G 162 -23.48 -17.82 -54.17
C MET G 162 -24.84 -17.31 -54.65
N PHE G 163 -24.98 -17.07 -55.96
CA PHE G 163 -26.27 -16.63 -56.46
C PHE G 163 -27.26 -17.81 -56.53
N LEU G 164 -26.79 -19.03 -56.73
CA LEU G 164 -27.66 -20.20 -56.65
C LEU G 164 -28.29 -20.21 -55.25
N LEU G 165 -27.43 -20.13 -54.23
CA LEU G 165 -27.81 -20.17 -52.83
C LEU G 165 -28.86 -19.10 -52.52
N VAL G 166 -28.60 -17.86 -52.93
CA VAL G 166 -29.57 -16.79 -52.72
C VAL G 166 -30.92 -17.15 -53.33
N GLY G 167 -30.88 -17.71 -54.56
CA GLY G 167 -32.08 -18.00 -55.31
C GLY G 167 -32.85 -19.13 -54.61
N ILE G 168 -32.13 -20.16 -54.20
CA ILE G 168 -32.72 -21.25 -53.44
C ILE G 168 -33.40 -20.66 -52.22
N LEU G 169 -32.61 -20.01 -51.38
CA LEU G 169 -33.12 -19.51 -50.11
C LEU G 169 -34.24 -18.48 -50.33
N ALA G 170 -34.14 -17.60 -51.34
CA ALA G 170 -35.20 -16.65 -51.63
C ALA G 170 -36.50 -17.35 -52.04
N ALA G 171 -36.37 -18.43 -52.82
CA ALA G 171 -37.50 -19.22 -53.29
C ALA G 171 -38.19 -19.90 -52.11
N LEU G 172 -37.38 -20.44 -51.19
CA LEU G 172 -37.85 -21.16 -50.01
C LEU G 172 -38.67 -20.23 -49.12
N TRP G 173 -38.32 -18.95 -49.10
CA TRP G 173 -39.08 -17.95 -48.37
C TRP G 173 -40.43 -17.73 -49.06
N GLU G 174 -40.41 -17.69 -50.39
CA GLU G 174 -41.60 -17.39 -51.17
C GLU G 174 -42.59 -18.54 -51.00
N ARG G 175 -42.04 -19.75 -50.98
CA ARG G 175 -42.77 -20.99 -50.77
C ARG G 175 -43.62 -20.94 -49.50
N GLN G 176 -43.11 -20.30 -48.44
CA GLN G 176 -43.80 -20.27 -47.16
C GLN G 176 -45.15 -19.59 -47.30
N SER G 177 -45.29 -18.61 -48.22
CA SER G 177 -46.57 -17.99 -48.53
C SER G 177 -47.41 -18.86 -49.49
N SER G 178 -46.86 -19.06 -50.70
CA SER G 178 -47.62 -19.51 -51.85
C SER G 178 -47.82 -21.03 -51.85
N GLY G 179 -47.04 -21.79 -51.07
CA GLY G 179 -47.19 -23.25 -50.99
C GLY G 179 -46.41 -24.00 -52.09
N LYS G 180 -45.89 -23.22 -53.05
CA LYS G 180 -45.44 -23.70 -54.36
C LYS G 180 -43.93 -23.52 -54.55
N GLY G 181 -43.28 -24.57 -55.08
CA GLY G 181 -41.89 -24.52 -55.51
C GLY G 181 -41.72 -23.67 -56.75
N GLN G 182 -40.61 -23.89 -57.46
CA GLN G 182 -40.33 -23.19 -58.70
C GLN G 182 -38.86 -23.39 -59.08
N VAL G 183 -38.51 -22.83 -60.23
CA VAL G 183 -37.22 -23.07 -60.86
C VAL G 183 -36.38 -21.81 -60.67
N VAL G 184 -35.15 -22.04 -60.18
CA VAL G 184 -34.14 -21.00 -60.06
C VAL G 184 -33.12 -21.19 -61.16
N ASP G 185 -33.01 -20.19 -62.04
CA ASP G 185 -32.01 -20.17 -63.10
C ASP G 185 -30.82 -19.29 -62.68
N ALA G 186 -29.76 -19.93 -62.17
CA ALA G 186 -28.51 -19.27 -61.79
C ALA G 186 -27.44 -19.43 -62.86
N ALA G 187 -27.21 -18.36 -63.61
CA ALA G 187 -26.16 -18.32 -64.59
C ALA G 187 -25.00 -17.41 -64.14
N MET G 188 -23.80 -17.97 -64.21
CA MET G 188 -22.57 -17.31 -63.77
C MET G 188 -22.38 -15.98 -64.48
N VAL G 189 -22.77 -15.89 -65.74
CA VAL G 189 -22.56 -14.64 -66.46
C VAL G 189 -23.50 -13.54 -65.93
N ASP G 190 -24.61 -13.96 -65.31
CA ASP G 190 -25.55 -13.03 -64.68
C ASP G 190 -25.11 -12.69 -63.25
N GLY G 191 -24.93 -13.73 -62.43
CA GLY G 191 -24.52 -13.56 -61.04
C GLY G 191 -23.25 -12.70 -60.93
N SER G 192 -22.25 -12.99 -61.77
CA SER G 192 -20.98 -12.26 -61.72
C SER G 192 -21.16 -10.81 -62.18
N SER G 193 -22.14 -10.55 -63.04
CA SER G 193 -22.42 -9.18 -63.46
C SER G 193 -23.01 -8.39 -62.27
N VAL G 194 -23.89 -9.02 -61.47
CA VAL G 194 -24.46 -8.39 -60.30
C VAL G 194 -23.37 -8.21 -59.25
N LEU G 195 -22.44 -9.17 -59.19
CA LEU G 195 -21.33 -9.13 -58.27
C LEU G 195 -20.52 -7.84 -58.47
N ILE G 196 -20.35 -7.41 -59.73
CA ILE G 196 -19.52 -6.26 -60.04
C ILE G 196 -20.36 -5.01 -60.33
N GLN G 197 -21.60 -4.97 -59.80
CA GLN G 197 -22.47 -3.83 -60.03
C GLN G 197 -21.82 -2.50 -59.62
N MET G 198 -20.97 -2.50 -58.59
CA MET G 198 -20.31 -1.27 -58.22
C MET G 198 -19.49 -0.71 -59.38
N MET G 199 -18.77 -1.55 -60.15
CA MET G 199 -17.99 -0.98 -61.23
C MET G 199 -18.93 -0.35 -62.29
N TRP G 200 -20.06 -1.03 -62.57
CA TRP G 200 -21.06 -0.53 -63.50
C TRP G 200 -21.59 0.82 -62.96
N ALA G 201 -21.91 0.89 -61.67
CA ALA G 201 -22.32 2.12 -61.02
C ALA G 201 -21.31 3.25 -61.23
N MET G 202 -20.04 2.98 -60.87
CA MET G 202 -18.98 3.98 -60.99
C MET G 202 -18.73 4.34 -62.44
N ARG G 203 -18.85 3.35 -63.34
CA ARG G 203 -18.65 3.59 -64.77
C ARG G 203 -19.61 4.67 -65.26
N ALA G 204 -20.87 4.59 -64.82
CA ALA G 204 -21.91 5.51 -65.27
C ALA G 204 -21.66 6.93 -64.78
N THR G 205 -20.97 7.09 -63.65
CA THR G 205 -20.71 8.43 -63.11
C THR G 205 -19.28 8.86 -63.40
N GLY G 206 -18.60 8.17 -64.34
CA GLY G 206 -17.24 8.51 -64.73
C GLY G 206 -16.18 8.23 -63.66
N MET G 207 -16.46 7.38 -62.67
CA MET G 207 -15.47 7.09 -61.64
C MET G 207 -14.73 5.78 -61.97
N TRP G 208 -14.87 5.24 -63.19
CA TRP G 208 -14.19 4.00 -63.51
C TRP G 208 -13.98 3.92 -65.01
N THR G 209 -12.76 3.65 -65.48
CA THR G 209 -12.50 3.51 -66.91
C THR G 209 -12.23 2.04 -67.28
N ASP G 210 -12.40 1.74 -68.57
CA ASP G 210 -12.20 0.43 -69.12
C ASP G 210 -10.71 0.10 -69.25
N THR G 211 -9.83 1.08 -69.03
CA THR G 211 -8.39 0.84 -69.01
C THR G 211 -7.99 0.01 -67.80
N ARG G 212 -7.36 -1.13 -68.08
CA ARG G 212 -6.95 -2.01 -67.01
C ARG G 212 -5.79 -1.35 -66.28
N GLY G 213 -5.87 -1.42 -64.94
CA GLY G 213 -4.80 -0.97 -64.08
C GLY G 213 -4.80 0.53 -63.83
N ALA G 214 -5.90 1.22 -64.14
CA ALA G 214 -5.91 2.67 -63.99
C ALA G 214 -7.07 3.16 -63.13
N ASN G 215 -7.50 2.39 -62.13
CA ASN G 215 -8.69 2.73 -61.39
C ASN G 215 -8.37 2.71 -59.90
N MET G 216 -9.34 3.11 -59.07
CA MET G 216 -9.14 3.21 -57.62
C MET G 216 -8.91 1.81 -57.01
N LEU G 217 -9.58 0.78 -57.54
CA LEU G 217 -9.65 -0.51 -56.88
C LEU G 217 -9.01 -1.68 -57.68
N ASP G 218 -8.34 -1.44 -58.81
CA ASP G 218 -7.74 -2.49 -59.62
C ASP G 218 -6.22 -2.57 -59.47
N GLY G 219 -5.67 -1.75 -58.58
CA GLY G 219 -4.22 -1.65 -58.44
C GLY G 219 -3.65 -0.39 -59.07
N GLY G 220 -4.47 0.40 -59.77
CA GLY G 220 -3.97 1.68 -60.29
C GLY G 220 -3.62 2.72 -59.21
N ALA G 221 -4.31 2.69 -58.05
CA ALA G 221 -4.10 3.70 -57.01
C ALA G 221 -2.95 3.24 -56.12
N PRO G 222 -1.93 4.09 -55.88
CA PRO G 222 -0.81 3.70 -55.02
C PRO G 222 -1.19 3.35 -53.59
N TYR G 223 -2.32 3.88 -53.14
CA TYR G 223 -2.79 3.60 -51.80
C TYR G 223 -3.76 2.42 -51.80
N TYR G 224 -3.95 1.73 -52.94
CA TYR G 224 -4.75 0.51 -52.93
C TYR G 224 -4.08 -0.54 -53.85
N ASP G 225 -3.07 -1.21 -53.29
CA ASP G 225 -2.20 -2.07 -54.06
C ASP G 225 -1.32 -2.85 -53.10
N THR G 226 -0.59 -3.83 -53.64
CA THR G 226 0.41 -4.55 -52.89
C THR G 226 1.76 -3.91 -53.16
N TYR G 227 2.69 -4.15 -52.23
CA TYR G 227 4.04 -3.61 -52.30
C TYR G 227 4.97 -4.75 -51.91
N GLU G 228 6.10 -4.83 -52.61
CA GLU G 228 7.15 -5.75 -52.25
C GLU G 228 8.02 -5.12 -51.16
N CYS G 229 8.35 -5.96 -50.16
CA CYS G 229 9.19 -5.61 -49.03
C CYS G 229 10.64 -6.05 -49.27
N ALA G 230 11.54 -5.80 -48.32
CA ALA G 230 12.98 -6.06 -48.46
C ALA G 230 13.26 -7.54 -48.64
N ASP G 231 12.38 -8.36 -48.08
CA ASP G 231 12.56 -9.81 -48.03
C ASP G 231 11.89 -10.48 -49.23
N GLY G 232 11.29 -9.74 -50.16
CA GLY G 232 10.59 -10.35 -51.29
C GLY G 232 9.17 -10.78 -50.94
N ARG G 233 8.73 -10.55 -49.70
CA ARG G 233 7.33 -10.79 -49.40
C ARG G 233 6.55 -9.48 -49.62
N TYR G 234 5.24 -9.50 -49.37
CA TYR G 234 4.37 -8.41 -49.78
C TYR G 234 3.49 -7.96 -48.61
N VAL G 235 3.12 -6.69 -48.66
CA VAL G 235 2.11 -6.14 -47.80
C VAL G 235 1.04 -5.64 -48.75
N ALA G 236 -0.18 -5.53 -48.23
CA ALA G 236 -1.25 -4.89 -48.95
C ALA G 236 -1.54 -3.55 -48.28
N VAL G 237 -1.76 -2.54 -49.11
CA VAL G 237 -2.18 -1.24 -48.63
C VAL G 237 -3.57 -0.97 -49.16
N GLY G 238 -4.47 -0.55 -48.26
CA GLY G 238 -5.84 -0.24 -48.64
C GLY G 238 -6.34 1.10 -48.09
N ALA G 239 -5.42 2.06 -47.99
CA ALA G 239 -5.66 3.27 -47.22
C ALA G 239 -6.37 4.31 -48.07
N ILE G 240 -7.66 4.12 -48.29
CA ILE G 240 -8.45 4.95 -49.19
C ILE G 240 -8.77 6.27 -48.50
N GLU G 241 -9.33 6.18 -47.29
CA GLU G 241 -9.76 7.38 -46.57
C GLU G 241 -8.49 8.14 -46.15
N PRO G 242 -8.48 9.47 -46.28
CA PRO G 242 -7.30 10.27 -46.00
C PRO G 242 -6.68 10.05 -44.62
N GLN G 243 -7.53 9.87 -43.62
CA GLN G 243 -7.05 9.71 -42.25
C GLN G 243 -6.27 8.39 -42.14
N PHE G 244 -6.71 7.37 -42.88
CA PHE G 244 -6.03 6.08 -42.85
C PHE G 244 -4.72 6.22 -43.60
N TYR G 245 -4.77 6.90 -44.77
CA TYR G 245 -3.56 7.13 -45.55
C TYR G 245 -2.52 7.89 -44.71
N ALA G 246 -2.96 8.96 -44.03
CA ALA G 246 -2.03 9.71 -43.19
C ALA G 246 -1.34 8.79 -42.17
N ALA G 247 -2.11 7.89 -41.57
CA ALA G 247 -1.54 6.96 -40.60
C ALA G 247 -0.53 6.04 -41.29
N MET G 248 -0.85 5.66 -42.54
CA MET G 248 0.07 4.80 -43.28
C MET G 248 1.38 5.57 -43.49
N LEU G 249 1.32 6.83 -43.93
CA LEU G 249 2.53 7.61 -44.18
C LEU G 249 3.40 7.74 -42.92
N ALA G 250 2.74 7.97 -41.76
CA ALA G 250 3.45 8.15 -40.51
C ALA G 250 4.24 6.89 -40.15
N GLY G 251 3.63 5.71 -40.35
CA GLY G 251 4.35 4.49 -40.06
C GLY G 251 5.51 4.23 -41.02
N LEU G 252 5.39 4.75 -42.26
CA LEU G 252 6.46 4.56 -43.25
C LEU G 252 7.61 5.51 -42.98
N GLY G 253 7.35 6.57 -42.20
CA GLY G 253 8.39 7.56 -41.93
C GLY G 253 8.43 8.59 -43.04
N LEU G 254 7.35 8.73 -43.81
CA LEU G 254 7.34 9.70 -44.90
C LEU G 254 6.60 10.95 -44.46
N ASP G 255 7.22 12.08 -44.74
CA ASP G 255 6.65 13.37 -44.45
C ASP G 255 5.70 13.74 -45.59
N ALA G 256 4.42 13.98 -45.24
CA ALA G 256 3.37 14.20 -46.22
C ALA G 256 3.63 15.47 -47.03
N ALA G 257 4.36 16.42 -46.44
CA ALA G 257 4.71 17.65 -47.12
C ALA G 257 5.60 17.39 -48.34
N GLU G 258 6.38 16.31 -48.35
CA GLU G 258 7.35 16.05 -49.42
C GLU G 258 6.74 15.21 -50.53
N LEU G 259 5.45 14.81 -50.41
CA LEU G 259 4.80 13.88 -51.30
C LEU G 259 3.77 14.60 -52.13
N PRO G 260 3.44 14.13 -53.34
CA PRO G 260 2.26 14.61 -54.04
C PRO G 260 0.98 14.30 -53.26
N PRO G 261 -0.12 15.04 -53.53
CA PRO G 261 -1.40 14.72 -52.93
C PRO G 261 -1.87 13.30 -53.25
N GLN G 262 -2.51 12.68 -52.25
CA GLN G 262 -2.97 11.30 -52.34
C GLN G 262 -3.74 11.06 -53.63
N ASN G 263 -4.62 11.98 -54.04
CA ASN G 263 -5.47 11.75 -55.20
C ASN G 263 -5.20 12.71 -56.36
N ASP G 264 -4.02 13.30 -56.42
CA ASP G 264 -3.55 13.89 -57.67
C ASP G 264 -3.09 12.75 -58.58
N ARG G 265 -4.00 12.25 -59.42
CA ARG G 265 -3.77 11.07 -60.26
C ARG G 265 -2.59 11.29 -61.21
N ALA G 266 -2.39 12.54 -61.65
CA ALA G 266 -1.31 12.85 -62.57
C ALA G 266 0.05 12.67 -61.92
N ARG G 267 0.11 12.69 -60.58
CA ARG G 267 1.39 12.51 -59.93
C ARG G 267 1.47 11.13 -59.25
N TRP G 268 0.57 10.22 -59.61
CA TRP G 268 0.62 8.87 -59.06
C TRP G 268 1.95 8.19 -59.36
N PRO G 269 2.59 8.39 -60.54
CA PRO G 269 3.87 7.76 -60.80
C PRO G 269 4.92 8.11 -59.77
N GLU G 270 4.98 9.38 -59.38
CA GLU G 270 5.94 9.79 -58.36
C GLU G 270 5.53 9.22 -57.00
N LEU G 271 4.23 9.30 -56.67
CA LEU G 271 3.74 8.78 -55.40
C LEU G 271 4.10 7.30 -55.28
N ARG G 272 3.76 6.50 -56.30
CA ARG G 272 4.06 5.08 -56.27
C ARG G 272 5.56 4.85 -56.07
N ALA G 273 6.40 5.65 -56.74
CA ALA G 273 7.84 5.43 -56.62
C ALA G 273 8.27 5.66 -55.17
N LEU G 274 7.68 6.65 -54.51
CA LEU G 274 8.03 6.95 -53.13
C LEU G 274 7.58 5.84 -52.20
N LEU G 275 6.33 5.38 -52.38
CA LEU G 275 5.82 4.33 -51.50
C LEU G 275 6.60 3.05 -51.73
N THR G 276 6.99 2.79 -52.98
CA THR G 276 7.67 1.53 -53.35
C THR G 276 9.01 1.41 -52.61
N GLU G 277 9.79 2.51 -52.65
CA GLU G 277 11.10 2.60 -52.02
C GLU G 277 10.95 2.47 -50.51
N ALA G 278 9.97 3.15 -49.95
CA ALA G 278 9.75 3.03 -48.52
C ALA G 278 9.43 1.58 -48.15
N PHE G 279 8.44 0.95 -48.79
CA PHE G 279 8.07 -0.38 -48.32
C PHE G 279 9.21 -1.35 -48.60
N ALA G 280 9.98 -1.08 -49.67
CA ALA G 280 11.07 -2.00 -50.03
C ALA G 280 12.21 -1.91 -49.03
N SER G 281 12.23 -0.92 -48.13
CA SER G 281 13.40 -0.69 -47.28
C SER G 281 13.40 -1.59 -46.05
N HIS G 282 12.25 -2.16 -45.68
CA HIS G 282 12.21 -3.13 -44.62
C HIS G 282 11.44 -4.37 -45.06
N ASP G 283 11.48 -5.43 -44.24
CA ASP G 283 10.82 -6.70 -44.53
C ASP G 283 9.37 -6.71 -44.02
N ARG G 284 8.61 -7.73 -44.44
CA ARG G 284 7.17 -7.75 -44.20
C ARG G 284 6.90 -7.76 -42.69
N ASP G 285 7.70 -8.49 -41.92
CA ASP G 285 7.53 -8.56 -40.47
C ASP G 285 7.66 -7.17 -39.86
N HIS G 286 8.66 -6.40 -40.34
CA HIS G 286 8.87 -5.05 -39.88
C HIS G 286 7.56 -4.30 -39.99
N TRP G 287 6.87 -4.42 -41.13
CA TRP G 287 5.67 -3.63 -41.36
C TRP G 287 4.50 -4.16 -40.53
N GLY G 288 4.46 -5.48 -40.27
CA GLY G 288 3.45 -6.04 -39.38
C GLY G 288 3.57 -5.45 -37.98
N ALA G 289 4.82 -5.30 -37.52
CA ALA G 289 5.04 -4.74 -36.21
C ALA G 289 4.71 -3.26 -36.22
N VAL G 290 5.26 -2.51 -37.20
CA VAL G 290 4.99 -1.08 -37.32
C VAL G 290 3.47 -0.85 -37.33
N PHE G 291 2.71 -1.61 -38.13
CA PHE G 291 1.31 -1.22 -38.33
C PHE G 291 0.36 -1.98 -37.40
N ALA G 292 0.76 -3.18 -36.94
CA ALA G 292 0.21 -3.81 -35.75
C ALA G 292 -1.30 -3.67 -35.63
N ASN G 293 -1.72 -2.59 -34.96
CA ASN G 293 -3.06 -2.43 -34.43
C ASN G 293 -3.77 -1.25 -35.09
N SER G 294 -3.25 -0.77 -36.22
CA SER G 294 -3.57 0.58 -36.66
C SER G 294 -4.63 0.59 -37.73
N ASP G 295 -5.25 1.76 -37.93
CA ASP G 295 -6.15 2.05 -39.03
C ASP G 295 -5.41 2.41 -40.33
N ALA G 296 -4.11 2.09 -40.41
CA ALA G 296 -3.33 2.42 -41.59
C ALA G 296 -3.71 1.55 -42.81
N CYS G 297 -4.43 0.45 -42.59
CA CYS G 297 -4.91 -0.44 -43.64
C CYS G 297 -3.69 -1.00 -44.38
N VAL G 298 -2.70 -1.48 -43.62
CA VAL G 298 -1.54 -2.17 -44.18
C VAL G 298 -1.49 -3.54 -43.53
N THR G 299 -1.53 -4.62 -44.34
CA THR G 299 -1.58 -5.97 -43.80
C THR G 299 -0.57 -6.82 -44.54
N PRO G 300 -0.04 -7.85 -43.88
CA PRO G 300 0.83 -8.80 -44.55
C PRO G 300 0.04 -9.65 -45.56
N VAL G 301 0.60 -9.87 -46.74
CA VAL G 301 0.02 -10.78 -47.73
C VAL G 301 0.53 -12.18 -47.40
N LEU G 302 -0.33 -12.96 -46.74
CA LEU G 302 0.05 -14.27 -46.27
C LEU G 302 -0.22 -15.32 -47.36
N ALA G 303 0.69 -16.29 -47.47
CA ALA G 303 0.49 -17.46 -48.30
C ALA G 303 -0.36 -18.43 -47.52
N PHE G 304 -1.09 -19.32 -48.23
CA PHE G 304 -2.00 -20.27 -47.60
C PHE G 304 -1.29 -20.95 -46.42
N GLY G 305 -0.06 -21.39 -46.64
CA GLY G 305 0.72 -22.12 -45.64
C GLY G 305 0.97 -21.35 -44.33
N GLU G 306 0.77 -20.03 -44.32
CA GLU G 306 1.12 -19.21 -43.17
C GLU G 306 -0.13 -18.79 -42.39
N VAL G 307 -1.30 -19.00 -43.01
CA VAL G 307 -2.55 -18.45 -42.51
C VAL G 307 -2.83 -19.00 -41.11
N HIS G 308 -2.55 -20.28 -40.90
CA HIS G 308 -2.79 -20.96 -39.63
C HIS G 308 -2.00 -20.35 -38.45
N ASN G 309 -0.91 -19.60 -38.70
CA ASN G 309 -0.18 -18.94 -37.61
C ASN G 309 -0.62 -17.50 -37.33
N GLU G 310 -1.71 -17.03 -37.93
CA GLU G 310 -2.09 -15.63 -37.80
C GLU G 310 -3.08 -15.48 -36.66
N PRO G 311 -2.74 -14.68 -35.60
CA PRO G 311 -3.56 -14.59 -34.39
C PRO G 311 -5.05 -14.37 -34.63
N HIS G 312 -5.42 -13.44 -35.51
CA HIS G 312 -6.83 -13.14 -35.70
C HIS G 312 -7.54 -14.37 -36.30
N ILE G 313 -6.85 -15.11 -37.17
CA ILE G 313 -7.42 -16.28 -37.80
C ILE G 313 -7.62 -17.38 -36.75
N ILE G 314 -6.61 -17.60 -35.92
CA ILE G 314 -6.61 -18.65 -34.91
C ILE G 314 -7.75 -18.41 -33.91
N GLU G 315 -7.81 -17.21 -33.33
CA GLU G 315 -8.77 -16.96 -32.26
C GLU G 315 -10.23 -17.01 -32.72
N ARG G 316 -10.53 -16.62 -33.97
CA ARG G 316 -11.91 -16.69 -34.42
C ARG G 316 -12.28 -18.07 -34.99
N ASN G 317 -11.36 -19.04 -34.99
CA ASN G 317 -11.64 -20.35 -35.55
C ASN G 317 -12.20 -20.22 -36.97
N THR G 318 -11.50 -19.48 -37.84
CA THR G 318 -11.90 -19.36 -39.22
C THR G 318 -11.69 -20.72 -39.92
N PHE G 319 -10.68 -21.47 -39.49
CA PHE G 319 -10.31 -22.77 -40.03
C PHE G 319 -10.43 -23.88 -38.98
N TYR G 320 -10.40 -25.14 -39.45
CA TYR G 320 -10.26 -26.34 -38.63
C TYR G 320 -9.35 -27.34 -39.35
N GLU G 321 -8.74 -28.28 -38.62
CA GLU G 321 -7.87 -29.27 -39.25
C GLU G 321 -8.66 -30.49 -39.70
N ALA G 322 -8.23 -31.12 -40.81
CA ALA G 322 -8.93 -32.28 -41.34
C ALA G 322 -8.04 -32.98 -42.37
N ASN G 323 -7.57 -34.19 -42.01
CA ASN G 323 -6.82 -35.03 -42.92
C ASN G 323 -5.62 -34.27 -43.47
N GLY G 324 -4.67 -33.89 -42.59
CA GLY G 324 -3.50 -33.13 -43.00
C GLY G 324 -3.86 -31.98 -43.94
N GLY G 325 -4.83 -31.15 -43.53
CA GLY G 325 -5.17 -29.95 -44.28
C GLY G 325 -6.17 -29.08 -43.53
N TRP G 326 -5.80 -27.81 -43.31
CA TRP G 326 -6.76 -26.82 -42.84
C TRP G 326 -7.86 -26.62 -43.89
N GLN G 327 -9.08 -26.43 -43.40
CA GLN G 327 -10.25 -26.16 -44.22
C GLN G 327 -11.03 -25.05 -43.54
N PRO G 328 -11.76 -24.20 -44.28
CA PRO G 328 -12.53 -23.15 -43.65
C PRO G 328 -13.77 -23.66 -42.93
N MET G 329 -14.02 -23.13 -41.72
CA MET G 329 -15.26 -23.38 -41.01
C MET G 329 -16.44 -22.71 -41.71
N PRO G 330 -17.67 -23.16 -41.44
CA PRO G 330 -18.85 -22.57 -42.06
C PRO G 330 -18.95 -21.06 -41.92
N ALA G 331 -19.53 -20.41 -42.93
CA ALA G 331 -19.74 -19.00 -42.86
C ALA G 331 -21.08 -18.75 -43.51
N PRO G 332 -21.83 -17.70 -43.12
CA PRO G 332 -21.48 -16.84 -42.00
C PRO G 332 -21.83 -17.52 -40.67
N ARG G 333 -21.81 -16.76 -39.56
CA ARG G 333 -22.04 -17.32 -38.23
C ARG G 333 -23.40 -16.85 -37.71
N PHE G 334 -24.00 -17.71 -36.87
CA PHE G 334 -25.36 -17.50 -36.36
C PHE G 334 -25.30 -17.50 -34.83
N SER G 335 -25.94 -16.53 -34.18
CA SER G 335 -25.83 -16.42 -32.72
C SER G 335 -26.60 -17.54 -31.99
N ARG G 336 -27.78 -17.92 -32.48
CA ARG G 336 -28.59 -18.94 -31.81
C ARG G 336 -28.34 -20.33 -32.38
N THR G 337 -28.59 -20.54 -33.69
CA THR G 337 -28.44 -21.87 -34.28
C THR G 337 -27.12 -22.00 -35.01
N ALA G 338 -26.05 -22.22 -34.27
CA ALA G 338 -24.69 -22.21 -34.78
C ALA G 338 -24.38 -23.50 -35.53
N SER G 339 -23.76 -23.36 -36.71
CA SER G 339 -23.30 -24.48 -37.49
C SER G 339 -22.26 -25.23 -36.68
N SER G 340 -22.00 -26.50 -37.00
CA SER G 340 -20.95 -27.23 -36.32
C SER G 340 -19.82 -27.55 -37.30
N GLN G 341 -18.74 -28.08 -36.75
CA GLN G 341 -17.62 -28.52 -37.54
C GLN G 341 -18.16 -29.44 -38.62
N PRO G 342 -17.82 -29.23 -39.92
CA PRO G 342 -18.32 -30.10 -40.97
C PRO G 342 -17.87 -31.55 -40.79
N ARG G 343 -18.74 -32.51 -41.14
CA ARG G 343 -18.35 -33.92 -41.12
C ARG G 343 -17.59 -34.24 -42.40
N PRO G 344 -16.52 -35.06 -42.34
CA PRO G 344 -15.74 -35.33 -43.54
C PRO G 344 -16.58 -36.11 -44.54
N PRO G 345 -16.14 -36.18 -45.83
CA PRO G 345 -16.82 -37.02 -46.79
C PRO G 345 -16.77 -38.47 -46.33
N ALA G 346 -17.91 -39.17 -46.42
CA ALA G 346 -18.04 -40.47 -45.78
C ALA G 346 -18.55 -41.49 -46.79
N ALA G 347 -17.93 -42.68 -46.76
CA ALA G 347 -18.15 -43.77 -47.72
C ALA G 347 -19.59 -43.80 -48.22
N THR G 348 -19.77 -44.39 -49.41
CA THR G 348 -21.03 -44.24 -50.13
C THR G 348 -22.11 -45.03 -49.40
N ILE G 349 -23.31 -44.49 -49.47
CA ILE G 349 -24.48 -45.02 -48.79
C ILE G 349 -25.41 -45.38 -49.93
N ASP G 350 -26.16 -46.47 -49.81
CA ASP G 350 -27.04 -46.84 -50.91
C ASP G 350 -28.42 -46.26 -50.64
N ILE G 351 -29.08 -45.94 -51.75
CA ILE G 351 -30.17 -44.99 -51.81
C ILE G 351 -31.41 -45.51 -51.07
N GLU G 352 -31.48 -46.84 -50.90
CA GLU G 352 -32.54 -47.44 -50.11
C GLU G 352 -32.42 -46.91 -48.69
N ALA G 353 -31.22 -47.08 -48.11
CA ALA G 353 -30.96 -46.71 -46.73
C ALA G 353 -31.35 -45.25 -46.48
N VAL G 354 -31.29 -44.41 -47.53
CA VAL G 354 -31.64 -43.00 -47.42
C VAL G 354 -33.15 -42.87 -47.33
N LEU G 355 -33.90 -43.60 -48.17
CA LEU G 355 -35.35 -43.53 -48.14
C LEU G 355 -35.91 -44.06 -46.81
N THR G 356 -35.28 -45.11 -46.25
CA THR G 356 -35.61 -45.63 -44.91
C THR G 356 -35.61 -44.48 -43.91
N ASP G 357 -34.53 -43.71 -43.92
CA ASP G 357 -34.36 -42.56 -43.05
C ASP G 357 -35.41 -41.49 -43.38
N TRP G 358 -35.62 -41.14 -44.66
CA TRP G 358 -36.54 -40.06 -45.01
C TRP G 358 -37.97 -40.55 -45.08
N ASP G 359 -38.59 -40.74 -43.91
CA ASP G 359 -39.96 -41.22 -43.79
C ASP G 359 -40.15 -42.49 -44.63
N MET H 1 -44.68 -5.47 -55.37
CA MET H 1 -43.26 -5.58 -55.80
C MET H 1 -43.01 -6.96 -56.41
N ALA H 2 -42.39 -6.98 -57.59
CA ALA H 2 -42.12 -8.25 -58.28
C ALA H 2 -40.90 -8.95 -57.67
N GLY H 3 -41.07 -10.23 -57.33
CA GLY H 3 -39.95 -11.12 -57.11
C GLY H 3 -40.26 -12.07 -55.95
N PRO H 4 -39.41 -13.06 -55.63
CA PRO H 4 -39.74 -14.05 -54.62
C PRO H 4 -39.61 -13.58 -53.17
N LEU H 5 -39.16 -12.33 -52.98
CA LEU H 5 -39.00 -11.77 -51.65
C LEU H 5 -40.02 -10.66 -51.44
N SER H 6 -41.02 -10.56 -52.33
CA SER H 6 -42.15 -9.67 -52.12
C SER H 6 -42.65 -9.84 -50.68
N GLY H 7 -42.83 -8.69 -50.02
CA GLY H 7 -43.33 -8.69 -48.65
C GLY H 7 -42.24 -8.62 -47.57
N LEU H 8 -40.98 -8.99 -47.88
CA LEU H 8 -39.87 -8.91 -46.93
C LEU H 8 -39.47 -7.45 -46.72
N ARG H 9 -39.37 -7.09 -45.43
CA ARG H 9 -39.07 -5.73 -45.00
C ARG H 9 -37.71 -5.72 -44.33
N VAL H 10 -36.94 -4.72 -44.76
CA VAL H 10 -35.50 -4.64 -44.56
C VAL H 10 -35.14 -3.20 -44.21
N VAL H 11 -34.49 -3.01 -43.05
CA VAL H 11 -33.89 -1.73 -42.73
C VAL H 11 -32.38 -1.84 -42.90
N GLU H 12 -31.82 -0.88 -43.66
CA GLU H 12 -30.39 -0.81 -43.90
C GLU H 12 -29.87 0.49 -43.29
N LEU H 13 -28.93 0.36 -42.35
CA LEU H 13 -28.15 1.52 -41.92
C LEU H 13 -27.04 1.82 -42.94
N ALA H 14 -27.16 2.92 -43.67
CA ALA H 14 -26.21 3.29 -44.70
C ALA H 14 -24.76 3.03 -44.27
N GLY H 15 -24.10 2.15 -45.05
CA GLY H 15 -22.65 1.95 -45.03
C GLY H 15 -22.11 2.01 -46.46
N ILE H 16 -20.95 1.38 -46.68
CA ILE H 16 -20.33 1.34 -48.00
C ILE H 16 -20.03 -0.12 -48.33
N GLY H 17 -20.05 -0.47 -49.63
CA GLY H 17 -19.56 -1.78 -50.04
C GLY H 17 -20.57 -2.89 -49.78
N PRO H 18 -20.24 -3.93 -48.98
CA PRO H 18 -21.05 -5.13 -48.89
C PRO H 18 -22.48 -4.91 -48.37
N GLY H 19 -22.63 -3.99 -47.40
CA GLY H 19 -23.94 -3.75 -46.83
C GLY H 19 -24.93 -3.27 -47.89
N PRO H 20 -24.68 -2.14 -48.56
CA PRO H 20 -25.54 -1.70 -49.65
C PRO H 20 -25.71 -2.72 -50.79
N HIS H 21 -24.69 -3.56 -51.05
CA HIS H 21 -24.79 -4.52 -52.14
C HIS H 21 -25.80 -5.60 -51.75
N ALA H 22 -25.72 -6.11 -50.52
CA ALA H 22 -26.68 -7.09 -50.07
C ALA H 22 -28.10 -6.49 -50.05
N ALA H 23 -28.20 -5.27 -49.56
CA ALA H 23 -29.48 -4.58 -49.51
C ALA H 23 -30.05 -4.46 -50.92
N MET H 24 -29.17 -4.11 -51.88
CA MET H 24 -29.56 -3.99 -53.28
C MET H 24 -30.14 -5.31 -53.79
N ILE H 25 -29.47 -6.42 -53.48
CA ILE H 25 -29.90 -7.68 -54.05
C ILE H 25 -31.29 -8.00 -53.50
N LEU H 26 -31.45 -7.90 -52.17
CA LEU H 26 -32.73 -8.18 -51.54
C LEU H 26 -33.84 -7.35 -52.20
N GLY H 27 -33.57 -6.06 -52.44
CA GLY H 27 -34.50 -5.16 -53.09
C GLY H 27 -34.72 -5.48 -54.57
N ASP H 28 -33.70 -6.05 -55.22
CA ASP H 28 -33.78 -6.46 -56.61
C ASP H 28 -34.83 -7.57 -56.75
N LEU H 29 -34.87 -8.48 -55.78
CA LEU H 29 -35.71 -9.67 -55.74
C LEU H 29 -37.07 -9.40 -55.05
N GLY H 30 -37.40 -8.11 -54.83
CA GLY H 30 -38.76 -7.71 -54.48
C GLY H 30 -38.92 -7.21 -53.04
N ALA H 31 -37.86 -7.25 -52.22
CA ALA H 31 -37.96 -6.87 -50.81
C ALA H 31 -38.19 -5.37 -50.66
N ASP H 32 -38.89 -5.01 -49.57
CA ASP H 32 -39.14 -3.62 -49.24
C ASP H 32 -37.98 -3.08 -48.39
N VAL H 33 -37.21 -2.17 -48.99
CA VAL H 33 -35.91 -1.84 -48.45
C VAL H 33 -35.88 -0.34 -48.21
N VAL H 34 -35.61 -0.03 -46.92
CA VAL H 34 -35.62 1.31 -46.38
C VAL H 34 -34.24 1.55 -45.80
N ARG H 35 -33.53 2.49 -46.43
CA ARG H 35 -32.16 2.76 -46.07
C ARG H 35 -32.12 4.06 -45.27
N ILE H 36 -31.60 3.97 -44.03
CA ILE H 36 -31.50 5.14 -43.18
C ILE H 36 -30.14 5.78 -43.39
N ASP H 37 -30.12 7.00 -43.93
CA ASP H 37 -28.86 7.70 -44.09
C ASP H 37 -28.80 8.91 -43.15
N ARG H 38 -27.60 9.50 -43.03
CA ARG H 38 -27.40 10.75 -42.33
C ARG H 38 -28.14 11.84 -43.09
N PRO H 39 -28.79 12.80 -42.38
CA PRO H 39 -29.25 14.01 -43.04
C PRO H 39 -28.09 14.74 -43.72
N SER H 40 -26.89 14.70 -43.10
CA SER H 40 -25.73 15.45 -43.59
C SER H 40 -25.20 14.90 -44.92
N SER H 41 -25.57 13.66 -45.31
CA SER H 41 -25.02 13.06 -46.52
C SER H 41 -25.91 13.30 -47.75
N VAL H 42 -27.24 13.26 -47.62
CA VAL H 42 -28.10 12.95 -48.75
C VAL H 42 -28.19 14.12 -49.74
N ASP H 43 -28.65 15.30 -49.30
CA ASP H 43 -29.18 16.36 -50.15
C ASP H 43 -28.95 16.09 -51.64
N GLY H 44 -30.00 15.51 -52.28
CA GLY H 44 -29.99 15.15 -53.69
C GLY H 44 -30.58 13.76 -53.92
N ILE H 45 -31.03 13.51 -55.16
CA ILE H 45 -31.42 12.17 -55.57
C ILE H 45 -30.14 11.45 -55.99
N SER H 46 -29.90 10.23 -55.46
CA SER H 46 -28.58 9.62 -55.60
C SER H 46 -28.34 9.13 -57.03
N ARG H 47 -27.10 9.29 -57.48
CA ARG H 47 -26.70 8.78 -58.78
C ARG H 47 -25.85 7.51 -58.61
N ASP H 48 -25.85 6.91 -57.40
CA ASP H 48 -25.23 5.61 -57.20
C ASP H 48 -26.26 4.54 -57.55
N ALA H 49 -26.05 3.90 -58.71
CA ALA H 49 -26.99 2.92 -59.20
C ALA H 49 -27.11 1.75 -58.23
N MET H 50 -26.13 1.60 -57.30
CA MET H 50 -26.22 0.56 -56.28
C MET H 50 -27.36 0.82 -55.29
N LEU H 51 -27.82 2.07 -55.18
CA LEU H 51 -28.92 2.45 -54.29
C LEU H 51 -30.27 2.32 -54.99
N ARG H 52 -30.36 1.41 -55.97
CA ARG H 52 -31.62 1.13 -56.64
C ARG H 52 -32.49 0.27 -55.71
N ASN H 53 -33.80 0.17 -56.00
CA ASN H 53 -34.74 -0.65 -55.27
C ASN H 53 -34.78 -0.31 -53.77
N ARG H 54 -34.65 0.99 -53.45
CA ARG H 54 -34.70 1.47 -52.06
C ARG H 54 -35.75 2.57 -51.88
N ARG H 55 -36.19 2.78 -50.62
CA ARG H 55 -36.56 4.12 -50.16
C ARG H 55 -35.47 4.64 -49.22
N ILE H 56 -34.93 5.82 -49.57
CA ILE H 56 -33.92 6.55 -48.79
C ILE H 56 -34.63 7.47 -47.80
N VAL H 57 -34.39 7.26 -46.50
CA VAL H 57 -34.85 8.17 -45.46
C VAL H 57 -33.63 8.64 -44.67
N THR H 58 -33.73 9.84 -44.07
CA THR H 58 -32.66 10.36 -43.23
C THR H 58 -33.07 10.28 -41.76
N ALA H 59 -32.14 10.67 -40.88
CA ALA H 59 -32.29 10.61 -39.44
C ALA H 59 -30.92 10.70 -38.80
N ASP H 60 -30.72 11.68 -37.89
CA ASP H 60 -29.58 11.65 -36.99
C ASP H 60 -29.86 10.59 -35.92
N LEU H 61 -29.11 9.48 -35.94
CA LEU H 61 -29.33 8.36 -35.03
C LEU H 61 -28.73 8.66 -33.65
N LYS H 62 -27.89 9.69 -33.57
CA LYS H 62 -27.40 10.21 -32.29
C LYS H 62 -28.39 11.17 -31.63
N SER H 63 -29.48 11.58 -32.32
CA SER H 63 -30.65 12.21 -31.68
C SER H 63 -31.41 11.20 -30.82
N ASP H 64 -32.40 11.66 -30.05
CA ASP H 64 -33.37 10.75 -29.46
C ASP H 64 -34.55 10.61 -30.40
N GLN H 65 -34.80 11.68 -31.16
CA GLN H 65 -35.82 11.66 -32.19
C GLN H 65 -35.41 10.63 -33.24
N GLY H 66 -34.24 10.84 -33.87
CA GLY H 66 -33.67 9.94 -34.85
C GLY H 66 -33.67 8.48 -34.39
N LEU H 67 -33.26 8.23 -33.13
CA LEU H 67 -33.15 6.89 -32.59
C LEU H 67 -34.54 6.27 -32.47
N GLU H 68 -35.52 7.08 -32.05
CA GLU H 68 -36.82 6.52 -31.73
C GLU H 68 -37.53 6.10 -33.02
N LEU H 69 -37.46 6.97 -34.05
CA LEU H 69 -37.95 6.70 -35.40
C LEU H 69 -37.37 5.40 -35.98
N ALA H 70 -36.05 5.23 -35.83
CA ALA H 70 -35.36 4.05 -36.32
C ALA H 70 -35.87 2.79 -35.62
N LEU H 71 -36.07 2.84 -34.29
CA LEU H 71 -36.54 1.68 -33.55
C LEU H 71 -38.00 1.36 -33.92
N LYS H 72 -38.75 2.37 -34.38
CA LYS H 72 -40.10 2.13 -34.85
C LYS H 72 -40.06 1.35 -36.17
N LEU H 73 -39.30 1.88 -37.16
CA LEU H 73 -39.04 1.23 -38.45
C LEU H 73 -38.65 -0.22 -38.23
N ILE H 74 -37.69 -0.42 -37.33
CA ILE H 74 -37.13 -1.74 -37.06
C ILE H 74 -38.17 -2.65 -36.41
N ALA H 75 -39.10 -2.08 -35.64
CA ALA H 75 -40.09 -2.90 -34.98
C ALA H 75 -41.03 -3.54 -36.01
N LYS H 76 -41.21 -2.86 -37.16
CA LYS H 76 -42.10 -3.30 -38.22
C LYS H 76 -41.38 -4.08 -39.34
N ALA H 77 -40.11 -4.47 -39.14
CA ALA H 77 -39.31 -5.04 -40.22
C ALA H 77 -38.87 -6.46 -39.88
N ASP H 78 -38.39 -7.19 -40.89
CA ASP H 78 -37.93 -8.55 -40.72
C ASP H 78 -36.43 -8.58 -40.54
N VAL H 79 -35.75 -7.62 -41.20
CA VAL H 79 -34.31 -7.72 -41.32
C VAL H 79 -33.68 -6.35 -41.10
N LEU H 80 -32.56 -6.38 -40.36
CA LEU H 80 -31.71 -5.21 -40.20
C LEU H 80 -30.31 -5.51 -40.72
N ILE H 81 -29.79 -4.54 -41.48
CA ILE H 81 -28.44 -4.64 -42.01
C ILE H 81 -27.63 -3.46 -41.47
N GLU H 82 -26.51 -3.80 -40.83
CA GLU H 82 -25.54 -2.78 -40.46
C GLU H 82 -24.14 -3.25 -40.84
N GLY H 83 -23.34 -2.31 -41.34
CA GLY H 83 -21.95 -2.58 -41.67
C GLY H 83 -20.99 -1.61 -41.01
N TYR H 84 -21.23 -1.25 -39.74
CA TYR H 84 -20.28 -0.40 -39.03
C TYR H 84 -19.30 -1.25 -38.26
N ARG H 85 -18.28 -0.59 -37.67
CA ARG H 85 -17.39 -1.31 -36.77
C ARG H 85 -18.23 -1.89 -35.64
N PRO H 86 -17.83 -3.05 -35.08
CA PRO H 86 -18.53 -3.61 -33.94
C PRO H 86 -18.54 -2.62 -32.77
N GLY H 87 -19.69 -2.51 -32.07
CA GLY H 87 -19.85 -1.59 -30.95
C GLY H 87 -20.61 -0.34 -31.38
N VAL H 88 -20.71 -0.10 -32.68
CA VAL H 88 -21.26 1.17 -33.10
C VAL H 88 -22.77 1.17 -32.91
N THR H 89 -23.44 0.09 -33.34
CA THR H 89 -24.90 0.04 -33.20
C THR H 89 -25.24 -0.02 -31.70
N GLU H 90 -24.44 -0.76 -30.91
CA GLU H 90 -24.61 -0.81 -29.47
C GLU H 90 -24.68 0.62 -28.91
N ARG H 91 -23.69 1.47 -29.21
CA ARG H 91 -23.63 2.80 -28.65
C ARG H 91 -24.70 3.71 -29.22
N LEU H 92 -25.26 3.40 -30.39
CA LEU H 92 -26.32 4.25 -30.88
C LEU H 92 -27.65 3.97 -30.17
N GLY H 93 -27.71 2.83 -29.44
CA GLY H 93 -28.97 2.28 -28.93
C GLY H 93 -29.67 1.29 -29.89
N LEU H 94 -28.97 0.91 -30.97
CA LEU H 94 -29.54 0.15 -32.10
C LEU H 94 -28.91 -1.23 -32.20
N GLY H 95 -28.36 -1.74 -31.09
CA GLY H 95 -27.67 -3.02 -31.07
C GLY H 95 -28.65 -4.19 -30.99
N PRO H 96 -28.16 -5.44 -31.15
CA PRO H 96 -29.04 -6.60 -31.16
C PRO H 96 -30.01 -6.65 -29.97
N GLU H 97 -29.48 -6.48 -28.76
CA GLU H 97 -30.29 -6.50 -27.55
C GLU H 97 -31.34 -5.40 -27.56
N GLU H 98 -30.95 -4.15 -27.84
CA GLU H 98 -31.95 -3.09 -27.93
C GLU H 98 -33.01 -3.46 -28.97
N CYS H 99 -32.57 -4.05 -30.08
CA CYS H 99 -33.46 -4.34 -31.19
C CYS H 99 -34.44 -5.47 -30.82
N ALA H 100 -33.95 -6.50 -30.13
CA ALA H 100 -34.75 -7.65 -29.71
C ALA H 100 -35.86 -7.30 -28.71
N LYS H 101 -35.75 -6.16 -28.02
CA LYS H 101 -36.80 -5.69 -27.13
C LYS H 101 -38.02 -5.20 -27.91
N VAL H 102 -37.79 -4.62 -29.09
CA VAL H 102 -38.89 -4.10 -29.88
C VAL H 102 -39.29 -5.10 -30.97
N ASN H 103 -38.62 -6.26 -31.08
CA ASN H 103 -38.89 -7.19 -32.18
C ASN H 103 -38.01 -8.43 -32.03
N ASP H 104 -38.53 -9.48 -31.37
CA ASP H 104 -37.75 -10.69 -31.19
C ASP H 104 -37.83 -11.57 -32.44
N ARG H 105 -38.40 -11.06 -33.54
CA ARG H 105 -38.39 -11.80 -34.80
C ARG H 105 -37.25 -11.37 -35.72
N LEU H 106 -36.49 -10.33 -35.32
CA LEU H 106 -35.59 -9.61 -36.22
C LEU H 106 -34.43 -10.50 -36.63
N ILE H 107 -34.08 -10.42 -37.91
CA ILE H 107 -32.79 -10.95 -38.37
C ILE H 107 -31.81 -9.78 -38.33
N TYR H 108 -30.82 -9.94 -37.43
CA TYR H 108 -29.87 -8.88 -37.15
C TYR H 108 -28.56 -9.21 -37.88
N ALA H 109 -28.31 -8.50 -38.98
CA ALA H 109 -27.27 -8.91 -39.92
C ALA H 109 -26.11 -7.94 -39.88
N ARG H 110 -24.97 -8.43 -39.40
CA ARG H 110 -23.81 -7.58 -39.18
C ARG H 110 -22.72 -7.93 -40.20
N MET H 111 -22.45 -6.97 -41.06
CA MET H 111 -21.47 -7.06 -42.14
C MET H 111 -20.16 -6.39 -41.75
N THR H 112 -19.12 -7.17 -41.46
CA THR H 112 -17.79 -6.61 -41.23
C THR H 112 -16.73 -7.35 -42.03
N GLY H 113 -15.50 -6.86 -41.97
CA GLY H 113 -14.42 -7.57 -42.63
C GLY H 113 -13.76 -8.56 -41.69
N TRP H 114 -13.51 -8.09 -40.46
CA TRP H 114 -12.66 -8.83 -39.53
C TRP H 114 -13.52 -9.69 -38.58
N GLY H 115 -14.81 -9.38 -38.49
CA GLY H 115 -15.68 -10.08 -37.56
C GLY H 115 -16.02 -9.24 -36.32
N GLN H 116 -16.85 -9.84 -35.47
CA GLN H 116 -17.40 -9.14 -34.33
C GLN H 116 -16.40 -9.13 -33.18
N THR H 117 -15.49 -10.12 -33.09
CA THR H 117 -14.55 -10.15 -31.98
C THR H 117 -13.14 -10.41 -32.50
N GLY H 118 -12.16 -10.36 -31.61
CA GLY H 118 -10.78 -10.75 -31.91
C GLY H 118 -9.88 -9.53 -32.15
N PRO H 119 -8.54 -9.75 -32.22
CA PRO H 119 -7.55 -8.67 -32.20
C PRO H 119 -7.69 -7.60 -33.29
N ARG H 120 -8.29 -7.95 -34.44
CA ARG H 120 -8.40 -7.01 -35.53
C ARG H 120 -9.80 -6.43 -35.60
N SER H 121 -10.64 -6.74 -34.61
CA SER H 121 -12.06 -6.45 -34.74
C SER H 121 -12.33 -4.95 -34.90
N GLN H 122 -11.40 -4.10 -34.43
CA GLN H 122 -11.66 -2.65 -34.49
C GLN H 122 -10.79 -1.95 -35.54
N GLN H 123 -9.97 -2.75 -36.23
CA GLN H 123 -9.02 -2.22 -37.20
C GLN H 123 -9.76 -1.83 -38.49
N ALA H 124 -9.52 -0.62 -38.98
CA ALA H 124 -10.08 -0.25 -40.27
C ALA H 124 -9.51 -1.18 -41.34
N GLY H 125 -10.23 -1.32 -42.45
CA GLY H 125 -9.73 -2.12 -43.56
C GLY H 125 -10.61 -1.98 -44.80
N HIS H 126 -10.09 -2.50 -45.90
CA HIS H 126 -10.86 -2.66 -47.12
C HIS H 126 -10.62 -4.06 -47.67
N ASP H 127 -11.28 -4.34 -48.79
CA ASP H 127 -11.27 -5.69 -49.37
C ASP H 127 -9.87 -6.28 -49.38
N ILE H 128 -8.91 -5.51 -49.95
CA ILE H 128 -7.55 -5.98 -50.17
C ILE H 128 -6.93 -6.46 -48.85
N ASN H 129 -7.29 -5.83 -47.72
CA ASN H 129 -6.74 -6.20 -46.42
C ASN H 129 -7.28 -7.56 -45.97
N TYR H 130 -8.60 -7.75 -46.09
CA TYR H 130 -9.27 -8.96 -45.61
C TYR H 130 -8.78 -10.17 -46.41
N ILE H 131 -8.58 -10.01 -47.74
CA ILE H 131 -8.13 -11.13 -48.58
C ILE H 131 -6.62 -11.31 -48.47
N SER H 132 -5.91 -10.34 -47.87
CA SER H 132 -4.47 -10.52 -47.70
C SER H 132 -4.18 -11.51 -46.58
N LEU H 133 -5.07 -11.62 -45.59
CA LEU H 133 -4.74 -12.29 -44.35
C LEU H 133 -5.03 -13.78 -44.45
N ASN H 134 -5.84 -14.20 -45.44
CA ASN H 134 -6.30 -15.58 -45.48
C ASN H 134 -5.81 -16.34 -46.70
N GLY H 135 -4.71 -15.87 -47.34
CA GLY H 135 -4.07 -16.63 -48.41
C GLY H 135 -4.53 -16.27 -49.82
N ILE H 136 -5.68 -15.59 -49.98
CA ILE H 136 -6.32 -15.39 -51.25
C ILE H 136 -5.50 -14.46 -52.14
N LEU H 137 -5.24 -13.23 -51.69
CA LEU H 137 -4.53 -12.24 -52.47
C LEU H 137 -3.19 -12.78 -52.94
N HIS H 138 -2.49 -13.49 -52.04
CA HIS H 138 -1.18 -14.03 -52.38
C HIS H 138 -1.28 -14.92 -53.63
N ALA H 139 -2.41 -15.56 -53.82
CA ALA H 139 -2.57 -16.53 -54.90
C ALA H 139 -2.86 -15.88 -56.26
N ILE H 140 -3.10 -14.57 -56.31
CA ILE H 140 -3.65 -13.96 -57.51
C ILE H 140 -2.59 -13.12 -58.21
N GLY H 141 -2.33 -13.42 -59.49
CA GLY H 141 -1.46 -12.61 -60.34
C GLY H 141 -0.39 -13.50 -60.96
N ARG H 142 0.50 -12.92 -61.77
CA ARG H 142 1.59 -13.64 -62.37
C ARG H 142 2.68 -13.91 -61.33
N GLY H 143 3.43 -15.01 -61.54
CA GLY H 143 4.43 -15.49 -60.61
C GLY H 143 5.62 -14.55 -60.49
N ASP H 144 5.90 -13.81 -61.56
CA ASP H 144 7.10 -12.99 -61.62
C ASP H 144 6.86 -11.60 -61.05
N GLU H 145 5.81 -11.40 -60.25
CA GLU H 145 5.33 -10.05 -59.99
C GLU H 145 4.52 -10.02 -58.71
N ARG H 146 4.21 -8.84 -58.22
CA ARG H 146 3.55 -8.77 -56.93
C ARG H 146 2.06 -9.08 -57.12
N PRO H 147 1.35 -9.59 -56.07
CA PRO H 147 -0.03 -9.98 -56.21
C PRO H 147 -0.87 -8.84 -56.75
N VAL H 148 -1.93 -9.20 -57.47
CA VAL H 148 -2.82 -8.17 -57.97
C VAL H 148 -4.20 -8.32 -57.35
N PRO H 149 -4.80 -7.22 -56.89
CA PRO H 149 -6.14 -7.28 -56.32
C PRO H 149 -7.18 -7.59 -57.38
N PRO H 150 -8.05 -8.60 -57.12
CA PRO H 150 -9.16 -8.91 -58.01
C PRO H 150 -10.29 -7.94 -57.81
N LEU H 151 -9.98 -6.68 -58.10
CA LEU H 151 -10.79 -5.54 -57.71
C LEU H 151 -11.17 -5.76 -56.25
N ASN H 152 -12.41 -5.40 -55.90
CA ASN H 152 -13.00 -5.73 -54.60
C ASN H 152 -14.13 -6.77 -54.73
N LEU H 153 -13.93 -7.77 -55.60
CA LEU H 153 -14.96 -8.77 -55.88
C LEU H 153 -15.01 -9.85 -54.81
N VAL H 154 -13.85 -10.23 -54.24
CA VAL H 154 -13.77 -11.45 -53.48
C VAL H 154 -14.09 -11.20 -52.01
N GLY H 155 -13.66 -10.07 -51.46
CA GLY H 155 -13.86 -9.75 -50.04
C GLY H 155 -15.20 -9.03 -49.83
N ASP H 156 -15.39 -7.89 -50.50
CA ASP H 156 -16.64 -7.17 -50.37
C ASP H 156 -17.86 -7.97 -50.84
N PHE H 157 -17.80 -8.62 -52.02
CA PHE H 157 -19.03 -9.11 -52.61
C PHE H 157 -19.07 -10.62 -52.47
N GLY H 158 -18.17 -11.29 -53.21
CA GLY H 158 -18.25 -12.74 -53.24
C GLY H 158 -18.16 -13.35 -51.85
N GLY H 159 -17.25 -12.83 -51.00
CA GLY H 159 -17.07 -13.36 -49.66
C GLY H 159 -17.71 -12.47 -48.57
N GLY H 160 -18.49 -11.50 -49.00
CA GLY H 160 -18.95 -10.42 -48.14
C GLY H 160 -20.47 -10.38 -48.12
N SER H 161 -21.03 -9.49 -48.94
CA SER H 161 -22.46 -9.36 -49.14
C SER H 161 -23.11 -10.72 -49.40
N MET H 162 -22.47 -11.58 -50.19
CA MET H 162 -23.14 -12.81 -50.61
C MET H 162 -23.33 -13.73 -49.43
N PHE H 163 -22.33 -13.79 -48.55
CA PHE H 163 -22.49 -14.56 -47.34
C PHE H 163 -23.45 -13.87 -46.36
N LEU H 164 -23.52 -12.54 -46.39
CA LEU H 164 -24.51 -11.83 -45.60
C LEU H 164 -25.89 -12.34 -46.01
N LEU H 165 -26.13 -12.31 -47.32
CA LEU H 165 -27.39 -12.76 -47.90
C LEU H 165 -27.74 -14.20 -47.54
N VAL H 166 -26.79 -15.11 -47.66
CA VAL H 166 -27.04 -16.48 -47.31
C VAL H 166 -27.45 -16.58 -45.83
N GLY H 167 -26.83 -15.77 -44.98
CA GLY H 167 -27.12 -15.79 -43.57
C GLY H 167 -28.52 -15.25 -43.26
N ILE H 168 -28.87 -14.13 -43.87
CA ILE H 168 -30.17 -13.54 -43.70
C ILE H 168 -31.21 -14.59 -44.11
N LEU H 169 -31.11 -15.03 -45.37
CA LEU H 169 -32.15 -15.89 -45.93
C LEU H 169 -32.14 -17.21 -45.18
N ALA H 170 -30.99 -17.74 -44.76
CA ALA H 170 -30.98 -18.98 -44.03
C ALA H 170 -31.66 -18.82 -42.67
N ALA H 171 -31.54 -17.62 -42.07
CA ALA H 171 -32.04 -17.41 -40.73
C ALA H 171 -33.55 -17.17 -40.80
N LEU H 172 -34.01 -16.58 -41.91
CA LEU H 172 -35.42 -16.44 -42.23
C LEU H 172 -36.06 -17.81 -42.37
N TRP H 173 -35.32 -18.81 -42.88
CA TRP H 173 -35.83 -20.17 -42.94
C TRP H 173 -36.01 -20.70 -41.53
N GLU H 174 -34.96 -20.57 -40.73
CA GLU H 174 -34.95 -21.10 -39.38
C GLU H 174 -36.05 -20.43 -38.56
N ARG H 175 -36.33 -19.15 -38.85
CA ARG H 175 -37.36 -18.41 -38.17
C ARG H 175 -38.73 -19.04 -38.42
N GLN H 176 -38.99 -19.48 -39.66
CA GLN H 176 -40.32 -19.98 -40.02
C GLN H 176 -40.68 -21.14 -39.09
N SER H 177 -39.67 -21.86 -38.57
CA SER H 177 -39.89 -22.99 -37.67
C SER H 177 -39.64 -22.67 -36.19
N SER H 178 -39.28 -21.42 -35.86
CA SER H 178 -38.93 -21.12 -34.47
C SER H 178 -39.59 -19.83 -33.98
N GLY H 179 -40.17 -19.00 -34.86
CA GLY H 179 -40.74 -17.72 -34.48
C GLY H 179 -39.70 -16.65 -34.10
N LYS H 180 -38.42 -17.04 -34.02
CA LYS H 180 -37.35 -16.23 -33.43
C LYS H 180 -36.31 -15.75 -34.46
N GLY H 181 -36.01 -14.45 -34.41
CA GLY H 181 -34.86 -13.88 -35.08
C GLY H 181 -33.54 -14.37 -34.47
N GLN H 182 -32.41 -13.89 -35.01
CA GLN H 182 -31.10 -14.10 -34.41
C GLN H 182 -30.09 -13.17 -35.10
N VAL H 183 -28.84 -13.24 -34.62
CA VAL H 183 -27.76 -12.41 -35.16
C VAL H 183 -26.94 -13.20 -36.18
N VAL H 184 -26.76 -12.58 -37.36
CA VAL H 184 -25.89 -13.06 -38.42
C VAL H 184 -24.60 -12.23 -38.41
N ASP H 185 -23.51 -12.92 -38.12
CA ASP H 185 -22.18 -12.34 -38.11
C ASP H 185 -21.45 -12.78 -39.40
N ALA H 186 -21.44 -11.89 -40.41
CA ALA H 186 -20.80 -12.11 -41.69
C ALA H 186 -19.49 -11.32 -41.75
N ALA H 187 -18.37 -12.04 -41.66
CA ALA H 187 -17.05 -11.42 -41.75
C ALA H 187 -16.40 -11.80 -43.08
N MET H 188 -15.93 -10.79 -43.81
CA MET H 188 -15.34 -10.97 -45.12
C MET H 188 -14.21 -11.97 -45.09
N VAL H 189 -13.48 -12.01 -43.97
CA VAL H 189 -12.31 -12.87 -43.88
C VAL H 189 -12.74 -14.34 -43.81
N ASP H 190 -13.94 -14.59 -43.29
CA ASP H 190 -14.46 -15.95 -43.22
C ASP H 190 -15.12 -16.32 -44.55
N GLY H 191 -16.04 -15.48 -44.99
CA GLY H 191 -16.79 -15.74 -46.20
C GLY H 191 -15.85 -15.98 -47.38
N SER H 192 -14.79 -15.17 -47.50
CA SER H 192 -13.90 -15.30 -48.63
C SER H 192 -13.09 -16.57 -48.45
N SER H 193 -12.94 -17.07 -47.22
CA SER H 193 -12.24 -18.33 -47.02
C SER H 193 -13.11 -19.50 -47.50
N VAL H 194 -14.43 -19.43 -47.32
CA VAL H 194 -15.30 -20.49 -47.81
C VAL H 194 -15.42 -20.39 -49.32
N LEU H 195 -15.34 -19.16 -49.84
CA LEU H 195 -15.38 -18.89 -51.25
C LEU H 195 -14.28 -19.67 -51.96
N ILE H 196 -13.14 -19.85 -51.28
CA ILE H 196 -11.93 -20.39 -51.89
C ILE H 196 -11.65 -21.77 -51.31
N GLN H 197 -12.71 -22.40 -50.79
CA GLN H 197 -12.55 -23.73 -50.22
C GLN H 197 -12.00 -24.75 -51.24
N MET H 198 -12.29 -24.56 -52.54
CA MET H 198 -11.74 -25.45 -53.55
C MET H 198 -10.20 -25.52 -53.52
N MET H 199 -9.58 -24.35 -53.37
CA MET H 199 -8.12 -24.31 -53.29
C MET H 199 -7.66 -25.01 -52.01
N TRP H 200 -8.37 -24.80 -50.91
CA TRP H 200 -7.93 -25.46 -49.69
C TRP H 200 -8.06 -26.97 -49.86
N ALA H 201 -9.12 -27.43 -50.52
CA ALA H 201 -9.28 -28.86 -50.83
C ALA H 201 -8.15 -29.38 -51.73
N MET H 202 -7.91 -28.67 -52.85
CA MET H 202 -6.85 -29.08 -53.76
C MET H 202 -5.49 -29.05 -53.06
N ARG H 203 -5.28 -28.10 -52.16
CA ARG H 203 -4.01 -27.99 -51.45
C ARG H 203 -3.80 -29.24 -50.59
N ALA H 204 -4.90 -29.73 -50.00
CA ALA H 204 -4.91 -30.87 -49.09
C ALA H 204 -4.46 -32.15 -49.79
N THR H 205 -4.77 -32.28 -51.09
CA THR H 205 -4.45 -33.47 -51.89
C THR H 205 -3.25 -33.25 -52.80
N GLY H 206 -2.42 -32.23 -52.54
CA GLY H 206 -1.24 -31.94 -53.37
C GLY H 206 -1.56 -31.47 -54.80
N MET H 207 -2.75 -30.90 -55.03
CA MET H 207 -3.14 -30.41 -56.35
C MET H 207 -3.12 -28.87 -56.42
N TRP H 208 -2.54 -28.20 -55.41
CA TRP H 208 -2.39 -26.76 -55.43
C TRP H 208 -1.17 -26.37 -54.63
N THR H 209 -0.35 -25.47 -55.19
CA THR H 209 0.89 -25.01 -54.56
C THR H 209 0.72 -23.53 -54.18
N ASP H 210 1.41 -23.10 -53.11
CA ASP H 210 1.42 -21.70 -52.68
C ASP H 210 2.27 -20.82 -53.59
N THR H 211 2.92 -21.42 -54.58
CA THR H 211 3.59 -20.65 -55.63
C THR H 211 2.56 -19.98 -56.53
N ARG H 212 2.63 -18.65 -56.62
CA ARG H 212 1.76 -17.91 -57.51
C ARG H 212 2.11 -18.16 -58.97
N GLY H 213 1.09 -18.35 -59.81
CA GLY H 213 1.27 -18.49 -61.24
C GLY H 213 1.68 -19.91 -61.66
N ALA H 214 1.41 -20.91 -60.83
CA ALA H 214 1.95 -22.25 -61.10
C ALA H 214 0.89 -23.33 -60.89
N ASN H 215 -0.38 -23.00 -61.04
CA ASN H 215 -1.48 -23.91 -60.73
C ASN H 215 -2.45 -23.96 -61.92
N MET H 216 -3.40 -24.88 -61.85
CA MET H 216 -4.31 -25.11 -62.95
C MET H 216 -5.19 -23.87 -63.22
N LEU H 217 -5.55 -23.12 -62.16
CA LEU H 217 -6.60 -22.11 -62.30
C LEU H 217 -6.15 -20.68 -62.02
N ASP H 218 -4.85 -20.43 -61.95
CA ASP H 218 -4.33 -19.11 -61.56
C ASP H 218 -3.69 -18.40 -62.75
N GLY H 219 -3.73 -19.04 -63.92
CA GLY H 219 -3.09 -18.52 -65.12
C GLY H 219 -1.79 -19.27 -65.44
N GLY H 220 -1.32 -20.11 -64.54
CA GLY H 220 -0.14 -20.93 -64.84
C GLY H 220 -0.35 -21.98 -65.95
N ALA H 221 -1.55 -22.57 -66.08
CA ALA H 221 -1.81 -23.55 -67.11
C ALA H 221 -2.04 -22.84 -68.45
N PRO H 222 -1.35 -23.28 -69.53
CA PRO H 222 -1.54 -22.72 -70.85
C PRO H 222 -2.95 -22.87 -71.41
N TYR H 223 -3.70 -23.87 -70.91
CA TYR H 223 -5.08 -24.06 -71.35
C TYR H 223 -6.12 -23.38 -70.43
N TYR H 224 -5.66 -22.54 -69.50
CA TYR H 224 -6.52 -21.85 -68.55
C TYR H 224 -5.90 -20.48 -68.29
N ASP H 225 -6.04 -19.62 -69.31
CA ASP H 225 -5.34 -18.34 -69.34
C ASP H 225 -5.86 -17.47 -70.48
N THR H 226 -5.41 -16.21 -70.53
CA THR H 226 -5.70 -15.35 -71.65
C THR H 226 -4.52 -15.35 -72.62
N TYR H 227 -4.82 -15.02 -73.89
CA TYR H 227 -3.84 -14.89 -74.95
C TYR H 227 -4.12 -13.60 -75.69
N GLU H 228 -3.04 -12.96 -76.12
CA GLU H 228 -3.18 -11.76 -76.90
C GLU H 228 -3.31 -12.12 -78.39
N CYS H 229 -4.19 -11.42 -79.11
CA CYS H 229 -4.44 -11.69 -80.53
C CYS H 229 -3.73 -10.65 -81.41
N ALA H 230 -3.84 -10.81 -82.73
CA ALA H 230 -3.13 -9.95 -83.67
C ALA H 230 -3.54 -8.48 -83.51
N ASP H 231 -4.74 -8.20 -83.01
CA ASP H 231 -5.22 -6.83 -82.87
C ASP H 231 -4.89 -6.27 -81.48
N GLY H 232 -4.18 -7.02 -80.63
CA GLY H 232 -3.86 -6.52 -79.30
C GLY H 232 -5.02 -6.71 -78.31
N ARG H 233 -6.10 -7.38 -78.76
CA ARG H 233 -7.20 -7.73 -77.87
C ARG H 233 -7.00 -9.18 -77.44
N TYR H 234 -7.87 -9.68 -76.54
CA TYR H 234 -7.57 -10.92 -75.84
C TYR H 234 -8.72 -11.91 -76.02
N VAL H 235 -8.33 -13.18 -75.99
CA VAL H 235 -9.25 -14.28 -75.76
C VAL H 235 -8.91 -14.93 -74.42
N ALA H 236 -9.94 -15.57 -73.87
CA ALA H 236 -9.82 -16.48 -72.75
C ALA H 236 -9.92 -17.92 -73.26
N VAL H 237 -8.98 -18.74 -72.78
CA VAL H 237 -8.98 -20.17 -72.95
C VAL H 237 -9.23 -20.84 -71.60
N GLY H 238 -10.19 -21.76 -71.59
CA GLY H 238 -10.57 -22.50 -70.39
C GLY H 238 -10.70 -24.00 -70.65
N ALA H 239 -9.93 -24.53 -71.61
CA ALA H 239 -10.09 -25.91 -72.06
C ALA H 239 -9.41 -26.91 -71.14
N ILE H 240 -10.03 -27.13 -69.96
CA ILE H 240 -9.47 -28.02 -68.95
C ILE H 240 -9.58 -29.50 -69.37
N GLU H 241 -10.78 -29.92 -69.74
CA GLU H 241 -11.00 -31.33 -70.05
C GLU H 241 -10.36 -31.66 -71.40
N PRO H 242 -9.77 -32.87 -71.55
CA PRO H 242 -9.00 -33.19 -72.76
C PRO H 242 -9.75 -33.08 -74.09
N GLN H 243 -11.05 -33.41 -74.08
CA GLN H 243 -11.81 -33.42 -75.32
C GLN H 243 -12.01 -31.97 -75.76
N PHE H 244 -12.15 -31.05 -74.79
CA PHE H 244 -12.35 -29.65 -75.12
C PHE H 244 -11.03 -29.06 -75.60
N TYR H 245 -9.93 -29.52 -74.99
CA TYR H 245 -8.60 -29.10 -75.36
C TYR H 245 -8.30 -29.54 -76.80
N ALA H 246 -8.65 -30.79 -77.14
CA ALA H 246 -8.42 -31.31 -78.48
C ALA H 246 -9.18 -30.48 -79.50
N ALA H 247 -10.40 -30.05 -79.16
CA ALA H 247 -11.17 -29.20 -80.05
C ALA H 247 -10.51 -27.86 -80.32
N MET H 248 -9.92 -27.29 -79.25
CA MET H 248 -9.23 -26.01 -79.35
C MET H 248 -8.00 -26.11 -80.27
N LEU H 249 -7.21 -27.18 -80.10
CA LEU H 249 -6.00 -27.41 -80.90
C LEU H 249 -6.34 -27.48 -82.38
N ALA H 250 -7.39 -28.25 -82.69
CA ALA H 250 -7.83 -28.43 -84.08
C ALA H 250 -8.31 -27.11 -84.69
N GLY H 251 -8.95 -26.23 -83.89
CA GLY H 251 -9.40 -24.95 -84.38
C GLY H 251 -8.26 -23.94 -84.55
N LEU H 252 -7.15 -24.16 -83.84
CA LEU H 252 -5.96 -23.33 -83.99
C LEU H 252 -5.06 -23.85 -85.10
N GLY H 253 -5.37 -25.01 -85.65
CA GLY H 253 -4.58 -25.60 -86.71
C GLY H 253 -3.38 -26.32 -86.14
N LEU H 254 -3.44 -26.75 -84.89
CA LEU H 254 -2.28 -27.33 -84.25
C LEU H 254 -2.52 -28.81 -84.14
N ASP H 255 -1.46 -29.50 -84.49
CA ASP H 255 -1.42 -30.93 -84.53
C ASP H 255 -0.94 -31.41 -83.16
N ALA H 256 -1.72 -32.28 -82.52
CA ALA H 256 -1.46 -32.68 -81.15
C ALA H 256 -0.20 -33.53 -81.03
N ALA H 257 0.14 -34.35 -82.04
CA ALA H 257 1.34 -35.17 -81.92
C ALA H 257 2.60 -34.30 -82.03
N GLU H 258 2.45 -33.05 -82.47
CA GLU H 258 3.56 -32.11 -82.54
C GLU H 258 3.78 -31.32 -81.25
N LEU H 259 2.93 -31.48 -80.22
CA LEU H 259 2.95 -30.58 -79.07
C LEU H 259 3.29 -31.39 -77.83
N PRO H 260 3.77 -30.76 -76.74
CA PRO H 260 3.89 -31.46 -75.47
C PRO H 260 2.55 -31.91 -74.93
N PRO H 261 2.50 -32.93 -74.05
CA PRO H 261 1.25 -33.25 -73.38
C PRO H 261 0.61 -32.03 -72.68
N GLN H 262 -0.74 -32.01 -72.63
CA GLN H 262 -1.50 -30.90 -72.07
C GLN H 262 -1.06 -30.70 -70.62
N ASN H 263 -0.83 -31.78 -69.87
CA ASN H 263 -0.61 -31.70 -68.43
C ASN H 263 0.80 -32.12 -68.04
N ASP H 264 1.76 -32.02 -68.95
CA ASP H 264 3.17 -32.05 -68.58
C ASP H 264 3.64 -30.64 -68.21
N ARG H 265 3.68 -30.36 -66.89
CA ARG H 265 3.92 -29.04 -66.33
C ARG H 265 5.34 -28.56 -66.62
N ALA H 266 6.31 -29.48 -66.73
CA ALA H 266 7.69 -29.09 -67.07
C ALA H 266 7.76 -28.43 -68.45
N ARG H 267 6.85 -28.80 -69.38
CA ARG H 267 6.88 -28.28 -70.74
C ARG H 267 5.83 -27.21 -70.98
N TRP H 268 5.18 -26.75 -69.92
CA TRP H 268 4.13 -25.77 -70.10
C TRP H 268 4.68 -24.50 -70.75
N PRO H 269 5.93 -24.04 -70.48
CA PRO H 269 6.45 -22.88 -71.21
C PRO H 269 6.51 -23.11 -72.72
N GLU H 270 6.92 -24.29 -73.13
CA GLU H 270 6.93 -24.60 -74.55
C GLU H 270 5.49 -24.60 -75.13
N LEU H 271 4.56 -25.30 -74.47
CA LEU H 271 3.16 -25.35 -74.91
C LEU H 271 2.61 -23.93 -75.05
N ARG H 272 2.85 -23.12 -74.01
CA ARG H 272 2.41 -21.74 -74.00
C ARG H 272 2.99 -20.98 -75.18
N ALA H 273 4.27 -21.16 -75.48
CA ALA H 273 4.82 -20.40 -76.60
C ALA H 273 4.13 -20.73 -77.92
N LEU H 274 3.79 -22.01 -78.14
CA LEU H 274 3.14 -22.48 -79.37
C LEU H 274 1.71 -21.95 -79.45
N LEU H 275 0.95 -22.02 -78.35
CA LEU H 275 -0.40 -21.44 -78.34
C LEU H 275 -0.36 -19.93 -78.55
N THR H 276 0.69 -19.26 -78.01
CA THR H 276 0.84 -17.82 -78.12
C THR H 276 1.01 -17.42 -79.57
N GLU H 277 1.91 -18.09 -80.29
CA GLU H 277 2.06 -17.87 -81.71
C GLU H 277 0.73 -18.12 -82.44
N ALA H 278 0.01 -19.21 -82.17
CA ALA H 278 -1.23 -19.49 -82.90
C ALA H 278 -2.24 -18.36 -82.71
N PHE H 279 -2.58 -18.02 -81.47
CA PHE H 279 -3.59 -16.99 -81.25
C PHE H 279 -3.17 -15.60 -81.74
N ALA H 280 -1.85 -15.32 -81.80
CA ALA H 280 -1.36 -14.04 -82.27
C ALA H 280 -1.55 -13.87 -83.77
N SER H 281 -1.82 -14.94 -84.52
CA SER H 281 -1.88 -14.84 -85.97
C SER H 281 -3.25 -14.35 -86.45
N HIS H 282 -4.25 -14.25 -85.58
CA HIS H 282 -5.51 -13.65 -85.98
C HIS H 282 -6.06 -12.77 -84.86
N ASP H 283 -7.07 -11.96 -85.20
CA ASP H 283 -7.65 -11.02 -84.27
C ASP H 283 -8.69 -11.74 -83.41
N ARG H 284 -9.10 -11.03 -82.36
CA ARG H 284 -9.96 -11.61 -81.33
C ARG H 284 -11.29 -12.05 -81.95
N ASP H 285 -11.87 -11.20 -82.82
CA ASP H 285 -13.18 -11.49 -83.39
C ASP H 285 -13.09 -12.70 -84.31
N HIS H 286 -11.95 -12.89 -84.98
CA HIS H 286 -11.76 -14.11 -85.74
C HIS H 286 -11.93 -15.33 -84.83
N TRP H 287 -11.29 -15.35 -83.66
CA TRP H 287 -11.35 -16.57 -82.86
C TRP H 287 -12.75 -16.75 -82.28
N GLY H 288 -13.43 -15.65 -81.97
CA GLY H 288 -14.76 -15.75 -81.39
C GLY H 288 -15.71 -16.47 -82.34
N ALA H 289 -15.59 -16.11 -83.62
CA ALA H 289 -16.36 -16.69 -84.70
C ALA H 289 -15.99 -18.16 -84.94
N VAL H 290 -14.69 -18.42 -85.09
CA VAL H 290 -14.19 -19.78 -85.27
C VAL H 290 -14.71 -20.71 -84.19
N PHE H 291 -14.77 -20.25 -82.93
CA PHE H 291 -15.08 -21.16 -81.84
C PHE H 291 -16.52 -20.98 -81.35
N ALA H 292 -17.32 -20.11 -81.99
CA ALA H 292 -18.77 -20.10 -81.72
C ALA H 292 -19.34 -21.50 -82.01
N ASN H 293 -20.12 -21.99 -81.03
CA ASN H 293 -20.85 -23.26 -81.03
C ASN H 293 -19.92 -24.43 -80.76
N SER H 294 -18.68 -24.17 -80.33
CA SER H 294 -17.76 -25.25 -80.01
C SER H 294 -17.63 -25.38 -78.52
N ASP H 295 -17.13 -26.57 -78.15
CA ASP H 295 -16.67 -26.88 -76.82
C ASP H 295 -15.17 -26.59 -76.62
N ALA H 296 -14.57 -25.76 -77.47
CA ALA H 296 -13.16 -25.40 -77.34
C ALA H 296 -12.86 -24.55 -76.09
N CYS H 297 -13.88 -23.92 -75.49
CA CYS H 297 -13.72 -23.07 -74.29
C CYS H 297 -12.78 -21.90 -74.57
N VAL H 298 -13.02 -21.22 -75.69
CA VAL H 298 -12.31 -20.03 -76.06
C VAL H 298 -13.36 -18.95 -76.26
N THR H 299 -13.28 -17.84 -75.51
CA THR H 299 -14.24 -16.75 -75.67
C THR H 299 -13.49 -15.46 -75.83
N PRO H 300 -14.07 -14.43 -76.49
CA PRO H 300 -13.44 -13.12 -76.52
C PRO H 300 -13.51 -12.44 -75.14
N VAL H 301 -12.44 -11.71 -74.80
CA VAL H 301 -12.40 -10.93 -73.58
C VAL H 301 -12.93 -9.54 -73.91
N LEU H 302 -14.16 -9.26 -73.48
CA LEU H 302 -14.81 -7.99 -73.78
C LEU H 302 -14.55 -6.97 -72.68
N ALA H 303 -14.28 -5.74 -73.09
CA ALA H 303 -14.26 -4.61 -72.19
C ALA H 303 -15.71 -4.23 -71.87
N PHE H 304 -15.94 -3.72 -70.64
CA PHE H 304 -17.27 -3.29 -70.20
C PHE H 304 -18.04 -2.59 -71.33
N GLY H 305 -17.36 -1.71 -72.07
CA GLY H 305 -17.92 -0.88 -73.12
C GLY H 305 -18.43 -1.66 -74.33
N GLU H 306 -17.98 -2.90 -74.52
CA GLU H 306 -18.34 -3.72 -75.66
C GLU H 306 -19.47 -4.68 -75.31
N VAL H 307 -19.72 -4.86 -74.02
CA VAL H 307 -20.53 -5.95 -73.54
C VAL H 307 -21.95 -5.86 -74.11
N HIS H 308 -22.49 -4.63 -74.21
CA HIS H 308 -23.88 -4.42 -74.60
C HIS H 308 -24.12 -4.91 -76.03
N ASN H 309 -23.05 -5.10 -76.82
CA ASN H 309 -23.13 -5.56 -78.21
C ASN H 309 -22.90 -7.07 -78.38
N GLU H 310 -22.95 -7.85 -77.31
CA GLU H 310 -22.66 -9.28 -77.38
C GLU H 310 -24.00 -10.01 -77.45
N PRO H 311 -24.27 -10.77 -78.55
CA PRO H 311 -25.57 -11.38 -78.76
C PRO H 311 -26.10 -12.13 -77.55
N HIS H 312 -25.26 -12.99 -76.94
CA HIS H 312 -25.70 -13.79 -75.83
C HIS H 312 -26.10 -12.92 -74.63
N ILE H 313 -25.48 -11.73 -74.52
CA ILE H 313 -25.76 -10.82 -73.42
C ILE H 313 -27.13 -10.18 -73.70
N ILE H 314 -27.22 -9.55 -74.88
CA ILE H 314 -28.44 -8.94 -75.41
C ILE H 314 -29.63 -9.88 -75.29
N GLU H 315 -29.50 -11.08 -75.84
CA GLU H 315 -30.65 -11.94 -76.04
C GLU H 315 -31.16 -12.46 -74.70
N ARG H 316 -30.34 -12.52 -73.66
CA ARG H 316 -30.83 -12.97 -72.36
C ARG H 316 -31.20 -11.79 -71.44
N ASN H 317 -31.10 -10.55 -71.92
CA ASN H 317 -31.34 -9.36 -71.11
C ASN H 317 -30.59 -9.43 -69.77
N THR H 318 -29.28 -9.72 -69.82
CA THR H 318 -28.46 -9.74 -68.63
C THR H 318 -28.35 -8.31 -68.07
N PHE H 319 -28.36 -7.31 -68.95
CA PHE H 319 -28.30 -5.89 -68.61
C PHE H 319 -29.58 -5.13 -69.03
N TYR H 320 -29.74 -3.91 -68.48
CA TYR H 320 -30.80 -2.96 -68.86
C TYR H 320 -30.17 -1.57 -68.87
N GLU H 321 -30.82 -0.59 -69.52
CA GLU H 321 -30.22 0.72 -69.71
C GLU H 321 -30.96 1.75 -68.88
N ALA H 322 -30.46 2.03 -67.67
CA ALA H 322 -30.88 3.21 -66.92
C ALA H 322 -29.86 4.32 -67.18
N ASN H 323 -29.96 5.43 -66.42
CA ASN H 323 -28.86 6.35 -66.19
C ASN H 323 -28.33 6.91 -67.51
N GLY H 324 -27.02 7.22 -67.55
CA GLY H 324 -26.21 7.15 -68.75
C GLY H 324 -25.25 5.97 -68.69
N GLY H 325 -25.81 4.75 -68.59
CA GLY H 325 -25.02 3.54 -68.62
C GLY H 325 -25.85 2.30 -68.30
N TRP H 326 -25.40 1.18 -68.87
CA TRP H 326 -25.95 -0.15 -68.61
C TRP H 326 -25.68 -0.57 -67.17
N GLN H 327 -26.57 -1.46 -66.69
CA GLN H 327 -26.55 -1.99 -65.35
C GLN H 327 -27.06 -3.42 -65.41
N PRO H 328 -26.51 -4.36 -64.61
CA PRO H 328 -27.01 -5.72 -64.60
C PRO H 328 -28.42 -5.82 -64.06
N MET H 329 -29.20 -6.72 -64.66
CA MET H 329 -30.52 -7.08 -64.18
C MET H 329 -30.37 -8.00 -62.99
N PRO H 330 -31.43 -8.11 -62.15
CA PRO H 330 -31.41 -8.98 -61.00
C PRO H 330 -30.95 -10.38 -61.34
N ALA H 331 -30.28 -11.00 -60.37
CA ALA H 331 -29.88 -12.38 -60.46
C ALA H 331 -30.08 -13.00 -59.09
N PRO H 332 -30.35 -14.32 -58.97
CA PRO H 332 -30.65 -15.18 -60.12
C PRO H 332 -32.07 -14.94 -60.67
N ARG H 333 -32.52 -15.81 -61.60
CA ARG H 333 -33.82 -15.68 -62.24
C ARG H 333 -34.77 -16.74 -61.68
N PHE H 334 -36.07 -16.39 -61.66
CA PHE H 334 -37.13 -17.19 -61.05
C PHE H 334 -38.20 -17.58 -62.09
N SER H 335 -38.75 -18.81 -62.01
CA SER H 335 -39.75 -19.24 -63.00
C SER H 335 -41.10 -18.54 -62.78
N ARG H 336 -41.68 -18.66 -61.58
CA ARG H 336 -42.96 -18.01 -61.29
C ARG H 336 -42.82 -16.52 -60.92
N THR H 337 -42.06 -16.25 -59.86
CA THR H 337 -42.02 -14.93 -59.24
C THR H 337 -40.83 -14.12 -59.76
N ALA H 338 -40.92 -13.71 -61.03
CA ALA H 338 -39.82 -13.06 -61.72
C ALA H 338 -39.62 -11.68 -61.12
N SER H 339 -38.37 -11.23 -61.08
CA SER H 339 -38.07 -9.88 -60.62
C SER H 339 -38.39 -8.92 -61.76
N SER H 340 -38.38 -7.63 -61.46
CA SER H 340 -38.65 -6.63 -62.47
C SER H 340 -37.43 -5.74 -62.61
N GLN H 341 -37.49 -4.87 -63.62
CA GLN H 341 -36.46 -3.89 -63.84
C GLN H 341 -36.28 -3.14 -62.53
N PRO H 342 -35.04 -3.00 -62.04
CA PRO H 342 -34.78 -2.19 -60.85
C PRO H 342 -35.29 -0.75 -60.98
N ARG H 343 -35.89 -0.29 -59.89
CA ARG H 343 -36.44 1.05 -59.75
C ARG H 343 -35.27 1.97 -59.46
N PRO H 344 -35.07 3.08 -60.22
CA PRO H 344 -33.90 3.93 -60.00
C PRO H 344 -33.84 4.54 -58.61
N PRO H 345 -32.71 5.19 -58.20
CA PRO H 345 -32.66 5.88 -56.92
C PRO H 345 -33.73 6.97 -56.76
N ALA H 346 -34.62 6.81 -55.76
CA ALA H 346 -35.68 7.76 -55.44
C ALA H 346 -35.17 8.84 -54.48
N ALA H 347 -35.85 9.99 -54.48
CA ALA H 347 -35.56 11.06 -53.54
C ALA H 347 -35.99 10.67 -52.13
N THR H 348 -35.57 11.51 -51.17
CA THR H 348 -35.67 11.23 -49.74
C THR H 348 -37.13 11.17 -49.32
N ILE H 349 -37.72 9.98 -49.38
CA ILE H 349 -39.01 9.75 -48.77
C ILE H 349 -38.89 10.00 -47.27
N ASP H 350 -39.95 10.57 -46.68
CA ASP H 350 -39.92 11.08 -45.32
C ASP H 350 -40.29 9.94 -44.36
N ILE H 351 -39.51 9.79 -43.29
CA ILE H 351 -39.51 8.58 -42.51
C ILE H 351 -40.90 8.27 -41.94
N GLU H 352 -41.72 9.33 -41.84
CA GLU H 352 -43.08 9.25 -41.34
C GLU H 352 -44.00 8.50 -42.31
N ALA H 353 -43.95 8.90 -43.60
CA ALA H 353 -44.69 8.25 -44.68
C ALA H 353 -44.51 6.74 -44.65
N VAL H 354 -43.27 6.30 -44.40
CA VAL H 354 -42.90 4.90 -44.42
C VAL H 354 -43.62 4.18 -43.28
N LEU H 355 -43.69 4.85 -42.13
CA LEU H 355 -44.34 4.32 -40.94
C LEU H 355 -45.86 4.22 -41.12
N THR H 356 -46.48 5.29 -41.64
CA THR H 356 -47.86 5.27 -42.09
C THR H 356 -48.07 3.97 -42.88
N ASP H 357 -47.30 3.85 -43.97
CA ASP H 357 -47.40 2.80 -44.97
C ASP H 357 -47.17 1.41 -44.38
N TRP H 358 -46.38 1.28 -43.31
CA TRP H 358 -46.08 -0.05 -42.76
C TRP H 358 -47.04 -0.42 -41.62
N ASP H 359 -48.03 0.44 -41.32
CA ASP H 359 -48.99 0.20 -40.24
C ASP H 359 -48.26 0.16 -38.90
N MET I 1 51.44 -0.39 47.35
CA MET I 1 51.64 -1.42 46.28
C MET I 1 52.98 -1.16 45.58
N ALA I 2 53.85 -2.18 45.58
CA ALA I 2 55.19 -2.09 45.00
C ALA I 2 55.10 -2.16 43.49
N GLY I 3 56.06 -1.54 42.80
CA GLY I 3 56.22 -1.73 41.37
C GLY I 3 56.03 -0.41 40.64
N PRO I 4 56.45 -0.31 39.37
CA PRO I 4 56.39 0.98 38.73
C PRO I 4 54.98 1.50 38.45
N LEU I 5 53.96 0.64 38.55
CA LEU I 5 52.63 1.07 38.18
C LEU I 5 51.77 1.35 39.41
N SER I 6 52.41 1.46 40.58
CA SER I 6 51.73 1.95 41.78
C SER I 6 50.88 3.17 41.42
N GLY I 7 49.63 3.19 41.87
CA GLY I 7 48.77 4.34 41.61
C GLY I 7 47.88 4.18 40.37
N LEU I 8 48.20 3.29 39.42
CA LEU I 8 47.38 3.09 38.23
C LEU I 8 46.13 2.29 38.62
N ARG I 9 44.96 2.76 38.15
CA ARG I 9 43.70 2.11 38.48
C ARG I 9 43.11 1.46 37.23
N VAL I 10 42.80 0.17 37.38
CA VAL I 10 42.38 -0.61 36.24
C VAL I 10 41.05 -1.29 36.58
N VAL I 11 40.07 -1.17 35.66
CA VAL I 11 38.87 -1.97 35.77
C VAL I 11 38.89 -3.05 34.70
N GLU I 12 38.69 -4.30 35.14
CA GLU I 12 38.69 -5.46 34.26
C GLU I 12 37.29 -6.10 34.20
N LEU I 13 36.68 -6.09 33.01
CA LEU I 13 35.47 -6.84 32.81
C LEU I 13 35.83 -8.31 32.53
N ALA I 14 35.48 -9.21 33.47
CA ALA I 14 35.99 -10.57 33.46
C ALA I 14 35.69 -11.25 32.12
N GLY I 15 36.76 -11.84 31.54
CA GLY I 15 36.75 -12.56 30.28
C GLY I 15 37.72 -13.73 30.38
N ILE I 16 38.28 -14.18 29.25
CA ILE I 16 39.18 -15.33 29.27
C ILE I 16 40.38 -15.00 28.40
N GLY I 17 41.57 -15.59 28.72
CA GLY I 17 42.71 -15.49 27.80
C GLY I 17 43.43 -14.14 27.90
N PRO I 18 43.53 -13.37 26.81
CA PRO I 18 44.38 -12.19 26.83
C PRO I 18 43.99 -11.11 27.84
N GLY I 19 42.69 -10.86 28.03
CA GLY I 19 42.25 -9.80 28.90
C GLY I 19 42.77 -10.02 30.32
N PRO I 20 42.49 -11.19 30.94
CA PRO I 20 43.00 -11.49 32.27
C PRO I 20 44.53 -11.53 32.40
N HIS I 21 45.23 -11.94 31.35
CA HIS I 21 46.70 -11.99 31.38
C HIS I 21 47.27 -10.57 31.41
N ALA I 22 46.73 -9.70 30.56
CA ALA I 22 47.04 -8.28 30.59
C ALA I 22 46.77 -7.67 31.98
N ALA I 23 45.58 -7.91 32.49
CA ALA I 23 45.23 -7.36 33.79
C ALA I 23 46.22 -7.87 34.85
N MET I 24 46.60 -9.15 34.72
CA MET I 24 47.50 -9.78 35.67
C MET I 24 48.84 -9.03 35.70
N ILE I 25 49.41 -8.73 34.53
CA ILE I 25 50.72 -8.10 34.44
C ILE I 25 50.67 -6.66 34.97
N LEU I 26 49.60 -5.92 34.66
CA LEU I 26 49.38 -4.61 35.26
C LEU I 26 49.44 -4.75 36.77
N GLY I 27 48.70 -5.70 37.34
CA GLY I 27 48.68 -5.87 38.78
C GLY I 27 50.03 -6.32 39.33
N ASP I 28 50.71 -7.20 38.58
CA ASP I 28 52.03 -7.69 38.93
C ASP I 28 52.96 -6.50 39.17
N LEU I 29 52.88 -5.48 38.32
CA LEU I 29 53.78 -4.33 38.32
C LEU I 29 53.22 -3.18 39.19
N GLY I 30 52.20 -3.45 40.03
CA GLY I 30 51.75 -2.55 41.08
C GLY I 30 50.44 -1.81 40.79
N ALA I 31 49.83 -2.01 39.62
CA ALA I 31 48.50 -1.46 39.38
C ALA I 31 47.49 -2.01 40.37
N ASP I 32 46.48 -1.15 40.65
CA ASP I 32 45.32 -1.45 41.46
C ASP I 32 44.20 -1.89 40.51
N VAL I 33 43.98 -3.21 40.43
CA VAL I 33 43.18 -3.84 39.39
C VAL I 33 41.89 -4.34 40.02
N VAL I 34 40.73 -3.86 39.53
CA VAL I 34 39.46 -4.33 40.06
C VAL I 34 38.73 -5.06 38.93
N ARG I 35 38.45 -6.34 39.21
CA ARG I 35 37.85 -7.22 38.22
C ARG I 35 36.37 -7.45 38.50
N ILE I 36 35.53 -7.07 37.55
CA ILE I 36 34.09 -7.25 37.68
C ILE I 36 33.71 -8.56 36.97
N ASP I 37 33.27 -9.54 37.74
CA ASP I 37 32.71 -10.77 37.23
C ASP I 37 31.18 -10.75 37.40
N ARG I 38 30.49 -11.76 36.81
CA ARG I 38 29.09 -12.03 37.08
C ARG I 38 28.93 -12.79 38.39
N PRO I 39 27.85 -12.60 39.19
CA PRO I 39 27.64 -13.37 40.41
C PRO I 39 27.53 -14.87 40.19
N SER I 40 26.92 -15.26 39.07
CA SER I 40 26.74 -16.67 38.74
C SER I 40 28.09 -17.39 38.66
N SER I 41 29.08 -16.79 38.00
CA SER I 41 30.32 -17.48 37.72
C SER I 41 31.35 -17.25 38.84
N VAL I 42 30.90 -17.07 40.09
CA VAL I 42 31.80 -16.84 41.21
C VAL I 42 31.29 -17.61 42.44
N ASP I 43 32.23 -18.19 43.19
CA ASP I 43 31.91 -19.09 44.29
C ASP I 43 33.17 -19.32 45.10
N GLY I 44 33.43 -18.48 46.11
CA GLY I 44 34.63 -18.62 46.94
C GLY I 44 35.87 -18.13 46.20
N ILE I 45 37.07 -18.51 46.71
CA ILE I 45 38.34 -18.00 46.22
C ILE I 45 38.72 -18.72 44.93
N SER I 46 39.17 -17.96 43.92
CA SER I 46 39.49 -18.60 42.65
C SER I 46 40.74 -19.47 42.83
N ARG I 47 40.77 -20.58 42.08
CA ARG I 47 41.90 -21.50 42.11
C ARG I 47 42.85 -21.15 40.97
N ASP I 48 42.49 -20.14 40.16
CA ASP I 48 43.21 -19.73 38.95
C ASP I 48 44.30 -18.72 39.31
N ALA I 49 45.56 -19.19 39.33
CA ALA I 49 46.69 -18.32 39.64
C ALA I 49 46.79 -17.12 38.71
N MET I 50 46.18 -17.16 37.51
CA MET I 50 46.20 -15.99 36.64
C MET I 50 45.43 -14.81 37.25
N LEU I 51 44.62 -15.06 38.29
CA LEU I 51 43.78 -14.03 38.89
C LEU I 51 44.46 -13.49 40.14
N ARG I 52 45.80 -13.57 40.18
CA ARG I 52 46.59 -12.95 41.24
C ARG I 52 46.55 -11.43 41.07
N ASN I 53 46.86 -10.70 42.17
CA ASN I 53 46.99 -9.24 42.13
C ASN I 53 45.72 -8.54 41.66
N ARG I 54 44.59 -8.98 42.20
CA ARG I 54 43.30 -8.43 41.86
C ARG I 54 42.48 -8.19 43.14
N ARG I 55 41.48 -7.30 43.03
CA ARG I 55 40.28 -7.43 43.83
C ARG I 55 39.10 -7.84 42.92
N ILE I 56 38.38 -8.87 43.37
CA ILE I 56 37.25 -9.40 42.62
C ILE I 56 35.98 -8.81 43.21
N VAL I 57 35.17 -8.18 42.35
CA VAL I 57 33.79 -7.81 42.67
C VAL I 57 32.87 -8.45 41.64
N THR I 58 31.58 -8.57 41.99
CA THR I 58 30.56 -9.10 41.09
C THR I 58 29.47 -8.07 40.85
N ALA I 59 28.89 -8.14 39.67
CA ALA I 59 27.78 -7.28 39.32
C ALA I 59 27.06 -7.88 38.12
N ASP I 60 25.73 -7.77 38.11
CA ASP I 60 24.96 -8.11 36.95
C ASP I 60 24.88 -6.85 36.10
N LEU I 61 25.74 -6.80 35.08
CA LEU I 61 25.87 -5.63 34.22
C LEU I 61 24.64 -5.41 33.34
N LYS I 62 23.73 -6.39 33.32
CA LYS I 62 22.46 -6.26 32.62
C LYS I 62 21.42 -5.57 33.50
N SER I 63 21.63 -5.54 34.83
CA SER I 63 20.75 -4.85 35.76
C SER I 63 21.07 -3.34 35.77
N ASP I 64 20.10 -2.54 36.24
CA ASP I 64 20.30 -1.10 36.36
C ASP I 64 21.31 -0.81 37.46
N GLN I 65 21.19 -1.52 38.57
CA GLN I 65 22.10 -1.30 39.69
C GLN I 65 23.50 -1.79 39.35
N GLY I 66 23.61 -2.81 38.49
CA GLY I 66 24.92 -3.28 38.06
C GLY I 66 25.60 -2.27 37.14
N LEU I 67 24.88 -1.80 36.11
CA LEU I 67 25.41 -0.83 35.17
C LEU I 67 25.92 0.39 35.92
N GLU I 68 25.21 0.82 36.99
CA GLU I 68 25.53 2.12 37.59
C GLU I 68 26.76 1.98 38.49
N LEU I 69 26.83 0.92 39.29
CA LEU I 69 28.00 0.65 40.11
C LEU I 69 29.27 0.50 39.25
N ALA I 70 29.14 -0.09 38.06
CA ALA I 70 30.26 -0.21 37.14
C ALA I 70 30.67 1.14 36.57
N LEU I 71 29.70 2.00 36.22
CA LEU I 71 30.05 3.33 35.70
C LEU I 71 30.69 4.20 36.80
N LYS I 72 30.44 3.88 38.06
CA LYS I 72 31.10 4.59 39.14
C LYS I 72 32.56 4.19 39.27
N LEU I 73 32.86 2.89 39.21
CA LEU I 73 34.25 2.45 39.25
C LEU I 73 34.99 3.06 38.06
N ILE I 74 34.39 2.98 36.88
CA ILE I 74 35.05 3.42 35.67
C ILE I 74 35.39 4.90 35.75
N ALA I 75 34.46 5.67 36.37
CA ALA I 75 34.62 7.10 36.57
C ALA I 75 35.90 7.43 37.35
N LYS I 76 36.27 6.57 38.32
CA LYS I 76 37.42 6.81 39.21
C LYS I 76 38.68 6.04 38.77
N ALA I 77 38.73 5.54 37.52
CA ALA I 77 39.76 4.62 37.06
C ALA I 77 40.53 5.23 35.90
N ASP I 78 41.73 4.67 35.64
CA ASP I 78 42.55 5.10 34.52
C ASP I 78 42.33 4.25 33.27
N VAL I 79 42.06 2.95 33.50
CA VAL I 79 42.01 1.98 32.40
C VAL I 79 40.77 1.08 32.52
N LEU I 80 40.12 0.88 31.37
CA LEU I 80 39.15 -0.20 31.25
C LEU I 80 39.63 -1.23 30.24
N ILE I 81 39.57 -2.49 30.70
CA ILE I 81 39.83 -3.67 29.88
C ILE I 81 38.52 -4.46 29.68
N GLU I 82 38.17 -4.68 28.41
CA GLU I 82 37.12 -5.65 28.06
C GLU I 82 37.61 -6.57 26.94
N GLY I 83 37.19 -7.86 26.99
CA GLY I 83 37.53 -8.82 25.95
C GLY I 83 36.33 -9.62 25.42
N TYR I 84 35.19 -8.91 25.24
CA TYR I 84 33.97 -9.48 24.71
C TYR I 84 33.94 -9.22 23.22
N ARG I 85 32.95 -9.82 22.55
CA ARG I 85 32.78 -9.55 21.14
C ARG I 85 32.48 -8.06 20.96
N PRO I 86 32.86 -7.48 19.81
CA PRO I 86 32.43 -6.14 19.47
C PRO I 86 30.93 -5.98 19.58
N GLY I 87 30.52 -4.87 20.19
CA GLY I 87 29.12 -4.53 20.30
C GLY I 87 28.62 -4.91 21.67
N VAL I 88 29.35 -5.75 22.43
CA VAL I 88 28.81 -6.23 23.69
C VAL I 88 28.77 -5.12 24.73
N THR I 89 29.87 -4.40 24.91
CA THR I 89 29.87 -3.34 25.92
C THR I 89 28.86 -2.27 25.48
N GLU I 90 28.82 -1.92 24.20
CA GLU I 90 27.85 -0.95 23.70
C GLU I 90 26.46 -1.30 24.27
N ARG I 91 25.98 -2.52 23.98
CA ARG I 91 24.67 -3.01 24.39
C ARG I 91 24.49 -2.99 25.89
N LEU I 92 25.55 -3.24 26.67
CA LEU I 92 25.43 -3.19 28.13
C LEU I 92 25.37 -1.75 28.67
N GLY I 93 25.65 -0.76 27.82
CA GLY I 93 25.78 0.63 28.27
C GLY I 93 27.20 0.99 28.76
N LEU I 94 28.21 0.15 28.45
CA LEU I 94 29.56 0.34 28.95
C LEU I 94 30.50 0.59 27.78
N GLY I 95 29.96 0.99 26.64
CA GLY I 95 30.77 1.23 25.46
C GLY I 95 31.70 2.43 25.66
N PRO I 96 32.66 2.66 24.74
CA PRO I 96 33.55 3.80 24.86
C PRO I 96 32.80 5.13 24.96
N GLU I 97 31.77 5.34 24.11
CA GLU I 97 31.02 6.58 24.11
C GLU I 97 30.42 6.89 25.48
N GLU I 98 29.80 5.87 26.11
CA GLU I 98 29.21 6.04 27.43
C GLU I 98 30.29 6.28 28.46
N CYS I 99 31.42 5.56 28.36
CA CYS I 99 32.47 5.64 29.36
C CYS I 99 33.11 7.02 29.24
N ALA I 100 33.20 7.54 28.01
CA ALA I 100 33.80 8.84 27.74
C ALA I 100 32.97 9.96 28.38
N LYS I 101 31.68 9.68 28.61
CA LYS I 101 30.77 10.63 29.23
C LYS I 101 31.06 10.80 30.71
N VAL I 102 31.50 9.77 31.44
CA VAL I 102 31.74 9.89 32.88
C VAL I 102 33.25 10.05 33.19
N ASN I 103 34.13 9.97 32.17
CA ASN I 103 35.59 9.97 32.39
C ASN I 103 36.31 10.03 31.05
N ASP I 104 36.63 11.24 30.58
CA ASP I 104 37.32 11.39 29.31
C ASP I 104 38.85 11.23 29.44
N ARG I 105 39.32 10.88 30.64
CA ARG I 105 40.72 10.54 30.83
C ARG I 105 40.95 9.03 30.60
N LEU I 106 39.86 8.27 30.40
CA LEU I 106 39.89 6.81 30.46
C LEU I 106 40.64 6.23 29.26
N ILE I 107 41.45 5.19 29.53
CA ILE I 107 41.98 4.37 28.46
C ILE I 107 41.05 3.17 28.29
N TYR I 108 40.45 3.07 27.11
CA TYR I 108 39.40 2.08 26.91
C TYR I 108 40.05 0.99 26.07
N ALA I 109 40.40 -0.13 26.74
CA ALA I 109 41.20 -1.15 26.08
C ALA I 109 40.34 -2.36 25.67
N ARG I 110 40.24 -2.55 24.35
CA ARG I 110 39.40 -3.58 23.74
C ARG I 110 40.27 -4.71 23.17
N MET I 111 40.19 -5.88 23.82
CA MET I 111 40.94 -7.07 23.49
C MET I 111 40.07 -8.03 22.70
N THR I 112 40.27 -8.14 21.37
CA THR I 112 39.61 -9.15 20.58
C THR I 112 40.63 -9.98 19.80
N GLY I 113 40.12 -10.98 19.05
CA GLY I 113 40.97 -11.71 18.12
C GLY I 113 40.88 -11.15 16.72
N TRP I 114 39.63 -10.88 16.29
CA TRP I 114 39.41 -10.49 14.93
C TRP I 114 39.40 -8.97 14.79
N GLY I 115 39.26 -8.26 15.89
CA GLY I 115 39.13 -6.81 15.79
C GLY I 115 37.67 -6.36 15.87
N GLN I 116 37.47 -5.04 15.67
CA GLN I 116 36.20 -4.39 15.93
C GLN I 116 35.26 -4.43 14.72
N THR I 117 35.78 -4.64 13.52
CA THR I 117 34.98 -4.63 12.31
C THR I 117 35.46 -5.77 11.41
N GLY I 118 34.71 -5.97 10.34
CA GLY I 118 35.12 -6.84 9.24
C GLY I 118 34.36 -8.18 9.29
N PRO I 119 34.50 -9.04 8.27
CA PRO I 119 33.59 -10.18 8.06
C PRO I 119 33.62 -11.25 9.16
N ARG I 120 34.73 -11.33 9.93
CA ARG I 120 34.86 -12.36 10.94
C ARG I 120 34.66 -11.80 12.33
N SER I 121 34.32 -10.51 12.45
CA SER I 121 34.38 -9.81 13.74
C SER I 121 33.41 -10.36 14.76
N GLN I 122 32.37 -11.08 14.32
CA GLN I 122 31.41 -11.64 15.25
C GLN I 122 31.57 -13.15 15.43
N GLN I 123 32.52 -13.76 14.72
CA GLN I 123 32.80 -15.18 14.97
C GLN I 123 33.54 -15.43 16.28
N ALA I 124 33.03 -16.42 17.02
CA ALA I 124 33.74 -17.04 18.12
C ALA I 124 35.06 -17.58 17.60
N GLY I 125 36.02 -17.62 18.52
CA GLY I 125 37.36 -18.06 18.19
C GLY I 125 38.27 -18.19 19.40
N HIS I 126 39.41 -18.83 19.11
CA HIS I 126 40.48 -19.05 20.06
C HIS I 126 41.79 -18.82 19.32
N ASP I 127 42.87 -18.83 20.10
CA ASP I 127 44.21 -18.54 19.62
C ASP I 127 44.45 -19.16 18.25
N ILE I 128 44.27 -20.48 18.18
CA ILE I 128 44.57 -21.27 16.99
C ILE I 128 43.89 -20.70 15.75
N ASN I 129 42.67 -20.14 15.91
CA ASN I 129 41.94 -19.57 14.77
C ASN I 129 42.61 -18.28 14.29
N TYR I 130 42.97 -17.39 15.23
CA TYR I 130 43.51 -16.08 14.87
C TYR I 130 44.87 -16.23 14.20
N ILE I 131 45.67 -17.19 14.67
CA ILE I 131 46.96 -17.37 14.03
C ILE I 131 46.85 -18.20 12.74
N SER I 132 45.69 -18.82 12.46
CA SER I 132 45.61 -19.63 11.25
C SER I 132 45.47 -18.70 10.06
N LEU I 133 44.91 -17.50 10.29
CA LEU I 133 44.51 -16.65 9.18
C LEU I 133 45.68 -15.79 8.66
N ASN I 134 46.73 -15.62 9.45
CA ASN I 134 47.73 -14.61 9.09
C ASN I 134 49.08 -15.26 8.80
N GLY I 135 49.08 -16.59 8.60
CA GLY I 135 50.23 -17.30 8.09
C GLY I 135 51.07 -18.00 9.16
N ILE I 136 50.83 -17.69 10.44
CA ILE I 136 51.67 -18.12 11.54
C ILE I 136 51.53 -19.62 11.78
N LEU I 137 50.31 -20.11 12.01
CA LEU I 137 50.12 -21.53 12.32
C LEU I 137 50.71 -22.40 11.22
N HIS I 138 50.55 -21.99 9.97
CA HIS I 138 50.99 -22.78 8.83
C HIS I 138 52.50 -22.98 8.92
N ALA I 139 53.18 -22.03 9.54
CA ALA I 139 54.65 -22.03 9.52
C ALA I 139 55.25 -22.88 10.64
N ILE I 140 54.41 -23.45 11.52
CA ILE I 140 54.88 -24.10 12.73
C ILE I 140 54.64 -25.61 12.64
N GLY I 141 55.74 -26.36 12.83
CA GLY I 141 55.69 -27.82 12.84
C GLY I 141 56.68 -28.44 11.87
N ARG I 142 56.71 -29.78 11.87
CA ARG I 142 57.54 -30.51 10.92
C ARG I 142 56.93 -30.46 9.53
N GLY I 143 57.81 -30.52 8.53
CA GLY I 143 57.42 -30.36 7.14
C GLY I 143 56.61 -31.54 6.61
N ASP I 144 56.75 -32.71 7.21
CA ASP I 144 56.08 -33.90 6.71
C ASP I 144 54.77 -34.13 7.46
N GLU I 145 54.25 -33.11 8.15
CA GLU I 145 53.16 -33.26 9.10
C GLU I 145 52.25 -32.05 9.06
N ARG I 146 51.07 -32.17 9.67
CA ARG I 146 50.18 -31.01 9.72
C ARG I 146 50.69 -29.99 10.74
N PRO I 147 50.32 -28.70 10.61
CA PRO I 147 50.86 -27.67 11.50
C PRO I 147 50.50 -27.97 12.95
N VAL I 148 51.32 -27.54 13.90
CA VAL I 148 51.03 -27.85 15.29
C VAL I 148 50.92 -26.52 16.03
N PRO I 149 49.91 -26.38 16.88
CA PRO I 149 49.73 -25.16 17.62
C PRO I 149 50.83 -24.96 18.67
N PRO I 150 51.45 -23.76 18.70
CA PRO I 150 52.38 -23.40 19.76
C PRO I 150 51.63 -22.99 21.02
N LEU I 151 50.95 -23.98 21.60
CA LEU I 151 50.01 -23.74 22.68
C LEU I 151 49.14 -22.56 22.25
N ASN I 152 48.72 -21.73 23.19
CA ASN I 152 48.05 -20.47 22.86
C ASN I 152 48.96 -19.28 23.21
N LEU I 153 50.23 -19.39 22.84
CA LEU I 153 51.24 -18.46 23.29
C LEU I 153 51.33 -17.25 22.38
N VAL I 154 51.09 -17.46 21.10
CA VAL I 154 51.44 -16.47 20.11
C VAL I 154 50.26 -15.54 19.85
N GLY I 155 49.02 -16.07 19.92
CA GLY I 155 47.83 -15.29 19.60
C GLY I 155 47.25 -14.62 20.87
N ASP I 156 46.94 -15.43 21.87
CA ASP I 156 46.45 -14.98 23.17
C ASP I 156 47.44 -14.06 23.90
N PHE I 157 48.73 -14.44 23.97
CA PHE I 157 49.65 -13.71 24.85
C PHE I 157 50.62 -12.85 24.03
N GLY I 158 51.56 -13.48 23.33
CA GLY I 158 52.55 -12.73 22.58
C GLY I 158 51.95 -11.64 21.69
N GLY I 159 50.92 -12.02 20.90
CA GLY I 159 50.29 -11.12 19.94
C GLY I 159 48.97 -10.55 20.45
N GLY I 160 48.66 -10.80 21.71
CA GLY I 160 47.35 -10.56 22.27
C GLY I 160 47.47 -9.58 23.44
N SER I 161 47.55 -10.16 24.63
CA SER I 161 47.68 -9.45 25.87
C SER I 161 48.87 -8.48 25.84
N MET I 162 50.00 -8.91 25.27
CA MET I 162 51.18 -8.05 25.34
C MET I 162 50.95 -6.76 24.57
N PHE I 163 50.24 -6.84 23.43
CA PHE I 163 49.94 -5.68 22.63
C PHE I 163 48.89 -4.80 23.29
N LEU I 164 47.95 -5.39 24.03
CA LEU I 164 46.97 -4.62 24.80
C LEU I 164 47.71 -3.74 25.79
N LEU I 165 48.71 -4.34 26.43
CA LEU I 165 49.54 -3.70 27.44
C LEU I 165 50.34 -2.55 26.85
N VAL I 166 50.98 -2.82 25.72
CA VAL I 166 51.72 -1.78 25.05
C VAL I 166 50.75 -0.63 24.71
N GLY I 167 49.53 -0.98 24.27
CA GLY I 167 48.54 0.04 23.92
C GLY I 167 48.16 0.89 25.12
N ILE I 168 47.81 0.21 26.21
CA ILE I 168 47.39 0.87 27.41
C ILE I 168 48.48 1.86 27.85
N LEU I 169 49.71 1.34 27.95
CA LEU I 169 50.79 2.14 28.53
C LEU I 169 51.23 3.23 27.56
N ALA I 170 51.14 2.97 26.27
CA ALA I 170 51.43 4.01 25.31
C ALA I 170 50.37 5.12 25.36
N ALA I 171 49.11 4.73 25.59
CA ALA I 171 48.03 5.69 25.57
C ALA I 171 48.15 6.56 26.82
N LEU I 172 48.54 5.95 27.96
CA LEU I 172 48.80 6.68 29.19
C LEU I 172 49.92 7.72 29.03
N TRP I 173 50.94 7.42 28.22
CA TRP I 173 52.00 8.38 27.93
C TRP I 173 51.45 9.59 27.16
N GLU I 174 50.72 9.31 26.08
CA GLU I 174 50.05 10.32 25.27
C GLU I 174 49.16 11.20 26.15
N ARG I 175 48.49 10.59 27.14
CA ARG I 175 47.54 11.30 27.99
C ARG I 175 48.29 12.36 28.81
N GLN I 176 49.57 12.10 29.12
CA GLN I 176 50.37 13.03 29.92
C GLN I 176 50.38 14.39 29.21
N SER I 177 50.54 14.42 27.86
CA SER I 177 50.45 15.64 27.06
C SER I 177 49.02 16.13 26.83
N SER I 178 48.06 15.23 26.52
CA SER I 178 46.81 15.64 25.89
C SER I 178 45.76 15.96 26.94
N GLY I 179 45.90 15.34 28.13
CA GLY I 179 44.88 15.33 29.17
C GLY I 179 43.70 14.40 28.84
N LYS I 180 43.82 13.62 27.75
CA LYS I 180 42.71 12.88 27.16
C LYS I 180 43.01 11.39 27.06
N GLY I 181 42.03 10.57 27.50
CA GLY I 181 42.03 9.15 27.22
C GLY I 181 41.78 8.84 25.74
N GLN I 182 41.62 7.55 25.45
CA GLN I 182 41.28 7.13 24.10
C GLN I 182 40.98 5.63 24.11
N VAL I 183 40.66 5.12 22.92
CA VAL I 183 40.34 3.71 22.77
C VAL I 183 41.53 3.01 22.13
N VAL I 184 41.90 1.88 22.74
CA VAL I 184 42.92 0.98 22.22
C VAL I 184 42.26 -0.30 21.72
N ASP I 185 42.45 -0.57 20.42
CA ASP I 185 41.86 -1.72 19.74
C ASP I 185 42.98 -2.74 19.50
N ALA I 186 43.07 -3.74 20.41
CA ALA I 186 44.05 -4.82 20.26
C ALA I 186 43.38 -6.11 19.75
N ALA I 187 43.67 -6.37 18.47
CA ALA I 187 43.23 -7.60 17.85
C ALA I 187 44.41 -8.59 17.75
N MET I 188 44.19 -9.83 18.17
CA MET I 188 45.21 -10.88 18.12
C MET I 188 45.71 -11.10 16.71
N VAL I 189 44.86 -10.93 15.71
CA VAL I 189 45.30 -11.19 14.35
C VAL I 189 46.31 -10.12 13.91
N ASP I 190 46.25 -8.91 14.50
CA ASP I 190 47.14 -7.81 14.16
C ASP I 190 48.43 -7.94 14.96
N GLY I 191 48.26 -8.08 16.28
CA GLY I 191 49.36 -8.15 17.22
C GLY I 191 50.28 -9.32 16.88
N SER I 192 49.70 -10.48 16.55
CA SER I 192 50.52 -11.63 16.22
C SER I 192 51.22 -11.39 14.90
N SER I 193 50.64 -10.57 14.03
CA SER I 193 51.29 -10.28 12.75
C SER I 193 52.55 -9.43 12.99
N VAL I 194 52.47 -8.44 13.87
CA VAL I 194 53.62 -7.61 14.18
C VAL I 194 54.65 -8.47 14.94
N LEU I 195 54.18 -9.36 15.80
CA LEU I 195 55.07 -10.22 16.55
C LEU I 195 55.96 -11.01 15.60
N ILE I 196 55.44 -11.38 14.43
CA ILE I 196 56.17 -12.21 13.48
C ILE I 196 56.70 -11.37 12.32
N GLN I 197 56.90 -10.07 12.55
CA GLN I 197 57.37 -9.20 11.48
C GLN I 197 58.69 -9.71 10.89
N MET I 198 59.56 -10.34 11.70
CA MET I 198 60.86 -10.78 11.22
C MET I 198 60.71 -11.72 10.02
N MET I 199 59.70 -12.62 10.06
CA MET I 199 59.50 -13.56 8.97
C MET I 199 59.01 -12.80 7.73
N TRP I 200 58.12 -11.83 7.90
CA TRP I 200 57.67 -11.03 6.77
C TRP I 200 58.84 -10.27 6.14
N ALA I 201 59.83 -9.93 6.97
CA ALA I 201 61.00 -9.22 6.49
C ALA I 201 61.90 -10.17 5.71
N MET I 202 62.15 -11.35 6.32
CA MET I 202 62.95 -12.38 5.67
C MET I 202 62.29 -12.81 4.37
N ARG I 203 60.97 -12.93 4.38
CA ARG I 203 60.26 -13.42 3.21
C ARG I 203 60.50 -12.45 2.05
N ALA I 204 60.45 -11.14 2.32
CA ALA I 204 60.63 -10.14 1.28
C ALA I 204 62.05 -10.14 0.67
N THR I 205 63.06 -10.62 1.38
CA THR I 205 64.41 -10.65 0.85
C THR I 205 64.84 -12.06 0.44
N GLY I 206 63.90 -12.98 0.22
CA GLY I 206 64.21 -14.34 -0.20
C GLY I 206 64.76 -15.25 0.91
N MET I 207 64.66 -14.88 2.18
CA MET I 207 65.36 -15.64 3.20
C MET I 207 64.37 -16.40 4.09
N TRP I 208 63.12 -16.51 3.64
CA TRP I 208 62.13 -17.37 4.29
C TRP I 208 61.15 -17.88 3.25
N THR I 209 60.86 -19.19 3.24
CA THR I 209 59.83 -19.72 2.35
C THR I 209 58.62 -20.22 3.13
N ASP I 210 57.52 -20.32 2.38
CA ASP I 210 56.23 -20.76 2.89
C ASP I 210 56.25 -22.26 3.14
N THR I 211 57.34 -22.96 2.75
CA THR I 211 57.47 -24.37 3.05
C THR I 211 57.80 -24.58 4.54
N ARG I 212 56.96 -25.40 5.17
CA ARG I 212 57.06 -25.66 6.58
C ARG I 212 58.25 -26.59 6.84
N GLY I 213 58.95 -26.31 7.94
CA GLY I 213 60.14 -27.06 8.31
C GLY I 213 61.32 -26.92 7.36
N ALA I 214 61.47 -25.81 6.62
CA ALA I 214 62.55 -25.69 5.67
C ALA I 214 63.25 -24.34 5.79
N ASN I 215 63.31 -23.77 6.99
CA ASN I 215 63.82 -22.42 7.18
C ASN I 215 64.84 -22.44 8.32
N MET I 216 65.50 -21.29 8.55
CA MET I 216 66.56 -21.20 9.53
C MET I 216 66.03 -21.39 10.96
N LEU I 217 64.80 -20.96 11.24
CA LEU I 217 64.34 -20.91 12.63
C LEU I 217 63.11 -21.81 12.92
N ASP I 218 62.72 -22.68 11.99
CA ASP I 218 61.48 -23.43 12.15
C ASP I 218 61.80 -24.89 12.49
N GLY I 219 63.08 -25.20 12.66
CA GLY I 219 63.51 -26.56 12.89
C GLY I 219 64.08 -27.18 11.61
N GLY I 220 64.02 -26.48 10.49
CA GLY I 220 64.63 -26.94 9.26
C GLY I 220 66.16 -26.93 9.26
N ALA I 221 66.79 -26.00 9.99
CA ALA I 221 68.24 -25.91 10.04
C ALA I 221 68.78 -26.87 11.07
N PRO I 222 69.78 -27.73 10.72
CA PRO I 222 70.34 -28.66 11.68
C PRO I 222 70.94 -28.03 12.92
N TYR I 223 71.30 -26.75 12.83
CA TYR I 223 71.93 -26.06 13.96
C TYR I 223 70.93 -25.23 14.75
N TYR I 224 69.64 -25.27 14.35
CA TYR I 224 68.56 -24.64 15.08
C TYR I 224 67.39 -25.62 15.20
N ASP I 225 67.47 -26.50 16.20
CA ASP I 225 66.54 -27.60 16.35
C ASP I 225 66.77 -28.31 17.67
N THR I 226 65.83 -29.20 18.04
CA THR I 226 66.04 -30.13 19.13
C THR I 226 66.63 -31.44 18.60
N TYR I 227 67.27 -32.17 19.53
CA TYR I 227 67.83 -33.49 19.22
C TYR I 227 67.58 -34.38 20.40
N GLU I 228 67.25 -35.64 20.07
CA GLU I 228 67.13 -36.67 21.08
C GLU I 228 68.48 -37.21 21.54
N CYS I 229 68.58 -37.43 22.85
CA CYS I 229 69.75 -37.96 23.55
C CYS I 229 69.58 -39.45 23.82
N ALA I 230 70.61 -40.09 24.40
CA ALA I 230 70.65 -41.53 24.59
C ALA I 230 69.57 -41.99 25.56
N ASP I 231 69.12 -41.07 26.42
CA ASP I 231 68.14 -41.37 27.46
C ASP I 231 66.73 -41.07 26.97
N GLY I 232 66.54 -40.70 25.72
CA GLY I 232 65.21 -40.31 25.27
C GLY I 232 64.87 -38.86 25.63
N ARG I 233 65.72 -38.11 26.35
CA ARG I 233 65.43 -36.70 26.61
C ARG I 233 66.08 -35.83 25.53
N TYR I 234 65.87 -34.51 25.58
CA TYR I 234 66.28 -33.69 24.45
C TYR I 234 67.17 -32.55 24.90
N VAL I 235 67.96 -32.08 23.94
CA VAL I 235 68.69 -30.84 24.02
C VAL I 235 68.20 -29.94 22.89
N ALA I 236 68.35 -28.63 23.10
CA ALA I 236 68.14 -27.63 22.05
C ALA I 236 69.49 -27.12 21.56
N VAL I 237 69.59 -26.98 20.24
CA VAL I 237 70.74 -26.44 19.55
C VAL I 237 70.29 -25.16 18.89
N GLY I 238 71.00 -24.06 19.21
CA GLY I 238 70.70 -22.74 18.67
C GLY I 238 71.91 -22.06 18.04
N ALA I 239 72.82 -22.84 17.47
CA ALA I 239 74.13 -22.30 17.13
C ALA I 239 74.14 -21.68 15.74
N ILE I 240 73.54 -20.49 15.63
CA ILE I 240 73.43 -19.81 14.34
C ILE I 240 74.79 -19.28 13.88
N GLU I 241 75.46 -18.53 14.77
CA GLU I 241 76.70 -17.84 14.43
C GLU I 241 77.82 -18.88 14.27
N PRO I 242 78.66 -18.76 13.23
CA PRO I 242 79.65 -19.79 12.93
C PRO I 242 80.55 -20.15 14.10
N GLN I 243 80.91 -19.16 14.91
CA GLN I 243 81.86 -19.39 15.99
C GLN I 243 81.22 -20.27 17.05
N PHE I 244 79.90 -20.08 17.30
CA PHE I 244 79.21 -20.86 18.30
C PHE I 244 78.98 -22.29 17.77
N TYR I 245 78.63 -22.37 16.50
CA TYR I 245 78.50 -23.66 15.80
C TYR I 245 79.82 -24.43 15.87
N ALA I 246 80.95 -23.74 15.67
CA ALA I 246 82.25 -24.43 15.73
C ALA I 246 82.48 -24.95 17.15
N ALA I 247 82.04 -24.22 18.17
CA ALA I 247 82.22 -24.68 19.53
C ALA I 247 81.39 -25.93 19.78
N MET I 248 80.19 -25.93 19.20
CA MET I 248 79.30 -27.06 19.39
C MET I 248 79.91 -28.32 18.75
N LEU I 249 80.45 -28.18 17.55
CA LEU I 249 81.04 -29.32 16.85
C LEU I 249 82.18 -29.94 17.67
N ALA I 250 83.02 -29.07 18.24
CA ALA I 250 84.17 -29.56 18.98
C ALA I 250 83.69 -30.30 20.21
N GLY I 251 82.67 -29.77 20.89
CA GLY I 251 82.09 -30.45 22.03
C GLY I 251 81.42 -31.78 21.68
N LEU I 252 80.93 -31.94 20.44
CA LEU I 252 80.30 -33.20 20.03
C LEU I 252 81.35 -34.24 19.65
N GLY I 253 82.60 -33.81 19.47
CA GLY I 253 83.64 -34.74 19.06
C GLY I 253 83.65 -34.88 17.54
N LEU I 254 83.09 -33.91 16.81
CA LEU I 254 82.98 -33.96 15.37
C LEU I 254 83.97 -32.98 14.77
N ASP I 255 84.71 -33.49 13.79
CA ASP I 255 85.76 -32.72 13.18
C ASP I 255 85.11 -32.07 11.95
N ALA I 256 85.10 -30.73 11.95
CA ALA I 256 84.53 -29.90 10.90
C ALA I 256 84.94 -30.37 9.50
N ALA I 257 86.11 -31.01 9.33
CA ALA I 257 86.56 -31.40 8.00
C ALA I 257 85.77 -32.58 7.46
N GLU I 258 85.10 -33.34 8.34
CA GLU I 258 84.28 -34.47 7.94
C GLU I 258 82.83 -34.08 7.68
N LEU I 259 82.45 -32.79 7.84
CA LEU I 259 81.04 -32.42 7.75
C LEU I 259 80.84 -31.52 6.54
N PRO I 260 79.61 -31.46 5.99
CA PRO I 260 79.26 -30.39 5.05
C PRO I 260 79.30 -29.02 5.72
N PRO I 261 79.38 -27.92 4.92
CA PRO I 261 79.22 -26.57 5.47
C PRO I 261 77.91 -26.42 6.22
N GLN I 262 77.99 -25.61 7.27
CA GLN I 262 76.88 -25.30 8.15
C GLN I 262 75.70 -24.82 7.34
N ASN I 263 75.94 -23.97 6.34
CA ASN I 263 74.85 -23.35 5.60
C ASN I 263 74.73 -23.85 4.17
N ASP I 264 75.21 -25.05 3.88
CA ASP I 264 74.91 -25.67 2.59
C ASP I 264 73.63 -26.47 2.73
N ARG I 265 72.49 -25.86 2.38
CA ARG I 265 71.16 -26.42 2.65
C ARG I 265 70.98 -27.71 1.87
N ALA I 266 71.68 -27.86 0.73
CA ALA I 266 71.54 -29.07 -0.07
C ALA I 266 72.11 -30.28 0.68
N ARG I 267 72.97 -30.04 1.68
CA ARG I 267 73.51 -31.17 2.41
C ARG I 267 73.04 -31.16 3.86
N TRP I 268 72.00 -30.38 4.18
CA TRP I 268 71.48 -30.41 5.55
C TRP I 268 71.06 -31.81 5.98
N PRO I 269 70.49 -32.67 5.09
CA PRO I 269 70.14 -34.02 5.48
C PRO I 269 71.33 -34.83 5.98
N GLU I 270 72.48 -34.74 5.30
CA GLU I 270 73.67 -35.40 5.79
C GLU I 270 74.12 -34.80 7.12
N LEU I 271 74.15 -33.46 7.18
CA LEU I 271 74.57 -32.77 8.39
C LEU I 271 73.68 -33.16 9.57
N ARG I 272 72.35 -33.19 9.34
CA ARG I 272 71.40 -33.56 10.39
C ARG I 272 71.67 -34.99 10.86
N ALA I 273 71.96 -35.89 9.92
CA ALA I 273 72.26 -37.26 10.32
C ALA I 273 73.50 -37.32 11.21
N LEU I 274 74.54 -36.57 10.85
CA LEU I 274 75.76 -36.57 11.66
C LEU I 274 75.51 -36.05 13.07
N LEU I 275 74.81 -34.89 13.17
CA LEU I 275 74.51 -34.32 14.48
C LEU I 275 73.63 -35.24 15.32
N THR I 276 72.64 -35.90 14.68
CA THR I 276 71.70 -36.78 15.35
C THR I 276 72.45 -37.91 16.03
N GLU I 277 73.32 -38.58 15.27
CA GLU I 277 74.05 -39.72 15.81
C GLU I 277 74.90 -39.25 16.98
N ALA I 278 75.54 -38.07 16.82
CA ALA I 278 76.39 -37.51 17.87
C ALA I 278 75.60 -37.20 19.16
N PHE I 279 74.52 -36.43 19.10
CA PHE I 279 73.77 -36.19 20.32
C PHE I 279 73.15 -37.46 20.91
N ALA I 280 72.80 -38.45 20.08
CA ALA I 280 72.18 -39.65 20.61
C ALA I 280 73.17 -40.50 21.42
N SER I 281 74.48 -40.23 21.32
CA SER I 281 75.47 -41.13 21.92
C SER I 281 75.61 -40.89 23.43
N HIS I 282 75.11 -39.76 23.93
CA HIS I 282 75.10 -39.50 25.36
C HIS I 282 73.75 -38.94 25.78
N ASP I 283 73.55 -38.93 27.09
CA ASP I 283 72.31 -38.53 27.71
C ASP I 283 72.29 -36.99 27.83
N ARG I 284 71.12 -36.47 28.18
CA ARG I 284 70.87 -35.04 28.17
C ARG I 284 71.74 -34.35 29.23
N ASP I 285 71.79 -34.90 30.44
CA ASP I 285 72.65 -34.37 31.50
C ASP I 285 74.10 -34.31 31.06
N HIS I 286 74.58 -35.35 30.34
CA HIS I 286 75.94 -35.31 29.86
C HIS I 286 76.20 -34.05 29.03
N TRP I 287 75.31 -33.73 28.08
CA TRP I 287 75.50 -32.60 27.19
C TRP I 287 75.40 -31.29 27.98
N GLY I 288 74.62 -31.31 29.06
CA GLY I 288 74.44 -30.14 29.90
C GLY I 288 75.73 -29.77 30.60
N ALA I 289 76.46 -30.78 31.13
CA ALA I 289 77.76 -30.61 31.76
C ALA I 289 78.81 -30.17 30.73
N VAL I 290 78.98 -30.97 29.68
CA VAL I 290 79.86 -30.64 28.59
C VAL I 290 79.73 -29.17 28.17
N PHE I 291 78.49 -28.66 28.02
CA PHE I 291 78.34 -27.36 27.36
C PHE I 291 78.06 -26.25 28.39
N ALA I 292 78.07 -26.57 29.68
CA ALA I 292 78.07 -25.55 30.73
C ALA I 292 79.20 -24.55 30.49
N ASN I 293 78.85 -23.27 30.54
CA ASN I 293 79.74 -22.14 30.33
C ASN I 293 80.21 -22.00 28.88
N SER I 294 79.67 -22.76 27.92
CA SER I 294 80.08 -22.55 26.53
C SER I 294 79.14 -21.63 25.74
N ASP I 295 79.65 -21.14 24.62
CA ASP I 295 78.89 -20.37 23.64
C ASP I 295 78.37 -21.25 22.48
N ALA I 296 78.37 -22.58 22.70
CA ALA I 296 77.89 -23.58 21.77
C ALA I 296 76.37 -23.49 21.53
N CYS I 297 75.63 -22.84 22.42
CA CYS I 297 74.19 -22.67 22.25
C CYS I 297 73.53 -24.04 22.31
N VAL I 298 73.95 -24.86 23.29
CA VAL I 298 73.29 -26.11 23.54
C VAL I 298 72.73 -26.07 24.97
N THR I 299 71.44 -26.40 25.12
CA THR I 299 70.81 -26.44 26.43
C THR I 299 69.90 -27.65 26.54
N PRO I 300 69.71 -28.17 27.76
CA PRO I 300 68.79 -29.24 28.00
C PRO I 300 67.34 -28.74 27.92
N VAL I 301 66.48 -29.56 27.33
CA VAL I 301 65.06 -29.24 27.20
C VAL I 301 64.38 -29.79 28.45
N LEU I 302 64.11 -28.89 29.40
CA LEU I 302 63.53 -29.23 30.68
C LEU I 302 62.02 -29.24 30.57
N ALA I 303 61.41 -30.21 31.25
CA ALA I 303 59.98 -30.27 31.41
C ALA I 303 59.58 -29.37 32.58
N PHE I 304 58.32 -28.94 32.63
CA PHE I 304 57.85 -27.99 33.63
C PHE I 304 58.28 -28.43 35.03
N GLY I 305 58.09 -29.71 35.35
CA GLY I 305 58.32 -30.21 36.69
C GLY I 305 59.81 -30.28 37.09
N GLU I 306 60.74 -30.20 36.13
CA GLU I 306 62.17 -30.14 36.43
C GLU I 306 62.71 -28.72 36.54
N VAL I 307 61.95 -27.73 36.08
CA VAL I 307 62.45 -26.36 36.01
C VAL I 307 62.91 -25.87 37.38
N HIS I 308 62.19 -26.25 38.45
CA HIS I 308 62.48 -25.73 39.79
C HIS I 308 63.86 -26.20 40.29
N ASN I 309 64.45 -27.25 39.70
CA ASN I 309 65.79 -27.71 40.07
C ASN I 309 66.92 -27.13 39.21
N GLU I 310 66.64 -26.20 38.30
CA GLU I 310 67.71 -25.67 37.45
C GLU I 310 68.41 -24.47 38.12
N PRO I 311 69.73 -24.54 38.40
CA PRO I 311 70.39 -23.49 39.15
C PRO I 311 70.14 -22.08 38.62
N HIS I 312 70.17 -21.88 37.30
CA HIS I 312 70.02 -20.53 36.78
C HIS I 312 68.61 -19.96 37.03
N ILE I 313 67.61 -20.87 37.11
CA ILE I 313 66.23 -20.52 37.41
C ILE I 313 66.14 -20.17 38.90
N ILE I 314 66.62 -21.07 39.76
CA ILE I 314 66.65 -20.88 41.21
C ILE I 314 67.35 -19.58 41.59
N GLU I 315 68.51 -19.32 40.99
CA GLU I 315 69.35 -18.25 41.50
C GLU I 315 68.80 -16.87 41.15
N ARG I 316 68.04 -16.73 40.06
CA ARG I 316 67.48 -15.45 39.70
C ARG I 316 66.04 -15.28 40.21
N ASN I 317 65.48 -16.32 40.84
CA ASN I 317 64.14 -16.23 41.40
C ASN I 317 63.10 -15.94 40.31
N THR I 318 63.26 -16.62 39.17
CA THR I 318 62.31 -16.50 38.07
C THR I 318 60.90 -16.92 38.51
N PHE I 319 60.82 -17.83 39.49
CA PHE I 319 59.61 -18.45 40.02
C PHE I 319 59.49 -18.23 41.53
N TYR I 320 58.27 -18.36 42.06
CA TYR I 320 57.97 -18.40 43.49
C TYR I 320 56.96 -19.53 43.70
N GLU I 321 56.86 -20.05 44.93
CA GLU I 321 55.92 -21.10 45.29
C GLU I 321 54.61 -20.50 45.75
N ALA I 322 53.50 -21.05 45.31
CA ALA I 322 52.21 -20.68 45.86
C ALA I 322 51.27 -21.88 45.81
N ASN I 323 50.85 -22.36 46.98
CA ASN I 323 49.74 -23.30 47.07
C ASN I 323 49.95 -24.49 46.14
N GLY I 324 50.94 -25.34 46.43
CA GLY I 324 51.21 -26.51 45.61
C GLY I 324 51.32 -26.19 44.12
N GLY I 325 52.37 -25.42 43.77
CA GLY I 325 52.63 -25.04 42.39
C GLY I 325 53.54 -23.82 42.28
N TRP I 326 54.64 -23.97 41.54
CA TRP I 326 55.46 -22.84 41.16
C TRP I 326 54.69 -21.93 40.19
N GLN I 327 54.93 -20.64 40.33
CA GLN I 327 54.38 -19.65 39.42
C GLN I 327 55.50 -18.69 39.08
N PRO I 328 55.52 -18.12 37.86
CA PRO I 328 56.49 -17.12 37.50
C PRO I 328 56.31 -15.79 38.22
N MET I 329 57.41 -15.28 38.77
CA MET I 329 57.49 -13.96 39.35
C MET I 329 57.24 -12.95 38.25
N PRO I 330 56.91 -11.68 38.60
CA PRO I 330 56.72 -10.63 37.61
C PRO I 330 57.91 -10.33 36.71
N ALA I 331 57.57 -9.92 35.49
CA ALA I 331 58.56 -9.53 34.52
C ALA I 331 58.00 -8.34 33.75
N PRO I 332 58.89 -7.47 33.23
CA PRO I 332 60.31 -7.55 33.56
C PRO I 332 60.59 -7.00 34.95
N ARG I 333 61.89 -6.74 35.21
CA ARG I 333 62.38 -6.28 36.49
C ARG I 333 62.80 -4.82 36.41
N PHE I 334 62.76 -4.16 37.58
CA PHE I 334 62.94 -2.71 37.69
C PHE I 334 63.97 -2.42 38.79
N SER I 335 64.99 -1.63 38.49
CA SER I 335 66.10 -1.44 39.43
C SER I 335 65.64 -0.64 40.67
N ARG I 336 64.81 0.41 40.50
CA ARG I 336 64.39 1.22 41.65
C ARG I 336 63.01 0.85 42.19
N THR I 337 61.95 0.83 41.35
CA THR I 337 60.62 0.47 41.87
C THR I 337 60.32 -0.99 41.53
N ALA I 338 60.79 -1.91 42.37
CA ALA I 338 60.71 -3.32 42.05
C ALA I 338 59.35 -3.87 42.46
N SER I 339 58.86 -4.84 41.69
CA SER I 339 57.61 -5.51 42.00
C SER I 339 57.83 -6.39 43.22
N SER I 340 56.76 -6.63 43.98
CA SER I 340 56.74 -7.66 45.00
C SER I 340 56.14 -8.96 44.47
N GLN I 341 56.31 -10.01 45.25
CA GLN I 341 55.72 -11.31 44.99
C GLN I 341 54.22 -11.11 44.85
N PRO I 342 53.56 -11.70 43.83
CA PRO I 342 52.12 -11.58 43.65
C PRO I 342 51.28 -11.92 44.87
N ARG I 343 50.17 -11.19 45.05
CA ARG I 343 49.20 -11.56 46.08
C ARG I 343 48.25 -12.60 45.48
N PRO I 344 47.94 -13.67 46.24
CA PRO I 344 47.05 -14.70 45.73
C PRO I 344 45.67 -14.14 45.43
N PRO I 345 44.85 -14.88 44.66
CA PRO I 345 43.44 -14.57 44.54
C PRO I 345 42.80 -14.53 45.93
N ALA I 346 42.01 -13.48 46.19
CA ALA I 346 41.38 -13.28 47.49
C ALA I 346 39.88 -13.49 47.33
N ALA I 347 39.16 -13.48 48.47
CA ALA I 347 37.70 -13.58 48.43
C ALA I 347 37.11 -12.31 47.80
N THR I 348 35.88 -12.47 47.29
CA THR I 348 35.10 -11.39 46.71
C THR I 348 35.00 -10.28 47.74
N ILE I 349 35.09 -9.04 47.26
CA ILE I 349 34.96 -7.84 48.04
C ILE I 349 33.67 -7.17 47.57
N ASP I 350 33.13 -6.30 48.42
CA ASP I 350 31.94 -5.52 48.08
C ASP I 350 32.33 -4.40 47.13
N ILE I 351 31.56 -4.20 46.07
CA ILE I 351 31.83 -3.12 45.11
C ILE I 351 31.72 -1.72 45.74
N GLU I 352 30.93 -1.58 46.82
CA GLU I 352 30.83 -0.31 47.55
C GLU I 352 32.09 -0.02 48.35
N ALA I 353 32.71 -1.06 48.92
CA ALA I 353 33.95 -0.91 49.68
C ALA I 353 35.11 -0.42 48.79
N VAL I 354 35.07 -0.75 47.49
CA VAL I 354 36.09 -0.32 46.56
C VAL I 354 35.94 1.16 46.26
N LEU I 355 34.67 1.59 46.04
CA LEU I 355 34.35 2.98 45.69
C LEU I 355 34.67 3.92 46.85
N THR I 356 34.45 3.43 48.07
CA THR I 356 34.83 4.15 49.28
C THR I 356 36.33 4.41 49.17
N ASP I 357 37.09 3.31 49.08
CA ASP I 357 38.55 3.32 49.03
C ASP I 357 39.07 4.27 47.96
N TRP I 358 38.42 4.34 46.78
CA TRP I 358 38.85 5.23 45.71
C TRP I 358 38.15 6.58 45.87
N ASP I 359 38.51 7.34 46.92
CA ASP I 359 37.82 8.59 47.28
C ASP I 359 36.32 8.33 47.42
N MET J 1 55.39 13.39 13.57
CA MET J 1 55.28 11.91 13.67
C MET J 1 53.95 11.55 14.34
N ALA J 2 53.16 10.72 13.65
CA ALA J 2 51.86 10.28 14.14
C ALA J 2 52.01 9.16 15.17
N GLY J 3 51.08 9.14 16.12
CA GLY J 3 50.90 7.99 16.99
C GLY J 3 50.97 8.43 18.44
N PRO J 4 50.52 7.58 19.40
CA PRO J 4 50.54 7.94 20.81
C PRO J 4 51.91 8.21 21.42
N LEU J 5 53.00 7.79 20.75
CA LEU J 5 54.33 7.87 21.36
C LEU J 5 55.12 9.04 20.79
N SER J 6 54.46 9.88 19.99
CA SER J 6 55.00 11.12 19.44
C SER J 6 55.70 11.88 20.58
N GLY J 7 56.96 12.27 20.35
CA GLY J 7 57.73 13.05 21.32
C GLY J 7 58.65 12.21 22.21
N LEU J 8 58.54 10.88 22.14
CA LEU J 8 59.41 10.02 22.93
C LEU J 8 60.68 9.80 22.11
N ARG J 9 61.82 9.92 22.79
CA ARG J 9 63.12 9.82 22.14
C ARG J 9 63.83 8.57 22.66
N VAL J 10 64.21 7.73 21.69
CA VAL J 10 64.78 6.43 22.00
C VAL J 10 66.12 6.33 21.28
N VAL J 11 67.12 5.84 22.01
CA VAL J 11 68.36 5.47 21.37
C VAL J 11 68.53 3.97 21.51
N GLU J 12 68.76 3.34 20.37
CA GLU J 12 68.87 1.89 20.25
C GLU J 12 70.30 1.54 19.86
N LEU J 13 70.97 0.74 20.71
CA LEU J 13 72.26 0.19 20.34
C LEU J 13 72.07 -1.11 19.56
N ALA J 14 72.36 -1.00 18.27
CA ALA J 14 72.09 -2.04 17.29
C ALA J 14 72.52 -3.42 17.81
N GLY J 15 71.55 -4.33 17.81
CA GLY J 15 71.73 -5.74 18.11
C GLY J 15 70.84 -6.58 17.19
N ILE J 16 70.42 -7.75 17.68
CA ILE J 16 69.59 -8.64 16.87
C ILE J 16 68.39 -9.10 17.68
N GLY J 17 67.27 -9.33 16.99
CA GLY J 17 66.14 -10.02 17.62
C GLY J 17 65.30 -9.06 18.48
N PRO J 18 65.22 -9.26 19.80
CA PRO J 18 64.26 -8.51 20.60
C PRO J 18 64.48 -6.99 20.66
N GLY J 19 65.74 -6.55 20.81
CA GLY J 19 66.08 -5.13 20.89
C GLY J 19 65.53 -4.38 19.69
N PRO J 20 65.90 -4.78 18.47
CA PRO J 20 65.35 -4.13 17.29
C PRO J 20 63.84 -4.24 17.14
N HIS J 21 63.20 -5.27 17.72
CA HIS J 21 61.75 -5.44 17.54
C HIS J 21 61.03 -4.46 18.48
N ALA J 22 61.52 -4.31 19.72
CA ALA J 22 60.96 -3.30 20.61
C ALA J 22 61.15 -1.89 20.03
N ALA J 23 62.33 -1.66 19.45
CA ALA J 23 62.62 -0.35 18.89
C ALA J 23 61.67 -0.07 17.71
N MET J 24 61.44 -1.08 16.88
CA MET J 24 60.50 -0.99 15.77
C MET J 24 59.11 -0.59 16.27
N ILE J 25 58.65 -1.27 17.31
CA ILE J 25 57.30 -1.02 17.77
C ILE J 25 57.22 0.41 18.32
N LEU J 26 58.18 0.81 19.16
CA LEU J 26 58.25 2.17 19.66
C LEU J 26 58.18 3.15 18.48
N GLY J 27 58.98 2.93 17.44
CA GLY J 27 58.94 3.78 16.26
C GLY J 27 57.60 3.73 15.53
N ASP J 28 56.99 2.55 15.51
CA ASP J 28 55.72 2.34 14.81
C ASP J 28 54.64 3.27 15.38
N LEU J 29 54.61 3.40 16.71
CA LEU J 29 53.63 4.16 17.46
C LEU J 29 54.04 5.63 17.66
N GLY J 30 55.11 6.05 16.96
CA GLY J 30 55.42 7.45 16.75
C GLY J 30 56.67 7.95 17.48
N ALA J 31 57.37 7.07 18.20
CA ALA J 31 58.60 7.47 18.88
C ALA J 31 59.66 7.85 17.86
N ASP J 32 60.59 8.68 18.37
CA ASP J 32 61.72 9.15 17.59
C ASP J 32 62.92 8.26 17.92
N VAL J 33 63.24 7.35 17.01
CA VAL J 33 64.10 6.24 17.40
C VAL J 33 65.40 6.43 16.61
N VAL J 34 66.50 6.48 17.35
CA VAL J 34 67.79 6.63 16.68
C VAL J 34 68.63 5.41 17.00
N ARG J 35 69.08 4.76 15.93
CA ARG J 35 69.80 3.52 16.07
C ARG J 35 71.28 3.72 15.75
N ILE J 36 72.14 3.43 16.73
CA ILE J 36 73.58 3.49 16.54
C ILE J 36 74.10 2.09 16.19
N ASP J 37 74.62 1.96 14.96
CA ASP J 37 75.29 0.75 14.53
C ASP J 37 76.79 1.03 14.41
N ARG J 38 77.57 -0.01 14.11
CA ARG J 38 78.99 0.18 13.90
C ARG J 38 79.22 0.47 12.43
N PRO J 39 80.28 1.26 12.10
CA PRO J 39 80.54 1.66 10.72
C PRO J 39 80.71 0.47 9.78
N SER J 40 81.35 -0.61 10.29
CA SER J 40 81.56 -1.85 9.57
C SER J 40 80.30 -2.71 9.56
N SER J 41 79.15 -2.08 9.25
CA SER J 41 77.86 -2.77 9.11
C SER J 41 76.91 -1.80 8.43
N VAL J 42 77.30 -1.22 7.29
CA VAL J 42 76.37 -0.43 6.51
C VAL J 42 76.90 -0.30 5.08
N ASP J 43 76.15 -0.85 4.13
CA ASP J 43 76.26 -0.48 2.72
C ASP J 43 75.25 0.64 2.48
N GLY J 44 74.28 0.38 1.59
CA GLY J 44 73.23 1.36 1.33
C GLY J 44 72.12 1.27 2.38
N ILE J 45 70.91 1.59 1.94
CA ILE J 45 69.70 1.41 2.72
C ILE J 45 69.63 -0.08 3.11
N SER J 46 69.38 -0.36 4.39
CA SER J 46 69.11 -1.72 4.84
C SER J 46 67.91 -2.32 4.12
N ARG J 47 67.98 -3.61 3.82
CA ARG J 47 66.85 -4.34 3.26
C ARG J 47 66.07 -5.11 4.33
N ASP J 48 66.30 -4.80 5.62
CA ASP J 48 65.57 -5.44 6.70
C ASP J 48 64.41 -4.54 7.16
N ALA J 49 63.19 -4.93 6.76
CA ALA J 49 61.99 -4.19 7.12
C ALA J 49 61.83 -4.04 8.64
N MET J 50 62.50 -4.88 9.46
CA MET J 50 62.43 -4.66 10.90
C MET J 50 63.09 -3.32 11.28
N LEU J 51 63.96 -2.76 10.42
CA LEU J 51 64.59 -1.48 10.73
C LEU J 51 63.77 -0.28 10.24
N ARG J 52 62.48 -0.48 10.02
CA ARG J 52 61.59 0.63 9.67
C ARG J 52 61.48 1.62 10.84
N ASN J 53 60.99 2.81 10.51
CA ASN J 53 60.68 3.85 11.47
C ASN J 53 61.89 4.17 12.35
N ARG J 54 63.02 4.47 11.70
CA ARG J 54 64.30 4.65 12.38
C ARG J 54 65.13 5.72 11.68
N ARG J 55 66.01 6.39 12.44
CA ARG J 55 67.20 6.97 11.86
C ARG J 55 68.42 6.13 12.28
N ILE J 56 69.21 5.72 11.28
CA ILE J 56 70.41 4.90 11.46
C ILE J 56 71.61 5.83 11.47
N VAL J 57 72.39 5.81 12.55
CA VAL J 57 73.68 6.47 12.53
C VAL J 57 74.73 5.43 12.89
N THR J 58 75.99 5.68 12.48
CA THR J 58 77.09 4.76 12.77
C THR J 58 78.09 5.47 13.66
N ALA J 59 78.67 4.74 14.60
CA ALA J 59 79.66 5.29 15.50
C ALA J 59 80.47 4.12 16.04
N ASP J 60 81.80 4.27 16.02
CA ASP J 60 82.67 3.35 16.70
C ASP J 60 82.66 3.71 18.19
N LEU J 61 82.00 2.88 18.99
CA LEU J 61 81.73 3.16 20.39
C LEU J 61 82.96 2.81 21.22
N LYS J 62 83.90 2.08 20.63
CA LYS J 62 85.15 1.76 21.31
C LYS J 62 86.11 2.97 21.23
N SER J 63 85.98 3.81 20.20
CA SER J 63 86.75 5.04 20.08
C SER J 63 86.30 6.05 21.14
N ASP J 64 87.01 7.18 21.25
CA ASP J 64 86.72 8.19 22.26
C ASP J 64 85.62 9.11 21.73
N GLN J 65 85.69 9.37 20.44
CA GLN J 65 84.79 10.27 19.75
C GLN J 65 83.43 9.61 19.54
N GLY J 66 83.44 8.28 19.32
CA GLY J 66 82.21 7.51 19.22
C GLY J 66 81.46 7.54 20.54
N LEU J 67 82.16 7.22 21.62
CA LEU J 67 81.57 7.19 22.94
C LEU J 67 80.96 8.54 23.33
N GLU J 68 81.63 9.63 22.95
CA GLU J 68 81.21 10.95 23.38
C GLU J 68 79.94 11.33 22.62
N LEU J 69 79.89 11.05 21.32
CA LEU J 69 78.72 11.36 20.50
C LEU J 69 77.49 10.59 21.00
N ALA J 70 77.71 9.35 21.44
CA ALA J 70 76.67 8.49 21.98
C ALA J 70 76.16 9.03 23.31
N LEU J 71 77.05 9.49 24.18
CA LEU J 71 76.61 10.02 25.46
C LEU J 71 75.84 11.33 25.26
N LYS J 72 76.13 12.01 24.14
CA LYS J 72 75.41 13.22 23.78
C LYS J 72 73.97 12.89 23.41
N LEU J 73 73.76 11.92 22.50
CA LEU J 73 72.41 11.48 22.13
C LEU J 73 71.66 11.02 23.36
N ILE J 74 72.31 10.22 24.19
CA ILE J 74 71.64 9.62 25.33
C ILE J 74 71.21 10.67 26.36
N ALA J 75 71.96 11.78 26.44
CA ALA J 75 71.66 12.85 27.38
C ALA J 75 70.35 13.53 27.00
N LYS J 76 70.06 13.57 25.70
CA LYS J 76 68.86 14.18 25.14
C LYS J 76 67.71 13.18 24.95
N ALA J 77 67.78 11.95 25.48
CA ALA J 77 66.79 10.93 25.11
C ALA J 77 65.99 10.49 26.32
N ASP J 78 64.87 9.79 26.06
CA ASP J 78 64.04 9.25 27.13
C ASP J 78 64.41 7.79 27.44
N VAL J 79 64.87 7.09 26.41
CA VAL J 79 65.03 5.65 26.51
C VAL J 79 66.29 5.23 25.79
N LEU J 80 67.00 4.31 26.46
CA LEU J 80 68.10 3.56 25.85
C LEU J 80 67.79 2.06 25.86
N ILE J 81 67.98 1.44 24.69
CA ILE J 81 67.83 0.00 24.50
C ILE J 81 69.20 -0.58 24.14
N GLU J 82 69.59 -1.61 24.86
CA GLU J 82 70.80 -2.36 24.56
C GLU J 82 70.49 -3.86 24.74
N GLY J 83 70.93 -4.69 23.77
CA GLY J 83 70.76 -6.12 23.94
C GLY J 83 72.05 -6.91 23.71
N TYR J 84 73.12 -6.47 24.39
CA TYR J 84 74.42 -7.13 24.41
C TYR J 84 74.46 -8.00 25.65
N ARG J 85 75.48 -8.86 25.78
CA ARG J 85 75.64 -9.59 27.02
C ARG J 85 75.87 -8.59 28.16
N PRO J 86 75.55 -8.96 29.40
CA PRO J 86 75.85 -8.08 30.52
C PRO J 86 77.35 -7.77 30.56
N GLY J 87 77.68 -6.51 30.91
CA GLY J 87 79.05 -6.04 31.08
C GLY J 87 79.50 -5.29 29.84
N VAL J 88 78.81 -5.49 28.73
CA VAL J 88 79.29 -4.94 27.48
C VAL J 88 79.11 -3.43 27.38
N THR J 89 77.99 -2.87 27.83
CA THR J 89 77.85 -1.41 27.80
C THR J 89 78.73 -0.78 28.89
N GLU J 90 78.81 -1.41 30.06
CA GLU J 90 79.76 -0.98 31.07
C GLU J 90 81.11 -0.70 30.43
N ARG J 91 81.68 -1.68 29.72
CA ARG J 91 83.04 -1.58 29.22
C ARG J 91 83.14 -0.50 28.15
N LEU J 92 82.07 -0.28 27.38
CA LEU J 92 82.08 0.82 26.42
C LEU J 92 82.06 2.18 27.15
N GLY J 93 81.76 2.22 28.45
CA GLY J 93 81.49 3.47 29.12
C GLY J 93 80.08 3.99 28.84
N LEU J 94 79.15 3.07 28.51
CA LEU J 94 77.73 3.39 28.29
C LEU J 94 76.83 2.60 29.24
N GLY J 95 77.37 2.17 30.38
CA GLY J 95 76.60 1.46 31.37
C GLY J 95 75.54 2.36 32.01
N PRO J 96 74.62 1.79 32.84
CA PRO J 96 73.60 2.59 33.52
C PRO J 96 74.16 3.70 34.41
N GLU J 97 75.21 3.42 35.19
CA GLU J 97 75.82 4.44 36.04
C GLU J 97 76.41 5.56 35.18
N GLU J 98 77.13 5.23 34.11
CA GLU J 98 77.66 6.28 33.26
C GLU J 98 76.50 7.10 32.70
N CYS J 99 75.47 6.44 32.17
CA CYS J 99 74.35 7.15 31.54
C CYS J 99 73.57 8.00 32.56
N ALA J 100 73.41 7.50 33.78
CA ALA J 100 72.74 8.19 34.86
C ALA J 100 73.40 9.54 35.17
N LYS J 101 74.71 9.63 34.94
CA LYS J 101 75.45 10.85 35.19
C LYS J 101 75.06 11.92 34.20
N VAL J 102 74.79 11.59 32.94
CA VAL J 102 74.44 12.64 32.01
C VAL J 102 72.92 12.80 31.92
N ASN J 103 72.11 11.98 32.62
CA ASN J 103 70.66 11.99 32.39
C ASN J 103 69.98 11.03 33.35
N ASP J 104 69.56 11.51 34.53
CA ASP J 104 68.94 10.60 35.49
C ASP J 104 67.44 10.38 35.19
N ARG J 105 66.95 10.91 34.06
CA ARG J 105 65.58 10.67 33.61
C ARG J 105 65.52 9.49 32.63
N LEU J 106 66.69 9.00 32.19
CA LEU J 106 66.79 7.96 31.19
C LEU J 106 66.16 6.66 31.68
N ILE J 107 65.36 6.02 30.79
CA ILE J 107 64.96 4.64 31.05
C ILE J 107 65.99 3.72 30.39
N TYR J 108 66.68 2.95 31.22
CA TYR J 108 67.81 2.14 30.72
C TYR J 108 67.30 0.71 30.51
N ALA J 109 67.15 0.33 29.23
CA ALA J 109 66.44 -0.90 28.91
C ALA J 109 67.39 -1.99 28.39
N ARG J 110 67.52 -3.05 29.21
CA ARG J 110 68.49 -4.12 28.99
C ARG J 110 67.78 -5.43 28.59
N MET J 111 67.97 -5.83 27.33
CA MET J 111 67.31 -6.96 26.70
C MET J 111 68.28 -8.15 26.58
N THR J 112 68.16 -9.14 27.46
CA THR J 112 68.94 -10.37 27.34
C THR J 112 68.04 -11.60 27.29
N GLY J 113 68.67 -12.79 27.13
CA GLY J 113 67.95 -14.04 27.27
C GLY J 113 67.98 -14.53 28.69
N TRP J 114 69.19 -14.58 29.25
CA TRP J 114 69.44 -15.19 30.54
C TRP J 114 69.33 -14.17 31.69
N GLY J 115 69.32 -12.87 31.40
CA GLY J 115 69.31 -11.93 32.53
C GLY J 115 70.71 -11.37 32.86
N GLN J 116 70.78 -10.59 33.94
CA GLN J 116 71.94 -9.75 34.18
C GLN J 116 72.98 -10.49 35.01
N THR J 117 72.56 -11.51 35.76
CA THR J 117 73.45 -12.26 36.63
C THR J 117 73.08 -13.73 36.62
N GLY J 118 73.92 -14.55 37.26
CA GLY J 118 73.63 -15.97 37.43
C GLY J 118 74.47 -16.81 36.48
N PRO J 119 74.44 -18.15 36.68
CA PRO J 119 75.39 -19.07 36.05
C PRO J 119 75.46 -19.00 34.53
N ARG J 120 74.33 -18.66 33.87
CA ARG J 120 74.31 -18.66 32.42
C ARG J 120 74.40 -17.27 31.84
N SER J 121 74.64 -16.22 32.65
CA SER J 121 74.51 -14.84 32.16
C SER J 121 75.52 -14.47 31.07
N GLN J 122 76.59 -15.25 30.90
CA GLN J 122 77.56 -14.95 29.84
C GLN J 122 77.49 -15.92 28.69
N GLN J 123 76.56 -16.88 28.72
CA GLN J 123 76.43 -17.81 27.60
C GLN J 123 75.72 -17.18 26.40
N ALA J 124 76.34 -17.33 25.21
CA ALA J 124 75.64 -17.06 23.97
C ALA J 124 74.38 -17.94 23.91
N GLY J 125 73.36 -17.43 23.24
CA GLY J 125 72.09 -18.14 23.16
C GLY J 125 71.16 -17.49 22.14
N HIS J 126 70.17 -18.29 21.72
CA HIS J 126 69.08 -17.80 20.90
C HIS J 126 67.77 -18.26 21.52
N ASP J 127 66.67 -17.82 20.93
CA ASP J 127 65.33 -18.10 21.43
C ASP J 127 65.19 -19.54 21.91
N ILE J 128 65.49 -20.51 21.02
CA ILE J 128 65.35 -21.92 21.33
C ILE J 128 65.99 -22.30 22.67
N ASN J 129 67.18 -21.75 22.99
CA ASN J 129 67.83 -22.01 24.28
C ASN J 129 67.05 -21.42 25.46
N TYR J 130 66.60 -20.17 25.36
CA TYR J 130 65.95 -19.51 26.49
C TYR J 130 64.68 -20.29 26.84
N ILE J 131 63.95 -20.72 25.82
CA ILE J 131 62.69 -21.41 26.08
C ILE J 131 62.89 -22.89 26.39
N SER J 132 64.11 -23.45 26.18
CA SER J 132 64.35 -24.84 26.56
C SER J 132 64.41 -24.99 28.08
N LEU J 133 64.85 -23.93 28.77
CA LEU J 133 65.21 -23.99 30.19
C LEU J 133 64.01 -23.83 31.11
N ASN J 134 62.90 -23.27 30.61
CA ASN J 134 61.79 -22.89 31.49
C ASN J 134 60.53 -23.71 31.24
N GLY J 135 60.66 -24.81 30.46
CA GLY J 135 59.60 -25.80 30.33
C GLY J 135 58.83 -25.66 29.01
N ILE J 136 59.00 -24.51 28.36
CA ILE J 136 58.16 -24.11 27.26
C ILE J 136 58.39 -25.02 26.05
N LEU J 137 59.64 -25.11 25.57
CA LEU J 137 59.94 -25.87 24.36
C LEU J 137 59.53 -27.33 24.52
N HIS J 138 59.69 -27.89 25.72
CA HIS J 138 59.33 -29.29 25.93
C HIS J 138 57.84 -29.49 25.65
N ALA J 139 57.03 -28.44 25.83
CA ALA J 139 55.59 -28.56 25.73
C ALA J 139 55.06 -28.48 24.29
N ILE J 140 55.94 -28.24 23.30
CA ILE J 140 55.53 -27.92 21.95
C ILE J 140 55.85 -29.03 20.96
N GLY J 141 54.81 -29.49 20.23
CA GLY J 141 54.92 -30.49 19.17
C GLY J 141 54.10 -31.75 19.47
N ARG J 142 54.14 -32.72 18.56
CA ARG J 142 53.45 -33.98 18.76
C ARG J 142 54.15 -34.79 19.84
N GLY J 143 53.36 -35.62 20.54
CA GLY J 143 53.85 -36.43 21.63
C GLY J 143 54.85 -37.51 21.19
N ASP J 144 54.82 -37.92 19.93
CA ASP J 144 55.64 -39.05 19.52
C ASP J 144 56.95 -38.56 18.87
N GLU J 145 57.29 -37.27 19.02
CA GLU J 145 58.42 -36.74 18.29
C GLU J 145 59.13 -35.75 19.18
N ARG J 146 60.28 -35.26 18.71
CA ARG J 146 61.06 -34.37 19.52
C ARG J 146 60.42 -32.98 19.45
N PRO J 147 60.64 -32.10 20.46
CA PRO J 147 59.95 -30.82 20.47
C PRO J 147 60.27 -30.00 19.24
N VAL J 148 59.28 -29.20 18.81
CA VAL J 148 59.50 -28.37 17.65
C VAL J 148 59.55 -26.91 18.07
N PRO J 149 60.50 -26.10 17.53
CA PRO J 149 60.57 -24.72 17.94
C PRO J 149 59.39 -23.95 17.35
N PRO J 150 58.70 -23.12 18.15
CA PRO J 150 57.67 -22.23 17.62
C PRO J 150 58.27 -20.98 16.99
N LEU J 151 59.02 -21.20 15.91
CA LEU J 151 59.87 -20.17 15.33
C LEU J 151 60.64 -19.54 16.48
N ASN J 152 60.94 -18.23 16.37
CA ASN J 152 61.54 -17.50 17.48
C ASN J 152 60.49 -16.54 18.05
N LEU J 153 59.25 -17.03 18.16
CA LEU J 153 58.12 -16.15 18.43
C LEU J 153 58.00 -15.96 19.94
N VAL J 154 58.43 -16.92 20.76
CA VAL J 154 57.99 -16.95 22.13
C VAL J 154 59.06 -16.35 23.04
N GLY J 155 60.34 -16.59 22.71
CA GLY J 155 61.46 -16.12 23.49
C GLY J 155 61.83 -14.69 23.12
N ASP J 156 62.19 -14.50 21.85
CA ASP J 156 62.61 -13.22 21.31
C ASP J 156 61.52 -12.17 21.38
N PHE J 157 60.28 -12.50 20.96
CA PHE J 157 59.28 -11.45 20.79
C PHE J 157 58.28 -11.51 21.93
N GLY J 158 57.44 -12.56 21.96
CA GLY J 158 56.41 -12.66 22.97
C GLY J 158 56.91 -12.44 24.39
N GLY J 159 57.97 -13.15 24.78
CA GLY J 159 58.50 -13.07 26.13
C GLY J 159 59.81 -12.24 26.21
N GLY J 160 60.13 -11.56 25.13
CA GLY J 160 61.37 -10.82 24.96
C GLY J 160 61.07 -9.34 24.75
N SER J 161 60.99 -8.95 23.49
CA SER J 161 60.70 -7.57 23.10
C SER J 161 59.44 -7.04 23.76
N MET J 162 58.40 -7.87 23.95
CA MET J 162 57.13 -7.32 24.40
C MET J 162 57.22 -6.92 25.86
N PHE J 163 57.98 -7.70 26.63
CA PHE J 163 58.21 -7.39 28.02
C PHE J 163 59.17 -6.20 28.19
N LEU J 164 60.18 -6.06 27.31
CA LEU J 164 61.00 -4.87 27.28
C LEU J 164 60.06 -3.66 27.14
N LEU J 165 59.12 -3.76 26.18
CA LEU J 165 58.20 -2.66 25.87
C LEU J 165 57.35 -2.32 27.09
N VAL J 166 56.82 -3.33 27.77
CA VAL J 166 56.00 -3.10 28.94
C VAL J 166 56.83 -2.44 30.05
N GLY J 167 58.06 -2.94 30.23
CA GLY J 167 59.00 -2.36 31.17
C GLY J 167 59.31 -0.89 30.87
N ILE J 168 59.66 -0.60 29.63
CA ILE J 168 59.93 0.75 29.23
C ILE J 168 58.74 1.66 29.53
N LEU J 169 57.51 1.25 29.15
CA LEU J 169 56.39 2.18 29.19
C LEU J 169 55.90 2.30 30.62
N ALA J 170 56.03 1.22 31.36
CA ALA J 170 55.71 1.25 32.77
C ALA J 170 56.66 2.18 33.51
N ALA J 171 57.94 2.12 33.14
CA ALA J 171 58.98 2.93 33.77
C ALA J 171 58.71 4.42 33.53
N LEU J 172 58.33 4.76 32.28
CA LEU J 172 57.89 6.10 31.91
C LEU J 172 56.68 6.57 32.71
N TRP J 173 55.71 5.68 32.93
CA TRP J 173 54.59 6.06 33.77
C TRP J 173 55.12 6.48 35.13
N GLU J 174 55.99 5.63 35.71
CA GLU J 174 56.52 5.83 37.06
C GLU J 174 57.33 7.13 37.13
N ARG J 175 58.05 7.43 36.04
CA ARG J 175 58.87 8.62 35.96
C ARG J 175 58.02 9.89 36.02
N GLN J 176 56.74 9.79 35.63
CA GLN J 176 55.88 10.95 35.67
C GLN J 176 55.71 11.42 37.11
N SER J 177 55.77 10.53 38.09
CA SER J 177 55.58 11.03 39.44
C SER J 177 56.87 11.06 40.26
N SER J 178 57.99 10.48 39.77
CA SER J 178 59.26 10.42 40.50
C SER J 178 60.26 11.44 39.98
N GLY J 179 60.14 11.85 38.71
CA GLY J 179 61.12 12.65 38.01
C GLY J 179 62.37 11.86 37.63
N LYS J 180 62.36 10.53 37.90
CA LYS J 180 63.54 9.66 37.85
C LYS J 180 63.38 8.49 36.88
N GLY J 181 64.42 8.29 36.06
CA GLY J 181 64.60 7.09 35.26
C GLY J 181 64.88 5.88 36.14
N GLN J 182 65.19 4.74 35.51
CA GLN J 182 65.60 3.54 36.22
C GLN J 182 66.00 2.48 35.17
N VAL J 183 66.42 1.33 35.66
CA VAL J 183 66.91 0.29 34.74
C VAL J 183 65.82 -0.78 34.62
N VAL J 184 65.55 -1.13 33.36
CA VAL J 184 64.64 -2.23 33.03
C VAL J 184 65.46 -3.45 32.58
N ASP J 185 65.33 -4.54 33.34
CA ASP J 185 66.02 -5.80 33.07
C ASP J 185 65.01 -6.84 32.55
N ALA J 186 64.95 -6.96 31.22
CA ALA J 186 64.07 -7.88 30.54
C ALA J 186 64.83 -9.08 30.04
N ALA J 187 64.60 -10.20 30.75
CA ALA J 187 65.23 -11.45 30.36
C ALA J 187 64.17 -12.33 29.69
N MET J 188 64.51 -12.84 28.50
CA MET J 188 63.63 -13.72 27.73
C MET J 188 63.18 -14.95 28.53
N VAL J 189 64.03 -15.47 29.42
CA VAL J 189 63.67 -16.63 30.22
C VAL J 189 62.60 -16.31 31.26
N ASP J 190 62.51 -15.03 31.64
CA ASP J 190 61.53 -14.56 32.60
C ASP J 190 60.21 -14.20 31.87
N GLY J 191 60.33 -13.32 30.89
CA GLY J 191 59.20 -12.87 30.10
C GLY J 191 58.40 -14.06 29.57
N SER J 192 59.09 -15.03 28.96
CA SER J 192 58.42 -16.18 28.36
C SER J 192 57.77 -17.01 29.47
N SER J 193 58.35 -16.99 30.68
CA SER J 193 57.73 -17.67 31.78
C SER J 193 56.39 -17.01 32.16
N VAL J 194 56.31 -15.69 32.12
CA VAL J 194 55.05 -15.04 32.48
C VAL J 194 54.06 -15.19 31.32
N LEU J 195 54.58 -15.19 30.09
CA LEU J 195 53.80 -15.39 28.89
C LEU J 195 53.01 -16.69 28.98
N ILE J 196 53.61 -17.72 29.58
CA ILE J 196 53.02 -19.05 29.67
C ILE J 196 52.43 -19.30 31.05
N GLN J 197 52.13 -18.24 31.81
CA GLN J 197 51.63 -18.45 33.15
C GLN J 197 50.34 -19.30 33.16
N MET J 198 49.52 -19.23 32.10
CA MET J 198 48.28 -20.00 32.08
C MET J 198 48.60 -21.49 32.21
N MET J 199 49.63 -21.97 31.50
CA MET J 199 50.03 -23.36 31.68
C MET J 199 50.45 -23.60 33.13
N TRP J 200 51.18 -22.66 33.75
CA TRP J 200 51.59 -22.89 35.14
C TRP J 200 50.36 -22.87 36.05
N ALA J 201 49.35 -22.06 35.72
CA ALA J 201 48.10 -22.04 36.48
C ALA J 201 47.31 -23.36 36.35
N MET J 202 47.16 -23.82 35.11
CA MET J 202 46.49 -25.09 34.87
C MET J 202 47.25 -26.24 35.54
N ARG J 203 48.58 -26.22 35.44
CA ARG J 203 49.35 -27.32 36.00
C ARG J 203 49.09 -27.45 37.49
N ALA J 204 48.99 -26.31 38.20
CA ALA J 204 48.78 -26.34 39.63
C ALA J 204 47.40 -26.91 40.00
N THR J 205 46.41 -26.87 39.10
CA THR J 205 45.09 -27.38 39.42
C THR J 205 44.81 -28.70 38.71
N GLY J 206 45.81 -29.46 38.28
CA GLY J 206 45.60 -30.76 37.67
C GLY J 206 45.07 -30.70 36.22
N MET J 207 45.19 -29.56 35.54
CA MET J 207 44.56 -29.43 34.24
C MET J 207 45.63 -29.35 33.15
N TRP J 208 46.88 -29.57 33.48
CA TRP J 208 47.96 -29.57 32.50
C TRP J 208 49.00 -30.59 32.92
N THR J 209 49.47 -31.38 31.95
CA THR J 209 50.45 -32.42 32.21
C THR J 209 51.71 -32.16 31.39
N ASP J 210 52.85 -32.58 31.94
CA ASP J 210 54.14 -32.43 31.28
C ASP J 210 54.29 -33.33 30.06
N THR J 211 53.34 -34.25 29.84
CA THR J 211 53.34 -35.07 28.63
C THR J 211 52.95 -34.23 27.42
N ARG J 212 53.82 -34.24 26.42
CA ARG J 212 53.61 -33.44 25.24
C ARG J 212 52.52 -34.10 24.37
N GLY J 213 51.68 -33.28 23.73
CA GLY J 213 50.59 -33.73 22.88
C GLY J 213 49.41 -34.35 23.64
N ALA J 214 49.25 -34.07 24.95
CA ALA J 214 48.17 -34.67 25.73
C ALA J 214 47.41 -33.62 26.54
N ASN J 215 47.30 -32.40 26.04
CA ASN J 215 46.69 -31.33 26.81
C ASN J 215 45.61 -30.68 25.96
N MET J 216 44.82 -29.81 26.58
CA MET J 216 43.75 -29.09 25.89
C MET J 216 44.29 -28.20 24.76
N LEU J 217 45.47 -27.61 24.92
CA LEU J 217 45.89 -26.54 24.02
C LEU J 217 47.18 -26.83 23.24
N ASP J 218 47.69 -28.06 23.34
CA ASP J 218 48.97 -28.38 22.71
C ASP J 218 48.75 -29.17 21.43
N GLY J 219 47.49 -29.41 21.07
CA GLY J 219 47.20 -30.22 19.90
C GLY J 219 46.77 -31.65 20.26
N GLY J 220 46.78 -32.01 21.55
CA GLY J 220 46.27 -33.30 22.00
C GLY J 220 44.73 -33.41 21.94
N ALA J 221 44.01 -32.29 22.11
CA ALA J 221 42.55 -32.27 22.04
C ALA J 221 42.09 -32.31 20.59
N PRO J 222 41.23 -33.26 20.19
CA PRO J 222 40.70 -33.29 18.84
C PRO J 222 39.97 -32.02 18.38
N TYR J 223 39.46 -31.27 19.35
CA TYR J 223 38.73 -30.02 19.09
C TYR J 223 39.64 -28.78 19.13
N TYR J 224 40.95 -28.98 19.33
CA TYR J 224 41.93 -27.88 19.35
C TYR J 224 43.18 -28.35 18.63
N ASP J 225 43.13 -28.32 17.30
CA ASP J 225 44.15 -28.89 16.44
C ASP J 225 43.86 -28.52 15.00
N THR J 226 44.84 -28.83 14.12
CA THR J 226 44.65 -28.77 12.70
C THR J 226 44.20 -30.13 12.14
N TYR J 227 43.60 -30.05 10.96
CA TYR J 227 43.18 -31.22 10.19
C TYR J 227 43.54 -30.98 8.73
N GLU J 228 43.98 -32.05 8.09
CA GLU J 228 44.20 -32.07 6.67
C GLU J 228 42.89 -32.29 5.93
N CYS J 229 42.75 -31.56 4.82
CA CYS J 229 41.53 -31.54 4.00
C CYS J 229 41.81 -32.35 2.72
N ALA J 230 40.79 -32.55 1.88
CA ALA J 230 40.90 -33.36 0.65
C ALA J 230 41.97 -32.84 -0.28
N ASP J 231 42.22 -31.51 -0.30
CA ASP J 231 43.17 -30.87 -1.20
C ASP J 231 44.59 -30.86 -0.62
N GLY J 232 44.81 -31.43 0.56
CA GLY J 232 46.15 -31.39 1.13
C GLY J 232 46.40 -30.11 1.91
N ARG J 233 45.43 -29.18 1.97
CA ARG J 233 45.56 -27.96 2.78
C ARG J 233 44.92 -28.21 4.13
N TYR J 234 44.96 -27.21 5.04
CA TYR J 234 44.54 -27.47 6.41
C TYR J 234 43.47 -26.49 6.90
N VAL J 235 42.74 -26.98 7.90
CA VAL J 235 41.93 -26.14 8.75
C VAL J 235 42.43 -26.28 10.17
N ALA J 236 42.05 -25.25 10.94
CA ALA J 236 42.26 -25.23 12.36
C ALA J 236 40.92 -25.27 13.04
N VAL J 237 40.85 -26.08 14.09
CA VAL J 237 39.67 -26.19 14.89
C VAL J 237 40.02 -25.73 16.30
N GLY J 238 39.19 -24.87 16.85
CA GLY J 238 39.42 -24.34 18.17
C GLY J 238 38.17 -24.29 19.02
N ALA J 239 37.31 -25.29 18.85
CA ALA J 239 36.00 -25.33 19.47
C ALA J 239 36.06 -25.85 20.90
N ILE J 240 36.55 -24.98 21.82
CA ILE J 240 36.67 -25.36 23.20
C ILE J 240 35.30 -25.47 23.86
N GLU J 241 34.51 -24.41 23.75
CA GLU J 241 33.24 -24.36 24.47
C GLU J 241 32.28 -25.38 23.89
N PRO J 242 31.51 -26.09 24.71
CA PRO J 242 30.64 -27.14 24.21
C PRO J 242 29.70 -26.72 23.07
N GLN J 243 29.17 -25.48 23.11
CA GLN J 243 28.18 -25.08 22.10
C GLN J 243 28.88 -24.94 20.76
N PHE J 244 30.13 -24.48 20.81
CA PHE J 244 30.90 -24.24 19.59
C PHE J 244 31.30 -25.59 19.00
N TYR J 245 31.72 -26.51 19.88
CA TYR J 245 31.99 -27.90 19.48
C TYR J 245 30.76 -28.55 18.82
N ALA J 246 29.60 -28.43 19.46
CA ALA J 246 28.34 -28.98 18.93
C ALA J 246 28.08 -28.46 17.52
N ALA J 247 28.31 -27.14 17.32
CA ALA J 247 28.13 -26.52 16.03
C ALA J 247 29.07 -27.12 15.01
N MET J 248 30.32 -27.29 15.41
CA MET J 248 31.33 -27.82 14.50
C MET J 248 30.93 -29.24 14.05
N LEU J 249 30.44 -30.06 14.99
CA LEU J 249 30.04 -31.43 14.70
C LEU J 249 28.91 -31.45 13.68
N ALA J 250 27.89 -30.60 13.89
CA ALA J 250 26.75 -30.64 13.00
C ALA J 250 27.19 -30.20 11.61
N GLY J 251 28.12 -29.24 11.53
CA GLY J 251 28.61 -28.78 10.22
C GLY J 251 29.42 -29.84 9.47
N LEU J 252 30.03 -30.78 10.22
CA LEU J 252 30.73 -31.89 9.61
C LEU J 252 29.77 -33.04 9.26
N GLY J 253 28.51 -32.91 9.65
CA GLY J 253 27.51 -33.93 9.34
C GLY J 253 27.59 -35.07 10.33
N LEU J 254 28.06 -34.79 11.54
CA LEU J 254 28.31 -35.83 12.52
C LEU J 254 27.28 -35.67 13.61
N ASP J 255 26.72 -36.80 14.00
CA ASP J 255 25.68 -36.86 15.01
C ASP J 255 26.37 -37.09 16.35
N ALA J 256 26.29 -36.09 17.25
CA ALA J 256 26.96 -36.12 18.54
C ALA J 256 26.57 -37.33 19.37
N ALA J 257 25.35 -37.82 19.18
CA ALA J 257 24.89 -38.96 19.95
C ALA J 257 25.64 -40.22 19.54
N GLU J 258 26.32 -40.23 18.37
CA GLU J 258 27.09 -41.40 17.94
C GLU J 258 28.59 -41.24 18.24
N LEU J 259 29.01 -40.16 18.92
CA LEU J 259 30.43 -39.86 19.16
C LEU J 259 30.72 -39.99 20.66
N PRO J 260 31.98 -40.22 21.07
CA PRO J 260 32.32 -40.14 22.48
C PRO J 260 32.25 -38.70 23.02
N PRO J 261 32.15 -38.52 24.35
CA PRO J 261 32.12 -37.20 24.93
C PRO J 261 33.35 -36.36 24.57
N GLN J 262 33.09 -35.06 24.33
CA GLN J 262 34.10 -34.09 23.93
C GLN J 262 35.38 -34.22 24.78
N ASN J 263 35.24 -34.35 26.10
CA ASN J 263 36.38 -34.30 27.00
C ASN J 263 36.66 -35.66 27.65
N ASP J 264 36.27 -36.75 26.99
CA ASP J 264 36.70 -38.06 27.44
C ASP J 264 38.04 -38.40 26.78
N ARG J 265 39.13 -38.06 27.49
CA ARG J 265 40.49 -38.14 26.99
C ARG J 265 40.81 -39.56 26.52
N ALA J 266 40.33 -40.58 27.21
CA ALA J 266 40.62 -41.96 26.84
C ALA J 266 40.11 -42.27 25.43
N ARG J 267 39.12 -41.50 24.94
CA ARG J 267 38.52 -41.77 23.65
C ARG J 267 38.87 -40.72 22.60
N TRP J 268 39.79 -39.83 22.93
CA TRP J 268 40.24 -38.82 21.97
C TRP J 268 40.77 -39.40 20.69
N PRO J 269 41.58 -40.50 20.69
CA PRO J 269 42.00 -41.10 19.43
C PRO J 269 40.81 -41.44 18.51
N GLU J 270 39.73 -41.96 19.12
CA GLU J 270 38.52 -42.39 18.41
C GLU J 270 37.80 -41.18 17.84
N LEU J 271 37.67 -40.15 18.68
CA LEU J 271 37.10 -38.88 18.24
C LEU J 271 37.90 -38.28 17.10
N ARG J 272 39.23 -38.23 17.26
CA ARG J 272 40.10 -37.64 16.27
C ARG J 272 39.94 -38.37 14.94
N ALA J 273 39.89 -39.72 14.97
CA ALA J 273 39.75 -40.44 13.71
C ALA J 273 38.47 -40.00 12.98
N LEU J 274 37.36 -39.85 13.73
CA LEU J 274 36.08 -39.50 13.13
C LEU J 274 36.17 -38.10 12.52
N LEU J 275 36.70 -37.12 13.26
CA LEU J 275 36.88 -35.78 12.72
C LEU J 275 37.86 -35.77 11.55
N THR J 276 38.94 -36.57 11.65
CA THR J 276 39.90 -36.63 10.56
C THR J 276 39.22 -37.06 9.26
N GLU J 277 38.44 -38.13 9.33
CA GLU J 277 37.74 -38.62 8.15
C GLU J 277 36.76 -37.56 7.61
N ALA J 278 36.06 -36.84 8.49
CA ALA J 278 35.11 -35.83 8.01
C ALA J 278 35.85 -34.69 7.30
N PHE J 279 36.90 -34.15 7.92
CA PHE J 279 37.52 -32.99 7.30
C PHE J 279 38.22 -33.36 6.00
N ALA J 280 38.71 -34.61 5.92
CA ALA J 280 39.40 -35.09 4.72
C ALA J 280 38.46 -35.25 3.53
N SER J 281 37.14 -35.21 3.75
CA SER J 281 36.20 -35.49 2.69
C SER J 281 35.97 -34.27 1.79
N HIS J 282 36.41 -33.08 2.20
CA HIS J 282 36.27 -31.90 1.36
C HIS J 282 37.49 -31.01 1.52
N ASP J 283 37.66 -30.09 0.56
CA ASP J 283 38.81 -29.22 0.46
C ASP J 283 38.70 -28.07 1.46
N ARG J 284 39.83 -27.40 1.72
CA ARG J 284 39.90 -26.35 2.72
C ARG J 284 38.86 -25.26 2.43
N ASP J 285 38.71 -24.84 1.16
CA ASP J 285 37.81 -23.76 0.80
C ASP J 285 36.35 -24.13 1.09
N HIS J 286 36.00 -25.40 0.91
CA HIS J 286 34.69 -25.89 1.26
C HIS J 286 34.39 -25.64 2.74
N TRP J 287 35.33 -25.96 3.63
CA TRP J 287 35.07 -25.77 5.05
C TRP J 287 34.99 -24.29 5.41
N GLY J 288 35.72 -23.44 4.69
CA GLY J 288 35.66 -21.99 4.91
C GLY J 288 34.27 -21.39 4.63
N ALA J 289 33.66 -21.82 3.53
CA ALA J 289 32.28 -21.51 3.17
C ALA J 289 31.27 -22.08 4.19
N VAL J 290 31.36 -23.39 4.44
CA VAL J 290 30.47 -24.07 5.37
C VAL J 290 30.47 -23.37 6.74
N PHE J 291 31.64 -22.91 7.22
CA PHE J 291 31.67 -22.40 8.58
C PHE J 291 31.77 -20.88 8.67
N ALA J 292 31.71 -20.17 7.51
CA ALA J 292 31.53 -18.72 7.54
C ALA J 292 30.31 -18.35 8.38
N ASN J 293 30.52 -17.36 9.26
CA ASN J 293 29.52 -16.76 10.13
C ASN J 293 29.08 -17.71 11.23
N SER J 294 29.80 -18.85 11.43
CA SER J 294 29.50 -19.77 12.50
C SER J 294 30.43 -19.56 13.69
N ASP J 295 29.96 -19.97 14.87
CA ASP J 295 30.76 -20.08 16.08
C ASP J 295 31.45 -21.45 16.23
N ALA J 296 31.60 -22.20 15.12
CA ALA J 296 32.20 -23.54 15.12
C ALA J 296 33.71 -23.48 15.36
N CYS J 297 34.32 -22.29 15.25
CA CYS J 297 35.74 -22.06 15.51
C CYS J 297 36.58 -22.87 14.51
N VAL J 298 36.21 -22.80 13.24
CA VAL J 298 36.91 -23.52 12.19
C VAL J 298 37.38 -22.46 11.20
N THR J 299 38.68 -22.45 10.90
CA THR J 299 39.27 -21.44 10.04
C THR J 299 40.26 -22.11 9.12
N PRO J 300 40.42 -21.59 7.89
CA PRO J 300 41.47 -22.04 7.00
C PRO J 300 42.85 -21.65 7.51
N VAL J 301 43.82 -22.58 7.37
CA VAL J 301 45.20 -22.34 7.75
C VAL J 301 45.89 -21.77 6.52
N LEU J 302 46.04 -20.44 6.51
CA LEU J 302 46.59 -19.80 5.33
C LEU J 302 48.11 -19.78 5.40
N ALA J 303 48.76 -20.02 4.26
CA ALA J 303 50.19 -19.75 4.13
C ALA J 303 50.39 -18.24 3.94
N PHE J 304 51.57 -17.75 4.38
CA PHE J 304 51.91 -16.34 4.28
C PHE J 304 51.51 -15.77 2.91
N GLY J 305 51.90 -16.45 1.83
CA GLY J 305 51.66 -15.97 0.48
C GLY J 305 50.17 -15.88 0.10
N GLU J 306 49.28 -16.50 0.89
CA GLU J 306 47.85 -16.42 0.61
C GLU J 306 47.17 -15.34 1.43
N VAL J 307 47.82 -14.82 2.48
CA VAL J 307 47.18 -13.96 3.45
C VAL J 307 46.63 -12.69 2.80
N HIS J 308 47.32 -12.18 1.78
CA HIS J 308 46.89 -10.94 1.13
C HIS J 308 45.54 -11.08 0.42
N ASN J 309 45.02 -12.31 0.23
CA ASN J 309 43.77 -12.50 -0.49
C ASN J 309 42.62 -12.86 0.45
N GLU J 310 42.87 -12.87 1.76
CA GLU J 310 41.81 -13.14 2.72
C GLU J 310 41.01 -11.87 2.96
N PRO J 311 39.65 -11.90 2.79
CA PRO J 311 38.84 -10.69 2.95
C PRO J 311 39.01 -9.99 4.29
N HIS J 312 39.03 -10.72 5.40
CA HIS J 312 39.09 -10.09 6.71
C HIS J 312 40.44 -9.38 6.94
N ILE J 313 41.50 -9.92 6.30
CA ILE J 313 42.81 -9.31 6.34
C ILE J 313 42.81 -8.00 5.54
N ILE J 314 42.23 -8.05 4.32
CA ILE J 314 42.22 -6.93 3.40
C ILE J 314 41.45 -5.78 4.02
N GLU J 315 40.27 -6.09 4.53
CA GLU J 315 39.32 -5.06 4.86
C GLU J 315 39.68 -4.36 6.16
N ARG J 316 40.56 -4.93 6.99
CA ARG J 316 41.07 -4.24 8.18
C ARG J 316 42.49 -3.66 7.98
N ASN J 317 43.04 -3.70 6.78
CA ASN J 317 44.36 -3.16 6.54
C ASN J 317 45.34 -3.56 7.65
N THR J 318 45.37 -4.87 7.96
CA THR J 318 46.37 -5.46 8.83
C THR J 318 47.76 -5.37 8.20
N PHE J 319 47.86 -5.45 6.88
CA PHE J 319 49.09 -5.37 6.13
C PHE J 319 49.10 -4.13 5.24
N TYR J 320 50.32 -3.66 4.90
CA TYR J 320 50.56 -2.71 3.81
C TYR J 320 51.64 -3.32 2.91
N GLU J 321 51.70 -2.82 1.68
CA GLU J 321 52.67 -3.28 0.72
C GLU J 321 53.84 -2.31 0.74
N ALA J 322 55.00 -2.79 1.20
CA ALA J 322 56.25 -2.07 1.17
C ALA J 322 57.05 -2.62 -0.01
N ASN J 323 58.27 -2.12 -0.19
CA ASN J 323 59.03 -2.49 -1.37
C ASN J 323 59.27 -3.99 -1.41
N GLY J 324 59.51 -4.63 -0.26
CA GLY J 324 59.65 -6.08 -0.23
C GLY J 324 58.45 -6.77 -0.87
N GLY J 325 57.59 -7.32 -0.02
CA GLY J 325 56.17 -7.43 -0.30
C GLY J 325 55.44 -6.91 0.93
N TRP J 326 54.54 -7.73 1.47
CA TRP J 326 53.61 -7.25 2.47
C TRP J 326 54.31 -7.17 3.81
N GLN J 327 53.90 -6.17 4.61
CA GLN J 327 54.40 -5.99 5.95
C GLN J 327 53.23 -5.70 6.89
N PRO J 328 53.26 -6.15 8.16
CA PRO J 328 52.20 -5.82 9.08
C PRO J 328 52.20 -4.35 9.48
N MET J 329 51.01 -3.76 9.47
CA MET J 329 50.80 -2.41 9.94
C MET J 329 50.96 -2.41 11.44
N PRO J 330 51.17 -1.23 12.05
CA PRO J 330 51.31 -1.14 13.49
C PRO J 330 50.12 -1.68 14.27
N ALA J 331 50.46 -2.20 15.44
CA ALA J 331 49.48 -2.71 16.38
C ALA J 331 49.96 -2.28 17.75
N PRO J 332 49.04 -2.10 18.73
CA PRO J 332 47.60 -2.12 18.47
C PRO J 332 47.18 -0.81 17.81
N ARG J 333 45.85 -0.57 17.73
CA ARG J 333 45.33 0.62 17.08
C ARG J 333 44.76 1.58 18.12
N PHE J 334 44.77 2.89 17.77
CA PHE J 334 44.43 3.98 18.67
C PHE J 334 43.33 4.84 18.03
N SER J 335 42.25 5.14 18.75
CA SER J 335 41.12 5.89 18.18
C SER J 335 41.49 7.35 17.84
N ARG J 336 42.27 8.04 18.68
CA ARG J 336 42.52 9.46 18.46
C ARG J 336 43.89 9.75 17.87
N THR J 337 44.95 9.17 18.46
CA THR J 337 46.31 9.35 17.97
C THR J 337 46.74 8.06 17.27
N ALA J 338 46.31 7.89 16.03
CA ALA J 338 46.57 6.69 15.27
C ALA J 338 47.97 6.74 14.69
N SER J 339 48.57 5.56 14.61
CA SER J 339 49.86 5.43 13.97
C SER J 339 49.70 5.63 12.47
N SER J 340 50.79 5.94 11.81
CA SER J 340 50.75 5.99 10.36
C SER J 340 51.54 4.82 9.77
N GLN J 341 51.47 4.73 8.45
CA GLN J 341 52.17 3.71 7.72
C GLN J 341 53.64 3.86 8.03
N PRO J 342 54.37 2.78 8.33
CA PRO J 342 55.79 2.87 8.65
C PRO J 342 56.62 3.48 7.54
N ARG J 343 57.70 4.17 7.94
CA ARG J 343 58.65 4.75 7.00
C ARG J 343 59.73 3.71 6.71
N PRO J 344 60.06 3.47 5.43
CA PRO J 344 61.03 2.45 5.06
C PRO J 344 62.38 2.69 5.71
N PRO J 345 63.26 1.66 5.78
CA PRO J 345 64.63 1.91 6.18
C PRO J 345 65.25 3.03 5.35
N ALA J 346 65.85 4.00 6.06
CA ALA J 346 66.39 5.20 5.43
C ALA J 346 67.91 5.09 5.32
N ALA J 347 68.54 5.93 4.49
CA ALA J 347 69.99 5.99 4.38
C ALA J 347 70.60 6.52 5.69
N THR J 348 71.87 6.13 5.93
CA THR J 348 72.59 6.49 7.14
C THR J 348 72.57 8.01 7.23
N ILE J 349 72.34 8.54 8.43
CA ILE J 349 72.48 9.96 8.57
C ILE J 349 73.64 10.22 9.53
N ASP J 350 74.11 11.46 9.47
CA ASP J 350 75.24 11.90 10.26
C ASP J 350 74.75 12.15 11.68
N ILE J 351 75.53 11.73 12.67
CA ILE J 351 75.06 11.77 14.05
C ILE J 351 74.91 13.22 14.52
N GLU J 352 75.72 14.14 13.98
CA GLU J 352 75.67 15.54 14.37
C GLU J 352 74.37 16.18 13.90
N ALA J 353 73.95 15.81 12.67
CA ALA J 353 72.67 16.27 12.14
C ALA J 353 71.55 16.00 13.15
N VAL J 354 71.64 14.85 13.85
CA VAL J 354 70.63 14.42 14.80
C VAL J 354 70.70 15.30 16.03
N LEU J 355 71.92 15.60 16.49
CA LEU J 355 72.13 16.35 17.72
C LEU J 355 71.63 17.78 17.56
N THR J 356 71.86 18.34 16.35
CA THR J 356 71.24 19.59 15.94
C THR J 356 69.74 19.48 16.20
N ASP J 357 69.09 18.59 15.43
CA ASP J 357 67.64 18.46 15.35
C ASP J 357 67.03 18.30 16.74
N TRP J 358 67.69 17.56 17.63
CA TRP J 358 67.24 17.38 19.00
C TRP J 358 67.57 18.57 19.91
N ASP J 359 68.17 19.64 19.36
CA ASP J 359 68.83 20.66 20.17
C ASP J 359 69.84 19.97 21.10
N MET K 1 -0.63 -52.57 15.55
CA MET K 1 -0.57 -51.14 15.14
C MET K 1 0.49 -50.38 15.95
N ALA K 2 1.46 -49.81 15.23
CA ALA K 2 2.61 -49.09 15.79
C ALA K 2 2.17 -47.80 16.46
N GLY K 3 2.86 -47.41 17.55
CA GLY K 3 2.77 -46.07 18.10
C GLY K 3 2.31 -46.10 19.55
N PRO K 4 2.43 -44.99 20.29
CA PRO K 4 2.06 -44.98 21.70
C PRO K 4 0.57 -45.17 21.99
N LEU K 5 -0.32 -44.92 21.02
CA LEU K 5 -1.76 -44.99 21.29
C LEU K 5 -2.35 -46.31 20.78
N SER K 6 -1.48 -47.23 20.32
CA SER K 6 -1.86 -48.62 20.07
C SER K 6 -2.78 -49.10 21.20
N GLY K 7 -3.93 -49.65 20.84
CA GLY K 7 -4.90 -50.11 21.82
C GLY K 7 -6.11 -49.19 21.94
N LEU K 8 -5.96 -47.91 21.61
CA LEU K 8 -7.04 -46.96 21.84
C LEU K 8 -8.03 -47.01 20.68
N ARG K 9 -9.32 -46.96 21.04
CA ARG K 9 -10.41 -47.09 20.06
C ARG K 9 -11.15 -45.76 19.91
N VAL K 10 -11.26 -45.35 18.64
CA VAL K 10 -11.88 -44.06 18.38
C VAL K 10 -12.99 -44.23 17.36
N VAL K 11 -14.13 -43.64 17.71
CA VAL K 11 -15.22 -43.45 16.76
C VAL K 11 -15.30 -41.96 16.41
N GLU K 12 -15.16 -41.70 15.10
CA GLU K 12 -15.25 -40.37 14.53
C GLU K 12 -16.53 -40.26 13.70
N LEU K 13 -17.40 -39.32 14.12
CA LEU K 13 -18.51 -38.84 13.31
C LEU K 13 -18.01 -37.82 12.29
N ALA K 14 -18.04 -38.23 11.02
CA ALA K 14 -17.44 -37.51 9.91
C ALA K 14 -17.93 -36.06 9.92
N GLY K 15 -16.97 -35.12 9.98
CA GLY K 15 -17.19 -33.70 9.83
C GLY K 15 -16.09 -33.09 8.95
N ILE K 16 -15.83 -31.79 9.17
CA ILE K 16 -14.81 -31.08 8.41
C ILE K 16 -13.87 -30.33 9.35
N GLY K 17 -12.60 -30.23 8.91
CA GLY K 17 -11.64 -29.38 9.61
C GLY K 17 -11.08 -30.07 10.85
N PRO K 18 -11.31 -29.54 12.06
CA PRO K 18 -10.56 -29.99 13.22
C PRO K 18 -10.82 -31.44 13.64
N GLY K 19 -12.10 -31.85 13.64
CA GLY K 19 -12.46 -33.20 14.05
C GLY K 19 -11.63 -34.23 13.29
N PRO K 20 -11.68 -34.21 11.95
CA PRO K 20 -10.88 -35.14 11.16
C PRO K 20 -9.36 -35.00 11.32
N HIS K 21 -8.89 -33.80 11.71
CA HIS K 21 -7.46 -33.62 11.90
C HIS K 21 -7.07 -34.28 13.22
N ALA K 22 -7.86 -34.07 14.27
CA ALA K 22 -7.65 -34.75 15.53
C ALA K 22 -7.66 -36.28 15.34
N ALA K 23 -8.70 -36.76 14.65
CA ALA K 23 -8.82 -38.18 14.42
C ALA K 23 -7.59 -38.69 13.67
N MET K 24 -7.14 -37.92 12.68
CA MET K 24 -5.97 -38.30 11.92
C MET K 24 -4.77 -38.51 12.86
N ILE K 25 -4.62 -37.62 13.84
CA ILE K 25 -3.40 -37.63 14.64
C ILE K 25 -3.42 -38.83 15.61
N LEU K 26 -4.62 -39.14 16.14
CA LEU K 26 -4.80 -40.33 16.96
C LEU K 26 -4.41 -41.56 16.15
N GLY K 27 -4.95 -41.68 14.92
CA GLY K 27 -4.62 -42.79 14.05
C GLY K 27 -3.13 -42.87 13.71
N ASP K 28 -2.53 -41.70 13.47
CA ASP K 28 -1.12 -41.54 13.21
C ASP K 28 -0.32 -42.21 14.33
N LEU K 29 -0.67 -41.90 15.59
CA LEU K 29 0.02 -42.39 16.77
C LEU K 29 -0.44 -43.80 17.19
N GLY K 30 -1.25 -44.48 16.37
CA GLY K 30 -1.49 -45.92 16.50
C GLY K 30 -2.89 -46.29 16.97
N ALA K 31 -3.71 -45.29 17.34
CA ALA K 31 -5.10 -45.54 17.69
C ALA K 31 -5.86 -46.18 16.52
N ASP K 32 -6.91 -46.94 16.89
CA ASP K 32 -7.78 -47.61 15.93
C ASP K 32 -9.02 -46.73 15.77
N VAL K 33 -9.10 -46.10 14.59
CA VAL K 33 -10.03 -45.02 14.36
C VAL K 33 -11.04 -45.53 13.35
N VAL K 34 -12.31 -45.42 13.75
CA VAL K 34 -13.40 -45.80 12.86
C VAL K 34 -14.24 -44.56 12.65
N ARG K 35 -14.36 -44.21 11.38
CA ARG K 35 -15.07 -43.01 11.00
C ARG K 35 -16.41 -43.37 10.40
N ILE K 36 -17.47 -42.83 10.97
CA ILE K 36 -18.80 -43.05 10.44
C ILE K 36 -19.20 -41.88 9.53
N ASP K 37 -19.34 -42.13 8.21
CA ASP K 37 -19.80 -41.13 7.26
C ASP K 37 -21.16 -41.53 6.68
N ARG K 38 -21.91 -40.56 6.11
CA ARG K 38 -23.18 -40.88 5.48
C ARG K 38 -22.94 -41.67 4.20
N PRO K 39 -23.88 -42.57 3.79
CA PRO K 39 -23.77 -43.23 2.50
C PRO K 39 -23.80 -42.28 1.31
N SER K 40 -24.53 -41.13 1.42
CA SER K 40 -24.46 -40.06 0.42
C SER K 40 -23.00 -39.80 0.00
N SER K 41 -22.07 -39.78 0.97
CA SER K 41 -20.67 -39.53 0.72
C SER K 41 -19.89 -40.85 0.63
N VAL K 42 -19.90 -41.52 -0.54
CA VAL K 42 -19.13 -42.74 -0.76
C VAL K 42 -18.28 -42.53 -2.02
N ASP K 43 -18.79 -42.95 -3.18
CA ASP K 43 -17.99 -43.25 -4.36
C ASP K 43 -17.06 -44.42 -4.06
N GLY K 44 -15.74 -44.17 -4.08
CA GLY K 44 -14.75 -45.20 -3.83
C GLY K 44 -13.83 -44.78 -2.68
N ILE K 45 -12.52 -44.93 -2.89
CA ILE K 45 -11.53 -44.59 -1.87
C ILE K 45 -11.38 -43.06 -1.85
N SER K 46 -11.30 -42.47 -0.64
CA SER K 46 -11.06 -41.05 -0.47
C SER K 46 -9.69 -40.68 -1.04
N ARG K 47 -9.63 -39.57 -1.78
CA ARG K 47 -8.34 -39.05 -2.18
C ARG K 47 -7.92 -37.93 -1.22
N ASP K 48 -8.57 -37.87 -0.03
CA ASP K 48 -8.17 -36.92 1.00
C ASP K 48 -7.18 -37.57 1.97
N ALA K 49 -5.89 -37.22 1.84
CA ALA K 49 -4.85 -37.79 2.67
C ALA K 49 -5.15 -37.53 4.15
N MET K 50 -6.08 -36.64 4.48
CA MET K 50 -6.42 -36.45 5.89
C MET K 50 -7.20 -37.64 6.45
N LEU K 51 -7.76 -38.50 5.58
CA LEU K 51 -8.49 -39.67 6.06
C LEU K 51 -7.57 -40.89 6.12
N ARG K 52 -6.26 -40.65 6.25
CA ARG K 52 -5.29 -41.73 6.41
C ARG K 52 -5.49 -42.31 7.80
N ASN K 53 -4.97 -43.54 8.01
CA ASN K 53 -5.05 -44.21 9.31
C ASN K 53 -6.50 -44.33 9.83
N ARG K 54 -7.42 -44.75 8.96
CA ARG K 54 -8.83 -44.89 9.32
C ARG K 54 -9.42 -46.17 8.73
N ARG K 55 -10.48 -46.68 9.37
CA ARG K 55 -11.45 -47.48 8.64
C ARG K 55 -12.71 -46.64 8.42
N ILE K 56 -13.18 -46.56 7.17
CA ILE K 56 -14.39 -45.79 6.90
C ILE K 56 -15.60 -46.73 6.95
N VAL K 57 -16.67 -46.33 7.65
CA VAL K 57 -17.93 -47.04 7.53
C VAL K 57 -19.08 -46.07 7.21
N THR K 58 -19.97 -46.53 6.33
CA THR K 58 -21.25 -45.89 6.01
C THR K 58 -22.27 -46.23 7.09
N ALA K 59 -23.12 -45.27 7.43
CA ALA K 59 -24.35 -45.54 8.17
C ALA K 59 -25.19 -44.26 8.18
N ASP K 60 -26.47 -44.38 7.85
CA ASP K 60 -27.42 -43.29 7.97
C ASP K 60 -27.87 -43.20 9.43
N LEU K 61 -27.46 -42.13 10.13
CA LEU K 61 -27.68 -42.04 11.57
C LEU K 61 -29.10 -41.58 11.87
N LYS K 62 -29.83 -41.23 10.82
CA LYS K 62 -31.22 -40.85 10.98
C LYS K 62 -32.06 -42.13 11.04
N SER K 63 -31.57 -43.21 10.43
CA SER K 63 -32.28 -44.48 10.42
C SER K 63 -32.10 -45.17 11.76
N ASP K 64 -32.95 -46.17 12.03
CA ASP K 64 -32.92 -46.87 13.30
C ASP K 64 -31.81 -47.90 13.29
N GLN K 65 -31.57 -48.51 12.12
CA GLN K 65 -30.49 -49.47 11.96
C GLN K 65 -29.13 -48.76 12.06
N GLY K 66 -29.01 -47.60 11.37
CA GLY K 66 -27.85 -46.74 11.51
C GLY K 66 -27.57 -46.37 12.98
N LEU K 67 -28.57 -45.83 13.68
CA LEU K 67 -28.34 -45.39 15.05
C LEU K 67 -27.86 -46.58 15.89
N GLU K 68 -28.47 -47.75 15.71
CA GLU K 68 -28.18 -48.85 16.63
C GLU K 68 -26.78 -49.38 16.34
N LEU K 69 -26.42 -49.49 15.06
CA LEU K 69 -25.09 -49.92 14.66
C LEU K 69 -24.03 -48.97 15.20
N ALA K 70 -24.39 -47.70 15.43
CA ALA K 70 -23.44 -46.70 15.85
C ALA K 70 -23.17 -46.86 17.35
N LEU K 71 -24.26 -46.89 18.14
CA LEU K 71 -24.19 -47.09 19.59
C LEU K 71 -23.42 -48.36 19.96
N LYS K 72 -23.36 -49.32 19.04
CA LYS K 72 -22.66 -50.57 19.27
C LYS K 72 -21.15 -50.42 19.08
N LEU K 73 -20.72 -49.67 18.03
CA LEU K 73 -19.33 -49.23 17.92
C LEU K 73 -18.92 -48.47 19.17
N ILE K 74 -19.75 -47.52 19.58
CA ILE K 74 -19.42 -46.60 20.64
C ILE K 74 -19.28 -47.33 21.97
N ALA K 75 -20.10 -48.37 22.15
CA ALA K 75 -20.14 -49.16 23.36
C ALA K 75 -18.76 -49.76 23.66
N LYS K 76 -18.06 -50.19 22.60
CA LYS K 76 -16.78 -50.89 22.64
C LYS K 76 -15.59 -49.94 22.36
N ALA K 77 -15.72 -48.64 22.62
CA ALA K 77 -14.69 -47.68 22.22
C ALA K 77 -14.31 -46.81 23.40
N ASP K 78 -13.15 -46.14 23.28
CA ASP K 78 -12.65 -45.26 24.32
C ASP K 78 -13.07 -43.81 24.10
N VAL K 79 -13.09 -43.43 22.81
CA VAL K 79 -13.24 -42.03 22.46
C VAL K 79 -14.28 -41.87 21.36
N LEU K 80 -15.12 -40.84 21.51
CA LEU K 80 -15.95 -40.37 20.41
C LEU K 80 -15.63 -38.89 20.13
N ILE K 81 -15.50 -38.64 18.83
CA ILE K 81 -15.26 -37.31 18.27
C ILE K 81 -16.49 -36.94 17.43
N GLU K 82 -17.10 -35.80 17.78
CA GLU K 82 -18.08 -35.16 16.93
C GLU K 82 -17.77 -33.67 16.78
N GLY K 83 -18.00 -33.16 15.56
CA GLY K 83 -17.72 -31.77 15.22
C GLY K 83 -18.91 -31.09 14.56
N TYR K 84 -20.12 -31.39 15.08
CA TYR K 84 -21.35 -30.82 14.58
C TYR K 84 -21.77 -29.67 15.47
N ARG K 85 -22.80 -28.90 15.05
CA ARG K 85 -23.27 -27.85 15.94
C ARG K 85 -23.78 -28.52 17.20
N PRO K 86 -23.89 -27.81 18.34
CA PRO K 86 -24.51 -28.35 19.53
C PRO K 86 -25.95 -28.76 19.27
N GLY K 87 -26.40 -29.90 19.82
CA GLY K 87 -27.76 -30.40 19.64
C GLY K 87 -27.81 -31.49 18.57
N VAL K 88 -26.83 -31.50 17.68
CA VAL K 88 -26.92 -32.39 16.53
C VAL K 88 -26.83 -33.84 16.99
N THR K 89 -25.90 -34.13 17.91
CA THR K 89 -25.74 -35.50 18.33
C THR K 89 -26.91 -35.86 19.26
N GLU K 90 -27.28 -34.94 20.15
CA GLU K 90 -28.42 -35.17 21.03
C GLU K 90 -29.62 -35.69 20.23
N ARG K 91 -29.92 -35.04 19.10
CA ARG K 91 -31.12 -35.30 18.31
C ARG K 91 -30.96 -36.59 17.52
N LEU K 92 -29.75 -37.00 17.19
CA LEU K 92 -29.58 -38.31 16.59
C LEU K 92 -29.80 -39.46 17.61
N GLY K 93 -29.91 -39.13 18.90
CA GLY K 93 -29.83 -40.13 19.96
C GLY K 93 -28.40 -40.51 20.33
N LEU K 94 -27.39 -39.73 19.85
CA LEU K 94 -25.97 -40.01 20.05
C LEU K 94 -25.34 -38.99 21.01
N GLY K 95 -26.14 -38.29 21.80
CA GLY K 95 -25.65 -37.26 22.69
C GLY K 95 -24.83 -37.89 23.81
N PRO K 96 -24.16 -37.07 24.66
CA PRO K 96 -23.37 -37.62 25.76
C PRO K 96 -24.14 -38.67 26.57
N GLU K 97 -25.32 -38.31 27.07
CA GLU K 97 -26.04 -39.14 28.05
C GLU K 97 -26.50 -40.48 27.47
N GLU K 98 -27.04 -40.46 26.24
CA GLU K 98 -27.30 -41.69 25.51
C GLU K 98 -26.03 -42.55 25.44
N CYS K 99 -24.90 -41.89 25.20
CA CYS K 99 -23.62 -42.55 25.06
C CYS K 99 -23.19 -43.09 26.44
N ALA K 100 -23.39 -42.29 27.49
CA ALA K 100 -23.07 -42.69 28.85
C ALA K 100 -23.76 -44.01 29.20
N LYS K 101 -25.06 -44.12 28.88
CA LYS K 101 -25.82 -45.33 29.13
C LYS K 101 -25.11 -46.56 28.59
N VAL K 102 -24.54 -46.52 27.38
CA VAL K 102 -23.95 -47.74 26.84
C VAL K 102 -22.46 -47.86 27.19
N ASN K 103 -21.86 -46.93 27.96
CA ASN K 103 -20.40 -46.84 28.04
C ASN K 103 -19.96 -45.66 28.90
N ASP K 104 -19.99 -45.79 30.24
CA ASP K 104 -19.72 -44.69 31.14
C ASP K 104 -18.21 -44.42 31.25
N ARG K 105 -17.41 -45.11 30.42
CA ARG K 105 -15.97 -44.90 30.31
C ARG K 105 -15.61 -44.08 29.06
N LEU K 106 -16.62 -43.57 28.34
CA LEU K 106 -16.38 -42.93 27.05
C LEU K 106 -15.82 -41.54 27.29
N ILE K 107 -14.74 -41.20 26.56
CA ILE K 107 -14.36 -39.79 26.43
C ILE K 107 -15.16 -39.22 25.26
N TYR K 108 -16.01 -38.25 25.58
CA TYR K 108 -16.95 -37.69 24.61
C TYR K 108 -16.43 -36.31 24.18
N ALA K 109 -15.90 -36.25 22.95
CA ALA K 109 -15.12 -35.10 22.49
C ALA K 109 -15.91 -34.24 21.50
N ARG K 110 -16.24 -33.02 21.96
CA ARG K 110 -17.06 -32.09 21.19
C ARG K 110 -16.23 -30.93 20.65
N MET K 111 -15.97 -30.99 19.33
CA MET K 111 -15.17 -30.00 18.58
C MET K 111 -16.08 -28.93 17.95
N THR K 112 -16.18 -27.74 18.57
CA THR K 112 -16.90 -26.63 17.94
C THR K 112 -15.99 -25.41 17.79
N GLY K 113 -16.55 -24.36 17.17
CA GLY K 113 -15.88 -23.09 17.07
C GLY K 113 -16.30 -22.17 18.19
N TRP K 114 -17.61 -22.02 18.38
CA TRP K 114 -18.15 -21.06 19.33
C TRP K 114 -18.38 -21.68 20.71
N GLY K 115 -18.33 -23.01 20.78
CA GLY K 115 -18.66 -23.72 22.01
C GLY K 115 -20.12 -24.20 22.03
N GLN K 116 -20.53 -24.67 23.22
CA GLN K 116 -21.70 -25.50 23.39
C GLN K 116 -22.90 -24.60 23.69
N THR K 117 -22.65 -23.44 24.28
CA THR K 117 -23.73 -22.52 24.59
C THR K 117 -23.32 -21.09 24.25
N GLY K 118 -24.29 -20.18 24.41
CA GLY K 118 -24.11 -18.74 24.34
C GLY K 118 -24.59 -18.20 23.00
N PRO K 119 -24.59 -16.88 22.82
CA PRO K 119 -25.31 -16.24 21.72
C PRO K 119 -24.86 -16.65 20.32
N ARG K 120 -23.65 -17.21 20.15
CA ARG K 120 -23.15 -17.50 18.81
C ARG K 120 -23.10 -19.00 18.59
N SER K 121 -23.60 -19.78 19.57
CA SER K 121 -23.39 -21.21 19.56
C SER K 121 -24.05 -21.92 18.39
N GLN K 122 -25.07 -21.31 17.74
CA GLN K 122 -25.68 -21.96 16.58
C GLN K 122 -25.25 -21.33 15.25
N GLN K 123 -24.37 -20.31 15.27
CA GLN K 123 -23.91 -19.69 14.03
C GLN K 123 -22.90 -20.58 13.32
N ALA K 124 -23.14 -20.83 12.03
CA ALA K 124 -22.14 -21.37 11.14
C ALA K 124 -20.92 -20.46 11.15
N GLY K 125 -19.82 -21.05 10.72
CA GLY K 125 -18.53 -20.40 10.87
C GLY K 125 -17.42 -21.32 10.40
N HIS K 126 -16.30 -20.67 10.11
CA HIS K 126 -15.04 -21.33 9.80
C HIS K 126 -13.90 -20.62 10.54
N ASP K 127 -12.69 -21.14 10.41
CA ASP K 127 -11.55 -20.62 11.13
C ASP K 127 -11.53 -19.08 11.19
N ILE K 128 -11.61 -18.40 10.03
CA ILE K 128 -11.47 -16.96 9.95
C ILE K 128 -12.44 -16.26 10.90
N ASN K 129 -13.64 -16.86 11.10
CA ASN K 129 -14.64 -16.25 11.96
C ASN K 129 -14.27 -16.39 13.44
N TYR K 130 -13.87 -17.59 13.85
CA TYR K 130 -13.53 -17.80 15.27
C TYR K 130 -12.33 -16.94 15.67
N ILE K 131 -11.31 -16.79 14.81
CA ILE K 131 -10.16 -15.97 15.22
C ILE K 131 -10.40 -14.47 15.06
N SER K 132 -11.53 -14.08 14.46
CA SER K 132 -11.78 -12.67 14.29
C SER K 132 -12.35 -12.10 15.59
N LEU K 133 -13.00 -12.93 16.39
CA LEU K 133 -13.73 -12.42 17.54
C LEU K 133 -12.83 -12.27 18.77
N ASN K 134 -11.66 -12.93 18.77
CA ASN K 134 -10.81 -12.95 19.96
C ASN K 134 -9.49 -12.19 19.78
N GLY K 135 -9.38 -11.31 18.76
CA GLY K 135 -8.24 -10.42 18.59
C GLY K 135 -7.12 -10.95 17.70
N ILE K 136 -7.14 -12.22 17.39
CA ILE K 136 -6.04 -12.86 16.69
C ILE K 136 -5.94 -12.31 15.27
N LEU K 137 -7.04 -12.30 14.55
CA LEU K 137 -6.97 -11.99 13.12
C LEU K 137 -6.53 -10.54 12.96
N HIS K 138 -7.05 -9.70 13.84
CA HIS K 138 -6.77 -8.29 13.79
C HIS K 138 -5.26 -8.07 13.86
N ALA K 139 -4.51 -9.00 14.46
CA ALA K 139 -3.09 -8.81 14.72
C ALA K 139 -2.19 -9.26 13.57
N ILE K 140 -2.75 -9.86 12.52
CA ILE K 140 -1.97 -10.53 11.52
C ILE K 140 -2.03 -9.75 10.22
N GLY K 141 -0.83 -9.48 9.65
CA GLY K 141 -0.69 -8.79 8.39
C GLY K 141 0.06 -7.47 8.55
N ARG K 142 0.30 -6.80 7.41
CA ARG K 142 0.95 -5.50 7.40
C ARG K 142 0.00 -4.44 7.97
N GLY K 143 0.60 -3.41 8.59
CA GLY K 143 -0.13 -2.33 9.24
C GLY K 143 -0.93 -1.49 8.25
N ASP K 144 -0.47 -1.40 7.01
CA ASP K 144 -1.08 -0.53 6.01
C ASP K 144 -2.18 -1.25 5.23
N GLU K 145 -2.60 -2.44 5.66
CA GLU K 145 -3.47 -3.28 4.87
C GLU K 145 -4.48 -4.01 5.76
N ARG K 146 -5.45 -4.66 5.12
CA ARG K 146 -6.46 -5.35 5.90
C ARG K 146 -5.85 -6.65 6.41
N PRO K 147 -6.32 -7.16 7.55
CA PRO K 147 -5.74 -8.36 8.13
C PRO K 147 -5.79 -9.54 7.17
N VAL K 148 -4.80 -10.41 7.29
CA VAL K 148 -4.67 -11.50 6.36
C VAL K 148 -4.84 -12.81 7.13
N PRO K 149 -5.67 -13.74 6.64
CA PRO K 149 -5.90 -14.97 7.34
C PRO K 149 -4.67 -15.86 7.30
N PRO K 150 -4.25 -16.40 8.44
CA PRO K 150 -3.12 -17.31 8.47
C PRO K 150 -3.53 -18.71 8.05
N LEU K 151 -4.01 -18.80 6.81
CA LEU K 151 -4.72 -19.97 6.36
C LEU K 151 -5.74 -20.30 7.46
N ASN K 152 -6.03 -21.61 7.63
CA ASN K 152 -6.89 -22.05 8.71
C ASN K 152 -6.04 -22.76 9.78
N LEU K 153 -4.82 -22.27 10.02
CA LEU K 153 -3.90 -22.98 10.90
C LEU K 153 -4.19 -22.68 12.36
N VAL K 154 -4.72 -21.49 12.69
CA VAL K 154 -4.76 -21.09 14.08
C VAL K 154 -6.05 -21.52 14.77
N GLY K 155 -7.18 -21.41 14.07
CA GLY K 155 -8.50 -21.72 14.65
C GLY K 155 -8.81 -23.22 14.57
N ASP K 156 -8.76 -23.74 13.35
CA ASP K 156 -9.04 -25.13 13.03
C ASP K 156 -8.05 -26.09 13.70
N PHE K 157 -6.73 -25.85 13.56
CA PHE K 157 -5.74 -26.84 13.95
C PHE K 157 -5.08 -26.46 15.27
N GLY K 158 -4.22 -25.44 15.26
CA GLY K 158 -3.50 -24.99 16.46
C GLY K 158 -4.40 -24.79 17.66
N GLY K 159 -5.52 -24.13 17.43
CA GLY K 159 -6.40 -23.75 18.50
C GLY K 159 -7.65 -24.65 18.53
N GLY K 160 -7.69 -25.63 17.65
CA GLY K 160 -8.88 -26.44 17.45
C GLY K 160 -8.61 -27.91 17.74
N SER K 161 -8.23 -28.62 16.69
CA SER K 161 -7.88 -30.02 16.79
C SER K 161 -6.88 -30.27 17.91
N MET K 162 -5.89 -29.38 18.12
CA MET K 162 -4.81 -29.73 19.03
C MET K 162 -5.33 -29.67 20.46
N PHE K 163 -6.26 -28.75 20.74
CA PHE K 163 -6.86 -28.68 22.04
C PHE K 163 -7.84 -29.84 22.27
N LEU K 164 -8.51 -30.29 21.22
CA LEU K 164 -9.37 -31.45 21.38
C LEU K 164 -8.50 -32.63 21.79
N LEU K 165 -7.37 -32.80 21.08
CA LEU K 165 -6.42 -33.87 21.33
C LEU K 165 -5.95 -33.81 22.79
N VAL K 166 -5.60 -32.61 23.26
CA VAL K 166 -5.10 -32.44 24.62
C VAL K 166 -6.19 -32.86 25.60
N GLY K 167 -7.43 -32.42 25.37
CA GLY K 167 -8.53 -32.74 26.25
C GLY K 167 -8.82 -34.25 26.28
N ILE K 168 -8.80 -34.89 25.13
CA ILE K 168 -9.06 -36.31 25.04
C ILE K 168 -8.01 -37.09 25.86
N LEU K 169 -6.72 -36.83 25.54
CA LEU K 169 -5.63 -37.55 26.15
C LEU K 169 -5.58 -37.18 27.62
N ALA K 170 -5.87 -35.93 27.97
CA ALA K 170 -5.91 -35.58 29.38
C ALA K 170 -7.02 -36.35 30.11
N ALA K 171 -8.18 -36.50 29.46
CA ALA K 171 -9.30 -37.13 30.13
C ALA K 171 -9.05 -38.63 30.27
N LEU K 172 -8.33 -39.24 29.31
CA LEU K 172 -7.89 -40.62 29.39
C LEU K 172 -6.96 -40.85 30.59
N TRP K 173 -6.19 -39.83 30.98
CA TRP K 173 -5.36 -39.90 32.15
C TRP K 173 -6.25 -39.85 33.40
N GLU K 174 -7.22 -38.95 33.41
CA GLU K 174 -8.08 -38.77 34.57
C GLU K 174 -8.87 -40.07 34.83
N ARG K 175 -9.24 -40.73 33.73
CA ARG K 175 -10.02 -41.96 33.72
C ARG K 175 -9.26 -43.11 34.42
N GLN K 176 -7.92 -43.12 34.27
CA GLN K 176 -7.11 -44.21 34.82
C GLN K 176 -7.34 -44.26 36.33
N SER K 177 -7.63 -43.11 36.96
CA SER K 177 -7.82 -42.97 38.38
C SER K 177 -9.30 -42.99 38.82
N SER K 178 -10.24 -42.60 37.94
CA SER K 178 -11.62 -42.37 38.34
C SER K 178 -12.53 -43.53 37.95
N GLY K 179 -12.12 -44.32 36.94
CA GLY K 179 -12.93 -45.35 36.33
C GLY K 179 -13.92 -44.85 35.27
N LYS K 180 -14.10 -43.52 35.12
CA LYS K 180 -15.20 -42.96 34.31
C LYS K 180 -14.69 -42.06 33.17
N GLY K 181 -15.51 -42.00 32.10
CA GLY K 181 -15.36 -41.05 31.02
C GLY K 181 -15.89 -39.66 31.39
N GLN K 182 -16.03 -38.80 30.37
CA GLN K 182 -16.51 -37.42 30.55
C GLN K 182 -16.48 -36.70 29.19
N VAL K 183 -17.01 -35.47 29.21
CA VAL K 183 -17.23 -34.71 27.98
C VAL K 183 -16.12 -33.66 27.87
N VAL K 184 -15.43 -33.70 26.71
CA VAL K 184 -14.51 -32.65 26.36
C VAL K 184 -15.18 -31.65 25.41
N ASP K 185 -15.24 -30.41 25.89
CA ASP K 185 -15.77 -29.26 25.18
C ASP K 185 -14.62 -28.40 24.64
N ALA K 186 -14.20 -28.68 23.39
CA ALA K 186 -13.16 -27.93 22.71
C ALA K 186 -13.77 -26.91 21.73
N ALA K 187 -13.70 -25.62 22.11
CA ALA K 187 -14.15 -24.54 21.25
C ALA K 187 -12.94 -23.78 20.68
N MET K 188 -12.89 -23.66 19.34
CA MET K 188 -11.80 -23.00 18.64
C MET K 188 -11.58 -21.59 19.17
N VAL K 189 -12.63 -20.93 19.64
CA VAL K 189 -12.44 -19.59 20.15
C VAL K 189 -11.70 -19.56 21.49
N ASP K 190 -11.75 -20.68 22.24
CA ASP K 190 -11.03 -20.79 23.49
C ASP K 190 -9.59 -21.26 23.22
N GLY K 191 -9.47 -22.38 22.50
CA GLY K 191 -8.21 -23.00 22.13
C GLY K 191 -7.25 -21.97 21.52
N SER K 192 -7.76 -21.19 20.56
CA SER K 192 -6.92 -20.23 19.86
C SER K 192 -6.53 -19.09 20.81
N SER K 193 -7.39 -18.69 21.73
CA SER K 193 -7.05 -17.70 22.73
C SER K 193 -5.92 -18.20 23.67
N VAL K 194 -5.93 -19.47 24.06
CA VAL K 194 -4.83 -19.99 24.89
C VAL K 194 -3.58 -20.09 24.02
N LEU K 195 -3.76 -20.44 22.74
CA LEU K 195 -2.66 -20.54 21.80
C LEU K 195 -1.89 -19.22 21.74
N ILE K 196 -2.60 -18.10 21.92
CA ILE K 196 -1.98 -16.77 21.75
C ILE K 196 -1.75 -16.15 23.12
N GLN K 197 -1.60 -16.97 24.17
CA GLN K 197 -1.47 -16.43 25.51
C GLN K 197 -0.23 -15.54 25.64
N MET K 198 0.83 -15.81 24.88
CA MET K 198 2.03 -14.98 24.96
C MET K 198 1.68 -13.53 24.62
N MET K 199 0.81 -13.33 23.62
CA MET K 199 0.47 -11.96 23.24
C MET K 199 -0.30 -11.27 24.35
N TRP K 200 -1.19 -12.01 25.03
CA TRP K 200 -1.91 -11.40 26.13
C TRP K 200 -0.95 -11.11 27.30
N ALA K 201 0.08 -11.95 27.45
CA ALA K 201 1.09 -11.73 28.50
C ALA K 201 1.87 -10.45 28.22
N MET K 202 2.31 -10.29 26.97
CA MET K 202 3.06 -9.12 26.56
C MET K 202 2.18 -7.86 26.66
N ARG K 203 0.94 -7.97 26.22
CA ARG K 203 0.06 -6.82 26.26
C ARG K 203 -0.06 -6.30 27.69
N ALA K 204 -0.05 -7.21 28.66
CA ALA K 204 -0.25 -6.86 30.05
C ALA K 204 0.91 -6.05 30.61
N THR K 205 2.12 -6.27 30.08
CA THR K 205 3.30 -5.58 30.55
C THR K 205 3.78 -4.52 29.55
N GLY K 206 2.91 -4.05 28.65
CA GLY K 206 3.27 -2.95 27.77
C GLY K 206 4.18 -3.35 26.61
N MET K 207 4.28 -4.65 26.32
CA MET K 207 5.22 -5.14 25.34
C MET K 207 4.49 -5.58 24.07
N TRP K 208 3.21 -5.24 23.95
CA TRP K 208 2.48 -5.58 22.74
C TRP K 208 1.34 -4.61 22.55
N THR K 209 1.23 -3.98 21.37
CA THR K 209 0.14 -3.04 21.14
C THR K 209 -0.78 -3.59 20.06
N ASP K 210 -1.98 -3.02 20.04
CA ASP K 210 -3.04 -3.48 19.17
C ASP K 210 -2.83 -2.97 17.76
N THR K 211 -1.84 -2.11 17.53
CA THR K 211 -1.53 -1.63 16.19
C THR K 211 -0.86 -2.75 15.41
N ARG K 212 -1.46 -3.10 14.27
CA ARG K 212 -0.95 -4.18 13.45
C ARG K 212 0.36 -3.74 12.80
N GLY K 213 1.34 -4.66 12.73
CA GLY K 213 2.59 -4.42 12.04
C GLY K 213 3.56 -3.55 12.84
N ALA K 214 3.38 -3.47 14.15
CA ALA K 214 4.20 -2.62 15.00
C ALA K 214 4.71 -3.37 16.22
N ASN K 215 4.89 -4.69 16.12
CA ASN K 215 5.32 -5.45 17.26
C ASN K 215 6.58 -6.25 16.90
N MET K 216 7.12 -6.89 17.92
CA MET K 216 8.35 -7.65 17.77
C MET K 216 8.15 -8.86 16.88
N LEU K 217 6.96 -9.47 16.94
CA LEU K 217 6.71 -10.77 16.32
C LEU K 217 5.67 -10.77 15.18
N ASP K 218 5.17 -9.59 14.76
CA ASP K 218 4.10 -9.53 13.75
C ASP K 218 4.64 -9.10 12.39
N GLY K 219 5.97 -8.92 12.31
CA GLY K 219 6.59 -8.40 11.11
C GLY K 219 7.03 -6.93 11.25
N GLY K 220 6.62 -6.24 12.29
CA GLY K 220 7.06 -4.86 12.52
C GLY K 220 8.56 -4.75 12.82
N ALA K 221 9.16 -5.75 13.52
CA ALA K 221 10.59 -5.65 13.83
C ALA K 221 11.38 -6.01 12.59
N PRO K 222 12.39 -5.20 12.21
CA PRO K 222 13.22 -5.51 11.06
C PRO K 222 14.05 -6.77 11.22
N TYR K 223 14.25 -7.20 12.47
CA TYR K 223 14.97 -8.44 12.71
C TYR K 223 14.06 -9.68 12.85
N TYR K 224 12.75 -9.51 12.67
CA TYR K 224 11.83 -10.64 12.66
C TYR K 224 10.80 -10.44 11.54
N ASP K 225 11.16 -10.88 10.34
CA ASP K 225 10.43 -10.54 9.13
C ASP K 225 11.10 -11.25 7.95
N THR K 226 10.42 -11.26 6.79
CA THR K 226 11.00 -11.77 5.56
C THR K 226 11.61 -10.62 4.78
N TYR K 227 12.54 -10.98 3.90
CA TYR K 227 13.19 -10.04 3.01
C TYR K 227 13.24 -10.65 1.62
N GLU K 228 13.04 -9.83 0.59
CA GLU K 228 13.15 -10.30 -0.77
C GLU K 228 14.61 -10.26 -1.18
N CYS K 229 15.04 -11.27 -1.95
CA CYS K 229 16.42 -11.37 -2.41
C CYS K 229 16.50 -10.97 -3.88
N ALA K 230 17.70 -11.01 -4.43
CA ALA K 230 17.96 -10.55 -5.77
C ALA K 230 17.16 -11.33 -6.80
N ASP K 231 16.80 -12.59 -6.49
CA ASP K 231 16.15 -13.46 -7.45
C ASP K 231 14.62 -13.41 -7.28
N GLY K 232 14.10 -12.50 -6.47
CA GLY K 232 12.67 -12.46 -6.20
C GLY K 232 12.21 -13.54 -5.21
N ARG K 233 13.10 -14.40 -4.69
CA ARG K 233 12.76 -15.33 -3.61
C ARG K 233 13.03 -14.69 -2.25
N TYR K 234 12.73 -15.38 -1.14
CA TYR K 234 12.71 -14.72 0.17
C TYR K 234 13.57 -15.47 1.17
N VAL K 235 14.06 -14.70 2.15
CA VAL K 235 14.61 -15.26 3.36
C VAL K 235 13.80 -14.75 4.52
N ALA K 236 13.89 -15.50 5.61
CA ALA K 236 13.33 -15.13 6.89
C ALA K 236 14.47 -14.88 7.85
N VAL K 237 14.27 -13.82 8.65
CA VAL K 237 15.18 -13.35 9.66
C VAL K 237 14.43 -13.40 10.97
N GLY K 238 15.04 -14.04 11.97
CA GLY K 238 14.39 -14.17 13.27
C GLY K 238 15.37 -13.91 14.41
N ALA K 239 16.25 -12.93 14.22
CA ALA K 239 17.39 -12.76 15.10
C ALA K 239 17.01 -11.86 16.25
N ILE K 240 16.29 -12.39 17.23
CA ILE K 240 15.76 -11.62 18.35
C ILE K 240 16.89 -11.29 19.34
N GLU K 241 17.66 -12.31 19.71
CA GLU K 241 18.71 -12.15 20.72
C GLU K 241 19.82 -11.26 20.16
N PRO K 242 20.38 -10.35 20.95
CA PRO K 242 21.43 -9.46 20.45
C PRO K 242 22.60 -10.15 19.73
N GLN K 243 23.05 -11.33 20.21
CA GLN K 243 24.26 -11.94 19.68
C GLN K 243 23.97 -12.48 18.27
N PHE K 244 22.74 -13.02 18.14
CA PHE K 244 22.28 -13.57 16.88
C PHE K 244 22.10 -12.44 15.88
N TYR K 245 21.56 -11.32 16.36
CA TYR K 245 21.36 -10.16 15.49
C TYR K 245 22.72 -9.66 15.00
N ALA K 246 23.69 -9.55 15.92
CA ALA K 246 25.06 -9.14 15.55
C ALA K 246 25.69 -10.04 14.50
N ALA K 247 25.50 -11.36 14.63
CA ALA K 247 26.04 -12.28 13.63
C ALA K 247 25.37 -12.04 12.30
N MET K 248 24.06 -11.74 12.32
CA MET K 248 23.36 -11.51 11.05
C MET K 248 23.93 -10.27 10.34
N LEU K 249 24.07 -9.16 11.08
CA LEU K 249 24.62 -7.92 10.50
C LEU K 249 25.98 -8.17 9.85
N ALA K 250 26.87 -8.89 10.56
CA ALA K 250 28.21 -9.14 10.03
C ALA K 250 28.14 -9.97 8.75
N GLY K 251 27.21 -10.92 8.73
CA GLY K 251 27.07 -11.76 7.55
C GLY K 251 26.60 -10.98 6.33
N LEU K 252 25.90 -9.86 6.58
CA LEU K 252 25.46 -8.97 5.49
C LEU K 252 26.54 -7.95 5.13
N GLY K 253 27.65 -7.96 5.86
CA GLY K 253 28.70 -6.97 5.60
C GLY K 253 28.34 -5.61 6.20
N LEU K 254 27.48 -5.57 7.23
CA LEU K 254 27.04 -4.31 7.79
C LEU K 254 27.74 -4.12 9.11
N ASP K 255 28.24 -2.90 9.31
CA ASP K 255 28.96 -2.53 10.51
C ASP K 255 27.95 -1.96 11.48
N ALA K 256 27.72 -2.67 12.58
CA ALA K 256 26.73 -2.30 13.57
C ALA K 256 26.95 -0.88 14.08
N ALA K 257 28.19 -0.41 14.01
CA ALA K 257 28.55 0.91 14.50
C ALA K 257 27.81 1.97 13.71
N GLU K 258 27.54 1.68 12.42
CA GLU K 258 26.90 2.59 11.48
C GLU K 258 25.38 2.48 11.48
N LEU K 259 24.78 1.67 12.36
CA LEU K 259 23.36 1.36 12.27
C LEU K 259 22.70 1.90 13.53
N PRO K 260 21.38 2.22 13.48
CA PRO K 260 20.65 2.50 14.70
C PRO K 260 20.54 1.27 15.59
N PRO K 261 20.24 1.47 16.89
CA PRO K 261 20.02 0.37 17.81
C PRO K 261 18.96 -0.62 17.34
N GLN K 262 19.21 -1.91 17.60
CA GLN K 262 18.30 -2.99 17.23
C GLN K 262 16.86 -2.65 17.61
N ASN K 263 16.63 -2.17 18.84
CA ASN K 263 15.28 -1.99 19.37
C ASN K 263 14.94 -0.52 19.57
N ASP K 264 15.58 0.39 18.83
CA ASP K 264 15.07 1.76 18.74
C ASP K 264 13.95 1.81 17.69
N ARG K 265 12.70 1.72 18.14
CA ARG K 265 11.59 1.50 17.22
C ARG K 265 11.40 2.70 16.28
N ALA K 266 11.76 3.90 16.74
CA ALA K 266 11.62 5.11 15.94
C ALA K 266 12.44 5.00 14.67
N ARG K 267 13.53 4.22 14.71
CA ARG K 267 14.44 4.16 13.59
C ARG K 267 14.29 2.84 12.86
N TRP K 268 13.25 2.08 13.22
CA TRP K 268 13.03 0.81 12.56
C TRP K 268 12.93 0.98 11.04
N PRO K 269 12.17 1.97 10.50
CA PRO K 269 12.09 2.14 9.06
C PRO K 269 13.48 2.24 8.44
N GLU K 270 14.34 3.02 9.08
CA GLU K 270 15.70 3.24 8.59
C GLU K 270 16.48 1.93 8.61
N LEU K 271 16.34 1.17 9.69
CA LEU K 271 17.02 -0.11 9.82
C LEU K 271 16.57 -1.10 8.75
N ARG K 272 15.25 -1.19 8.59
CA ARG K 272 14.65 -2.07 7.60
C ARG K 272 15.21 -1.77 6.21
N ALA K 273 15.37 -0.46 5.92
CA ALA K 273 15.78 -0.05 4.60
C ALA K 273 17.21 -0.54 4.35
N LEU K 274 18.06 -0.48 5.37
CA LEU K 274 19.44 -0.96 5.21
C LEU K 274 19.51 -2.48 5.01
N LEU K 275 18.71 -3.25 5.79
CA LEU K 275 18.63 -4.69 5.63
C LEU K 275 18.03 -5.07 4.27
N THR K 276 16.99 -4.34 3.84
CA THR K 276 16.38 -4.57 2.54
C THR K 276 17.40 -4.49 1.41
N GLU K 277 18.19 -3.43 1.42
CA GLU K 277 19.22 -3.25 0.40
C GLU K 277 20.26 -4.36 0.49
N ALA K 278 20.65 -4.77 1.70
CA ALA K 278 21.63 -5.83 1.82
C ALA K 278 21.11 -7.17 1.25
N PHE K 279 19.93 -7.63 1.69
CA PHE K 279 19.38 -8.90 1.25
C PHE K 279 19.08 -8.89 -0.25
N ALA K 280 18.69 -7.73 -0.80
CA ALA K 280 18.36 -7.61 -2.22
C ALA K 280 19.62 -7.75 -3.08
N SER K 281 20.82 -7.70 -2.49
CA SER K 281 22.03 -7.71 -3.28
C SER K 281 22.44 -9.13 -3.73
N HIS K 282 21.82 -10.18 -3.18
CA HIS K 282 22.20 -11.54 -3.54
C HIS K 282 20.95 -12.42 -3.53
N ASP K 283 21.08 -13.65 -4.02
CA ASP K 283 19.91 -14.49 -4.18
C ASP K 283 19.72 -15.35 -2.94
N ARG K 284 18.52 -15.92 -2.84
CA ARG K 284 18.15 -16.69 -1.67
C ARG K 284 19.21 -17.76 -1.37
N ASP K 285 19.64 -18.50 -2.39
CA ASP K 285 20.56 -19.58 -2.10
C ASP K 285 21.90 -19.01 -1.62
N HIS K 286 22.28 -17.79 -2.01
CA HIS K 286 23.50 -17.20 -1.50
C HIS K 286 23.38 -17.06 0.01
N TRP K 287 22.25 -16.52 0.48
CA TRP K 287 22.12 -16.27 1.91
C TRP K 287 22.06 -17.58 2.68
N GLY K 288 21.45 -18.62 2.06
CA GLY K 288 21.37 -19.95 2.66
C GLY K 288 22.77 -20.50 2.91
N ALA K 289 23.65 -20.38 1.92
CA ALA K 289 25.04 -20.80 2.05
C ALA K 289 25.80 -19.99 3.13
N VAL K 290 25.72 -18.65 3.04
CA VAL K 290 26.43 -17.75 3.94
C VAL K 290 26.04 -18.00 5.40
N PHE K 291 24.79 -18.32 5.66
CA PHE K 291 24.39 -18.40 7.05
C PHE K 291 24.22 -19.83 7.52
N ALA K 292 24.53 -20.82 6.67
CA ALA K 292 24.57 -22.20 7.16
C ALA K 292 25.54 -22.29 8.35
N ASN K 293 25.11 -23.05 9.36
CA ASN K 293 25.87 -23.33 10.57
C ASN K 293 26.00 -22.09 11.45
N SER K 294 25.28 -20.99 11.16
CA SER K 294 25.37 -19.83 12.03
C SER K 294 24.14 -19.72 12.89
N ASP K 295 24.28 -18.87 13.91
CA ASP K 295 23.22 -18.45 14.80
C ASP K 295 22.57 -17.11 14.38
N ALA K 296 22.69 -16.77 13.10
CA ALA K 296 22.16 -15.53 12.56
C ALA K 296 20.63 -15.57 12.40
N CYS K 297 20.00 -16.75 12.46
CA CYS K 297 18.55 -16.93 12.39
C CYS K 297 18.03 -16.43 11.04
N VAL K 298 18.75 -16.79 9.97
CA VAL K 298 18.33 -16.50 8.61
C VAL K 298 18.07 -17.83 7.92
N THR K 299 16.88 -18.03 7.31
CA THR K 299 16.58 -19.28 6.62
C THR K 299 15.95 -18.94 5.27
N PRO K 300 16.10 -19.83 4.27
CA PRO K 300 15.39 -19.69 3.00
C PRO K 300 13.92 -19.97 3.20
N VAL K 301 13.09 -19.13 2.57
CA VAL K 301 11.65 -19.32 2.65
C VAL K 301 11.27 -20.23 1.49
N LEU K 302 11.01 -21.50 1.79
CA LEU K 302 10.75 -22.47 0.73
C LEU K 302 9.24 -22.58 0.48
N ALA K 303 8.91 -22.67 -0.80
CA ALA K 303 7.59 -23.07 -1.24
C ALA K 303 7.45 -24.58 -1.07
N PHE K 304 6.21 -25.05 -0.80
CA PHE K 304 5.86 -26.47 -0.68
C PHE K 304 6.64 -27.33 -1.68
N GLY K 305 6.61 -26.95 -2.98
CA GLY K 305 7.19 -27.74 -4.05
C GLY K 305 8.72 -27.91 -3.93
N GLU K 306 9.38 -27.04 -3.16
CA GLU K 306 10.82 -27.11 -2.98
C GLU K 306 11.22 -27.86 -1.72
N VAL K 307 10.28 -28.11 -0.80
CA VAL K 307 10.61 -28.65 0.52
C VAL K 307 11.27 -30.03 0.43
N HIS K 308 10.86 -30.85 -0.56
CA HIS K 308 11.36 -32.20 -0.74
C HIS K 308 12.86 -32.21 -1.07
N ASN K 309 13.40 -31.09 -1.54
CA ASN K 309 14.80 -30.98 -1.93
C ASN K 309 15.68 -30.33 -0.86
N GLU K 310 15.19 -30.14 0.37
CA GLU K 310 15.97 -29.49 1.41
C GLU K 310 16.62 -30.55 2.31
N PRO K 311 17.96 -30.55 2.41
CA PRO K 311 18.67 -31.57 3.17
C PRO K 311 18.10 -31.84 4.54
N HIS K 312 17.81 -30.78 5.31
CA HIS K 312 17.36 -30.98 6.68
C HIS K 312 16.01 -31.68 6.69
N ILE K 313 15.18 -31.43 5.67
CA ILE K 313 13.87 -32.08 5.59
C ILE K 313 14.07 -33.56 5.18
N ILE K 314 14.88 -33.81 4.16
CA ILE K 314 15.12 -35.15 3.63
C ILE K 314 15.64 -36.06 4.73
N GLU K 315 16.74 -35.64 5.37
CA GLU K 315 17.50 -36.47 6.29
C GLU K 315 16.75 -36.76 7.59
N ARG K 316 15.76 -35.96 7.98
CA ARG K 316 14.99 -36.31 9.17
C ARG K 316 13.65 -37.00 8.83
N ASN K 317 13.37 -37.19 7.53
CA ASN K 317 12.19 -37.94 7.10
C ASN K 317 10.93 -37.28 7.69
N THR K 318 10.86 -35.95 7.61
CA THR K 318 9.66 -35.23 8.05
C THR K 318 8.48 -35.60 7.13
N PHE K 319 8.76 -35.97 5.87
CA PHE K 319 7.76 -36.31 4.88
C PHE K 319 7.97 -37.71 4.31
N TYR K 320 6.87 -38.31 3.80
CA TYR K 320 6.91 -39.53 2.99
C TYR K 320 6.08 -39.28 1.73
N GLU K 321 6.34 -40.05 0.67
CA GLU K 321 5.58 -39.94 -0.56
C GLU K 321 4.33 -40.81 -0.56
N ALA K 322 3.24 -40.29 -1.12
CA ALA K 322 1.95 -40.96 -1.10
C ALA K 322 1.16 -40.55 -2.36
N ASN K 323 1.09 -41.43 -3.35
CA ASN K 323 0.21 -41.24 -4.50
C ASN K 323 0.34 -39.81 -5.04
N GLY K 324 1.42 -39.55 -5.81
CA GLY K 324 1.66 -38.25 -6.44
C GLY K 324 1.54 -37.08 -5.46
N GLY K 325 2.39 -37.06 -4.43
CA GLY K 325 2.40 -35.96 -3.48
C GLY K 325 2.98 -36.35 -2.12
N TRP K 326 3.83 -35.46 -1.58
CA TRP K 326 4.42 -35.65 -0.26
C TRP K 326 3.40 -35.34 0.81
N GLN K 327 3.57 -35.99 1.96
CA GLN K 327 2.71 -35.79 3.10
C GLN K 327 3.58 -35.84 4.34
N PRO K 328 3.22 -35.17 5.44
CA PRO K 328 4.00 -35.23 6.68
C PRO K 328 3.86 -36.53 7.44
N MET K 329 5.00 -37.02 7.93
CA MET K 329 5.07 -38.17 8.81
C MET K 329 4.52 -37.73 10.15
N PRO K 330 4.03 -38.68 10.98
CA PRO K 330 3.47 -38.35 12.27
C PRO K 330 4.42 -37.56 13.15
N ALA K 331 3.80 -36.80 14.06
CA ALA K 331 4.50 -35.97 15.01
C ALA K 331 3.64 -35.94 16.27
N PRO K 332 4.24 -35.83 17.48
CA PRO K 332 5.70 -35.85 17.60
C PRO K 332 6.28 -37.26 17.41
N ARG K 333 7.58 -37.43 17.72
CA ARG K 333 8.26 -38.73 17.57
C ARG K 333 8.54 -39.34 18.93
N PHE K 334 8.67 -40.67 18.94
CA PHE K 334 8.75 -41.43 20.18
C PHE K 334 9.92 -42.41 20.08
N SER K 335 10.74 -42.54 21.14
CA SER K 335 11.93 -43.39 21.10
C SER K 335 11.57 -44.88 21.16
N ARG K 336 10.54 -45.24 21.95
CA ARG K 336 10.27 -46.65 22.20
C ARG K 336 9.13 -47.14 21.30
N THR K 337 7.95 -46.51 21.40
CA THR K 337 6.78 -46.92 20.61
C THR K 337 6.59 -45.96 19.44
N ALA K 338 7.38 -46.14 18.38
CA ALA K 338 7.45 -45.22 17.26
C ALA K 338 6.29 -45.46 16.31
N SER K 339 5.78 -44.37 15.74
CA SER K 339 4.65 -44.47 14.83
C SER K 339 5.13 -45.04 13.51
N SER K 340 4.27 -45.65 12.72
CA SER K 340 4.72 -46.05 11.39
C SER K 340 4.20 -45.09 10.31
N GLN K 341 4.69 -45.30 9.08
CA GLN K 341 4.18 -44.61 7.91
C GLN K 341 2.65 -44.74 7.86
N PRO K 342 1.88 -43.64 7.75
CA PRO K 342 0.43 -43.73 7.72
C PRO K 342 -0.12 -44.72 6.69
N ARG K 343 -1.25 -45.35 7.03
CA ARG K 343 -1.94 -46.16 6.03
C ARG K 343 -2.80 -45.22 5.19
N PRO K 344 -2.74 -45.35 3.84
CA PRO K 344 -3.56 -44.51 2.97
C PRO K 344 -5.06 -44.79 3.17
N PRO K 345 -5.96 -43.85 2.82
CA PRO K 345 -7.38 -43.98 3.17
C PRO K 345 -8.00 -45.33 2.76
N ALA K 346 -8.75 -45.94 3.69
CA ALA K 346 -9.27 -47.29 3.48
C ALA K 346 -10.27 -47.28 2.33
N ALA K 347 -10.54 -48.46 1.76
CA ALA K 347 -11.82 -48.70 1.12
C ALA K 347 -12.89 -48.84 2.21
N THR K 348 -14.15 -48.59 1.85
CA THR K 348 -15.25 -48.63 2.80
C THR K 348 -15.26 -50.01 3.46
N ILE K 349 -15.07 -50.04 4.77
CA ILE K 349 -15.23 -51.27 5.52
C ILE K 349 -16.70 -51.36 5.92
N ASP K 350 -17.15 -52.58 6.24
CA ASP K 350 -18.52 -52.82 6.64
C ASP K 350 -18.62 -52.85 8.16
N ILE K 351 -19.63 -52.17 8.71
CA ILE K 351 -19.65 -51.88 10.14
C ILE K 351 -19.77 -53.16 10.97
N GLU K 352 -20.51 -54.16 10.48
CA GLU K 352 -20.59 -55.45 11.16
C GLU K 352 -19.20 -56.09 11.27
N ALA K 353 -18.41 -56.08 10.18
CA ALA K 353 -17.02 -56.56 10.19
C ALA K 353 -16.22 -55.92 11.34
N VAL K 354 -16.43 -54.62 11.61
CA VAL K 354 -15.70 -53.90 12.65
C VAL K 354 -16.16 -54.38 14.02
N LEU K 355 -17.47 -54.54 14.21
CA LEU K 355 -18.01 -55.03 15.48
C LEU K 355 -17.51 -56.45 15.78
N THR K 356 -17.42 -57.28 14.73
CA THR K 356 -16.79 -58.60 14.83
C THR K 356 -15.39 -58.41 15.42
N ASP K 357 -14.54 -57.72 14.63
CA ASP K 357 -13.14 -57.50 14.93
C ASP K 357 -12.98 -56.93 16.34
N TRP K 358 -13.81 -55.95 16.71
CA TRP K 358 -13.92 -55.52 18.09
C TRP K 358 -14.71 -56.58 18.87
N ASP K 359 -13.98 -57.64 19.25
CA ASP K 359 -14.46 -58.77 20.04
C ASP K 359 -15.83 -59.23 19.51
N MET L 1 -5.83 -29.84 43.69
CA MET L 1 -5.63 -29.21 42.36
C MET L 1 -6.71 -29.67 41.36
N ALA L 2 -7.54 -28.72 40.89
CA ALA L 2 -8.66 -28.98 39.99
C ALA L 2 -8.18 -29.32 38.57
N GLY L 3 -8.89 -30.24 37.93
CA GLY L 3 -8.79 -30.43 36.49
C GLY L 3 -8.32 -31.84 36.22
N PRO L 4 -8.37 -32.30 34.96
CA PRO L 4 -8.18 -33.72 34.67
C PRO L 4 -6.76 -34.23 34.88
N LEU L 5 -5.81 -33.31 35.01
CA LEU L 5 -4.41 -33.71 35.10
C LEU L 5 -3.96 -33.69 36.56
N SER L 6 -4.89 -33.44 37.49
CA SER L 6 -4.58 -33.52 38.92
C SER L 6 -3.72 -34.76 39.21
N GLY L 7 -2.69 -34.58 40.04
CA GLY L 7 -1.80 -35.68 40.34
C GLY L 7 -0.61 -35.84 39.39
N LEU L 8 -0.65 -35.23 38.20
CA LEU L 8 0.48 -35.36 37.27
C LEU L 8 1.58 -34.43 37.76
N ARG L 9 2.82 -34.96 37.84
CA ARG L 9 3.97 -34.19 38.27
C ARG L 9 4.94 -33.91 37.11
N VAL L 10 5.27 -32.61 36.97
CA VAL L 10 6.05 -32.16 35.82
C VAL L 10 7.23 -31.32 36.32
N VAL L 11 8.40 -31.65 35.77
CA VAL L 11 9.60 -30.84 35.91
C VAL L 11 9.87 -30.16 34.56
N GLU L 12 9.95 -28.83 34.64
CA GLU L 12 10.20 -28.00 33.46
C GLU L 12 11.55 -27.29 33.60
N LEU L 13 12.50 -27.61 32.71
CA LEU L 13 13.74 -26.85 32.63
C LEU L 13 13.50 -25.56 31.84
N ALA L 14 13.57 -24.41 32.53
CA ALA L 14 13.12 -23.15 31.99
C ALA L 14 13.84 -22.83 30.67
N GLY L 15 13.02 -22.70 29.61
CA GLY L 15 13.45 -22.14 28.34
C GLY L 15 12.52 -21.02 27.88
N ILE L 16 12.34 -20.91 26.54
CA ILE L 16 11.45 -19.87 26.02
C ILE L 16 10.51 -20.47 24.98
N GLY L 17 9.34 -19.87 24.89
CA GLY L 17 8.43 -20.23 23.81
C GLY L 17 7.65 -21.50 24.08
N PRO L 18 7.82 -22.55 23.23
CA PRO L 18 6.95 -23.71 23.30
C PRO L 18 7.00 -24.46 24.63
N GLY L 19 8.22 -24.69 25.14
CA GLY L 19 8.42 -25.40 26.40
C GLY L 19 7.55 -24.81 27.51
N PRO L 20 7.68 -23.51 27.83
CA PRO L 20 6.85 -22.91 28.86
C PRO L 20 5.35 -22.92 28.56
N HIS L 21 4.98 -22.92 27.27
CA HIS L 21 3.57 -22.84 26.95
C HIS L 21 2.95 -24.22 27.22
N ALA L 22 3.67 -25.26 26.79
CA ALA L 22 3.30 -26.62 27.14
C ALA L 22 3.19 -26.76 28.65
N ALA L 23 4.19 -26.29 29.38
CA ALA L 23 4.13 -26.45 30.82
C ALA L 23 2.90 -25.72 31.37
N MET L 24 2.59 -24.55 30.82
CA MET L 24 1.46 -23.76 31.30
C MET L 24 0.15 -24.55 31.12
N ILE L 25 -0.03 -25.21 29.98
CA ILE L 25 -1.27 -25.92 29.71
C ILE L 25 -1.37 -27.16 30.63
N LEU L 26 -0.26 -27.86 30.85
CA LEU L 26 -0.28 -28.98 31.79
C LEU L 26 -0.76 -28.46 33.14
N GLY L 27 -0.18 -27.35 33.58
CA GLY L 27 -0.55 -26.81 34.87
C GLY L 27 -1.98 -26.29 34.89
N ASP L 28 -2.43 -25.74 33.75
CA ASP L 28 -3.76 -25.17 33.62
C ASP L 28 -4.79 -26.24 33.94
N LEU L 29 -4.54 -27.46 33.44
CA LEU L 29 -5.41 -28.63 33.55
C LEU L 29 -5.19 -29.49 34.81
N GLY L 30 -4.45 -28.96 35.79
CA GLY L 30 -4.38 -29.53 37.13
C GLY L 30 -3.01 -30.07 37.52
N ALA L 31 -2.12 -30.33 36.56
CA ALA L 31 -0.80 -30.88 36.84
C ALA L 31 -0.01 -30.00 37.82
N ASP L 32 0.91 -30.69 38.54
CA ASP L 32 1.83 -30.12 39.51
C ASP L 32 3.17 -29.83 38.81
N VAL L 33 3.41 -28.54 38.51
CA VAL L 33 4.49 -28.23 37.59
C VAL L 33 5.61 -27.52 38.34
N VAL L 34 6.81 -28.10 38.31
CA VAL L 34 7.92 -27.44 38.97
C VAL L 34 8.93 -26.98 37.92
N ARG L 35 9.15 -25.67 37.90
CA ARG L 35 9.96 -25.05 36.87
C ARG L 35 11.35 -24.73 37.45
N ILE L 36 12.38 -25.37 36.91
CA ILE L 36 13.74 -25.10 37.38
C ILE L 36 14.35 -24.04 36.47
N ASP L 37 14.58 -22.85 37.05
CA ASP L 37 15.30 -21.77 36.41
C ASP L 37 16.69 -21.58 37.03
N ARG L 38 17.46 -20.69 36.40
CA ARG L 38 18.84 -20.38 36.76
C ARG L 38 18.76 -19.25 37.78
N PRO L 39 19.58 -19.25 38.87
CA PRO L 39 19.52 -18.18 39.85
C PRO L 39 19.74 -16.79 39.26
N SER L 40 20.74 -16.70 38.35
CA SER L 40 21.03 -15.56 37.48
C SER L 40 19.74 -14.81 37.09
N SER L 41 18.74 -15.52 36.55
CA SER L 41 17.70 -14.89 35.77
C SER L 41 16.41 -14.65 36.56
N VAL L 42 16.25 -15.27 37.72
CA VAL L 42 15.03 -15.07 38.49
C VAL L 42 15.25 -13.90 39.43
N ASP L 43 14.27 -13.00 39.50
CA ASP L 43 14.50 -11.69 40.07
C ASP L 43 13.23 -11.16 40.76
N GLY L 44 12.69 -11.93 41.72
CA GLY L 44 11.40 -11.64 42.33
C GLY L 44 10.28 -12.44 41.64
N ILE L 45 9.03 -11.98 41.79
CA ILE L 45 7.87 -12.58 41.15
C ILE L 45 7.84 -12.20 39.66
N SER L 46 7.83 -13.21 38.76
CA SER L 46 7.75 -13.00 37.31
C SER L 46 6.48 -12.23 36.95
N ARG L 47 6.58 -11.29 35.99
CA ARG L 47 5.38 -10.63 35.47
C ARG L 47 4.94 -11.25 34.14
N ASP L 48 5.45 -12.45 33.83
CA ASP L 48 5.05 -13.19 32.63
C ASP L 48 3.88 -14.12 32.95
N ALA L 49 2.66 -13.76 32.52
CA ALA L 49 1.49 -14.53 32.86
C ALA L 49 1.59 -15.92 32.28
N MET L 50 2.51 -16.16 31.34
CA MET L 50 2.71 -17.51 30.84
C MET L 50 3.28 -18.42 31.94
N LEU L 51 3.85 -17.84 33.01
CA LEU L 51 4.42 -18.65 34.09
C LEU L 51 3.42 -18.91 35.21
N ARG L 52 2.12 -18.82 34.87
CA ARG L 52 1.04 -19.14 35.81
C ARG L 52 1.02 -20.65 36.03
N ASN L 53 0.41 -21.07 37.16
CA ASN L 53 0.19 -22.47 37.51
C ASN L 53 1.54 -23.20 37.66
N ARG L 54 2.48 -22.57 38.38
CA ARG L 54 3.82 -23.09 38.55
C ARG L 54 4.26 -23.02 40.01
N ARG L 55 5.22 -23.88 40.36
CA ARG L 55 6.19 -23.53 41.39
C ARG L 55 7.55 -23.29 40.75
N ILE L 56 8.15 -22.14 41.05
CA ILE L 56 9.46 -21.80 40.51
C ILE L 56 10.57 -22.15 41.53
N VAL L 57 11.62 -22.83 41.05
CA VAL L 57 12.83 -23.04 41.85
C VAL L 57 14.06 -22.72 41.00
N THR L 58 15.19 -22.42 41.68
CA THR L 58 16.45 -22.04 41.05
C THR L 58 17.51 -23.12 41.35
N ALA L 59 18.39 -23.39 40.37
CA ALA L 59 19.47 -24.33 40.54
C ALA L 59 20.51 -24.09 39.46
N ASP L 60 21.77 -23.99 39.89
CA ASP L 60 22.89 -23.98 38.98
C ASP L 60 23.16 -25.41 38.57
N LEU L 61 22.69 -25.78 37.38
CA LEU L 61 22.74 -27.16 36.95
C LEU L 61 24.15 -27.55 36.53
N LYS L 62 25.06 -26.58 36.43
CA LYS L 62 26.46 -26.86 36.21
C LYS L 62 27.23 -27.13 37.51
N SER L 63 26.65 -26.74 38.65
CA SER L 63 27.22 -27.12 39.95
C SER L 63 26.79 -28.55 40.27
N ASP L 64 27.53 -29.23 41.17
CA ASP L 64 27.24 -30.60 41.56
C ASP L 64 25.97 -30.66 42.44
N GLN L 65 25.78 -29.64 43.28
CA GLN L 65 24.61 -29.60 44.14
C GLN L 65 23.34 -29.46 43.28
N GLY L 66 23.40 -28.55 42.30
CA GLY L 66 22.25 -28.26 41.47
C GLY L 66 21.85 -29.49 40.66
N LEU L 67 22.84 -30.15 40.05
CA LEU L 67 22.57 -31.35 39.27
C LEU L 67 21.88 -32.42 40.11
N GLU L 68 22.36 -32.59 41.35
CA GLU L 68 21.87 -33.68 42.19
C GLU L 68 20.43 -33.38 42.63
N LEU L 69 20.14 -32.14 43.06
CA LEU L 69 18.80 -31.73 43.46
C LEU L 69 17.80 -31.91 42.31
N ALA L 70 18.17 -31.47 41.11
CA ALA L 70 17.33 -31.63 39.94
C ALA L 70 17.08 -33.12 39.65
N LEU L 71 18.12 -33.97 39.79
CA LEU L 71 17.96 -35.40 39.51
C LEU L 71 16.99 -36.02 40.53
N LYS L 72 16.90 -35.43 41.72
CA LYS L 72 15.99 -35.93 42.74
C LYS L 72 14.53 -35.55 42.46
N LEU L 73 14.31 -34.33 41.94
CA LEU L 73 13.00 -33.91 41.46
C LEU L 73 12.59 -34.83 40.33
N ILE L 74 13.44 -34.97 39.32
CA ILE L 74 13.13 -35.83 38.19
C ILE L 74 12.75 -37.27 38.62
N ALA L 75 13.40 -37.79 39.67
CA ALA L 75 13.17 -39.15 40.16
C ALA L 75 11.73 -39.33 40.62
N LYS L 76 11.16 -38.30 41.25
CA LYS L 76 9.77 -38.31 41.70
C LYS L 76 8.75 -37.74 40.69
N ALA L 77 9.11 -37.47 39.42
CA ALA L 77 8.21 -36.78 38.50
C ALA L 77 7.67 -37.73 37.46
N ASP L 78 6.58 -37.36 36.78
CA ASP L 78 6.12 -38.15 35.64
C ASP L 78 6.74 -37.68 34.34
N VAL L 79 7.01 -36.38 34.27
CA VAL L 79 7.35 -35.76 33.01
C VAL L 79 8.50 -34.76 33.21
N LEU L 80 9.44 -34.81 32.26
CA LEU L 80 10.45 -33.78 32.13
C LEU L 80 10.25 -33.04 30.80
N ILE L 81 10.25 -31.70 30.88
CA ILE L 81 10.24 -30.82 29.71
C ILE L 81 11.54 -30.02 29.62
N GLU L 82 12.20 -30.13 28.47
CA GLU L 82 13.37 -29.32 28.19
C GLU L 82 13.29 -28.81 26.74
N GLY L 83 13.75 -27.55 26.55
CA GLY L 83 13.71 -26.91 25.25
C GLY L 83 15.03 -26.26 24.82
N TYR L 84 16.16 -26.85 25.26
CA TYR L 84 17.50 -26.39 24.89
C TYR L 84 17.87 -27.06 23.58
N ARG L 85 19.01 -26.63 23.02
CA ARG L 85 19.53 -27.27 21.84
C ARG L 85 19.85 -28.72 22.19
N PRO L 86 19.80 -29.62 21.18
CA PRO L 86 20.23 -30.99 21.39
C PRO L 86 21.66 -31.02 21.92
N GLY L 87 21.91 -31.95 22.85
CA GLY L 87 23.21 -32.13 23.48
C GLY L 87 23.26 -31.41 24.81
N VAL L 88 22.37 -30.45 25.06
CA VAL L 88 22.59 -29.59 26.19
C VAL L 88 22.33 -30.34 27.49
N THR L 89 21.17 -31.01 27.59
CA THR L 89 20.83 -31.73 28.81
C THR L 89 21.84 -32.88 29.01
N GLU L 90 22.29 -33.50 27.93
CA GLU L 90 23.31 -34.54 28.02
C GLU L 90 24.56 -34.02 28.74
N ARG L 91 25.11 -32.90 28.26
CA ARG L 91 26.32 -32.29 28.80
C ARG L 91 26.13 -31.99 30.28
N LEU L 92 24.93 -31.53 30.66
CA LEU L 92 24.67 -31.14 32.04
C LEU L 92 24.48 -32.38 32.92
N GLY L 93 24.39 -33.57 32.30
CA GLY L 93 24.14 -34.80 33.06
C GLY L 93 22.66 -35.09 33.34
N LEU L 94 21.78 -34.43 32.56
CA LEU L 94 20.32 -34.54 32.70
C LEU L 94 19.73 -35.11 31.41
N GLY L 95 20.54 -35.80 30.62
CA GLY L 95 20.12 -36.39 29.36
C GLY L 95 19.08 -37.48 29.61
N PRO L 96 18.46 -38.03 28.54
CA PRO L 96 17.47 -39.07 28.73
C PRO L 96 18.08 -40.28 29.46
N GLU L 97 19.30 -40.66 29.09
CA GLU L 97 19.89 -41.87 29.65
C GLU L 97 20.19 -41.74 31.15
N GLU L 98 20.64 -40.57 31.59
CA GLU L 98 20.89 -40.35 33.00
C GLU L 98 19.59 -40.35 33.79
N CYS L 99 18.54 -39.77 33.19
CA CYS L 99 17.25 -39.63 33.84
C CYS L 99 16.60 -41.00 34.02
N ALA L 100 16.72 -41.86 33.00
CA ALA L 100 16.18 -43.20 33.00
C ALA L 100 16.85 -44.08 34.07
N LYS L 101 18.10 -43.77 34.43
CA LYS L 101 18.73 -44.48 35.52
C LYS L 101 17.99 -44.20 36.82
N VAL L 102 17.45 -42.98 37.01
CA VAL L 102 16.82 -42.64 38.29
C VAL L 102 15.30 -42.81 38.21
N ASN L 103 14.73 -43.04 37.01
CA ASN L 103 13.27 -43.06 36.83
C ASN L 103 12.91 -43.54 35.44
N ASP L 104 12.62 -44.84 35.33
CA ASP L 104 12.33 -45.44 34.05
C ASP L 104 10.86 -45.25 33.67
N ARG L 105 10.08 -44.55 34.51
CA ARG L 105 8.70 -44.22 34.16
C ARG L 105 8.59 -42.80 33.59
N LEU L 106 9.73 -42.08 33.48
CA LEU L 106 9.74 -40.67 33.13
C LEU L 106 9.36 -40.53 31.66
N ILE L 107 8.47 -39.56 31.40
CA ILE L 107 8.34 -39.08 30.02
C ILE L 107 9.30 -37.91 29.84
N TYR L 108 10.24 -38.12 28.94
CA TYR L 108 11.31 -37.19 28.67
C TYR L 108 10.95 -36.42 27.40
N ALA L 109 10.46 -35.18 27.60
CA ALA L 109 9.85 -34.38 26.51
C ALA L 109 10.83 -33.32 25.99
N ARG L 110 11.28 -33.52 24.76
CA ARG L 110 12.27 -32.63 24.13
C ARG L 110 11.64 -31.70 23.08
N MET L 111 11.61 -30.39 23.40
CA MET L 111 11.02 -29.34 22.58
C MET L 111 12.11 -28.62 21.78
N THR L 112 12.20 -28.86 20.47
CA THR L 112 13.09 -28.05 19.66
C THR L 112 12.35 -27.57 18.42
N GLY L 113 13.08 -26.81 17.59
CA GLY L 113 12.58 -26.38 16.30
C GLY L 113 12.95 -27.35 15.20
N TRP L 114 14.24 -27.69 15.19
CA TRP L 114 14.85 -28.40 14.08
C TRP L 114 14.89 -29.91 14.33
N GLY L 115 14.72 -30.31 15.59
CA GLY L 115 14.77 -31.71 15.94
C GLY L 115 16.15 -32.11 16.48
N GLN L 116 16.31 -33.41 16.75
CA GLN L 116 17.42 -33.86 17.59
C GLN L 116 18.68 -34.11 16.77
N THR L 117 18.50 -34.37 15.47
CA THR L 117 19.58 -34.63 14.55
C THR L 117 19.33 -33.80 13.29
N GLY L 118 20.30 -33.82 12.38
CA GLY L 118 20.19 -33.16 11.09
C GLY L 118 21.09 -31.93 11.00
N PRO L 119 21.33 -31.46 9.76
CA PRO L 119 22.30 -30.40 9.50
C PRO L 119 21.96 -29.04 10.11
N ARG L 120 20.69 -28.78 10.44
CA ARG L 120 20.35 -27.51 11.08
C ARG L 120 20.15 -27.68 12.57
N SER L 121 20.40 -28.88 13.11
CA SER L 121 20.01 -29.20 14.48
C SER L 121 20.68 -28.33 15.52
N GLN L 122 21.83 -27.71 15.21
CA GLN L 122 22.50 -26.85 16.19
C GLN L 122 22.31 -25.35 15.92
N GLN L 123 21.64 -24.97 14.83
CA GLN L 123 21.40 -23.55 14.56
C GLN L 123 20.37 -22.99 15.53
N ALA L 124 20.66 -21.83 16.13
CA ALA L 124 19.64 -21.01 16.79
C ALA L 124 18.53 -20.67 15.81
N GLY L 125 17.35 -20.40 16.37
CA GLY L 125 16.21 -20.07 15.55
C GLY L 125 15.01 -19.65 16.39
N HIS L 126 14.01 -19.10 15.65
CA HIS L 126 12.70 -18.82 16.22
C HIS L 126 11.62 -19.31 15.24
N ASP L 127 10.38 -19.11 15.67
CA ASP L 127 9.22 -19.57 14.93
C ASP L 127 9.41 -19.34 13.43
N ILE L 128 9.69 -18.09 13.03
CA ILE L 128 9.73 -17.70 11.63
C ILE L 128 10.70 -18.58 10.83
N ASN L 129 11.77 -19.05 11.50
CA ASN L 129 12.76 -19.90 10.86
C ASN L 129 12.20 -21.29 10.58
N TYR L 130 11.57 -21.91 11.59
CA TYR L 130 11.10 -23.27 11.47
C TYR L 130 9.97 -23.36 10.44
N ILE L 131 9.06 -22.37 10.43
CA ILE L 131 7.99 -22.34 9.40
C ILE L 131 8.48 -21.87 8.02
N SER L 132 9.70 -21.35 7.90
CA SER L 132 10.15 -20.92 6.59
C SER L 132 10.58 -22.13 5.77
N LEU L 133 10.97 -23.22 6.43
CA LEU L 133 11.65 -24.31 5.73
C LEU L 133 10.66 -25.36 5.23
N ASN L 134 9.41 -25.35 5.72
CA ASN L 134 8.51 -26.45 5.38
C ASN L 134 7.32 -25.97 4.55
N GLY L 135 7.42 -24.76 3.97
CA GLY L 135 6.43 -24.28 3.02
C GLY L 135 5.37 -23.38 3.64
N ILE L 136 5.27 -23.34 4.98
CA ILE L 136 4.18 -22.65 5.64
C ILE L 136 4.27 -21.12 5.44
N LEU L 137 5.43 -20.53 5.72
CA LEU L 137 5.57 -19.07 5.72
C LEU L 137 5.38 -18.56 4.29
N HIS L 138 5.95 -19.28 3.32
CA HIS L 138 5.76 -18.92 1.93
C HIS L 138 4.27 -18.74 1.58
N ALA L 139 3.41 -19.48 2.28
CA ALA L 139 2.00 -19.52 1.92
C ALA L 139 1.18 -18.42 2.56
N ILE L 140 1.79 -17.61 3.43
CA ILE L 140 1.02 -16.66 4.20
C ILE L 140 1.26 -15.22 3.75
N GLY L 141 0.16 -14.52 3.42
CA GLY L 141 0.18 -13.11 3.10
C GLY L 141 -0.45 -12.84 1.74
N ARG L 142 -0.51 -11.56 1.36
CA ARG L 142 -1.04 -11.23 0.06
C ARG L 142 -0.06 -11.65 -1.05
N GLY L 143 -0.58 -11.81 -2.26
CA GLY L 143 0.23 -12.28 -3.40
C GLY L 143 1.22 -11.24 -3.94
N ASP L 144 0.92 -9.96 -3.83
CA ASP L 144 1.79 -8.92 -4.40
C ASP L 144 2.91 -8.51 -3.42
N GLU L 145 3.13 -9.27 -2.35
CA GLU L 145 3.92 -8.80 -1.22
C GLU L 145 4.75 -9.96 -0.68
N ARG L 146 5.71 -9.66 0.18
CA ARG L 146 6.55 -10.71 0.70
C ARG L 146 5.80 -11.39 1.82
N PRO L 147 6.12 -12.64 2.17
CA PRO L 147 5.37 -13.35 3.18
C PRO L 147 5.33 -12.61 4.49
N VAL L 148 4.25 -12.82 5.27
CA VAL L 148 4.14 -12.15 6.53
C VAL L 148 4.04 -13.21 7.62
N PRO L 149 4.72 -13.02 8.76
CA PRO L 149 4.65 -14.00 9.82
C PRO L 149 3.32 -13.98 10.50
N PRO L 150 2.74 -15.20 10.70
CA PRO L 150 1.51 -15.36 11.47
C PRO L 150 1.80 -15.36 12.96
N LEU L 151 2.29 -14.22 13.44
CA LEU L 151 2.93 -14.10 14.74
C LEU L 151 3.85 -15.31 14.91
N ASN L 152 4.02 -15.76 16.14
CA ASN L 152 4.67 -17.03 16.40
C ASN L 152 3.65 -18.09 16.81
N LEU L 153 2.52 -18.16 16.11
CA LEU L 153 1.43 -19.04 16.51
C LEU L 153 1.63 -20.43 15.96
N VAL L 154 2.18 -20.53 14.75
CA VAL L 154 2.15 -21.76 14.00
C VAL L 154 3.33 -22.66 14.34
N GLY L 155 4.52 -22.06 14.56
CA GLY L 155 5.72 -22.83 14.87
C GLY L 155 5.84 -23.11 16.37
N ASP L 156 5.90 -22.05 17.16
CA ASP L 156 6.02 -22.17 18.60
C ASP L 156 4.86 -22.94 19.23
N PHE L 157 3.60 -22.64 18.87
CA PHE L 157 2.47 -23.11 19.70
C PHE L 157 1.70 -24.20 18.97
N GLY L 158 1.00 -23.84 17.90
CA GLY L 158 0.24 -24.81 17.13
C GLY L 158 1.08 -26.03 16.77
N GLY L 159 2.27 -25.79 16.22
CA GLY L 159 3.09 -26.85 15.66
C GLY L 159 4.21 -27.28 16.63
N GLY L 160 4.17 -26.76 17.84
CA GLY L 160 5.31 -26.80 18.75
C GLY L 160 4.88 -27.37 20.10
N SER L 161 4.53 -26.46 21.01
CA SER L 161 4.04 -26.80 22.32
C SER L 161 2.90 -27.83 22.24
N MET L 162 2.03 -27.69 21.23
CA MET L 162 0.80 -28.48 21.25
C MET L 162 1.13 -29.93 20.90
N PHE L 163 2.11 -30.14 20.04
CA PHE L 163 2.56 -31.47 19.69
C PHE L 163 3.37 -32.09 20.83
N LEU L 164 4.08 -31.25 21.60
CA LEU L 164 4.76 -31.68 22.81
C LEU L 164 3.72 -32.23 23.77
N LEU L 165 2.63 -31.48 23.93
CA LEU L 165 1.53 -31.86 24.80
C LEU L 165 0.92 -33.20 24.40
N VAL L 166 0.63 -33.38 23.10
CA VAL L 166 0.03 -34.61 22.63
C VAL L 166 0.99 -35.77 22.85
N GLY L 167 2.29 -35.54 22.59
CA GLY L 167 3.32 -36.54 22.79
C GLY L 167 3.42 -36.97 24.27
N ILE L 168 3.50 -36.00 25.19
CA ILE L 168 3.53 -36.26 26.61
C ILE L 168 2.33 -37.13 26.99
N LEU L 169 1.13 -36.64 26.66
CA LEU L 169 -0.08 -37.30 27.09
C LEU L 169 -0.22 -38.65 26.40
N ALA L 170 0.23 -38.82 25.17
CA ALA L 170 0.13 -40.11 24.50
C ALA L 170 1.06 -41.12 25.16
N ALA L 171 2.32 -40.73 25.38
CA ALA L 171 3.28 -41.57 26.09
C ALA L 171 2.78 -41.93 27.49
N LEU L 172 2.05 -41.02 28.16
CA LEU L 172 1.46 -41.33 29.45
C LEU L 172 0.40 -42.42 29.33
N TRP L 173 -0.39 -42.41 28.24
CA TRP L 173 -1.39 -43.45 28.04
C TRP L 173 -0.69 -44.80 27.86
N GLU L 174 0.31 -44.83 26.97
CA GLU L 174 1.15 -45.97 26.68
C GLU L 174 1.77 -46.50 27.98
N ARG L 175 2.19 -45.59 28.87
CA ARG L 175 2.86 -45.96 30.11
C ARG L 175 1.93 -46.76 31.04
N GLN L 176 0.62 -46.46 30.97
CA GLN L 176 -0.35 -47.14 31.81
C GLN L 176 -0.29 -48.66 31.61
N SER L 177 -0.02 -49.12 30.39
CA SER L 177 0.05 -50.54 30.18
C SER L 177 1.49 -51.07 30.20
N SER L 178 2.52 -50.26 29.83
CA SER L 178 3.86 -50.81 29.63
C SER L 178 4.73 -50.70 30.89
N GLY L 179 4.30 -49.86 31.85
CA GLY L 179 5.07 -49.52 33.04
C GLY L 179 6.24 -48.58 32.77
N LYS L 180 6.51 -48.29 31.48
CA LYS L 180 7.70 -47.55 31.03
C LYS L 180 7.40 -46.17 30.43
N GLY L 181 8.26 -45.19 30.75
CA GLY L 181 8.33 -43.91 30.05
C GLY L 181 9.08 -44.06 28.73
N GLN L 182 9.39 -42.92 28.10
CA GLN L 182 10.19 -42.90 26.88
C GLN L 182 10.52 -41.44 26.53
N VAL L 183 11.19 -41.25 25.41
CA VAL L 183 11.52 -39.90 24.94
C VAL L 183 10.51 -39.45 23.87
N VAL L 184 9.99 -38.23 24.09
CA VAL L 184 9.20 -37.50 23.09
C VAL L 184 10.05 -36.41 22.43
N ASP L 185 10.28 -36.60 21.13
CA ASP L 185 10.99 -35.66 20.30
C ASP L 185 9.99 -34.84 19.47
N ALA L 186 9.67 -33.61 19.98
CA ALA L 186 8.77 -32.65 19.38
C ALA L 186 9.56 -31.49 18.76
N ALA L 187 9.65 -31.55 17.43
CA ALA L 187 10.30 -30.55 16.59
C ALA L 187 9.27 -29.67 15.87
N MET L 188 9.38 -28.35 16.02
CA MET L 188 8.44 -27.41 15.42
C MET L 188 8.31 -27.58 13.91
N VAL L 189 9.40 -27.97 13.24
CA VAL L 189 9.35 -28.15 11.80
C VAL L 189 8.52 -29.37 11.43
N ASP L 190 8.44 -30.35 12.35
CA ASP L 190 7.60 -31.53 12.11
C ASP L 190 6.12 -31.25 12.44
N GLY L 191 5.87 -30.80 13.67
CA GLY L 191 4.54 -30.52 14.19
C GLY L 191 3.75 -29.56 13.28
N SER L 192 4.42 -28.47 12.88
CA SER L 192 3.81 -27.45 12.05
C SER L 192 3.49 -28.06 10.69
N SER L 193 4.32 -29.02 10.24
CA SER L 193 4.03 -29.74 8.99
C SER L 193 2.73 -30.54 9.10
N VAL L 194 2.50 -31.15 10.25
CA VAL L 194 1.30 -31.97 10.43
C VAL L 194 0.14 -31.02 10.65
N LEU L 195 0.44 -29.90 11.29
CA LEU L 195 -0.57 -28.87 11.48
C LEU L 195 -1.17 -28.49 10.12
N ILE L 196 -0.35 -28.40 9.07
CA ILE L 196 -0.79 -27.94 7.75
C ILE L 196 -1.06 -29.11 6.80
N GLN L 197 -1.36 -30.28 7.36
CA GLN L 197 -1.55 -31.47 6.52
C GLN L 197 -2.65 -31.22 5.48
N MET L 198 -3.70 -30.46 5.84
CA MET L 198 -4.79 -30.20 4.90
C MET L 198 -4.27 -29.60 3.59
N MET L 199 -3.29 -28.68 3.68
CA MET L 199 -2.76 -28.07 2.48
C MET L 199 -1.98 -29.08 1.66
N TRP L 200 -1.18 -29.93 2.32
CA TRP L 200 -0.50 -31.00 1.59
C TRP L 200 -1.52 -31.94 0.93
N ALA L 201 -2.60 -32.21 1.64
CA ALA L 201 -3.66 -33.05 1.09
C ALA L 201 -4.25 -32.39 -0.16
N MET L 202 -4.67 -31.14 -0.03
CA MET L 202 -5.25 -30.39 -1.14
C MET L 202 -4.25 -30.26 -2.28
N ARG L 203 -2.96 -30.10 -1.96
CA ARG L 203 -1.97 -29.91 -3.00
C ARG L 203 -1.89 -31.18 -3.87
N ALA L 204 -1.96 -32.34 -3.22
CA ALA L 204 -1.94 -33.62 -3.91
C ALA L 204 -3.12 -33.74 -4.89
N THR L 205 -4.26 -33.09 -4.63
CA THR L 205 -5.41 -33.29 -5.50
C THR L 205 -5.65 -32.10 -6.41
N GLY L 206 -4.61 -31.32 -6.73
CA GLY L 206 -4.82 -30.16 -7.59
C GLY L 206 -5.62 -29.02 -6.96
N MET L 207 -5.81 -29.01 -5.63
CA MET L 207 -6.71 -28.06 -4.97
C MET L 207 -5.96 -26.95 -4.17
N TRP L 208 -4.63 -26.91 -4.26
CA TRP L 208 -3.83 -25.86 -3.63
C TRP L 208 -2.61 -25.58 -4.50
N THR L 209 -2.32 -24.32 -4.85
CA THR L 209 -1.07 -24.02 -5.53
C THR L 209 -0.10 -23.32 -4.57
N ASP L 210 1.17 -23.37 -4.94
CA ASP L 210 2.23 -22.69 -4.22
C ASP L 210 2.17 -21.16 -4.40
N THR L 211 1.34 -20.65 -5.31
CA THR L 211 1.17 -19.21 -5.43
C THR L 211 0.43 -18.65 -4.20
N ARG L 212 1.07 -17.69 -3.54
CA ARG L 212 0.49 -17.07 -2.36
C ARG L 212 -0.68 -16.18 -2.75
N GLY L 213 -1.74 -16.15 -1.92
CA GLY L 213 -2.86 -15.26 -2.15
C GLY L 213 -3.81 -15.72 -3.26
N ALA L 214 -3.75 -17.00 -3.66
CA ALA L 214 -4.52 -17.46 -4.81
C ALA L 214 -5.22 -18.78 -4.50
N ASN L 215 -5.62 -18.99 -3.23
CA ASN L 215 -6.20 -20.25 -2.82
C ASN L 215 -7.50 -19.99 -2.06
N MET L 216 -8.17 -21.08 -1.68
CA MET L 216 -9.45 -20.99 -1.02
C MET L 216 -9.36 -20.39 0.38
N LEU L 217 -8.30 -20.71 1.13
CA LEU L 217 -8.17 -20.35 2.54
C LEU L 217 -7.01 -19.37 2.85
N ASP L 218 -6.38 -18.77 1.83
CA ASP L 218 -5.23 -17.91 2.10
C ASP L 218 -5.56 -16.43 1.93
N GLY L 219 -6.83 -16.13 1.63
CA GLY L 219 -7.23 -14.77 1.35
C GLY L 219 -7.47 -14.53 -0.14
N GLY L 220 -7.19 -15.50 -0.99
CA GLY L 220 -7.45 -15.35 -2.41
C GLY L 220 -8.93 -15.48 -2.79
N ALA L 221 -9.73 -16.23 -2.03
CA ALA L 221 -11.14 -16.39 -2.35
C ALA L 221 -11.91 -15.18 -1.81
N PRO L 222 -12.74 -14.49 -2.61
CA PRO L 222 -13.47 -13.34 -2.08
C PRO L 222 -14.44 -13.65 -0.94
N TYR L 223 -14.81 -14.93 -0.78
CA TYR L 223 -15.74 -15.33 0.27
C TYR L 223 -14.99 -15.83 1.50
N TYR L 224 -13.64 -15.81 1.48
CA TYR L 224 -12.86 -16.19 2.64
C TYR L 224 -11.74 -15.16 2.82
N ASP L 225 -12.05 -14.02 3.44
CA ASP L 225 -11.12 -12.90 3.52
C ASP L 225 -11.69 -11.85 4.45
N THR L 226 -10.88 -10.85 4.78
CA THR L 226 -11.37 -9.68 5.51
C THR L 226 -11.77 -8.60 4.50
N TYR L 227 -12.67 -7.71 4.94
CA TYR L 227 -13.10 -6.60 4.09
C TYR L 227 -13.05 -5.37 4.99
N GLU L 228 -12.58 -4.23 4.44
CA GLU L 228 -12.65 -2.97 5.15
C GLU L 228 -14.04 -2.36 5.00
N CYS L 229 -14.53 -1.80 6.10
CA CYS L 229 -15.85 -1.20 6.21
C CYS L 229 -15.69 0.32 6.17
N ALA L 230 -16.82 1.02 6.23
CA ALA L 230 -16.86 2.45 6.04
C ALA L 230 -16.06 3.21 7.10
N ASP L 231 -15.94 2.67 8.32
CA ASP L 231 -15.26 3.33 9.43
C ASP L 231 -13.77 2.96 9.43
N GLY L 232 -13.29 2.23 8.43
CA GLY L 232 -11.90 1.75 8.43
C GLY L 232 -11.65 0.52 9.29
N ARG L 233 -12.65 -0.02 9.99
CA ARG L 233 -12.52 -1.31 10.66
C ARG L 233 -12.88 -2.44 9.69
N TYR L 234 -12.72 -3.69 10.13
CA TYR L 234 -12.89 -4.82 9.23
C TYR L 234 -13.91 -5.85 9.70
N VAL L 235 -14.41 -6.60 8.71
CA VAL L 235 -15.13 -7.84 8.96
C VAL L 235 -14.35 -8.96 8.31
N ALA L 236 -14.62 -10.18 8.83
CA ALA L 236 -14.18 -11.43 8.25
C ALA L 236 -15.39 -12.15 7.65
N VAL L 237 -15.19 -12.64 6.44
CA VAL L 237 -16.13 -13.42 5.69
C VAL L 237 -15.53 -14.80 5.55
N GLY L 238 -16.27 -15.83 5.99
CA GLY L 238 -15.86 -17.21 5.79
C GLY L 238 -16.95 -18.08 5.17
N ALA L 239 -17.67 -17.52 4.22
CA ALA L 239 -18.85 -18.14 3.65
C ALA L 239 -18.45 -19.13 2.57
N ILE L 240 -17.96 -20.31 2.99
CA ILE L 240 -17.48 -21.30 2.04
C ILE L 240 -18.67 -22.01 1.39
N GLU L 241 -19.58 -22.55 2.20
CA GLU L 241 -20.69 -23.33 1.68
C GLU L 241 -21.67 -22.42 0.95
N PRO L 242 -22.18 -22.87 -0.22
CA PRO L 242 -23.13 -22.10 -1.00
C PRO L 242 -24.29 -21.49 -0.23
N GLN L 243 -24.86 -22.26 0.71
N GLN L 243 -24.93 -22.27 0.69
CA GLN L 243 -26.04 -21.80 1.42
CA GLN L 243 -26.06 -21.78 1.50
C GLN L 243 -25.68 -20.66 2.37
C GLN L 243 -25.63 -20.55 2.28
N PHE L 244 -24.43 -20.61 2.85
CA PHE L 244 -23.97 -19.54 3.73
C PHE L 244 -23.62 -18.29 2.90
N TYR L 245 -22.88 -18.49 1.83
CA TYR L 245 -22.60 -17.45 0.87
C TYR L 245 -23.88 -16.73 0.44
N ALA L 246 -24.90 -17.52 0.05
CA ALA L 246 -26.15 -16.95 -0.40
C ALA L 246 -26.74 -16.04 0.68
N ALA L 247 -26.67 -16.50 1.92
CA ALA L 247 -27.21 -15.70 3.02
C ALA L 247 -26.44 -14.41 3.16
N MET L 248 -25.12 -14.51 2.98
CA MET L 248 -24.24 -13.34 3.07
C MET L 248 -24.65 -12.33 2.00
N LEU L 249 -24.81 -12.80 0.76
CA LEU L 249 -25.17 -11.91 -0.36
C LEU L 249 -26.50 -11.19 -0.10
N ALA L 250 -27.48 -11.89 0.47
CA ALA L 250 -28.76 -11.25 0.71
C ALA L 250 -28.63 -10.16 1.77
N GLY L 251 -27.77 -10.36 2.79
CA GLY L 251 -27.63 -9.37 3.84
C GLY L 251 -26.84 -8.16 3.35
N LEU L 252 -26.04 -8.39 2.28
CA LEU L 252 -25.26 -7.33 1.65
C LEU L 252 -26.12 -6.50 0.71
N GLY L 253 -27.24 -7.08 0.27
CA GLY L 253 -28.15 -6.44 -0.68
C GLY L 253 -27.75 -6.72 -2.12
N LEU L 254 -26.93 -7.74 -2.40
CA LEU L 254 -26.54 -8.01 -3.77
C LEU L 254 -27.34 -9.18 -4.33
N ASP L 255 -27.80 -9.06 -5.57
CA ASP L 255 -28.52 -10.14 -6.23
C ASP L 255 -27.54 -11.13 -6.83
N ALA L 256 -27.72 -12.40 -6.50
CA ALA L 256 -26.93 -13.47 -7.09
C ALA L 256 -26.85 -13.29 -8.60
N ALA L 257 -27.95 -12.84 -9.21
CA ALA L 257 -28.10 -12.75 -10.65
C ALA L 257 -27.11 -11.77 -11.27
N GLU L 258 -26.78 -10.71 -10.53
CA GLU L 258 -25.87 -9.68 -10.97
C GLU L 258 -24.40 -9.99 -10.67
N LEU L 259 -24.09 -11.16 -10.06
CA LEU L 259 -22.72 -11.44 -9.63
C LEU L 259 -22.15 -12.59 -10.45
N PRO L 260 -20.82 -12.71 -10.58
CA PRO L 260 -20.24 -13.94 -11.10
C PRO L 260 -20.52 -15.11 -10.14
N PRO L 261 -20.42 -16.36 -10.61
CA PRO L 261 -20.52 -17.50 -9.73
C PRO L 261 -19.46 -17.46 -8.63
N GLN L 262 -19.86 -17.88 -7.41
CA GLN L 262 -19.02 -17.93 -6.24
C GLN L 262 -17.63 -18.53 -6.51
N ASN L 263 -17.58 -19.60 -7.32
CA ASN L 263 -16.36 -20.37 -7.49
C ASN L 263 -15.87 -20.35 -8.94
N ASP L 264 -16.26 -19.35 -9.73
CA ASP L 264 -15.58 -19.08 -10.98
C ASP L 264 -14.35 -18.21 -10.71
N ARG L 265 -13.20 -18.86 -10.44
CA ARG L 265 -11.96 -18.22 -10.04
C ARG L 265 -11.55 -17.13 -11.04
N ALA L 266 -11.81 -17.37 -12.33
CA ALA L 266 -11.38 -16.45 -13.36
C ALA L 266 -12.09 -15.09 -13.21
N ARG L 267 -13.21 -15.05 -12.47
CA ARG L 267 -13.96 -13.83 -12.31
C ARG L 267 -13.94 -13.33 -10.87
N TRP L 268 -13.06 -13.90 -10.05
CA TRP L 268 -12.92 -13.45 -8.68
C TRP L 268 -12.60 -11.95 -8.61
N PRO L 269 -11.75 -11.36 -9.49
CA PRO L 269 -11.50 -9.92 -9.42
C PRO L 269 -12.77 -9.08 -9.44
N GLU L 270 -13.70 -9.40 -10.36
CA GLU L 270 -14.98 -8.71 -10.41
C GLU L 270 -15.77 -8.95 -9.13
N LEU L 271 -15.82 -10.23 -8.71
CA LEU L 271 -16.55 -10.63 -7.52
C LEU L 271 -16.02 -9.86 -6.31
N ARG L 272 -14.67 -9.81 -6.14
CA ARG L 272 -14.08 -9.08 -5.03
C ARG L 272 -14.42 -7.57 -5.10
N ALA L 273 -14.42 -6.98 -6.30
CA ALA L 273 -14.78 -5.58 -6.41
C ALA L 273 -16.21 -5.35 -5.90
N LEU L 274 -17.13 -6.26 -6.25
CA LEU L 274 -18.51 -6.04 -5.85
C LEU L 274 -18.70 -6.18 -4.35
N LEU L 275 -18.03 -7.16 -3.75
CA LEU L 275 -18.16 -7.38 -2.32
C LEU L 275 -17.47 -6.24 -1.57
N THR L 276 -16.32 -5.79 -2.11
CA THR L 276 -15.56 -4.72 -1.47
C THR L 276 -16.43 -3.48 -1.31
N GLU L 277 -17.12 -3.13 -2.41
CA GLU L 277 -17.96 -1.93 -2.44
C GLU L 277 -19.11 -2.09 -1.45
N ALA L 278 -19.76 -3.26 -1.44
CA ALA L 278 -20.87 -3.48 -0.52
C ALA L 278 -20.42 -3.34 0.94
N PHE L 279 -19.32 -4.01 1.35
CA PHE L 279 -18.87 -3.93 2.74
C PHE L 279 -18.43 -2.52 3.11
N ALA L 280 -17.81 -1.81 2.17
CA ALA L 280 -17.35 -0.46 2.42
C ALA L 280 -18.47 0.55 2.67
N SER L 281 -19.73 0.22 2.35
CA SER L 281 -20.82 1.18 2.41
C SER L 281 -21.43 1.27 3.81
N HIS L 282 -21.06 0.42 4.75
CA HIS L 282 -21.53 0.54 6.13
C HIS L 282 -20.36 0.22 7.05
N ASP L 283 -20.50 0.61 8.33
CA ASP L 283 -19.45 0.40 9.30
C ASP L 283 -19.49 -1.01 9.87
N ARG L 284 -18.43 -1.38 10.59
CA ARG L 284 -18.25 -2.74 11.02
C ARG L 284 -19.43 -3.11 11.91
N ASP L 285 -19.83 -2.22 12.82
CA ASP L 285 -20.80 -2.58 13.85
C ASP L 285 -22.17 -2.76 13.21
N HIS L 286 -22.41 -2.06 12.10
CA HIS L 286 -23.60 -2.30 11.33
C HIS L 286 -23.63 -3.74 10.79
N TRP L 287 -22.53 -4.19 10.17
CA TRP L 287 -22.54 -5.53 9.66
C TRP L 287 -22.74 -6.55 10.78
N GLY L 288 -22.22 -6.26 11.97
CA GLY L 288 -22.22 -7.19 13.09
C GLY L 288 -23.64 -7.46 13.56
N ALA L 289 -24.46 -6.41 13.54
CA ALA L 289 -25.86 -6.47 13.93
C ALA L 289 -26.67 -7.11 12.81
N VAL L 290 -26.38 -6.76 11.55
CA VAL L 290 -27.08 -7.34 10.43
C VAL L 290 -26.88 -8.86 10.40
N PHE L 291 -25.69 -9.34 10.72
CA PHE L 291 -25.45 -10.78 10.57
C PHE L 291 -25.48 -11.53 11.91
N ALA L 292 -25.82 -10.87 13.00
CA ALA L 292 -26.01 -11.61 14.23
C ALA L 292 -27.08 -12.69 14.01
N ASN L 293 -26.78 -13.90 14.48
CA ASN L 293 -27.66 -15.06 14.42
C ASN L 293 -27.78 -15.60 13.01
N SER L 294 -26.88 -15.21 12.09
CA SER L 294 -26.98 -15.68 10.71
C SER L 294 -25.92 -16.74 10.47
N ASP L 295 -26.13 -17.56 9.45
CA ASP L 295 -25.19 -18.51 8.92
C ASP L 295 -24.36 -17.93 7.76
N ALA L 296 -24.27 -16.60 7.69
CA ALA L 296 -23.60 -15.90 6.61
C ALA L 296 -22.07 -15.94 6.79
N CYS L 297 -21.57 -16.31 7.98
CA CYS L 297 -20.15 -16.42 8.25
C CYS L 297 -19.48 -15.06 8.07
N VAL L 298 -20.12 -14.02 8.61
CA VAL L 298 -19.56 -12.69 8.64
C VAL L 298 -19.43 -12.29 10.11
N THR L 299 -18.23 -11.89 10.53
CA THR L 299 -18.02 -11.54 11.93
C THR L 299 -17.16 -10.30 11.97
N PRO L 300 -17.31 -9.46 13.02
CA PRO L 300 -16.42 -8.35 13.22
C PRO L 300 -15.02 -8.80 13.61
N VAL L 301 -14.01 -8.11 13.06
CA VAL L 301 -12.62 -8.35 13.40
C VAL L 301 -12.24 -7.42 14.56
N LEU L 302 -12.29 -7.96 15.77
CA LEU L 302 -12.06 -7.17 16.96
C LEU L 302 -10.57 -7.11 17.26
N ALA L 303 -10.17 -5.96 17.80
CA ALA L 303 -8.84 -5.81 18.35
C ALA L 303 -8.85 -6.34 19.78
N PHE L 304 -7.66 -6.77 20.23
CA PHE L 304 -7.52 -7.32 21.59
C PHE L 304 -8.29 -6.47 22.60
N GLY L 305 -8.18 -5.15 22.52
CA GLY L 305 -8.74 -4.25 23.52
C GLY L 305 -10.26 -4.25 23.55
N GLU L 306 -10.94 -4.71 22.49
CA GLU L 306 -12.39 -4.72 22.41
C GLU L 306 -13.00 -6.06 22.82
N VAL L 307 -12.16 -7.11 22.96
CA VAL L 307 -12.62 -8.48 23.07
C VAL L 307 -13.43 -8.69 24.34
N HIS L 308 -13.04 -8.00 25.42
CA HIS L 308 -13.70 -8.11 26.70
C HIS L 308 -15.12 -7.53 26.66
N ASN L 309 -15.49 -6.80 25.60
CA ASN L 309 -16.85 -6.27 25.45
C ASN L 309 -17.73 -7.11 24.52
N GLU L 310 -17.23 -8.26 24.07
CA GLU L 310 -18.01 -9.00 23.10
C GLU L 310 -18.88 -10.01 23.84
N PRO L 311 -20.24 -9.95 23.71
CA PRO L 311 -21.11 -10.73 24.56
C PRO L 311 -20.73 -12.20 24.61
N HIS L 312 -20.44 -12.80 23.43
CA HIS L 312 -20.21 -14.24 23.39
C HIS L 312 -18.94 -14.59 24.17
N ILE L 313 -17.98 -13.66 24.20
CA ILE L 313 -16.72 -13.87 24.91
C ILE L 313 -17.00 -13.80 26.41
N ILE L 314 -17.80 -12.79 26.80
CA ILE L 314 -18.08 -12.56 28.20
C ILE L 314 -18.83 -13.76 28.77
N GLU L 315 -19.85 -14.19 28.05
CA GLU L 315 -20.78 -15.15 28.59
C GLU L 315 -20.09 -16.50 28.77
N ARG L 316 -19.15 -16.90 27.91
CA ARG L 316 -18.59 -18.24 28.06
C ARG L 316 -17.37 -18.21 29.00
N ASN L 317 -17.09 -17.04 29.61
CA ASN L 317 -15.88 -16.79 30.39
C ASN L 317 -14.63 -17.30 29.69
N THR L 318 -14.44 -16.90 28.43
CA THR L 318 -13.24 -17.29 27.72
C THR L 318 -11.99 -16.72 28.41
N PHE L 319 -12.15 -15.55 29.02
CA PHE L 319 -11.09 -14.78 29.61
C PHE L 319 -11.37 -14.60 31.10
N TYR L 320 -10.30 -14.42 31.90
CA TYR L 320 -10.44 -13.92 33.26
C TYR L 320 -9.51 -12.72 33.37
N GLU L 321 -9.79 -11.85 34.36
CA GLU L 321 -8.97 -10.68 34.58
C GLU L 321 -7.88 -10.98 35.61
N ALA L 322 -6.61 -10.81 35.25
CA ALA L 322 -5.50 -10.85 36.19
C ALA L 322 -5.14 -9.43 36.62
N ASN L 323 -4.00 -9.30 37.30
CA ASN L 323 -3.40 -8.01 37.65
C ASN L 323 -3.32 -7.09 36.43
N GLY L 324 -2.50 -7.45 35.44
CA GLY L 324 -2.16 -6.57 34.34
C GLY L 324 -3.23 -6.49 33.26
N GLY L 325 -4.28 -7.33 33.36
CA GLY L 325 -5.37 -7.33 32.40
C GLY L 325 -5.73 -8.75 31.95
N TRP L 326 -6.55 -8.85 30.91
CA TRP L 326 -7.25 -10.08 30.59
C TRP L 326 -6.29 -11.18 30.15
N GLN L 327 -6.66 -12.41 30.50
CA GLN L 327 -5.89 -13.58 30.14
C GLN L 327 -6.88 -14.70 29.83
N PRO L 328 -6.53 -15.61 28.90
CA PRO L 328 -7.43 -16.70 28.56
C PRO L 328 -7.55 -17.77 29.63
N MET L 329 -8.78 -18.21 29.88
CA MET L 329 -9.03 -19.33 30.76
C MET L 329 -8.56 -20.62 30.13
N PRO L 330 -8.37 -21.68 30.95
CA PRO L 330 -7.91 -22.96 30.45
C PRO L 330 -8.79 -23.49 29.33
N ALA L 331 -8.17 -24.15 28.36
CA ALA L 331 -8.87 -24.81 27.30
C ALA L 331 -8.22 -26.18 27.09
N PRO L 332 -8.94 -27.23 26.64
CA PRO L 332 -10.38 -27.19 26.48
C PRO L 332 -11.05 -27.30 27.86
N ARG L 333 -12.37 -27.57 27.87
CA ARG L 333 -13.15 -27.64 29.09
C ARG L 333 -13.61 -29.07 29.35
N PHE L 334 -13.82 -29.39 30.64
CA PHE L 334 -14.16 -30.76 31.05
C PHE L 334 -15.46 -30.75 31.85
N SER L 335 -16.36 -31.69 31.52
CA SER L 335 -17.67 -31.77 32.18
C SER L 335 -17.53 -32.12 33.66
N ARG L 336 -16.79 -33.20 33.98
CA ARG L 336 -16.66 -33.67 35.34
C ARG L 336 -15.51 -32.98 36.09
N THR L 337 -14.24 -33.18 35.67
CA THR L 337 -13.09 -32.61 36.41
C THR L 337 -12.68 -31.30 35.77
N ALA L 338 -13.32 -30.22 36.20
CA ALA L 338 -13.16 -28.93 35.55
C ALA L 338 -11.94 -28.24 36.11
N SER L 339 -11.16 -27.62 35.21
CA SER L 339 -10.03 -26.77 35.58
C SER L 339 -10.53 -25.56 36.34
N SER L 340 -9.66 -24.96 37.11
CA SER L 340 -10.02 -23.77 37.86
C SER L 340 -9.24 -22.60 37.29
N GLN L 341 -9.51 -21.42 37.86
CA GLN L 341 -8.86 -20.22 37.42
C GLN L 341 -7.37 -20.37 37.69
N PRO L 342 -6.47 -19.95 36.77
CA PRO L 342 -5.03 -20.08 37.00
C PRO L 342 -4.53 -19.32 38.22
N ARG L 343 -3.57 -19.95 38.92
CA ARG L 343 -2.87 -19.28 40.01
C ARG L 343 -1.77 -18.43 39.39
N PRO L 344 -1.64 -17.15 39.78
CA PRO L 344 -0.61 -16.30 39.22
C PRO L 344 0.79 -16.82 39.53
N PRO L 345 1.84 -16.32 38.86
CA PRO L 345 3.21 -16.70 39.24
C PRO L 345 3.50 -16.31 40.70
N ALA L 346 4.13 -17.24 41.44
CA ALA L 346 4.40 -17.06 42.86
C ALA L 346 5.87 -16.68 43.08
N ALA L 347 6.29 -16.41 44.32
CA ALA L 347 7.71 -16.19 44.58
C ALA L 347 8.44 -17.53 44.52
N THR L 348 9.74 -17.47 44.22
CA THR L 348 10.61 -18.64 44.18
C THR L 348 10.40 -19.43 45.47
N ILE L 349 10.50 -20.74 45.37
CA ILE L 349 10.55 -21.51 46.60
C ILE L 349 11.79 -22.40 46.53
N ASP L 350 12.10 -22.96 47.71
CA ASP L 350 13.25 -23.80 47.92
C ASP L 350 13.01 -25.19 47.35
N ILE L 351 13.98 -25.70 46.60
CA ILE L 351 13.88 -26.99 45.92
C ILE L 351 13.75 -28.14 46.92
N GLU L 352 14.29 -27.97 48.14
CA GLU L 352 14.14 -28.93 49.23
C GLU L 352 12.70 -28.94 49.74
N ALA L 353 12.08 -27.76 49.94
CA ALA L 353 10.67 -27.65 50.31
C ALA L 353 9.77 -28.43 49.34
N VAL L 354 10.10 -28.42 48.05
CA VAL L 354 9.35 -29.18 47.06
C VAL L 354 9.62 -30.67 47.26
N LEU L 355 10.89 -31.03 47.50
CA LEU L 355 11.26 -32.43 47.66
C LEU L 355 10.51 -33.05 48.84
N THR L 356 10.32 -32.30 49.92
CA THR L 356 9.52 -32.72 51.08
C THR L 356 8.07 -33.01 50.66
N ASP L 357 7.40 -32.01 50.07
CA ASP L 357 6.06 -32.15 49.55
C ASP L 357 5.91 -33.45 48.76
N TRP L 358 6.83 -33.75 47.82
CA TRP L 358 6.74 -34.95 47.00
C TRP L 358 7.25 -36.20 47.76
N ASP L 359 6.33 -37.09 48.14
CA ASP L 359 6.60 -38.31 48.90
C ASP L 359 7.46 -38.00 50.13
C4 A1I1O M . 21.40 47.83 15.06
C14 A1I1O M . 17.83 39.38 18.76
C5 A1I1O M . 20.29 47.54 15.90
C6 A1I1O M . 20.36 47.46 17.31
C11 A1I1O M . 17.10 45.23 18.63
C7 A1I1O M . 19.27 47.16 18.08
C8 A1I1O M . 18.01 46.96 17.50
C9 A1I1O M . 16.79 46.55 18.29
C10 A1I1O M . 16.22 47.03 19.70
C12 A1I1O M . 17.74 42.60 19.30
C13 A1I1O M . 17.26 41.70 18.14
N1 A1I1O M . 16.94 40.35 18.54
N2 A1I1O M . 18.00 36.98 17.29
C3 A1I1O M . 21.26 47.86 13.70
N3 A1I1O M . 24.96 34.17 8.77
C1 A1I1O M . 18.77 47.13 11.08
O1 A1I1O M . 19.90 47.71 11.74
C2 A1I1O M . 19.99 47.65 13.10
O2 A1I1O M . 16.14 44.89 19.24
S1 A1I1O M . 18.54 44.14 18.73
O3 A1I1O M . 19.05 39.57 18.55
C15 A1I1O M . 17.27 38.11 19.34
C16 A1I1O M . 17.71 36.79 18.69
C17 A1I1O M . 17.05 37.13 16.37
O4 A1I1O M . 15.83 36.88 16.54
C18 A1I1O M . 17.59 37.87 15.17
O5 A1I1O M . 18.53 37.07 14.50
C19 A1I1O M . 16.61 38.59 14.20
C20 A1I1O M . 17.35 39.93 14.03
C21 A1I1O M . 15.23 38.84 14.79
C22 A1I1O M . 16.35 37.81 12.92
O6 A1I1O M . 17.23 38.20 11.88
P1 A1I1O M . 17.45 37.29 10.58
O7 A1I1O M . 18.04 38.35 9.74
O8 A1I1O M . 16.33 36.33 10.30
O9 A1I1O M . 18.71 36.47 11.08
P2 A1I1O M . 18.79 35.06 11.81
O10 A1I1O M . 17.57 34.24 11.95
O11 A1I1O M . 19.55 35.17 13.08
O12 A1I1O M . 19.74 34.37 10.72
C23 A1I1O M . 21.04 34.93 10.43
C24 A1I1O M . 21.45 34.42 9.06
O13 A1I1O M . 22.75 34.92 8.69
C25 A1I1O M . 23.60 33.80 8.41
C26 A1I1O M . 25.42 34.79 9.90
N4 A1I1O M . 26.68 35.11 9.84
C27 A1I1O M . 27.08 34.67 8.58
C28 A1I1O M . 28.32 34.73 7.92
N5 A1I1O M . 29.42 35.30 8.40
N6 A1I1O M . 28.36 34.22 6.66
C29 A1I1O M . 27.25 33.68 6.14
N7 A1I1O M . 26.04 33.57 6.68
C30 A1I1O M . 26.03 34.10 7.91
C31 A1I1O M . 23.01 32.61 9.16
O14 A1I1O M . 23.58 31.45 8.60
C32 A1I1O M . 21.53 32.89 8.92
O15 A1I1O M . 21.10 32.54 7.63
P3 A1I1O M . 19.85 31.57 7.32
O16 A1I1O M . 20.54 30.25 7.05
O17 A1I1O M . 18.95 31.32 8.51
O18 A1I1O M . 19.11 32.31 6.25
C33 A1I1O M . 17.91 47.02 16.14
C34 A1I1O M . 19.02 47.31 15.30
C35 A1I1O M . 18.89 47.39 13.89
C4 A1I1O N . 13.90 49.79 49.08
C14 A1I1O N . 22.47 54.17 46.80
C5 A1I1O N . 14.34 50.72 48.09
C6 A1I1O N . 14.83 50.34 46.82
C11 A1I1O N . 17.16 53.44 45.05
C7 A1I1O N . 15.25 51.27 45.91
C8 A1I1O N . 15.20 52.64 46.19
C9 A1I1O N . 15.73 53.66 45.21
C10 A1I1O N . 15.28 53.67 43.73
C12 A1I1O N . 19.79 53.15 45.58
C13 A1I1O N . 20.07 54.27 46.62
N1 A1I1O N . 21.38 54.86 46.46
N2 A1I1O N . 24.30 54.71 48.85
C3 A1I1O N . 13.47 50.21 50.30
N3 A1I1O N . 25.44 50.90 59.37
C1 A1I1O N . 13.34 53.22 52.39
O1 A1I1O N . 12.94 51.96 51.83
C2 A1I1O N . 13.40 51.60 50.60
O2 A1I1O N . 17.64 54.07 44.10
S1 A1I1O N . 18.20 52.30 45.94
O3 A1I1O N . 22.38 53.05 47.26
C15 A1I1O N . 23.81 54.80 46.47
C16 A1I1O N . 24.89 54.60 47.53
C17 A1I1O N . 23.81 55.84 49.33
O4 A1I1O N . 24.03 56.96 48.85
C18 A1I1O N . 22.85 55.52 50.44
O5 A1I1O N . 23.61 54.99 51.50
C19 A1I1O N . 21.84 56.60 50.88
C20 A1I1O N . 21.58 57.65 49.80
C21 A1I1O N . 20.54 55.81 51.01
C22 A1I1O N . 22.40 57.30 52.13
O6 A1I1O N . 21.59 57.05 53.24
P1 A1I1O N . 22.18 56.99 54.73
O7 A1I1O N . 22.73 58.27 55.20
O8 A1I1O N . 20.99 56.34 55.32
O9 A1I1O N . 23.23 55.82 54.82
P2 A1I1O N . 24.79 55.89 54.53
O10 A1I1O N . 25.28 57.28 54.43
O11 A1I1O N . 25.22 54.98 53.45
O12 A1I1O N . 25.34 55.34 55.93
C23 A1I1O N . 24.65 54.22 56.58
C24 A1I1O N . 24.97 54.18 58.07
O13 A1I1O N . 24.51 52.92 58.57
C25 A1I1O N . 25.53 52.35 59.39
C26 A1I1O N . 25.37 50.05 58.30
N4 A1I1O N . 25.29 48.78 58.64
C27 A1I1O N . 25.31 48.80 60.02
C28 A1I1O N . 25.26 47.77 60.98
N5 A1I1O N . 25.17 46.49 60.65
N6 A1I1O N . 25.29 48.15 62.28
C29 A1I1O N . 25.39 49.44 62.59
N7 A1I1O N . 25.45 50.49 61.78
C30 A1I1O N . 25.41 50.10 60.49
C31 A1I1O N . 26.84 52.84 58.80
O14 A1I1O N . 27.85 52.65 59.78
C32 A1I1O N . 26.46 54.28 58.44
O15 A1I1O N . 26.65 55.07 59.63
P3 A1I1O N . 27.10 56.63 59.67
O16 A1I1O N . 28.10 56.74 60.76
O17 A1I1O N . 25.72 57.30 59.84
O18 A1I1O N . 27.97 57.06 58.51
C33 A1I1O N . 14.70 53.04 47.40
C34 A1I1O N . 14.26 52.11 48.38
C35 A1I1O N . 13.79 52.52 49.65
C4 A1I1O O . -44.66 -31.00 6.22
C14 A1I1O O . -40.90 -22.94 2.11
C5 A1I1O O . -44.74 -29.61 6.50
C6 A1I1O O . -45.66 -28.74 5.85
C11 A1I1O O . -44.65 -24.61 6.16
C7 A1I1O O . -45.69 -27.41 6.16
C8 A1I1O O . -44.84 -26.86 7.12
C9 A1I1O O . -44.88 -25.37 7.37
C10 A1I1O O . -46.22 -24.71 7.78
C12 A1I1O O . -43.34 -23.93 3.85
C13 A1I1O O . -41.83 -23.82 4.19
N1 A1I1O O . -41.18 -22.79 3.41
N2 A1I1O O . -38.32 -22.99 1.08
C3 A1I1O O . -43.76 -31.80 6.85
N3 A1I1O O . -31.76 -31.74 -2.17
C1 A1I1O O . -41.63 -31.89 9.79
O1 A1I1O O . -42.02 -32.12 8.43
C2 A1I1O O . -42.89 -31.24 7.83
O2 A1I1O O . -45.01 -23.44 6.23
S1 A1I1O O . -44.08 -25.38 4.68
O3 A1I1O O . -41.08 -24.02 1.49
C15 A1I1O O . -40.39 -21.70 1.42
C16 A1I1O O . -39.16 -21.92 0.56
C17 A1I1O O . -37.57 -22.85 2.16
O4 A1I1O O . -37.32 -21.72 2.72
C18 A1I1O O . -37.25 -24.22 2.75
O5 A1I1O O . -36.51 -24.93 1.76
C19 A1I1O O . -36.71 -24.33 4.20
C20 A1I1O O . -37.49 -25.47 4.84
C21 A1I1O O . -36.98 -23.11 5.09
C22 A1I1O O . -35.20 -24.53 4.19
O6 A1I1O O . -34.93 -25.89 4.45
P1 A1I1O O . -33.48 -26.45 4.10
O7 A1I1O O . -32.46 -25.43 4.39
O8 A1I1O O . -33.67 -27.78 4.69
O9 A1I1O O . -33.57 -26.69 2.50
P2 A1I1O O . -33.17 -25.80 1.26
O10 A1I1O O . -32.48 -24.54 1.61
O11 A1I1O O . -34.37 -25.64 0.38
O12 A1I1O O . -32.12 -26.78 0.53
C23 A1I1O O . -32.56 -28.12 0.18
C24 A1I1O O . -31.35 -29.01 0.06
O13 A1I1O O . -31.76 -30.35 -0.28
C25 A1I1O O . -30.97 -30.80 -1.38
C26 A1I1O O . -33.06 -31.63 -2.57
N4 A1I1O O . -33.50 -32.66 -3.24
C27 A1I1O O . -32.44 -33.52 -3.28
C28 A1I1O O . -32.27 -34.80 -3.84
N5 A1I1O O . -33.22 -35.48 -4.47
N6 A1I1O O . -31.07 -35.40 -3.68
C29 A1I1O O . -30.10 -34.74 -3.01
N7 A1I1O O . -30.15 -33.55 -2.44
C30 A1I1O O . -31.35 -32.97 -2.61
C31 A1I1O O . -30.58 -29.54 -2.15
O14 A1I1O O . -29.39 -29.77 -2.87
C32 A1I1O O . -30.31 -28.59 -0.99
O15 A1I1O O . -29.01 -28.89 -0.51
P3 A1I1O O . -27.98 -27.77 0.00
O16 A1I1O O . -27.36 -28.28 1.27
O17 A1I1O O . -28.71 -26.47 0.16
O18 A1I1O O . -27.04 -27.59 -1.16
C33 A1I1O O . -43.94 -27.66 7.74
C34 A1I1O O . -43.86 -29.05 7.46
C35 A1I1O O . -42.93 -29.89 8.12
C4 A1I1O P . -68.93 -7.18 -0.67
C14 A1I1O P . -71.85 -16.48 -2.54
C5 A1I1O P . -68.93 -8.41 0.04
C6 A1I1O P . -68.12 -9.51 -0.29
C11 A1I1O P . -69.28 -13.08 1.40
C7 A1I1O P . -68.16 -10.68 0.44
C8 A1I1O P . -69.04 -10.83 1.51
C9 A1I1O P . -69.13 -12.13 2.27
C10 A1I1O P . -67.95 -12.80 3.11
C12 A1I1O P . -69.86 -14.80 -0.76
C13 A1I1O P . -71.38 -14.86 -0.82
N1 A1I1O P . -71.86 -16.16 -1.24
N2 A1I1O P . -74.22 -16.77 -4.10
C3 A1I1O P . -69.75 -6.14 -0.32
N3 A1I1O P . -79.73 -10.05 -11.20
C1 A1I1O P . -71.56 -4.87 2.53
O1 A1I1O P . -71.40 -5.21 1.14
C2 A1I1O P . -70.61 -6.27 0.80
O2 A1I1O P . -69.13 -14.11 1.95
S1 A1I1O P . -69.23 -13.15 -0.39
O3 A1I1O P . -71.44 -15.70 -3.41
C15 A1I1O P . -72.36 -17.87 -2.89
C16 A1I1O P . -73.34 -17.93 -4.05
C17 A1I1O P . -75.21 -16.54 -3.24
O4 A1I1O P . -75.65 -17.37 -2.43
C18 A1I1O P . -75.65 -15.10 -3.32
O5 A1I1O P . -76.39 -14.98 -4.52
C19 A1I1O P . -76.19 -14.30 -2.11
C20 A1I1O P . -76.76 -15.08 -0.91
C21 A1I1O P . -74.88 -13.60 -1.74
C22 A1I1O P . -77.18 -13.20 -2.52
O6 A1I1O P . -78.48 -13.77 -2.79
P1 A1I1O P . -79.59 -12.93 -3.57
O7 A1I1O P . -79.33 -11.49 -3.35
O8 A1I1O P . -80.81 -13.63 -3.09
O9 A1I1O P . -79.21 -13.26 -5.10
P2 A1I1O P . -79.43 -14.60 -5.93
O10 A1I1O P . -80.55 -15.39 -5.41
O11 A1I1O P . -78.20 -15.37 -6.29
O12 A1I1O P . -79.94 -13.95 -7.32
C23 A1I1O P . -79.36 -12.71 -7.81
C24 A1I1O P . -80.47 -11.75 -8.18
O13 A1I1O P . -79.97 -10.65 -8.96
C25 A1I1O P . -80.65 -10.61 -10.22
C26 A1I1O P . -78.39 -10.31 -11.32
N4 A1I1O P . -77.80 -9.62 -12.27
C27 A1I1O P . -78.81 -8.84 -12.79
C28 A1I1O P . -78.82 -7.91 -13.83
N5 A1I1O P . -77.73 -7.55 -14.50
N6 A1I1O P . -80.00 -7.30 -14.11
C29 A1I1O P . -81.10 -7.68 -13.42
N7 A1I1O P . -81.20 -8.55 -12.41
C30 A1I1O P . -80.02 -9.11 -12.14
C31 A1I1O P . -81.11 -12.05 -10.46
O14 A1I1O P . -82.15 -12.10 -11.40
C32 A1I1O P . -81.59 -12.38 -9.05
O15 A1I1O P . -82.75 -11.66 -8.77
P3 A1I1O P . -84.21 -12.36 -8.77
O16 A1I1O P . -85.05 -11.23 -8.35
O17 A1I1O P . -84.29 -13.47 -7.73
O18 A1I1O P . -84.29 -12.83 -10.19
C33 A1I1O P . -69.83 -9.78 1.85
C34 A1I1O P . -69.82 -8.55 1.14
C35 A1I1O P . -70.65 -7.47 1.50
C4 A1I1O Q . -13.52 17.98 -23.64
C14 A1I1O Q . -5.06 16.66 -29.03
C5 A1I1O Q . -12.25 17.39 -23.41
C6 A1I1O Q . -11.17 18.04 -22.78
C11 A1I1O Q . -7.40 15.92 -23.78
C7 A1I1O Q . -9.98 17.41 -22.59
C8 A1I1O Q . -9.77 16.09 -23.00
C9 A1I1O Q . -8.45 15.36 -22.86
C10 A1I1O Q . -7.79 15.30 -21.49
C12 A1I1O Q . -6.28 16.68 -26.11
C13 A1I1O Q . -6.51 15.79 -27.30
N1 A1I1O Q . -5.32 15.69 -28.14
N2 A1I1O Q . -5.41 16.32 -31.77
C3 A1I1O Q . -14.52 17.29 -24.26
N3 A1I1O Q . -13.91 19.24 -39.06
C1 A1I1O Q . -15.02 14.06 -26.05
O1 A1I1O Q . -15.32 15.26 -25.31
C2 A1I1O Q . -14.30 15.94 -24.69
O2 A1I1O Q . -6.25 15.59 -23.47
S1 A1I1O Q . -7.81 17.02 -25.18
O3 A1I1O Q . -5.83 17.65 -29.16
C15 A1I1O Q . -3.82 16.50 -29.88
C16 A1I1O Q . -4.06 16.72 -31.39
C17 A1I1O Q . -5.80 15.06 -31.93
O4 A1I1O Q . -5.03 14.09 -32.03
C18 A1I1O Q . -7.31 14.92 -31.89
O5 A1I1O Q . -7.75 15.52 -33.11
C19 A1I1O Q . -7.93 13.53 -31.55
C20 A1I1O Q . -6.96 12.58 -30.82
C21 A1I1O Q . -9.08 13.83 -30.57
C22 A1I1O Q . -8.43 12.80 -32.82
O6 A1I1O Q . -9.82 13.14 -33.00
P1 A1I1O Q . -10.60 13.01 -34.41
O7 A1I1O Q . -9.99 11.88 -35.17
O8 A1I1O Q . -12.05 13.07 -34.08
O9 A1I1O Q . -10.33 14.41 -35.22
P2 A1I1O Q . -9.18 14.97 -36.22
O10 A1I1O Q . -8.21 13.87 -36.55
O11 A1I1O Q . -8.47 16.18 -35.71
O12 A1I1O Q . -10.10 15.37 -37.45
C23 A1I1O Q . -11.15 16.38 -37.27
C24 A1I1O Q . -12.17 16.22 -38.39
O13 A1I1O Q . -13.28 17.13 -38.19
C25 A1I1O Q . -13.45 17.90 -39.37
C26 A1I1O Q . -13.52 20.10 -38.06
N4 A1I1O Q . -14.18 21.24 -38.07
C27 A1I1O Q . -15.04 21.12 -39.15
C28 A1I1O Q . -16.00 21.99 -39.70
N5 A1I1O Q . -16.28 23.19 -39.21
N6 A1I1O Q . -16.69 21.57 -40.79
C29 A1I1O Q . -16.42 20.34 -41.27
N7 A1I1O Q . -15.54 19.44 -40.86
C30 A1I1O Q . -14.88 19.89 -39.78
C31 A1I1O Q . -12.07 17.97 -40.01
O14 A1I1O Q . -12.43 18.43 -41.29
C32 A1I1O Q . -11.63 16.53 -39.79
O15 A1I1O Q . -12.26 15.66 -40.75
P3 A1I1O Q . -11.53 14.34 -41.36
O16 A1I1O Q . -11.65 14.39 -42.87
O17 A1I1O Q . -10.04 14.42 -41.15
O18 A1I1O Q . -12.20 13.20 -40.63
C33 A1I1O Q . -10.80 15.43 -23.61
C34 A1I1O Q . -12.05 16.05 -23.84
C35 A1I1O Q . -13.09 15.34 -24.47
C4 A1I1O R . 15.73 25.77 -6.18
C14 A1I1O R . 8.46 32.59 -4.85
C5 A1I1O R . 14.34 25.77 -5.87
C6 A1I1O R . 13.32 25.85 -6.84
C11 A1I1O R . 9.56 26.99 -5.18
C7 A1I1O R . 11.99 25.81 -6.49
C8 A1I1O R . 11.61 25.74 -5.15
C9 A1I1O R . 10.16 25.80 -4.73
C10 A1I1O R . 9.07 24.81 -5.26
C12 A1I1O R . 8.89 29.54 -5.72
C13 A1I1O R . 9.13 30.26 -4.38
N1 A1I1O R . 8.25 31.42 -4.21
N2 A1I1O R . 9.07 35.10 -3.70
C3 A1I1O R . 16.68 25.69 -5.20
N3 A1I1O R . 18.89 40.61 -2.83
C1 A1I1O R . 17.06 24.67 -1.75
O1 A1I1O R . 17.27 25.50 -2.90
C2 A1I1O R . 16.28 25.59 -3.84
O2 A1I1O R . 8.34 26.88 -5.13
S1 A1I1O R . 10.27 28.41 -6.05
O3 A1I1O R . 9.48 32.78 -5.58
C15 A1I1O R . 7.35 33.61 -4.64
C16 A1I1O R . 7.78 35.05 -4.38
C17 A1I1O R . 9.24 34.82 -2.40
O4 A1I1O R . 8.32 34.78 -1.58
C18 A1I1O R . 10.67 34.38 -2.13
O5 A1I1O R . 11.53 35.48 -2.20
C19 A1I1O R . 11.03 33.40 -0.96
C20 A1I1O R . 9.85 33.15 -0.01
C21 A1I1O R . 11.36 32.15 -1.77
C22 A1I1O R . 12.36 33.68 -0.22
O6 A1I1O R . 12.18 34.74 0.75
P1 A1I1O R . 13.48 35.50 1.29
O7 A1I1O R . 14.70 34.72 1.02
O8 A1I1O R . 12.97 36.22 2.48
O9 A1I1O R . 13.74 36.58 0.11
P2 A1I1O R . 12.94 37.91 -0.25
O10 A1I1O R . 12.65 37.73 -1.70
O11 A1I1O R . 11.86 38.26 0.70
O12 A1I1O R . 14.10 39.02 -0.13
C23 A1I1O R . 15.35 38.77 -0.88
C24 A1I1O R . 16.51 39.60 -0.37
O13 A1I1O R . 17.66 39.41 -1.23
C25 A1I1O R . 18.18 40.69 -1.57
C26 A1I1O R . 18.57 39.96 -3.99
N4 A1I1O R . 19.51 40.02 -4.90
C27 A1I1O R . 20.52 40.77 -4.30
C28 A1I1O R . 21.77 41.19 -4.76
N5 A1I1O R . 22.29 40.87 -5.94
N6 A1I1O R . 22.53 41.90 -3.90
C29 A1I1O R . 22.04 42.20 -2.68
N7 A1I1O R . 20.87 41.87 -2.16
C30 A1I1O R . 20.14 41.14 -3.02
C31 A1I1O R . 16.98 41.61 -1.58
O14 A1I1O R . 17.60 42.88 -1.61
C32 A1I1O R . 16.27 41.12 -0.30
O15 A1I1O R . 16.78 41.62 0.95
P3 A1I1O R . 15.83 42.08 2.20
O16 A1I1O R . 14.38 41.75 1.98
O17 A1I1O R . 16.40 41.42 3.40
O18 A1I1O R . 15.95 43.61 2.30
C33 A1I1O R . 12.57 25.68 -4.20
C34 A1I1O R . 13.95 25.68 -4.52
C35 A1I1O R . 14.94 25.60 -3.51
C4 A1I1O S . -13.06 -29.75 -60.22
C14 A1I1O S . -20.42 -25.50 -65.70
C5 A1I1O S . -13.21 -28.60 -61.05
C6 A1I1O S . -13.52 -27.32 -60.55
C11 A1I1O S . -15.07 -24.91 -63.68
C7 A1I1O S . -13.67 -26.25 -61.40
C8 A1I1O S . -13.49 -26.37 -62.77
C9 A1I1O S . -13.71 -25.22 -63.69
C10 A1I1O S . -13.14 -23.78 -63.34
C12 A1I1O S . -17.75 -24.87 -64.15
C13 A1I1O S . -17.97 -25.65 -65.45
N1 A1I1O S . -19.18 -25.19 -66.14
N2 A1I1O S . -22.19 -27.13 -67.02
C3 A1I1O S . -12.80 -30.98 -60.76
N3 A1I1O S . -24.90 -38.10 -66.19
C1 A1I1O S . -12.62 -32.69 -64.03
O1 A1I1O S . -12.36 -32.38 -62.64
C2 A1I1O S . -12.64 -31.12 -62.16
O2 A1I1O S . -15.22 -23.75 -63.99
S1 A1I1O S . -16.56 -25.68 -63.06
O3 A1I1O S . -20.64 -26.31 -64.75
C15 A1I1O S . -21.55 -24.82 -66.43
C16 A1I1O S . -22.65 -25.76 -66.84
C17 A1I1O S . -21.55 -27.55 -68.11
O4 A1I1O S . -21.48 -26.90 -69.18
C18 A1I1O S . -20.80 -28.82 -67.82
O5 A1I1O S . -21.73 -29.88 -67.72
C19 A1I1O S . -19.48 -29.09 -68.61
C20 A1I1O S . -18.45 -28.62 -67.59
C21 A1I1O S . -19.18 -28.21 -69.83
C22 A1I1O S . -19.25 -30.58 -68.88
O6 A1I1O S . -19.98 -30.99 -70.07
P1 A1I1O S . -20.21 -32.56 -70.39
O7 A1I1O S . -19.23 -33.42 -69.67
O8 A1I1O S . -20.75 -32.37 -71.76
O9 A1I1O S . -21.51 -32.89 -69.52
P2 A1I1O S . -22.99 -32.42 -69.76
O10 A1I1O S . -23.31 -31.72 -71.03
O11 A1I1O S . -23.29 -31.70 -68.49
O12 A1I1O S . -23.79 -33.80 -69.67
C23 A1I1O S . -23.59 -34.67 -68.51
C24 A1I1O S . -23.84 -36.10 -68.92
O13 A1I1O S . -23.63 -36.98 -67.81
C25 A1I1O S . -24.77 -37.79 -67.60
C26 A1I1O S . -24.74 -37.29 -65.09
N4 A1I1O S . -24.88 -37.92 -63.95
C27 A1I1O S . -25.15 -39.23 -64.31
C28 A1I1O S . -25.41 -40.40 -63.56
N5 A1I1O S . -25.40 -40.46 -62.23
N6 A1I1O S . -25.63 -41.55 -64.25
C29 A1I1O S . -25.61 -41.51 -65.58
N7 A1I1O S . -25.40 -40.48 -66.40
C30 A1I1O S . -25.17 -39.35 -65.69
C31 A1I1O S . -25.92 -36.94 -68.15
O14 A1I1O S . -26.94 -37.90 -68.30
C32 A1I1O S . -25.26 -36.39 -69.41
O15 A1I1O S . -25.17 -37.32 -70.48
P3 A1I1O S . -25.25 -37.00 -72.06
O16 A1I1O S . -24.04 -37.71 -72.58
O17 A1I1O S . -25.31 -35.52 -72.23
O18 A1I1O S . -26.56 -37.55 -72.54
C33 A1I1O S . -13.17 -27.60 -63.27
C34 A1I1O S . -13.03 -28.74 -62.44
C35 A1I1O S . -12.73 -30.01 -62.99
C4 A1I1O T . -17.36 3.54 -51.89
C14 A1I1O T . -16.18 -2.40 -43.81
C5 A1I1O T . -16.49 2.49 -51.51
C6 A1I1O T . -16.80 1.11 -51.72
C11 A1I1O T . -14.30 -1.55 -49.17
C7 A1I1O T . -15.91 0.14 -51.36
C8 A1I1O T . -14.70 0.44 -50.74
C9 A1I1O T . -13.71 -0.65 -50.28
C10 A1I1O T . -13.11 -1.55 -51.34
C12 A1I1O T . -15.84 -2.12 -46.89
C13 A1I1O T . -15.05 -1.44 -45.78
N1 A1I1O T . -15.06 -2.22 -44.55
N2 A1I1O T . -16.79 -1.36 -41.23
C3 A1I1O T . -17.02 4.84 -51.66
N3 A1I1O T . -23.37 7.13 -38.05
C1 A1I1O T . -14.52 6.90 -49.93
O1 A1I1O T . -15.52 6.50 -50.86
C2 A1I1O T . -15.78 5.16 -51.04
O2 A1I1O T . -13.62 -2.54 -48.84
S1 A1I1O T . -15.92 -1.13 -48.42
O3 A1I1O T . -17.29 -1.90 -44.14
C15 A1I1O T . -16.00 -3.25 -42.57
C16 A1I1O T . -16.79 -2.81 -41.35
C17 A1I1O T . -15.68 -0.64 -41.07
O4 A1I1O T . -14.60 -1.09 -40.65
C18 A1I1O T . -15.81 0.79 -41.58
O5 A1I1O T . -16.78 1.37 -40.72
C19 A1I1O T . -14.49 1.58 -41.83
C20 A1I1O T . -13.20 0.75 -41.88
C21 A1I1O T . -14.69 2.15 -43.24
C22 A1I1O T . -14.22 2.66 -40.76
O6 A1I1O T . -15.10 3.79 -40.96
P1 A1I1O T . -15.38 4.86 -39.78
O7 A1I1O T . -15.66 6.12 -40.51
O8 A1I1O T . -14.36 4.71 -38.70
O9 A1I1O T . -16.83 4.40 -39.23
P2 A1I1O T . -17.43 3.44 -38.10
O10 A1I1O T . -16.31 2.99 -37.21
O11 A1I1O T . -18.33 2.41 -38.67
O12 A1I1O T . -18.37 4.51 -37.39
C23 A1I1O T . -19.45 5.08 -38.16
C24 A1I1O T . -19.92 6.33 -37.46
O13 A1I1O T . -21.02 6.87 -38.23
C25 A1I1O T . -22.10 7.14 -37.32
C26 A1I1O T . -23.83 6.28 -39.01
N4 A1I1O T . -25.04 6.57 -39.44
C27 A1I1O T . -25.38 7.70 -38.73
C28 A1I1O T . -26.54 8.50 -38.72
N5 A1I1O T . -27.61 8.29 -39.48
N6 A1I1O T . -26.57 9.56 -37.88
C29 A1I1O T . -25.51 9.77 -37.08
N7 A1I1O T . -24.37 9.09 -37.00
C30 A1I1O T . -24.36 8.06 -37.86
C31 A1I1O T . -21.97 6.08 -36.25
O14 A1I1O T . -22.75 6.44 -35.14
C32 A1I1O T . -20.46 6.12 -36.04
O15 A1I1O T . -20.09 7.23 -35.21
P3 A1I1O T . -19.10 6.99 -33.96
O16 A1I1O T . -19.76 7.60 -32.74
O17 A1I1O T . -19.02 5.52 -33.69
O18 A1I1O T . -17.82 7.65 -34.40
C33 A1I1O T . -14.38 1.75 -50.52
C34 A1I1O T . -15.25 2.80 -50.90
C35 A1I1O T . -14.92 4.15 -50.67
C4 A1I1O U . 40.42 -20.05 30.08
C14 A1I1O U . 38.44 -13.90 22.70
C5 A1I1O U . 40.72 -20.05 28.68
C6 A1I1O U . 41.85 -19.43 28.10
C11 A1I1O U . 41.14 -18.81 24.15
C7 A1I1O U . 42.06 -19.46 26.75
C8 A1I1O U . 41.20 -20.12 25.88
C9 A1I1O U . 41.41 -20.07 24.40
C10 A1I1O U . 42.83 -20.22 23.63
C12 A1I1O U . 40.49 -16.16 23.61
C13 A1I1O U . 38.97 -16.17 23.29
N1 A1I1O U . 38.62 -15.16 22.30
N2 A1I1O U . 35.98 -12.52 22.65
C3 A1I1O U . 39.30 -20.64 30.58
N3 A1I1O U . 28.09 -10.53 30.44
C1 A1I1O U . 36.10 -21.96 29.44
O1 A1I1O U . 37.29 -21.89 30.24
C2 A1I1O U . 38.40 -21.30 29.69
O2 A1I1O U . 41.42 -18.77 22.99
S1 A1I1O U . 40.93 -17.20 25.03
O3 A1I1O U . 38.47 -13.58 23.90
C15 A1I1O U . 38.17 -12.92 21.59
C16 A1I1O U . 37.05 -11.93 21.86
C17 A1I1O U . 35.14 -13.44 22.18
O4 A1I1O U . 35.03 -13.73 20.96
C18 A1I1O U . 34.49 -14.18 23.32
O5 A1I1O U . 33.59 -13.33 23.96
C19 A1I1O U . 34.05 -15.65 23.16
C20 A1I1O U . 35.32 -16.24 23.81
C21 A1I1O U . 33.95 -16.17 21.72
C22 A1I1O U . 32.86 -16.07 24.06
O6 A1I1O U . 31.62 -15.70 23.41
P1 A1I1O U . 30.28 -15.53 24.27
O7 A1I1O U . 30.35 -16.33 25.51
O8 A1I1O U . 29.23 -15.55 23.19
O9 A1I1O U . 30.52 -14.06 24.89
P2 A1I1O U . 30.32 -12.65 24.18
O10 A1I1O U . 29.62 -12.65 22.86
O11 A1I1O U . 31.61 -11.92 24.26
O12 A1I1O U . 29.28 -11.99 25.21
C23 A1I1O U . 29.54 -12.05 26.64
C24 A1I1O U . 28.21 -12.16 27.34
O13 A1I1O U . 28.33 -12.08 28.77
C25 A1I1O U . 27.47 -11.07 29.25
C26 A1I1O U . 29.41 -10.25 30.62
N4 A1I1O U . 29.71 -9.84 31.83
C27 A1I1O U . 28.48 -9.81 32.48
C28 A1I1O U . 28.13 -9.44 33.77
N5 A1I1O U . 29.00 -9.05 34.69
N6 A1I1O U . 26.82 -9.55 34.11
C29 A1I1O U . 25.94 -9.96 33.18
N7 A1I1O U . 26.17 -10.34 31.92
C30 A1I1O U . 27.47 -10.24 31.63
C31 A1I1O U . 27.31 -10.08 28.11
O14 A1I1O U . 26.15 -9.28 28.21
C32 A1I1O U . 27.19 -11.06 26.96
O15 A1I1O U . 25.91 -11.64 27.01
P3 A1I1O U . 24.84 -11.50 25.82
O16 A1I1O U . 24.29 -10.13 26.04
O17 A1I1O U . 25.50 -11.60 24.46
O18 A1I1O U . 23.98 -12.66 26.26
C33 A1I1O U . 40.11 -20.75 26.41
C34 A1I1O U . 39.82 -20.73 27.80
C35 A1I1O U . 38.67 -21.36 28.34
C4 A1I1O V . 69.11 -11.64 12.87
C14 A1I1O V . 70.45 -12.18 22.69
C5 A1I1O V . 68.78 -12.59 13.89
C6 A1I1O V . 67.58 -12.56 14.63
C11 A1I1O V . 67.96 -14.86 18.25
C7 A1I1O V . 67.32 -13.49 15.60
C8 A1I1O V . 68.23 -14.50 15.90
C9 A1I1O V . 68.03 -15.51 17.00
C10 A1I1O V . 66.73 -16.37 17.12
C12 A1I1O V . 68.62 -13.16 20.32
C13 A1I1O V . 70.11 -13.43 20.63
N1 A1I1O V . 70.43 -13.36 22.05
N2 A1I1O V . 72.77 -10.94 23.80
C3 A1I1O V . 70.30 -11.72 12.20
N3 A1I1O V . 80.05 -3.19 19.96
C1 A1I1O V . 73.61 -13.17 12.48
O1 A1I1O V . 72.40 -12.80 11.79
C2 A1I1O V . 71.22 -12.76 12.50
O2 A1I1O V . 67.48 -15.54 19.15
S1 A1I1O V . 68.28 -13.17 18.54
O3 A1I1O V . 70.25 -11.13 22.08
C15 A1I1O V . 70.70 -12.23 24.17
C16 A1I1O V . 71.65 -11.14 24.71
C17 A1I1O V . 73.71 -11.84 23.54
O4 A1I1O V . 73.95 -12.82 24.24
C18 A1I1O V . 74.29 -11.67 22.15
O5 A1I1O V . 74.89 -10.38 22.03
C19 A1I1O V . 75.18 -12.78 21.53
C20 A1I1O V . 74.89 -14.24 21.87
C21 A1I1O V . 74.90 -12.67 20.03
C22 A1I1O V . 76.61 -12.46 21.85
O6 A1I1O V . 77.21 -12.12 20.61
P1 A1I1O V . 78.60 -11.37 20.56
O7 A1I1O V . 79.59 -12.02 21.46
O8 A1I1O V . 78.60 -11.20 19.11
O9 A1I1O V . 78.19 -9.91 21.15
P2 A1I1O V . 78.19 -9.35 22.64
O10 A1I1O V . 78.71 -10.35 23.61
O11 A1I1O V . 76.86 -8.80 23.04
O12 A1I1O V . 79.23 -8.15 22.46
C23 A1I1O V . 79.11 -7.25 21.31
C24 A1I1O V . 80.43 -6.53 21.13
O13 A1I1O V . 80.28 -5.49 20.14
C25 A1I1O V . 80.77 -4.26 20.65
C26 A1I1O V . 78.70 -3.07 19.85
N4 A1I1O V . 78.33 -2.03 19.14
C27 A1I1O V . 79.52 -1.43 18.76
C28 A1I1O V . 79.79 -0.29 18.00
N5 A1I1O V . 78.87 0.49 17.45
N6 A1I1O V . 81.09 0.03 17.79
C29 A1I1O V . 82.04 -0.75 18.33
N7 A1I1O V . 81.89 -1.85 19.08
C30 A1I1O V . 80.59 -2.14 19.26
C31 A1I1O V . 80.58 -4.37 22.16
O14 A1I1O V . 81.44 -3.54 22.91
C32 A1I1O V . 80.99 -5.83 22.36
O15 A1I1O V . 82.40 -5.92 22.30
P3 A1I1O V . 83.26 -6.89 23.27
O16 A1I1O V . 84.51 -6.14 23.54
O17 A1I1O V . 82.52 -7.12 24.58
O18 A1I1O V . 83.46 -8.04 22.33
C33 A1I1O V . 69.40 -14.56 15.19
C34 A1I1O V . 69.71 -13.62 14.19
C35 A1I1O V . 70.94 -13.69 13.46
C4 A1I1O W . -12.46 -29.58 4.44
C14 A1I1O W . -16.97 -26.28 12.60
C5 A1I1O W . -12.63 -28.30 5.02
C6 A1I1O W . -11.80 -27.85 6.07
C11 A1I1O W . -13.34 -24.73 8.34
C7 A1I1O W . -11.97 -26.62 6.61
C8 A1I1O W . -12.95 -25.74 6.15
C9 A1I1O W . -13.06 -24.44 6.93
C10 A1I1O W . -11.82 -23.52 7.17
C12 A1I1O W . -14.50 -25.71 10.59
C13 A1I1O W . -16.05 -25.60 10.45
N1 A1I1O W . -16.69 -25.31 11.70
N2 A1I1O W . -19.57 -27.17 13.33
C3 A1I1O W . -13.27 -30.02 3.44
N3 A1I1O W . -25.70 -36.06 9.96
C1 A1I1O W . -15.26 -31.18 2.01
O1 A1I1O W . -15.00 -29.78 1.95
C2 A1I1O W . -14.29 -29.17 2.96
O2 A1I1O W . -13.04 -23.83 9.15
S1 A1I1O W . -13.78 -26.31 9.04
O3 A1I1O W . -16.72 -27.48 12.39
C15 A1I1O W . -17.57 -25.81 13.90
C16 A1I1O W . -18.77 -26.61 14.41
C17 A1I1O W . -20.40 -26.44 12.59
O4 A1I1O W . -20.77 -25.29 12.91
C18 A1I1O W . -20.63 -27.13 11.25
O5 A1I1O W . -21.38 -28.31 11.35
C19 A1I1O W . -20.93 -26.33 9.96
C20 A1I1O W . -19.52 -26.47 9.36
C21 A1I1O W . -21.23 -24.84 10.09
C22 A1I1O W . -21.80 -27.02 8.89
O6 A1I1O W . -23.16 -26.85 9.27
P1 A1I1O W . -24.25 -27.91 8.74
O7 A1I1O W . -25.48 -27.14 9.07
O8 A1I1O W . -23.90 -28.46 7.42
O9 A1I1O W . -24.14 -29.12 9.75
P2 A1I1O W . -24.61 -29.26 11.24
O10 A1I1O W . -25.48 -28.18 11.79
O11 A1I1O W . -23.46 -29.57 12.12
O12 A1I1O W . -25.55 -30.56 11.15
C23 A1I1O W . -25.07 -31.76 10.46
C24 A1I1O W . -26.29 -32.58 10.05
O13 A1I1O W . -25.89 -33.80 9.39
C25 A1I1O W . -26.57 -34.89 10.02
C26 A1I1O W . -24.38 -36.17 10.31
N4 A1I1O W . -23.86 -37.34 10.06
C27 A1I1O W . -24.92 -38.06 9.51
C28 A1I1O W . -25.03 -39.38 9.04
N5 A1I1O W . -24.01 -40.25 8.96
N6 A1I1O W . -26.22 -39.77 8.53
C29 A1I1O W . -27.24 -38.89 8.56
N7 A1I1O W . -27.27 -37.63 8.99
C30 A1I1O W . -26.05 -37.28 9.45
C31 A1I1O W . -26.84 -34.46 11.44
O14 A1I1O W . -27.89 -35.30 11.89
C32 A1I1O W . -27.22 -33.00 11.20
O15 A1I1O W . -28.57 -32.98 10.78
P3 A1I1O W . -29.58 -31.74 11.05
O16 A1I1O W . -29.18 -30.81 12.18
O17 A1I1O W . -29.57 -31.31 9.61
O18 A1I1O W . -30.83 -32.35 11.60
C33 A1I1O W . -13.78 -26.15 5.13
C34 A1I1O W . -13.64 -27.43 4.53
C35 A1I1O W . -14.47 -27.90 3.46
C4 A1I1O X . 10.46 -14.70 25.32
C14 A1I1O X . 13.80 -22.95 20.54
C5 A1I1O X . 10.43 -15.16 23.97
C6 A1I1O X . 9.34 -15.86 23.41
C11 A1I1O X . 10.95 -17.86 19.93
C7 A1I1O X . 9.38 -16.30 22.10
C8 A1I1O X . 10.47 -16.05 21.28
C9 A1I1O X . 10.59 -16.55 19.86
C10 A1I1O X . 9.46 -16.67 18.75
C12 A1I1O X . 11.69 -20.56 20.24
C13 A1I1O X . 13.21 -20.58 20.32
N1 A1I1O X . 13.77 -21.83 19.82
N2 A1I1O X . 16.18 -24.14 21.62
C3 A1I1O X . 11.56 -14.06 25.83
N3 A1I1O X . 21.64 -23.55 31.35
C1 A1I1O X . 15.05 -13.31 24.91
O1 A1I1O X . 13.76 -13.14 25.52
C2 A1I1O X . 12.67 -13.80 24.99
O2 A1I1O X . 10.81 -18.20 18.81
S1 A1I1O X . 10.98 -19.18 21.18
O3 A1I1O X . 13.38 -22.98 21.69
C15 A1I1O X . 14.41 -24.16 19.87
C16 A1I1O X . 15.38 -24.98 20.74
C17 A1I1O X . 17.14 -23.34 21.17
O4 A1I1O X . 17.61 -23.38 20.02
C18 A1I1O X . 17.44 -22.25 22.17
O5 A1I1O X . 18.10 -22.89 23.22
C19 A1I1O X . 17.98 -20.85 21.77
C20 A1I1O X . 18.50 -20.74 20.32
C21 A1I1O X . 16.66 -20.08 21.94
C22 A1I1O X . 18.98 -20.21 22.79
O6 A1I1O X . 20.34 -20.71 22.62
P1 A1I1O X . 21.44 -20.57 23.79
O7 A1I1O X . 21.00 -19.38 24.56
O8 A1I1O X . 22.62 -20.80 22.91
O9 A1I1O X . 20.99 -21.85 24.64
P2 A1I1O X . 21.37 -23.38 24.36
O10 A1I1O X . 20.19 -24.28 24.18
O11 A1I1O X . 22.43 -23.65 23.36
O12 A1I1O X . 21.94 -23.72 25.81
C23 A1I1O X . 21.28 -23.20 26.99
C24 A1I1O X . 22.37 -22.82 27.97
O13 A1I1O X . 21.81 -22.55 29.26
C25 A1I1O X . 22.54 -23.29 30.24
C26 A1I1O X . 20.32 -23.88 31.26
N4 A1I1O X . 19.73 -23.98 32.42
C27 A1I1O X . 20.73 -23.71 33.33
C28 A1I1O X . 20.73 -23.70 34.73
N5 A1I1O X . 19.66 -23.90 35.47
N6 A1I1O X . 21.92 -23.42 35.36
C29 A1I1O X . 22.99 -23.17 34.60
N7 A1I1O X . 23.10 -23.15 33.27
C30 A1I1O X . 21.92 -23.44 32.69
C31 A1I1O X . 23.07 -24.52 29.50
O14 A1I1O X . 24.14 -25.05 30.22
C32 A1I1O X . 23.49 -23.86 28.19
O15 A1I1O X . 24.67 -23.10 28.28
P3 A1I1O X . 26.17 -23.49 27.82
O16 A1I1O X . 26.23 -23.83 26.31
O17 A1I1O X . 26.37 -24.78 28.59
O18 A1I1O X . 26.96 -22.28 28.27
C33 A1I1O X . 11.53 -15.36 21.80
C34 A1I1O X . 11.55 -14.90 23.14
C35 A1I1O X . 12.66 -14.21 23.67
#